data_7W7B
#
_entry.id   7W7B
#
_cell.length_a   82.001
_cell.length_b   133.485
_cell.length_c   159.341
_cell.angle_alpha   111.650
_cell.angle_beta   99.690
_cell.angle_gamma   94.640
#
_symmetry.space_group_name_H-M   'P 1'
#
loop_
_entity.id
_entity.type
_entity.pdbx_description
1 polymer 'Putative ABC transport system, ATP-binding protein'
2 polymer 'Putative ABC transport system integral membrane protein'
3 non-polymer '(1S)-2-{[{[(2S)-2,3-DIHYDROXYPROPYL]OXY}(HYDROXY)PHOSPHORYL]OXY}-1-[(PENTANOYLOXY)METHYL]ETHYL OCTANOATE'
4 non-polymer 'TRIETHYLENE GLYCOL'
5 non-polymer 'PROTOPORPHYRIN IX CONTAINING MN'
6 non-polymer DI(HYDROXYETHYL)ETHER
#
loop_
_entity_poly.entity_id
_entity_poly.type
_entity_poly.pdbx_seq_one_letter_code
_entity_poly.pdbx_strand_id
1 'polypeptide(L)'
;MSAAPVLSITNASVVYPDGISTVTALDSANVEIFPGELVAIVGESGSGKSTLLSIAGFLQEPTSGTVTLHGAEGLDATST
RREHIGFVFQQPNLLGSLTAREQLLITDHLRGIKPRKDRADELLARVGLKGLGGRRVAQLSGGQRQRVNIARALMGNPQL
LLADEPTSALDARLSKEIVELLRDVTKEFALATLMVTHDRSQLAYADRFVEMADGKALQTAKLWSHPQFEK
;
A,C,E,G,I,K
2 'polypeptide(L)'
;MFLGIRDIRAAAGRFALIASVVGLITLLIVMLTGLTQGLGKQNTSAIEALAPHSVVFTTAGGSSPEFTSSEISEQQAERW
KDSTPLGVSQTRIESDQNANTTAVMGLPEGTPLPDSVGGFIEQGALLPAELADFLHVRAGDHITLGGATVTVAGTVKTEN
YSHTPVVWVDTATWQLVSHTKAVGTVLLLNQEPTIQPQDNEVVTDLKGAFQAMPAYKSERSSLLSMQAFLYIISALVTVA
FLTVWTLQRTRDIAVLAALGASKRYLLIDALGQAAIILAAGVALGAGIGALLGWLIAGSVPFSLGWVSVLGPALGIWLLG
LIGATIAVRNVTKVDPQIALGATA
;
B,D,F,H,J,L
#
# COMPACT_ATOMS: atom_id res chain seq x y z
N ALA A 3 -42.55 37.02 -24.68
CA ALA A 3 -43.89 36.53 -24.42
C ALA A 3 -44.18 35.27 -25.22
N ALA A 4 -43.14 34.71 -25.83
CA ALA A 4 -43.27 33.50 -26.63
C ALA A 4 -41.99 32.68 -26.59
N PRO A 5 -42.06 31.42 -26.15
CA PRO A 5 -40.84 30.61 -26.06
C PRO A 5 -40.29 30.27 -27.43
N VAL A 6 -38.98 30.03 -27.47
CA VAL A 6 -38.33 29.56 -28.70
C VAL A 6 -38.31 28.04 -28.79
N LEU A 7 -37.98 27.36 -27.69
CA LEU A 7 -37.85 25.91 -27.66
C LEU A 7 -38.73 25.35 -26.55
N SER A 8 -39.35 24.20 -26.81
CA SER A 8 -40.08 23.48 -25.77
C SER A 8 -39.84 21.97 -25.95
N ILE A 9 -39.27 21.35 -24.93
CA ILE A 9 -39.04 19.91 -24.87
C ILE A 9 -40.03 19.35 -23.84
N THR A 10 -41.09 18.71 -24.30
CA THR A 10 -42.11 18.18 -23.40
C THR A 10 -42.00 16.66 -23.32
N ASN A 11 -41.78 16.17 -22.09
CA ASN A 11 -41.79 14.75 -21.74
C ASN A 11 -41.07 13.88 -22.79
N ALA A 12 -39.78 14.18 -22.98
CA ALA A 12 -38.98 13.50 -23.98
C ALA A 12 -38.04 12.49 -23.34
N SER A 13 -37.80 11.39 -24.05
CA SER A 13 -36.84 10.39 -23.61
C SER A 13 -36.13 9.79 -24.81
N VAL A 14 -34.87 9.39 -24.59
CA VAL A 14 -34.01 8.79 -25.60
C VAL A 14 -33.55 7.43 -25.10
N VAL A 15 -33.54 6.45 -26.01
CA VAL A 15 -33.13 5.09 -25.71
C VAL A 15 -32.15 4.65 -26.79
N TYR A 16 -30.75 4.64 -26.45
CA TYR A 16 -29.84 4.17 -27.49
C TYR A 16 -29.60 2.67 -27.34
N PRO A 17 -29.31 1.95 -28.43
CA PRO A 17 -28.90 0.55 -28.25
C PRO A 17 -27.45 0.49 -27.79
N ASP A 18 -27.26 0.49 -26.46
CA ASP A 18 -25.93 0.37 -25.86
C ASP A 18 -25.31 -1.01 -26.04
N GLY A 19 -24.61 -1.23 -27.14
CA GLY A 19 -24.02 -2.55 -27.37
C GLY A 19 -25.10 -3.58 -27.65
N ILE A 20 -25.08 -4.69 -26.89
CA ILE A 20 -26.08 -5.71 -27.14
C ILE A 20 -27.42 -5.34 -26.53
N SER A 21 -27.42 -4.51 -25.48
CA SER A 21 -28.65 -4.13 -24.81
C SER A 21 -29.07 -2.71 -25.23
N THR A 22 -29.98 -2.14 -24.45
CA THR A 22 -30.46 -0.77 -24.64
C THR A 22 -30.20 0.01 -23.36
N VAL A 23 -30.20 1.33 -23.46
CA VAL A 23 -29.94 2.19 -22.31
C VAL A 23 -30.77 3.46 -22.46
N THR A 24 -31.40 3.88 -21.37
CA THR A 24 -32.22 5.09 -21.41
C THR A 24 -31.27 6.24 -21.11
N ALA A 25 -30.98 7.04 -22.13
CA ALA A 25 -30.10 8.20 -21.97
C ALA A 25 -30.82 9.38 -21.34
N LEU A 26 -31.86 9.87 -22.00
CA LEU A 26 -32.71 10.91 -21.43
C LEU A 26 -34.00 10.28 -20.89
N ASP A 27 -34.49 10.80 -19.77
CA ASP A 27 -35.71 10.29 -19.14
C ASP A 27 -36.70 11.40 -18.79
N SER A 28 -37.74 11.56 -19.60
CA SER A 28 -38.82 12.53 -19.35
C SER A 28 -38.28 13.95 -19.09
N ALA A 29 -37.52 14.44 -20.06
CA ALA A 29 -36.95 15.79 -20.00
C ALA A 29 -37.97 16.86 -20.37
N ASN A 30 -38.04 17.92 -19.55
CA ASN A 30 -38.93 19.05 -19.78
C ASN A 30 -38.13 20.34 -19.59
N VAL A 31 -37.94 21.09 -20.67
CA VAL A 31 -37.17 22.34 -20.66
C VAL A 31 -37.80 23.30 -21.67
N GLU A 32 -37.85 24.59 -21.31
CA GLU A 32 -38.40 25.63 -22.19
C GLU A 32 -37.57 26.91 -22.04
N ILE A 33 -37.05 27.42 -23.16
CA ILE A 33 -36.21 28.62 -23.18
C ILE A 33 -36.91 29.74 -23.92
N PHE A 34 -36.75 30.98 -23.42
CA PHE A 34 -37.34 32.15 -24.03
C PHE A 34 -36.24 33.05 -24.60
N PRO A 35 -36.58 33.96 -25.52
CA PRO A 35 -35.56 34.86 -26.10
C PRO A 35 -34.78 35.62 -25.04
N GLY A 36 -33.46 35.59 -25.16
CA GLY A 36 -32.60 36.34 -24.26
C GLY A 36 -32.26 35.63 -22.97
N GLU A 37 -32.63 34.35 -22.85
CA GLU A 37 -32.30 33.55 -21.69
C GLU A 37 -31.01 32.79 -21.90
N LEU A 38 -30.17 32.74 -20.86
CA LEU A 38 -29.06 31.80 -20.79
C LEU A 38 -29.43 30.71 -19.79
N VAL A 39 -29.68 29.51 -20.28
CA VAL A 39 -30.05 28.38 -19.43
C VAL A 39 -28.88 27.41 -19.42
N ALA A 40 -28.35 27.14 -18.25
CA ALA A 40 -27.33 26.11 -18.09
C ALA A 40 -27.99 24.76 -17.87
N ILE A 41 -27.22 23.70 -18.09
CA ILE A 41 -27.61 22.34 -17.71
C ILE A 41 -26.42 21.71 -17.00
N VAL A 42 -26.54 21.54 -15.69
CA VAL A 42 -25.45 21.05 -14.86
C VAL A 42 -25.68 19.57 -14.57
N GLY A 43 -24.63 18.90 -14.18
CA GLY A 43 -24.67 17.49 -13.84
C GLY A 43 -23.33 16.87 -14.14
N GLU A 44 -23.11 15.68 -13.56
CA GLU A 44 -21.86 15.00 -13.81
C GLU A 44 -21.84 14.45 -15.24
N SER A 45 -20.66 14.00 -15.64
CA SER A 45 -20.47 13.44 -16.97
C SER A 45 -21.25 12.12 -17.11
N GLY A 46 -22.15 12.06 -18.08
CA GLY A 46 -22.95 10.87 -18.30
C GLY A 46 -24.34 10.91 -17.69
N SER A 47 -24.75 12.05 -17.13
CA SER A 47 -26.06 12.20 -16.53
C SER A 47 -27.17 12.48 -17.55
N GLY A 48 -26.83 12.71 -18.80
CA GLY A 48 -27.82 12.97 -19.83
C GLY A 48 -27.79 14.38 -20.39
N LYS A 49 -26.77 15.16 -20.04
CA LYS A 49 -26.66 16.54 -20.51
C LYS A 49 -26.57 16.59 -22.04
N SER A 50 -25.54 15.96 -22.60
CA SER A 50 -25.35 15.99 -24.05
C SER A 50 -26.56 15.43 -24.78
N THR A 51 -27.14 14.35 -24.28
CA THR A 51 -28.32 13.77 -24.93
C THR A 51 -29.44 14.81 -25.02
N LEU A 52 -29.65 15.58 -23.96
CA LEU A 52 -30.66 16.63 -24.00
C LEU A 52 -30.31 17.73 -24.97
N LEU A 53 -29.03 18.13 -25.01
CA LEU A 53 -28.60 19.11 -26.00
C LEU A 53 -28.85 18.63 -27.42
N SER A 54 -28.45 17.40 -27.73
CA SER A 54 -28.61 16.89 -29.09
C SER A 54 -30.07 16.82 -29.48
N ILE A 55 -30.95 16.56 -28.52
CA ILE A 55 -32.39 16.62 -28.79
C ILE A 55 -32.82 18.05 -29.09
N ALA A 56 -32.25 19.02 -28.37
CA ALA A 56 -32.58 20.43 -28.57
C ALA A 56 -32.09 20.97 -29.90
N GLY A 57 -31.12 20.31 -30.52
CA GLY A 57 -30.62 20.70 -31.82
C GLY A 57 -31.11 19.86 -32.97
N PHE A 58 -32.09 19.00 -32.74
CA PHE A 58 -32.67 18.13 -33.76
C PHE A 58 -31.62 17.21 -34.37
N LEU A 59 -30.54 16.93 -33.64
CA LEU A 59 -29.56 15.96 -34.09
C LEU A 59 -30.06 14.53 -33.93
N GLN A 60 -31.17 14.32 -33.21
CA GLN A 60 -31.86 13.05 -33.17
C GLN A 60 -33.23 13.26 -32.54
N GLU A 61 -34.26 12.68 -33.15
CA GLU A 61 -35.60 12.78 -32.59
C GLU A 61 -35.69 11.97 -31.30
N PRO A 62 -36.48 12.43 -30.32
CA PRO A 62 -36.71 11.62 -29.12
C PRO A 62 -37.44 10.34 -29.45
N THR A 63 -37.12 9.28 -28.70
CA THR A 63 -37.81 8.01 -28.84
C THR A 63 -39.24 8.08 -28.32
N SER A 64 -39.53 9.05 -27.46
CA SER A 64 -40.89 9.34 -27.03
C SER A 64 -40.89 10.77 -26.50
N GLY A 65 -42.03 11.44 -26.63
CA GLY A 65 -42.13 12.85 -26.33
C GLY A 65 -41.82 13.72 -27.52
N THR A 66 -42.16 15.00 -27.40
CA THR A 66 -42.08 15.91 -28.54
C THR A 66 -41.18 17.10 -28.23
N VAL A 67 -40.56 17.61 -29.30
CA VAL A 67 -39.71 18.79 -29.25
C VAL A 67 -40.20 19.77 -30.29
N THR A 68 -40.53 20.99 -29.87
CA THR A 68 -41.10 21.99 -30.77
C THR A 68 -40.25 23.25 -30.73
N LEU A 69 -39.72 23.62 -31.90
CA LEU A 69 -39.05 24.92 -32.08
C LEU A 69 -40.01 25.80 -32.86
N HIS A 70 -40.61 26.78 -32.18
CA HIS A 70 -41.65 27.59 -32.79
C HIS A 70 -41.04 28.56 -33.80
N GLY A 71 -41.72 28.70 -34.95
CA GLY A 71 -41.13 29.39 -36.09
C GLY A 71 -40.46 28.47 -37.09
N ALA A 72 -40.26 27.21 -36.75
CA ALA A 72 -39.73 26.19 -37.65
C ALA A 72 -40.67 24.99 -37.70
N GLU A 73 -41.94 25.24 -37.43
CA GLU A 73 -42.97 24.20 -37.47
C GLU A 73 -43.24 23.79 -38.91
N GLY A 74 -43.27 22.48 -39.15
CA GLY A 74 -43.40 21.99 -40.51
C GLY A 74 -42.11 21.87 -41.28
N LEU A 75 -40.99 21.61 -40.60
CA LEU A 75 -39.70 21.45 -41.25
C LEU A 75 -38.99 20.23 -40.71
N ASP A 76 -38.33 19.48 -41.60
CA ASP A 76 -37.56 18.32 -41.21
C ASP A 76 -36.42 18.72 -40.27
N ALA A 77 -35.78 17.71 -39.69
CA ALA A 77 -34.76 17.96 -38.68
C ALA A 77 -33.57 18.73 -39.25
N THR A 78 -33.09 18.35 -40.43
CA THR A 78 -31.93 19.02 -40.99
C THR A 78 -32.24 20.47 -41.35
N SER A 79 -33.34 20.71 -42.07
CA SER A 79 -33.75 22.07 -42.40
C SER A 79 -33.95 22.93 -41.15
N THR A 80 -34.28 22.30 -40.02
CA THR A 80 -34.45 23.03 -38.77
C THR A 80 -33.12 23.57 -38.26
N ARG A 81 -32.09 22.72 -38.25
CA ARG A 81 -30.77 23.14 -37.80
C ARG A 81 -30.23 24.26 -38.66
N ARG A 82 -30.44 24.18 -39.98
CA ARG A 82 -29.79 25.10 -40.90
C ARG A 82 -30.33 26.52 -40.74
N GLU A 83 -31.64 26.68 -40.48
CA GLU A 83 -32.26 28.00 -40.48
C GLU A 83 -32.49 28.60 -39.10
N HIS A 84 -32.46 27.81 -38.03
CA HIS A 84 -32.88 28.32 -36.72
C HIS A 84 -31.91 28.11 -35.58
N ILE A 85 -30.88 27.27 -35.73
CA ILE A 85 -30.06 26.87 -34.59
C ILE A 85 -28.59 27.12 -34.93
N GLY A 86 -27.87 27.73 -33.99
CA GLY A 86 -26.42 27.85 -34.05
C GLY A 86 -25.79 26.91 -33.05
N PHE A 87 -24.73 26.23 -33.47
CA PHE A 87 -24.04 25.25 -32.64
C PHE A 87 -22.67 25.77 -32.21
N VAL A 88 -22.39 25.65 -30.92
CA VAL A 88 -21.06 25.88 -30.35
C VAL A 88 -20.56 24.55 -29.79
N PHE A 89 -20.01 23.71 -30.66
CA PHE A 89 -19.58 22.37 -30.31
C PHE A 89 -18.47 22.39 -29.26
N GLN A 90 -18.33 21.26 -28.56
CA GLN A 90 -17.31 21.15 -27.51
C GLN A 90 -15.91 21.30 -28.09
N GLN A 91 -15.67 20.73 -29.25
CA GLN A 91 -14.51 20.99 -30.08
C GLN A 91 -14.84 22.09 -31.08
N PRO A 92 -13.92 23.04 -31.28
CA PRO A 92 -14.20 24.16 -32.20
C PRO A 92 -14.73 23.70 -33.55
N ASN A 93 -14.36 22.51 -34.01
CA ASN A 93 -14.84 21.95 -35.26
C ASN A 93 -14.60 22.89 -36.44
N LEU A 94 -13.49 23.61 -36.41
CA LEU A 94 -13.12 24.41 -37.55
C LEU A 94 -12.65 23.51 -38.68
N LEU A 95 -13.17 23.75 -39.88
CA LEU A 95 -12.81 22.96 -41.05
C LEU A 95 -11.40 23.31 -41.48
N GLY A 96 -10.52 22.31 -41.48
CA GLY A 96 -9.08 22.56 -41.59
C GLY A 96 -8.71 23.52 -42.70
N SER A 97 -9.22 23.28 -43.91
CA SER A 97 -8.77 23.98 -45.09
C SER A 97 -9.34 25.38 -45.23
N LEU A 98 -10.11 25.86 -44.25
CA LEU A 98 -10.70 27.19 -44.32
C LEU A 98 -10.07 28.13 -43.30
N THR A 99 -10.10 29.42 -43.64
CA THR A 99 -9.57 30.48 -42.80
C THR A 99 -10.64 30.96 -41.83
N ALA A 100 -10.20 31.68 -40.80
CA ALA A 100 -11.10 32.18 -39.75
C ALA A 100 -12.38 32.75 -40.34
N ARG A 101 -12.27 33.61 -41.35
CA ARG A 101 -13.45 34.24 -41.93
C ARG A 101 -14.23 33.23 -42.75
N GLU A 102 -13.53 32.35 -43.47
CA GLU A 102 -14.17 31.34 -44.29
C GLU A 102 -15.00 30.37 -43.47
N GLN A 103 -14.72 30.25 -42.17
CA GLN A 103 -15.49 29.34 -41.33
C GLN A 103 -16.85 29.90 -40.95
N LEU A 104 -17.04 31.21 -41.11
CA LEU A 104 -18.39 31.79 -41.11
C LEU A 104 -19.05 31.68 -42.48
N LEU A 105 -18.30 31.96 -43.54
CA LEU A 105 -18.88 32.08 -44.88
C LEU A 105 -19.49 30.78 -45.37
N ILE A 106 -18.94 29.63 -44.99
CA ILE A 106 -19.43 28.37 -45.53
C ILE A 106 -20.85 28.09 -45.06
N THR A 107 -21.26 28.65 -43.92
CA THR A 107 -22.65 28.52 -43.47
C THR A 107 -23.59 29.31 -44.37
N ASP A 108 -23.19 30.51 -44.77
CA ASP A 108 -23.91 31.24 -45.81
C ASP A 108 -24.05 30.43 -47.08
N HIS A 109 -22.99 29.73 -47.49
CA HIS A 109 -23.06 28.98 -48.74
C HIS A 109 -23.96 27.76 -48.60
N LEU A 110 -23.79 26.97 -47.53
CA LEU A 110 -24.66 25.81 -47.36
C LEU A 110 -26.11 26.21 -47.20
N ARG A 111 -26.38 27.47 -46.82
CA ARG A 111 -27.73 28.01 -46.76
C ARG A 111 -28.19 28.59 -48.09
N GLY A 112 -27.29 28.71 -49.08
CA GLY A 112 -27.68 29.12 -50.40
C GLY A 112 -27.75 30.61 -50.66
N ILE A 113 -26.86 31.39 -50.04
CA ILE A 113 -26.83 32.84 -50.26
C ILE A 113 -25.39 33.26 -50.51
N LYS A 114 -25.23 34.29 -51.34
CA LYS A 114 -23.93 34.87 -51.63
C LYS A 114 -23.21 35.18 -50.32
N PRO A 115 -22.04 34.58 -50.07
CA PRO A 115 -21.32 34.83 -48.81
C PRO A 115 -21.11 36.32 -48.53
N ARG A 116 -21.34 36.70 -47.28
CA ARG A 116 -21.26 38.10 -46.84
C ARG A 116 -19.93 38.29 -46.10
N LYS A 117 -18.95 38.88 -46.80
CA LYS A 117 -17.63 39.06 -46.19
C LYS A 117 -17.66 40.06 -45.03
N ASP A 118 -18.32 41.21 -45.24
CA ASP A 118 -18.35 42.22 -44.18
C ASP A 118 -19.02 41.69 -42.92
N ARG A 119 -20.13 40.96 -43.07
CA ARG A 119 -20.79 40.39 -41.91
C ARG A 119 -19.83 39.48 -41.14
N ALA A 120 -19.08 38.66 -41.86
CA ALA A 120 -18.15 37.76 -41.20
C ALA A 120 -17.10 38.54 -40.41
N ASP A 121 -16.58 39.63 -40.99
CA ASP A 121 -15.58 40.42 -40.28
C ASP A 121 -16.17 41.10 -39.05
N GLU A 122 -17.40 41.60 -39.15
CA GLU A 122 -18.05 42.22 -38.00
C GLU A 122 -18.27 41.21 -36.89
N LEU A 123 -18.72 40.00 -37.24
CA LEU A 123 -18.97 39.00 -36.22
C LEU A 123 -17.67 38.52 -35.60
N LEU A 124 -16.63 38.34 -36.41
CA LEU A 124 -15.33 38.01 -35.84
C LEU A 124 -14.86 39.11 -34.90
N ALA A 125 -15.10 40.38 -35.28
CA ALA A 125 -14.77 41.48 -34.38
C ALA A 125 -15.67 41.49 -33.16
N ARG A 126 -16.94 41.08 -33.31
CA ARG A 126 -17.84 41.00 -32.18
C ARG A 126 -17.38 39.96 -31.16
N VAL A 127 -16.56 39.00 -31.59
CA VAL A 127 -15.97 38.00 -30.72
C VAL A 127 -14.54 38.34 -30.35
N GLY A 128 -14.09 39.56 -30.66
CA GLY A 128 -12.74 39.96 -30.30
C GLY A 128 -11.67 39.32 -31.14
N LEU A 129 -11.95 39.06 -32.41
CA LEU A 129 -10.96 38.58 -33.36
C LEU A 129 -10.88 39.54 -34.55
N LYS A 130 -11.22 40.80 -34.32
CA LYS A 130 -11.27 41.82 -35.36
C LYS A 130 -9.98 41.83 -36.18
N GLY A 131 -10.13 41.72 -37.50
CA GLY A 131 -8.98 41.71 -38.37
C GLY A 131 -8.37 40.33 -38.60
N LEU A 132 -8.75 39.34 -37.80
CA LEU A 132 -8.18 38.00 -37.90
C LEU A 132 -8.91 37.12 -38.92
N GLY A 133 -9.73 37.72 -39.77
CA GLY A 133 -10.44 36.96 -40.79
C GLY A 133 -9.55 36.08 -41.67
N GLY A 134 -8.28 36.46 -41.83
CA GLY A 134 -7.44 35.73 -42.75
C GLY A 134 -6.63 34.62 -42.15
N ARG A 135 -6.57 34.55 -40.81
CA ARG A 135 -5.83 33.50 -40.14
C ARG A 135 -6.34 32.12 -40.56
N ARG A 136 -5.43 31.16 -40.67
CA ARG A 136 -5.85 29.78 -40.81
C ARG A 136 -5.93 29.14 -39.43
N VAL A 137 -6.37 27.88 -39.38
CA VAL A 137 -6.57 27.23 -38.08
C VAL A 137 -5.25 27.13 -37.32
N ALA A 138 -4.14 26.98 -38.04
CA ALA A 138 -2.84 26.89 -37.39
C ALA A 138 -2.42 28.20 -36.73
N GLN A 139 -3.02 29.32 -37.13
CA GLN A 139 -2.72 30.62 -36.55
C GLN A 139 -3.75 31.05 -35.52
N LEU A 140 -4.45 30.09 -34.91
CA LEU A 140 -5.49 30.39 -33.92
C LEU A 140 -5.17 29.66 -32.63
N SER A 141 -5.24 30.38 -31.52
CA SER A 141 -5.01 29.77 -30.22
C SER A 141 -6.24 28.97 -29.81
N GLY A 142 -6.14 28.28 -28.67
CA GLY A 142 -7.27 27.50 -28.20
C GLY A 142 -8.52 28.34 -28.02
N GLY A 143 -8.40 29.45 -27.30
CA GLY A 143 -9.52 30.34 -27.10
C GLY A 143 -10.04 30.91 -28.40
N GLN A 144 -9.12 31.31 -29.30
CA GLN A 144 -9.50 31.95 -30.54
C GLN A 144 -10.38 31.03 -31.40
N ARG A 145 -10.04 29.74 -31.49
CA ARG A 145 -10.88 28.83 -32.26
C ARG A 145 -12.27 28.75 -31.66
N GLN A 146 -12.35 28.65 -30.32
CA GLN A 146 -13.66 28.61 -29.67
C GLN A 146 -14.42 29.89 -29.96
N ARG A 147 -13.69 31.00 -30.09
CA ARG A 147 -14.31 32.27 -30.43
C ARG A 147 -14.79 32.29 -31.87
N VAL A 148 -13.98 31.74 -32.80
CA VAL A 148 -14.44 31.60 -34.19
C VAL A 148 -15.65 30.68 -34.25
N ASN A 149 -15.67 29.66 -33.39
CA ASN A 149 -16.81 28.75 -33.31
C ASN A 149 -18.09 29.50 -32.94
N ILE A 150 -18.04 30.29 -31.86
CA ILE A 150 -19.17 31.10 -31.47
C ILE A 150 -19.63 31.99 -32.63
N ALA A 151 -18.68 32.73 -33.21
CA ALA A 151 -19.04 33.64 -34.31
C ALA A 151 -19.79 32.92 -35.42
N ARG A 152 -19.31 31.72 -35.78
CA ARG A 152 -20.01 30.93 -36.80
C ARG A 152 -21.44 30.62 -36.40
N ALA A 153 -21.65 30.25 -35.13
CA ALA A 153 -23.00 30.00 -34.63
C ALA A 153 -23.90 31.21 -34.85
N LEU A 154 -23.32 32.40 -34.85
CA LEU A 154 -24.03 33.66 -35.00
C LEU A 154 -24.19 34.08 -36.46
N MET A 155 -23.56 33.37 -37.40
CA MET A 155 -23.58 33.80 -38.79
C MET A 155 -24.98 33.69 -39.38
N GLY A 156 -25.70 32.60 -39.10
CA GLY A 156 -27.01 32.52 -39.68
C GLY A 156 -28.07 33.25 -38.89
N ASN A 157 -27.67 33.96 -37.84
CA ASN A 157 -28.56 34.74 -36.99
C ASN A 157 -29.67 33.81 -36.51
N PRO A 158 -29.34 32.81 -35.69
CA PRO A 158 -30.35 31.87 -35.21
C PRO A 158 -31.13 32.45 -34.05
N GLN A 159 -32.19 31.75 -33.66
CA GLN A 159 -32.89 32.05 -32.42
C GLN A 159 -32.61 31.04 -31.32
N LEU A 160 -31.86 29.98 -31.60
CA LEU A 160 -31.50 29.00 -30.59
C LEU A 160 -30.01 28.78 -30.69
N LEU A 161 -29.29 29.02 -29.58
CA LEU A 161 -27.85 28.88 -29.51
C LEU A 161 -27.53 27.76 -28.54
N LEU A 162 -26.84 26.73 -29.03
CA LEU A 162 -26.56 25.54 -28.24
C LEU A 162 -25.05 25.43 -28.02
N ALA A 163 -24.64 25.48 -26.76
CA ALA A 163 -23.23 25.43 -26.40
C ALA A 163 -23.01 24.14 -25.62
N ASP A 164 -22.06 23.34 -26.08
CA ASP A 164 -21.79 22.00 -25.54
C ASP A 164 -20.46 22.06 -24.80
N GLU A 165 -20.50 22.50 -23.55
CA GLU A 165 -19.30 22.55 -22.71
C GLU A 165 -18.18 23.34 -23.39
N PRO A 166 -18.49 24.52 -23.98
CA PRO A 166 -17.50 25.17 -24.84
C PRO A 166 -16.30 25.73 -24.08
N THR A 167 -16.21 25.43 -22.79
CA THR A 167 -15.08 25.86 -21.97
C THR A 167 -14.25 24.68 -21.46
N SER A 168 -14.33 23.54 -22.16
CA SER A 168 -13.78 22.29 -21.63
C SER A 168 -12.27 22.20 -21.80
N ALA A 169 -11.70 22.87 -22.80
CA ALA A 169 -10.26 22.81 -23.03
C ALA A 169 -9.57 24.11 -22.70
N LEU A 170 -10.24 25.02 -22.00
CA LEU A 170 -9.70 26.33 -21.70
C LEU A 170 -9.51 26.50 -20.20
N ASP A 171 -8.49 27.27 -19.83
CA ASP A 171 -8.16 27.51 -18.44
C ASP A 171 -9.17 28.46 -17.80
N ALA A 172 -8.93 28.79 -16.53
CA ALA A 172 -9.90 29.55 -15.73
C ALA A 172 -10.21 30.88 -16.40
N ARG A 173 -9.17 31.59 -16.85
CA ARG A 173 -9.34 32.90 -17.47
C ARG A 173 -10.15 32.78 -18.76
N LEU A 174 -9.68 31.95 -19.69
CA LEU A 174 -10.29 31.84 -21.01
C LEU A 174 -11.73 31.37 -20.92
N SER A 175 -12.03 30.46 -19.98
CA SER A 175 -13.39 29.94 -19.86
C SER A 175 -14.36 31.00 -19.34
N LYS A 176 -13.91 31.85 -18.42
CA LYS A 176 -14.70 33.02 -18.06
C LYS A 176 -15.07 33.86 -19.28
N GLU A 177 -14.08 34.17 -20.11
CA GLU A 177 -14.30 35.00 -21.28
C GLU A 177 -15.34 34.40 -22.22
N ILE A 178 -15.31 33.08 -22.41
CA ILE A 178 -16.24 32.48 -23.36
C ILE A 178 -17.67 32.56 -22.82
N VAL A 179 -17.84 32.34 -21.52
CA VAL A 179 -19.15 32.44 -20.91
C VAL A 179 -19.65 33.88 -20.92
N GLU A 180 -18.78 34.81 -20.52
CA GLU A 180 -19.14 36.24 -20.58
C GLU A 180 -19.57 36.61 -21.99
N LEU A 181 -18.79 36.17 -22.97
CA LEU A 181 -19.14 36.39 -24.37
C LEU A 181 -20.47 35.73 -24.70
N LEU A 182 -20.65 34.47 -24.31
CA LEU A 182 -21.87 33.74 -24.62
C LEU A 182 -23.09 34.44 -24.04
N ARG A 183 -23.03 34.81 -22.76
CA ARG A 183 -24.15 35.52 -22.14
C ARG A 183 -24.34 36.89 -22.78
N ASP A 184 -23.25 37.62 -23.03
CA ASP A 184 -23.37 38.97 -23.60
C ASP A 184 -24.05 38.89 -24.97
N VAL A 185 -23.65 37.93 -25.80
CA VAL A 185 -24.28 37.76 -27.10
C VAL A 185 -25.72 37.31 -26.93
N THR A 186 -25.96 36.38 -26.00
CA THR A 186 -27.32 35.94 -25.72
C THR A 186 -28.23 37.13 -25.44
N LYS A 187 -27.73 38.11 -24.67
CA LYS A 187 -28.52 39.27 -24.33
C LYS A 187 -28.67 40.24 -25.51
N GLU A 188 -27.57 40.51 -26.20
CA GLU A 188 -27.58 41.55 -27.24
C GLU A 188 -28.50 41.18 -28.39
N PHE A 189 -28.52 39.91 -28.81
CA PHE A 189 -29.29 39.49 -29.97
C PHE A 189 -30.54 38.70 -29.60
N ALA A 190 -30.98 38.77 -28.34
CA ALA A 190 -32.22 38.13 -27.91
C ALA A 190 -32.24 36.64 -28.26
N LEU A 191 -31.09 35.98 -28.05
CA LEU A 191 -30.98 34.56 -28.30
C LEU A 191 -31.51 33.74 -27.14
N ALA A 192 -32.08 32.59 -27.45
CA ALA A 192 -32.39 31.59 -26.44
C ALA A 192 -31.26 30.59 -26.47
N THR A 193 -30.54 30.44 -25.36
CA THR A 193 -29.33 29.64 -25.32
C THR A 193 -29.40 28.53 -24.28
N LEU A 194 -29.13 27.29 -24.71
CA LEU A 194 -28.76 26.20 -23.83
C LEU A 194 -27.25 26.07 -23.77
N MET A 195 -26.72 25.95 -22.56
CA MET A 195 -25.29 25.77 -22.36
C MET A 195 -25.13 24.58 -21.44
N VAL A 196 -24.54 23.51 -21.96
CA VAL A 196 -24.18 22.39 -21.10
C VAL A 196 -22.86 22.73 -20.45
N THR A 197 -22.72 22.40 -19.17
CA THR A 197 -21.49 22.72 -18.48
C THR A 197 -21.32 21.79 -17.29
N HIS A 198 -20.07 21.56 -16.93
CA HIS A 198 -19.73 20.85 -15.72
C HIS A 198 -18.98 21.74 -14.73
N ASP A 199 -18.56 22.93 -15.16
CA ASP A 199 -17.90 23.88 -14.28
C ASP A 199 -18.99 24.75 -13.64
N ARG A 200 -19.43 24.33 -12.45
CA ARG A 200 -20.50 25.04 -11.76
C ARG A 200 -20.15 26.50 -11.48
N SER A 201 -18.87 26.88 -11.57
CA SER A 201 -18.46 28.27 -11.45
C SER A 201 -19.07 29.17 -12.51
N GLN A 202 -19.66 28.59 -13.54
CA GLN A 202 -20.25 29.34 -14.65
C GLN A 202 -21.74 29.52 -14.54
N LEU A 203 -22.38 28.94 -13.51
CA LEU A 203 -23.80 29.19 -13.33
C LEU A 203 -24.05 30.65 -13.05
N ALA A 204 -23.12 31.33 -12.39
CA ALA A 204 -23.33 32.72 -12.02
C ALA A 204 -23.62 33.59 -13.24
N TYR A 205 -23.27 33.14 -14.44
CA TYR A 205 -23.54 33.95 -15.62
C TYR A 205 -24.75 33.46 -16.37
N ALA A 206 -25.33 32.34 -15.95
CA ALA A 206 -26.53 31.85 -16.57
C ALA A 206 -27.70 32.45 -15.83
N ASP A 207 -28.75 32.78 -16.58
CA ASP A 207 -30.00 33.24 -15.98
C ASP A 207 -30.68 32.13 -15.18
N ARG A 208 -30.64 30.91 -15.69
CA ARG A 208 -31.16 29.79 -14.92
C ARG A 208 -30.34 28.56 -15.24
N PHE A 209 -30.70 27.45 -14.60
CA PHE A 209 -29.98 26.20 -14.80
C PHE A 209 -30.86 25.01 -14.49
N VAL A 210 -30.55 23.90 -15.16
CA VAL A 210 -31.14 22.60 -14.89
C VAL A 210 -30.04 21.71 -14.33
N GLU A 211 -30.35 20.93 -13.30
CA GLU A 211 -29.40 19.93 -12.85
C GLU A 211 -29.92 18.58 -13.33
N MET A 212 -29.01 17.69 -13.71
CA MET A 212 -29.42 16.41 -14.29
C MET A 212 -28.69 15.27 -13.61
N ALA A 213 -29.42 14.17 -13.38
CA ALA A 213 -28.83 12.96 -12.82
C ALA A 213 -29.52 11.73 -13.35
N ASP A 214 -28.73 10.78 -13.88
CA ASP A 214 -29.24 9.51 -14.41
C ASP A 214 -30.33 9.70 -15.46
N GLY A 215 -30.15 10.72 -16.31
CA GLY A 215 -31.07 11.06 -17.38
C GLY A 215 -32.36 11.75 -16.98
N LYS A 216 -32.59 12.01 -15.70
CA LYS A 216 -33.76 12.77 -15.27
C LYS A 216 -33.32 14.16 -14.87
N ALA A 217 -34.01 15.17 -15.41
CA ALA A 217 -33.78 16.54 -15.00
C ALA A 217 -34.53 16.84 -13.70
N LEU A 218 -33.98 17.76 -12.92
CA LEU A 218 -34.55 18.11 -11.63
C LEU A 218 -35.07 19.54 -11.63
N MET B 1 -20.14 22.72 -52.60
CA MET B 1 -19.04 22.88 -53.53
C MET B 1 -18.01 23.85 -52.94
N PHE B 2 -18.42 24.54 -51.87
CA PHE B 2 -17.54 25.50 -51.21
C PHE B 2 -16.34 24.82 -50.56
N LEU B 3 -16.59 23.93 -49.59
CA LEU B 3 -15.50 23.22 -48.92
C LEU B 3 -14.70 22.37 -49.89
N GLY B 4 -15.38 21.70 -50.83
CA GLY B 4 -14.69 20.80 -51.73
C GLY B 4 -13.55 21.44 -52.49
N ILE B 5 -13.78 22.64 -53.02
CA ILE B 5 -12.77 23.29 -53.85
C ILE B 5 -11.58 23.75 -53.02
N ARG B 6 -11.81 24.22 -51.79
CA ARG B 6 -10.70 24.69 -50.97
C ARG B 6 -9.94 23.55 -50.29
N ASP B 7 -10.56 22.39 -50.12
CA ASP B 7 -9.77 21.21 -49.77
C ASP B 7 -8.70 20.95 -50.82
N ILE B 8 -9.06 21.11 -52.10
CA ILE B 8 -8.09 20.87 -53.17
C ILE B 8 -6.97 21.90 -53.11
N ARG B 9 -7.32 23.17 -52.86
CA ARG B 9 -6.30 24.21 -52.74
C ARG B 9 -5.28 23.88 -51.66
N ALA B 10 -5.75 23.56 -50.45
CA ALA B 10 -4.87 23.48 -49.30
C ALA B 10 -4.13 22.17 -49.22
N ALA B 11 -4.52 21.17 -50.01
CA ALA B 11 -3.85 19.87 -50.05
C ALA B 11 -3.67 19.48 -51.51
N ALA B 12 -2.80 20.21 -52.21
CA ALA B 12 -2.57 19.91 -53.62
C ALA B 12 -1.72 18.67 -53.81
N GLY B 13 -1.00 18.26 -52.76
CA GLY B 13 -0.12 17.12 -52.77
C GLY B 13 -0.87 15.82 -53.00
N ARG B 14 -1.79 15.50 -52.09
CA ARG B 14 -2.51 14.23 -52.15
C ARG B 14 -3.16 14.04 -53.51
N PHE B 15 -3.80 15.09 -54.01
CA PHE B 15 -4.50 15.04 -55.29
C PHE B 15 -3.55 14.95 -56.47
N ALA B 16 -2.36 15.54 -56.37
CA ALA B 16 -1.37 15.41 -57.44
C ALA B 16 -0.99 13.95 -57.67
N LEU B 17 -0.81 13.18 -56.60
CA LEU B 17 -0.48 11.76 -56.75
C LEU B 17 -1.60 11.02 -57.49
N ILE B 18 -2.85 11.19 -57.05
CA ILE B 18 -3.96 10.45 -57.65
C ILE B 18 -4.27 10.95 -59.07
N ALA B 19 -4.26 12.28 -59.27
CA ALA B 19 -4.49 12.83 -60.60
C ALA B 19 -3.43 12.37 -61.59
N SER B 20 -2.19 12.19 -61.13
CA SER B 20 -1.15 11.66 -62.00
C SER B 20 -1.51 10.25 -62.46
N VAL B 21 -2.03 9.43 -61.54
CA VAL B 21 -2.44 8.07 -61.89
C VAL B 21 -3.53 8.11 -62.95
N VAL B 22 -4.54 8.96 -62.74
CA VAL B 22 -5.58 9.10 -63.76
C VAL B 22 -4.98 9.63 -65.05
N GLY B 23 -4.03 10.56 -64.93
CA GLY B 23 -3.40 11.10 -66.13
C GLY B 23 -2.63 10.07 -66.92
N LEU B 24 -1.87 9.20 -66.22
CA LEU B 24 -1.16 8.14 -66.92
C LEU B 24 -2.12 7.20 -67.63
N ILE B 25 -3.18 6.77 -66.94
CA ILE B 25 -4.10 5.82 -67.55
C ILE B 25 -4.73 6.43 -68.79
N THR B 26 -5.11 7.71 -68.70
CA THR B 26 -5.67 8.39 -69.86
C THR B 26 -4.62 8.56 -70.94
N LEU B 27 -3.38 8.86 -70.55
CA LEU B 27 -2.29 8.96 -71.51
C LEU B 27 -2.12 7.65 -72.28
N LEU B 28 -2.06 6.54 -71.55
CA LEU B 28 -1.97 5.24 -72.20
C LEU B 28 -3.17 4.97 -73.09
N ILE B 29 -4.38 5.27 -72.61
CA ILE B 29 -5.59 5.00 -73.39
C ILE B 29 -5.63 5.88 -74.64
N VAL B 30 -5.29 7.17 -74.50
CA VAL B 30 -5.30 8.06 -75.66
C VAL B 30 -4.29 7.58 -76.69
N MET B 31 -3.11 7.16 -76.23
CA MET B 31 -2.08 6.72 -77.16
C MET B 31 -2.41 5.34 -77.71
N LEU B 32 -2.98 4.46 -76.89
CA LEU B 32 -3.43 3.16 -77.38
C LEU B 32 -4.56 3.33 -78.39
N THR B 33 -5.48 4.27 -78.14
CA THR B 33 -6.53 4.56 -79.11
C THR B 33 -5.94 5.03 -80.43
N GLY B 34 -4.99 5.97 -80.38
CA GLY B 34 -4.37 6.46 -81.60
C GLY B 34 -3.67 5.34 -82.36
N LEU B 35 -3.06 4.42 -81.62
CA LEU B 35 -2.29 3.34 -82.24
C LEU B 35 -3.22 2.31 -82.89
N THR B 36 -4.38 2.04 -82.30
CA THR B 36 -5.28 1.06 -82.89
C THR B 36 -5.95 1.62 -84.14
N GLN B 37 -6.31 2.90 -84.13
CA GLN B 37 -6.85 3.51 -85.33
C GLN B 37 -5.79 3.59 -86.43
N GLY B 38 -4.54 3.88 -86.04
CA GLY B 38 -3.46 3.89 -87.03
C GLY B 38 -3.22 2.53 -87.64
N LEU B 39 -3.18 1.47 -86.81
CA LEU B 39 -3.00 0.13 -87.35
C LEU B 39 -4.19 -0.29 -88.19
N GLY B 40 -5.41 0.11 -87.80
CA GLY B 40 -6.57 -0.23 -88.58
C GLY B 40 -6.54 0.40 -89.95
N LYS B 41 -6.12 1.67 -90.02
CA LYS B 41 -5.98 2.33 -91.31
C LYS B 41 -4.77 1.78 -92.07
N GLN B 42 -3.78 1.28 -91.35
CA GLN B 42 -2.67 0.57 -91.97
C GLN B 42 -3.12 -0.70 -92.68
N ASN B 43 -4.20 -1.34 -92.21
CA ASN B 43 -4.71 -2.54 -92.86
C ASN B 43 -5.86 -2.29 -93.84
N THR B 44 -6.65 -1.23 -93.66
CA THR B 44 -7.90 -1.13 -94.40
C THR B 44 -8.02 0.10 -95.29
N SER B 45 -7.08 1.06 -95.21
CA SER B 45 -7.30 2.37 -95.80
C SER B 45 -7.58 2.27 -97.29
N ALA B 46 -6.93 1.33 -98.00
CA ALA B 46 -7.17 1.21 -99.44
C ALA B 46 -8.56 0.68 -99.75
N ILE B 47 -8.95 -0.45 -99.14
CA ILE B 47 -10.27 -1.00 -99.42
C ILE B 47 -11.34 -0.03 -98.96
N GLU B 48 -11.18 0.53 -97.76
CA GLU B 48 -12.13 1.50 -97.24
C GLU B 48 -12.25 2.71 -98.17
N ALA B 49 -11.11 3.22 -98.65
CA ALA B 49 -11.13 4.32 -99.62
C ALA B 49 -11.92 3.96 -100.86
N LEU B 50 -11.77 2.73 -101.37
CA LEU B 50 -12.53 2.32 -102.55
C LEU B 50 -14.03 2.23 -102.27
N ALA B 51 -14.41 2.13 -101.00
CA ALA B 51 -15.80 2.20 -100.55
C ALA B 51 -16.76 1.34 -101.38
N PRO B 52 -16.59 0.02 -101.37
CA PRO B 52 -17.60 -0.85 -101.99
C PRO B 52 -18.76 -1.11 -101.04
N HIS B 53 -19.91 -1.42 -101.63
CA HIS B 53 -21.09 -1.74 -100.83
C HIS B 53 -20.96 -3.17 -100.28
N SER B 54 -20.88 -4.15 -101.18
CA SER B 54 -20.55 -5.51 -100.83
C SER B 54 -19.28 -5.93 -101.55
N VAL B 55 -18.71 -7.05 -101.13
CA VAL B 55 -17.48 -7.58 -101.69
C VAL B 55 -17.62 -9.09 -101.83
N VAL B 56 -17.46 -9.60 -103.05
CA VAL B 56 -17.65 -11.02 -103.33
C VAL B 56 -16.30 -11.72 -103.28
N PHE B 57 -16.22 -12.80 -102.52
CA PHE B 57 -15.01 -13.60 -102.33
C PHE B 57 -15.14 -14.96 -103.01
N THR B 58 -14.06 -15.72 -102.93
CA THR B 58 -13.98 -17.10 -103.37
C THR B 58 -13.32 -17.90 -102.26
N THR B 59 -13.87 -19.08 -101.97
CA THR B 59 -13.40 -19.86 -100.83
C THR B 59 -13.03 -21.27 -101.30
N ALA B 60 -12.51 -22.05 -100.36
CA ALA B 60 -12.20 -23.46 -100.59
C ALA B 60 -12.60 -24.25 -99.36
N GLY B 61 -13.28 -25.37 -99.57
CA GLY B 61 -13.81 -26.13 -98.44
C GLY B 61 -14.82 -25.37 -97.62
N GLY B 62 -15.56 -24.45 -98.24
CA GLY B 62 -16.60 -23.69 -97.57
C GLY B 62 -16.16 -22.96 -96.32
N SER B 63 -14.87 -22.64 -96.24
CA SER B 63 -14.30 -21.93 -95.10
C SER B 63 -14.59 -20.43 -95.21
N SER B 64 -14.23 -19.70 -94.16
CA SER B 64 -14.41 -18.25 -94.20
C SER B 64 -13.50 -17.65 -95.27
N PRO B 65 -13.96 -16.63 -95.98
CA PRO B 65 -13.11 -16.02 -97.00
C PRO B 65 -11.85 -15.40 -96.42
N GLU B 66 -10.79 -15.44 -97.22
CA GLU B 66 -9.51 -14.82 -96.90
C GLU B 66 -8.98 -14.13 -98.14
N PHE B 67 -8.54 -12.88 -97.98
CA PHE B 67 -7.91 -12.17 -99.09
C PHE B 67 -6.67 -12.89 -99.62
N THR B 68 -6.05 -13.74 -98.81
CA THR B 68 -4.85 -14.45 -99.21
C THR B 68 -5.13 -15.63 -100.14
N SER B 69 -6.39 -16.03 -100.31
CA SER B 69 -6.68 -17.26 -101.03
C SER B 69 -7.83 -17.14 -102.03
N SER B 70 -8.37 -15.95 -102.24
CA SER B 70 -9.53 -15.75 -103.11
C SER B 70 -9.07 -15.31 -104.50
N GLU B 71 -9.71 -15.86 -105.52
CA GLU B 71 -9.51 -15.45 -106.90
C GLU B 71 -10.86 -15.44 -107.60
N ILE B 72 -11.06 -14.47 -108.49
CA ILE B 72 -12.28 -14.36 -109.29
C ILE B 72 -11.92 -14.64 -110.74
N SER B 73 -12.55 -15.66 -111.31
CA SER B 73 -12.37 -15.98 -112.72
C SER B 73 -13.15 -15.00 -113.60
N GLU B 74 -12.77 -14.95 -114.88
CA GLU B 74 -13.37 -14.03 -115.84
C GLU B 74 -14.89 -14.25 -115.94
N GLN B 75 -15.32 -15.52 -115.95
CA GLN B 75 -16.75 -15.83 -116.01
C GLN B 75 -17.47 -15.29 -114.79
N GLN B 76 -16.84 -15.45 -113.64
CA GLN B 76 -17.36 -14.93 -112.38
C GLN B 76 -17.60 -13.42 -112.48
N ALA B 77 -16.73 -12.70 -113.19
CA ALA B 77 -16.93 -11.26 -113.34
C ALA B 77 -18.13 -10.96 -114.25
N GLU B 78 -18.34 -11.76 -115.29
CA GLU B 78 -19.47 -11.51 -116.18
C GLU B 78 -20.78 -11.83 -115.48
N ARG B 79 -20.74 -12.76 -114.52
CA ARG B 79 -21.94 -13.14 -113.77
C ARG B 79 -22.51 -11.93 -113.04
N TRP B 80 -21.68 -11.27 -112.23
CA TRP B 80 -22.11 -10.09 -111.52
C TRP B 80 -22.05 -8.92 -112.48
N LYS B 81 -23.22 -8.47 -112.92
CA LYS B 81 -23.29 -7.35 -113.85
C LYS B 81 -23.06 -6.05 -113.11
N ASP B 82 -22.55 -5.04 -113.82
CA ASP B 82 -22.27 -3.73 -113.24
C ASP B 82 -21.39 -3.84 -112.01
N SER B 83 -20.21 -4.45 -112.19
CA SER B 83 -19.25 -4.66 -111.12
C SER B 83 -17.88 -4.94 -111.71
N THR B 84 -16.84 -4.51 -110.99
CA THR B 84 -15.48 -4.74 -111.48
C THR B 84 -14.61 -5.57 -110.55
N PRO B 85 -13.70 -6.37 -111.13
CA PRO B 85 -12.79 -7.22 -110.35
C PRO B 85 -11.60 -6.44 -109.79
N LEU B 86 -11.31 -6.64 -108.51
CA LEU B 86 -10.16 -6.03 -107.86
C LEU B 86 -9.19 -7.13 -107.47
N GLY B 87 -7.96 -7.05 -107.98
CA GLY B 87 -6.91 -7.98 -107.63
C GLY B 87 -6.01 -7.36 -106.57
N VAL B 88 -5.74 -8.14 -105.52
CA VAL B 88 -4.93 -7.70 -104.39
C VAL B 88 -3.82 -8.72 -104.17
N SER B 89 -2.58 -8.27 -104.31
CA SER B 89 -1.43 -9.11 -104.03
C SER B 89 -0.34 -8.26 -103.39
N GLN B 90 0.58 -8.92 -102.70
CA GLN B 90 1.80 -8.31 -102.20
C GLN B 90 3.01 -9.02 -102.78
N THR B 91 3.96 -8.22 -103.28
CA THR B 91 5.14 -8.76 -103.93
C THR B 91 6.25 -7.73 -103.82
N ARG B 92 7.40 -8.08 -104.38
CA ARG B 92 8.59 -7.24 -104.31
C ARG B 92 8.60 -6.25 -105.46
N ILE B 93 8.99 -5.02 -105.16
CA ILE B 93 9.22 -3.98 -106.16
C ILE B 93 10.72 -3.69 -106.15
N GLU B 94 11.30 -3.61 -107.34
CA GLU B 94 12.73 -3.42 -107.51
C GLU B 94 12.97 -2.36 -108.57
N SER B 95 13.69 -1.32 -108.19
CA SER B 95 14.18 -0.30 -109.10
C SER B 95 15.68 -0.42 -109.29
N ASP B 96 16.20 0.38 -110.21
CA ASP B 96 17.64 0.38 -110.45
C ASP B 96 18.41 0.82 -109.21
N GLN B 97 17.77 1.60 -108.34
CA GLN B 97 18.42 2.24 -107.21
C GLN B 97 18.14 1.58 -105.86
N ASN B 98 17.00 0.92 -105.71
CA ASN B 98 16.53 0.36 -104.45
C ASN B 98 15.46 -0.69 -104.72
N ALA B 99 14.95 -1.29 -103.65
CA ALA B 99 13.87 -2.26 -103.76
C ALA B 99 13.17 -2.39 -102.41
N ASN B 100 11.99 -3.01 -102.44
CA ASN B 100 11.15 -3.22 -101.27
C ASN B 100 9.96 -4.09 -101.67
N THR B 101 9.18 -4.50 -100.67
CA THR B 101 7.92 -5.20 -100.90
C THR B 101 6.76 -4.22 -100.75
N THR B 102 5.76 -4.35 -101.62
CA THR B 102 4.60 -3.46 -101.58
C THR B 102 3.36 -4.24 -102.00
N ALA B 103 2.20 -3.68 -101.65
CA ALA B 103 0.95 -4.27 -102.09
C ALA B 103 0.63 -3.77 -103.49
N VAL B 104 0.06 -4.65 -104.31
CA VAL B 104 -0.36 -4.32 -105.65
C VAL B 104 -1.86 -4.57 -105.76
N MET B 105 -2.61 -3.53 -106.08
CA MET B 105 -4.03 -3.67 -106.38
C MET B 105 -4.26 -3.39 -107.86
N GLY B 106 -5.04 -4.27 -108.50
CA GLY B 106 -5.32 -4.16 -109.91
C GLY B 106 -6.80 -4.00 -110.18
N LEU B 107 -7.15 -3.04 -111.01
CA LEU B 107 -8.52 -2.78 -111.42
C LEU B 107 -8.58 -2.63 -112.93
N PRO B 108 -9.77 -2.74 -113.53
CA PRO B 108 -9.85 -2.64 -115.00
C PRO B 108 -9.42 -1.27 -115.47
N GLU B 109 -8.79 -1.23 -116.64
CA GLU B 109 -8.22 0.02 -117.14
C GLU B 109 -9.28 1.10 -117.24
N GLY B 110 -8.95 2.29 -116.76
CA GLY B 110 -9.84 3.42 -116.80
C GLY B 110 -10.76 3.61 -115.60
N THR B 111 -10.81 2.64 -114.69
CA THR B 111 -11.66 2.82 -113.51
C THR B 111 -11.15 3.99 -112.67
N PRO B 112 -12.01 4.96 -112.34
CA PRO B 112 -11.58 6.10 -111.51
C PRO B 112 -11.24 5.68 -110.09
N LEU B 113 -10.09 6.17 -109.59
CA LEU B 113 -9.60 5.89 -108.24
C LEU B 113 -10.22 6.85 -107.22
N PRO B 114 -10.34 6.41 -105.96
CA PRO B 114 -10.88 7.27 -104.90
C PRO B 114 -10.10 8.57 -104.74
N ASP B 115 -10.83 9.64 -104.37
CA ASP B 115 -10.17 10.94 -104.19
C ASP B 115 -9.02 10.86 -103.18
N SER B 116 -9.13 9.93 -102.23
CA SER B 116 -8.02 9.56 -101.35
C SER B 116 -6.77 9.27 -102.17
N VAL B 117 -6.96 8.64 -103.33
CA VAL B 117 -5.88 8.23 -104.21
C VAL B 117 -5.79 9.09 -105.47
N GLY B 118 -6.91 9.57 -105.99
CA GLY B 118 -6.92 10.40 -107.19
C GLY B 118 -6.38 9.68 -108.40
N GLY B 119 -6.37 10.36 -109.54
CA GLY B 119 -5.98 9.72 -110.79
C GLY B 119 -7.01 8.67 -111.21
N PHE B 120 -6.68 7.98 -112.30
CA PHE B 120 -7.49 6.86 -112.75
C PHE B 120 -6.56 5.73 -113.19
N ILE B 121 -7.07 4.49 -113.11
CA ILE B 121 -6.27 3.33 -113.45
C ILE B 121 -5.75 3.48 -114.87
N GLU B 122 -4.43 3.49 -115.03
CA GLU B 122 -3.81 3.63 -116.33
C GLU B 122 -3.08 2.34 -116.70
N GLN B 123 -2.70 2.25 -117.98
CA GLN B 123 -1.91 1.11 -118.43
C GLN B 123 -0.53 1.21 -117.78
N GLY B 124 -0.13 0.12 -117.11
CA GLY B 124 1.13 0.14 -116.39
C GLY B 124 0.91 0.22 -114.90
N ALA B 125 1.87 0.76 -114.16
CA ALA B 125 1.80 0.84 -112.70
C ALA B 125 1.89 2.28 -112.23
N LEU B 126 0.98 2.67 -111.34
CA LEU B 126 1.01 3.97 -110.68
C LEU B 126 1.61 3.80 -109.29
N LEU B 127 2.76 4.45 -109.06
CA LEU B 127 3.47 4.21 -107.81
C LEU B 127 3.06 5.27 -106.78
N PRO B 128 3.03 4.90 -105.49
CA PRO B 128 2.91 5.92 -104.44
C PRO B 128 4.10 6.87 -104.46
N ALA B 129 3.80 8.16 -104.26
CA ALA B 129 4.83 9.20 -104.39
C ALA B 129 6.02 8.92 -103.49
N GLU B 130 5.75 8.48 -102.25
CA GLU B 130 6.83 8.19 -101.31
C GLU B 130 7.64 6.99 -101.77
N LEU B 131 6.98 5.99 -102.35
CA LEU B 131 7.66 4.82 -102.86
C LEU B 131 8.53 5.15 -104.07
N ALA B 132 8.02 5.99 -104.97
CA ALA B 132 8.81 6.42 -106.12
C ALA B 132 10.04 7.21 -105.69
N ASP B 133 9.91 8.07 -104.68
CA ASP B 133 11.05 8.80 -104.16
C ASP B 133 12.07 7.86 -103.53
N PHE B 134 11.60 6.85 -102.80
CA PHE B 134 12.50 5.87 -102.19
C PHE B 134 13.38 5.20 -103.23
N LEU B 135 12.77 4.80 -104.34
CA LEU B 135 13.42 4.10 -105.45
C LEU B 135 14.14 5.04 -106.42
N HIS B 136 14.10 6.36 -106.20
CA HIS B 136 14.72 7.31 -107.12
C HIS B 136 14.15 7.16 -108.52
N VAL B 137 12.89 6.74 -108.60
CA VAL B 137 12.22 6.52 -109.87
C VAL B 137 11.30 7.69 -110.16
N ARG B 138 11.17 7.99 -111.45
CA ARG B 138 10.32 9.05 -111.95
C ARG B 138 9.32 8.41 -112.90
N ALA B 139 8.22 9.11 -113.18
CA ALA B 139 7.22 8.55 -114.07
C ALA B 139 7.84 8.25 -115.44
N GLY B 140 7.66 7.01 -115.90
CA GLY B 140 8.22 6.58 -117.17
C GLY B 140 9.40 5.64 -117.07
N ASP B 141 9.94 5.41 -115.87
CA ASP B 141 11.09 4.54 -115.69
C ASP B 141 10.64 3.09 -115.46
N HIS B 142 11.41 2.15 -115.99
CA HIS B 142 11.06 0.75 -115.80
C HIS B 142 11.40 0.28 -114.40
N ILE B 143 10.57 -0.61 -113.87
CA ILE B 143 10.73 -1.18 -112.55
C ILE B 143 10.34 -2.66 -112.59
N THR B 144 10.96 -3.45 -111.71
CA THR B 144 10.65 -4.87 -111.60
C THR B 144 9.58 -5.04 -110.54
N LEU B 145 8.41 -5.48 -110.97
CA LEU B 145 7.25 -5.66 -110.10
C LEU B 145 6.89 -7.14 -110.11
N GLY B 146 7.13 -7.82 -109.00
CA GLY B 146 6.84 -9.24 -108.89
C GLY B 146 7.52 -10.08 -109.95
N GLY B 147 8.74 -9.73 -110.32
CA GLY B 147 9.49 -10.46 -111.32
C GLY B 147 9.19 -10.11 -112.75
N ALA B 148 8.40 -9.07 -113.00
CA ALA B 148 8.06 -8.65 -114.34
C ALA B 148 8.37 -7.17 -114.51
N THR B 149 8.91 -6.82 -115.67
CA THR B 149 9.20 -5.41 -115.93
C THR B 149 7.89 -4.68 -116.22
N VAL B 150 7.66 -3.57 -115.51
CA VAL B 150 6.46 -2.76 -115.69
C VAL B 150 6.88 -1.30 -115.82
N THR B 151 6.09 -0.53 -116.56
CA THR B 151 6.36 0.89 -116.76
C THR B 151 5.62 1.70 -115.70
N VAL B 152 6.32 2.67 -115.11
CA VAL B 152 5.73 3.59 -114.13
C VAL B 152 4.85 4.59 -114.88
N ALA B 153 3.54 4.50 -114.65
CA ALA B 153 2.60 5.38 -115.34
C ALA B 153 2.55 6.75 -114.68
N GLY B 154 2.89 6.84 -113.41
CA GLY B 154 2.81 8.10 -112.69
C GLY B 154 2.85 7.86 -111.19
N THR B 155 2.87 8.97 -110.46
CA THR B 155 2.88 8.92 -109.00
C THR B 155 1.47 9.14 -108.47
N VAL B 156 1.24 8.65 -107.26
CA VAL B 156 -0.06 8.73 -106.61
C VAL B 156 0.18 8.91 -105.10
N LYS B 157 -0.91 9.06 -104.34
CA LYS B 157 -0.86 9.09 -102.89
C LYS B 157 -0.84 7.65 -102.36
N THR B 158 -0.70 7.52 -101.03
CA THR B 158 -0.53 6.20 -100.41
C THR B 158 -1.82 5.79 -99.72
N GLU B 159 -2.34 4.62 -100.08
CA GLU B 159 -3.29 3.89 -99.26
C GLU B 159 -2.64 2.55 -98.93
N ASN B 160 -3.23 1.82 -97.99
CA ASN B 160 -2.51 0.70 -97.41
C ASN B 160 -3.31 -0.60 -97.48
N TYR B 161 -2.57 -1.70 -97.61
CA TYR B 161 -3.09 -3.05 -97.49
C TYR B 161 -2.03 -3.91 -96.81
N SER B 162 -2.38 -4.46 -95.65
CA SER B 162 -1.48 -5.31 -94.87
C SER B 162 -0.15 -4.63 -94.59
N HIS B 163 -0.23 -3.43 -94.00
CA HIS B 163 0.93 -2.64 -93.58
C HIS B 163 1.84 -2.26 -94.74
N THR B 164 1.35 -2.32 -95.97
CA THR B 164 2.11 -1.94 -97.14
C THR B 164 1.36 -0.90 -97.96
N PRO B 165 2.06 0.01 -98.60
CA PRO B 165 1.40 0.95 -99.52
C PRO B 165 0.95 0.22 -100.79
N VAL B 166 -0.07 0.77 -101.42
CA VAL B 166 -0.72 0.14 -102.57
C VAL B 166 -0.20 0.74 -103.87
N VAL B 167 0.33 -0.12 -104.74
CA VAL B 167 0.66 0.24 -106.11
C VAL B 167 -0.51 -0.17 -106.99
N TRP B 168 -1.01 0.76 -107.78
CA TRP B 168 -2.24 0.57 -108.54
C TRP B 168 -1.88 0.28 -109.99
N VAL B 169 -2.38 -0.84 -110.51
CA VAL B 169 -2.09 -1.30 -111.86
C VAL B 169 -3.38 -1.73 -112.54
N ASP B 170 -3.34 -1.75 -113.87
CA ASP B 170 -4.47 -2.23 -114.65
C ASP B 170 -4.56 -3.74 -114.54
N THR B 171 -5.79 -4.26 -114.62
CA THR B 171 -6.04 -5.68 -114.38
C THR B 171 -5.10 -6.57 -115.18
N ALA B 172 -4.75 -6.16 -116.41
CA ALA B 172 -3.82 -6.95 -117.21
C ALA B 172 -2.45 -7.02 -116.54
N THR B 173 -1.93 -5.88 -116.10
CA THR B 173 -0.61 -5.86 -115.46
C THR B 173 -0.60 -6.67 -114.17
N TRP B 174 -1.66 -6.54 -113.35
CA TRP B 174 -1.72 -7.29 -112.10
C TRP B 174 -1.65 -8.80 -112.34
N GLN B 175 -2.27 -9.27 -113.42
CA GLN B 175 -2.20 -10.69 -113.76
C GLN B 175 -0.75 -11.12 -113.97
N LEU B 176 0.04 -10.30 -114.67
CA LEU B 176 1.44 -10.63 -114.92
C LEU B 176 2.25 -10.63 -113.63
N VAL B 177 2.00 -9.67 -112.74
CA VAL B 177 2.80 -9.53 -111.52
C VAL B 177 2.43 -10.58 -110.48
N SER B 178 1.19 -11.05 -110.45
CA SER B 178 0.75 -12.03 -109.48
C SER B 178 0.62 -13.41 -110.08
N HIS B 179 0.90 -13.56 -111.38
CA HIS B 179 1.01 -14.84 -112.06
C HIS B 179 -0.27 -15.65 -111.90
N THR B 180 -1.37 -15.07 -112.38
CA THR B 180 -2.68 -15.68 -112.23
C THR B 180 -3.51 -15.45 -113.48
N LYS B 181 -4.34 -16.43 -113.80
CA LYS B 181 -5.28 -16.34 -114.89
C LYS B 181 -6.56 -15.59 -114.50
N ALA B 182 -6.75 -15.37 -113.20
CA ALA B 182 -7.90 -14.66 -112.66
C ALA B 182 -7.91 -13.18 -113.05
N VAL B 183 -9.11 -12.60 -113.05
CA VAL B 183 -9.26 -11.17 -113.31
C VAL B 183 -9.15 -10.35 -112.03
N GLY B 184 -9.04 -11.00 -110.89
CA GLY B 184 -8.90 -10.29 -109.63
C GLY B 184 -8.95 -11.28 -108.48
N THR B 185 -8.82 -10.73 -107.27
CA THR B 185 -8.90 -11.56 -106.07
C THR B 185 -10.27 -11.49 -105.42
N VAL B 186 -10.96 -10.36 -105.54
CA VAL B 186 -12.34 -10.20 -105.07
C VAL B 186 -13.09 -9.38 -106.10
N LEU B 187 -14.41 -9.27 -105.91
CA LEU B 187 -15.27 -8.46 -106.75
C LEU B 187 -15.89 -7.36 -105.90
N LEU B 188 -15.64 -6.11 -106.26
CA LEU B 188 -16.21 -4.96 -105.59
C LEU B 188 -17.57 -4.63 -106.20
N LEU B 189 -18.59 -4.57 -105.35
CA LEU B 189 -19.95 -4.21 -105.72
C LEU B 189 -20.29 -2.89 -105.04
N ASN B 190 -20.56 -1.86 -105.83
CA ASN B 190 -20.97 -0.60 -105.22
C ASN B 190 -22.47 -0.51 -105.00
N GLN B 191 -23.27 -1.16 -105.85
CA GLN B 191 -24.70 -1.21 -105.60
C GLN B 191 -25.02 -2.44 -104.76
N GLU B 192 -26.24 -2.52 -104.26
CA GLU B 192 -26.64 -3.71 -103.54
C GLU B 192 -26.79 -4.87 -104.53
N PRO B 193 -26.33 -6.06 -104.17
CA PRO B 193 -26.38 -7.19 -105.10
C PRO B 193 -27.81 -7.64 -105.34
N THR B 194 -28.18 -7.76 -106.61
CA THR B 194 -29.51 -8.20 -107.01
C THR B 194 -29.50 -9.62 -107.55
N ILE B 195 -28.35 -10.28 -107.48
CA ILE B 195 -28.22 -11.67 -107.91
C ILE B 195 -27.92 -12.47 -106.67
N GLN B 196 -28.42 -13.70 -106.63
CA GLN B 196 -28.09 -14.56 -105.49
C GLN B 196 -26.78 -15.28 -105.74
N PRO B 197 -25.94 -15.46 -104.72
CA PRO B 197 -24.58 -15.96 -104.95
C PRO B 197 -24.51 -17.48 -105.01
N GLN B 198 -23.42 -17.92 -105.61
CA GLN B 198 -23.12 -19.32 -105.92
C GLN B 198 -22.47 -20.03 -104.72
N ASP B 199 -22.41 -21.36 -104.83
CA ASP B 199 -21.82 -22.23 -103.80
C ASP B 199 -20.43 -21.77 -103.36
N ASN B 200 -19.57 -21.39 -104.30
CA ASN B 200 -18.21 -20.98 -103.97
C ASN B 200 -18.08 -19.48 -103.69
N GLU B 201 -19.14 -18.72 -103.88
CA GLU B 201 -19.14 -17.29 -103.67
C GLU B 201 -19.76 -16.94 -102.30
N VAL B 202 -19.41 -15.76 -101.81
CA VAL B 202 -19.82 -15.26 -100.49
C VAL B 202 -19.83 -13.74 -100.53
N VAL B 203 -20.96 -13.14 -100.17
CA VAL B 203 -21.10 -11.69 -100.11
C VAL B 203 -20.79 -11.21 -98.70
N THR B 204 -20.10 -10.07 -98.60
CA THR B 204 -19.64 -9.52 -97.33
C THR B 204 -19.81 -8.00 -97.36
N ASP B 205 -20.00 -7.42 -96.19
CA ASP B 205 -20.03 -5.97 -96.03
C ASP B 205 -18.61 -5.41 -96.00
N LEU B 206 -18.50 -4.09 -96.10
CA LEU B 206 -17.18 -3.45 -96.04
C LEU B 206 -16.42 -3.83 -94.77
N LYS B 207 -17.12 -3.83 -93.63
CA LYS B 207 -16.50 -4.29 -92.38
C LYS B 207 -16.03 -5.74 -92.50
N GLY B 208 -16.94 -6.64 -92.88
CA GLY B 208 -16.58 -8.03 -93.04
C GLY B 208 -15.49 -8.26 -94.07
N ALA B 209 -15.37 -7.36 -95.04
CA ALA B 209 -14.25 -7.45 -95.97
C ALA B 209 -12.93 -7.22 -95.27
N PHE B 210 -12.91 -6.43 -94.19
CA PHE B 210 -11.68 -6.29 -93.41
C PHE B 210 -11.33 -7.56 -92.64
N GLN B 211 -12.32 -8.25 -92.06
CA GLN B 211 -11.99 -9.48 -91.34
C GLN B 211 -11.47 -10.59 -92.25
N ALA B 212 -11.63 -10.44 -93.56
CA ALA B 212 -11.03 -11.40 -94.48
C ALA B 212 -9.55 -11.13 -94.71
N MET B 213 -9.05 -10.01 -94.20
CA MET B 213 -7.63 -9.71 -94.24
C MET B 213 -6.94 -10.42 -93.07
N PRO B 214 -5.77 -11.01 -93.28
CA PRO B 214 -5.23 -11.94 -92.28
C PRO B 214 -4.86 -11.29 -90.96
N ALA B 215 -4.04 -10.25 -90.98
CA ALA B 215 -3.58 -9.63 -89.74
C ALA B 215 -4.63 -8.77 -89.06
N TYR B 216 -5.66 -8.32 -89.77
CA TYR B 216 -6.46 -7.20 -89.27
C TYR B 216 -7.30 -7.58 -88.05
N LYS B 217 -8.21 -8.53 -88.20
CA LYS B 217 -9.12 -8.82 -87.08
C LYS B 217 -8.34 -9.32 -85.86
N SER B 218 -7.39 -10.23 -86.06
CA SER B 218 -6.69 -10.82 -84.94
C SER B 218 -5.82 -9.82 -84.18
N GLU B 219 -5.55 -8.65 -84.75
CA GLU B 219 -4.72 -7.67 -84.05
C GLU B 219 -5.52 -6.48 -83.57
N ARG B 220 -6.56 -6.09 -84.29
CA ARG B 220 -7.47 -5.07 -83.78
CA ARG B 220 -7.46 -5.07 -83.77
C ARG B 220 -8.26 -5.59 -82.58
N SER B 221 -8.66 -6.86 -82.62
CA SER B 221 -9.39 -7.45 -81.50
C SER B 221 -8.56 -7.42 -80.23
N SER B 222 -7.28 -7.81 -80.33
CA SER B 222 -6.43 -7.81 -79.14
C SER B 222 -6.23 -6.40 -78.62
N LEU B 223 -6.06 -5.43 -79.52
CA LEU B 223 -5.91 -4.04 -79.09
C LEU B 223 -7.17 -3.50 -78.45
N LEU B 224 -8.34 -3.87 -78.98
CA LEU B 224 -9.59 -3.38 -78.40
C LEU B 224 -9.81 -3.95 -77.00
N SER B 225 -9.52 -5.24 -76.80
CA SER B 225 -9.66 -5.80 -75.46
C SER B 225 -8.73 -5.10 -74.48
N MET B 226 -7.50 -4.77 -74.91
CA MET B 226 -6.60 -4.01 -74.05
C MET B 226 -7.23 -2.67 -73.68
N GLN B 227 -7.85 -1.99 -74.65
CA GLN B 227 -8.49 -0.72 -74.33
C GLN B 227 -9.62 -0.93 -73.33
N ALA B 228 -10.37 -2.02 -73.46
CA ALA B 228 -11.49 -2.26 -72.56
C ALA B 228 -11.00 -2.43 -71.12
N PHE B 229 -9.94 -3.22 -70.93
CA PHE B 229 -9.35 -3.35 -69.60
C PHE B 229 -8.89 -2.01 -69.08
N LEU B 230 -8.32 -1.17 -69.95
CA LEU B 230 -7.81 0.11 -69.50
C LEU B 230 -8.94 1.01 -69.01
N TYR B 231 -10.05 1.08 -69.75
CA TYR B 231 -11.17 1.88 -69.29
C TYR B 231 -11.70 1.35 -67.97
N ILE B 232 -11.80 0.03 -67.85
CA ILE B 232 -12.28 -0.59 -66.62
C ILE B 232 -11.36 -0.28 -65.45
N ILE B 233 -10.03 -0.40 -65.67
CA ILE B 233 -9.06 -0.12 -64.62
C ILE B 233 -9.18 1.32 -64.13
N SER B 234 -9.37 2.27 -65.05
CA SER B 234 -9.54 3.67 -64.66
C SER B 234 -10.73 3.82 -63.72
N ALA B 235 -11.89 3.27 -64.10
CA ALA B 235 -13.07 3.36 -63.25
C ALA B 235 -12.81 2.78 -61.87
N LEU B 236 -12.19 1.59 -61.81
CA LEU B 236 -11.94 0.96 -60.52
C LEU B 236 -10.95 1.77 -59.68
N VAL B 237 -9.89 2.28 -60.31
CA VAL B 237 -8.92 3.11 -59.57
C VAL B 237 -9.62 4.30 -58.94
N THR B 238 -10.46 5.00 -59.71
CA THR B 238 -11.14 6.16 -59.15
C THR B 238 -12.04 5.73 -57.99
N VAL B 239 -12.81 4.66 -58.19
CA VAL B 239 -13.72 4.18 -57.15
C VAL B 239 -12.94 3.79 -55.90
N ALA B 240 -11.85 3.03 -56.08
CA ALA B 240 -11.05 2.63 -54.93
C ALA B 240 -10.51 3.84 -54.18
N PHE B 241 -9.87 4.77 -54.91
CA PHE B 241 -9.32 5.94 -54.25
C PHE B 241 -10.41 6.78 -53.59
N LEU B 242 -11.48 7.06 -54.34
CA LEU B 242 -12.53 7.94 -53.84
C LEU B 242 -13.34 7.33 -52.69
N THR B 243 -13.52 6.00 -52.64
CA THR B 243 -14.18 5.45 -51.46
C THR B 243 -13.36 5.69 -50.21
N VAL B 244 -12.07 5.37 -50.26
CA VAL B 244 -11.20 5.59 -49.10
C VAL B 244 -11.12 7.08 -48.77
N TRP B 245 -11.07 7.93 -49.81
CA TRP B 245 -10.90 9.36 -49.59
C TRP B 245 -12.14 10.00 -48.98
N THR B 246 -13.33 9.72 -49.52
CA THR B 246 -14.53 10.28 -48.91
C THR B 246 -14.69 9.84 -47.47
N LEU B 247 -14.28 8.60 -47.14
CA LEU B 247 -14.27 8.18 -45.75
C LEU B 247 -13.37 9.08 -44.91
N GLN B 248 -12.29 9.59 -45.49
CA GLN B 248 -11.40 10.50 -44.75
C GLN B 248 -12.12 11.77 -44.32
N ARG B 249 -13.11 12.22 -45.09
CA ARG B 249 -13.76 13.50 -44.85
C ARG B 249 -14.98 13.42 -43.94
N THR B 250 -15.36 12.23 -43.48
CA THR B 250 -16.57 12.05 -42.68
C THR B 250 -16.71 13.11 -41.59
N ARG B 251 -15.60 13.48 -40.94
CA ARG B 251 -15.66 14.41 -39.82
C ARG B 251 -16.08 15.80 -40.28
N ASP B 252 -15.44 16.30 -41.35
CA ASP B 252 -15.79 17.63 -41.84
C ASP B 252 -17.19 17.61 -42.43
N ILE B 253 -17.55 16.52 -43.10
CA ILE B 253 -18.90 16.36 -43.63
C ILE B 253 -19.91 16.30 -42.49
N ALA B 254 -19.56 15.59 -41.40
CA ALA B 254 -20.46 15.52 -40.25
C ALA B 254 -20.70 16.89 -39.65
N VAL B 255 -19.65 17.72 -39.56
CA VAL B 255 -19.81 19.06 -39.02
C VAL B 255 -20.77 19.86 -39.88
N LEU B 256 -20.63 19.76 -41.21
CA LEU B 256 -21.54 20.47 -42.10
C LEU B 256 -22.96 19.93 -41.96
N ALA B 257 -23.10 18.61 -41.83
CA ALA B 257 -24.41 18.01 -41.64
C ALA B 257 -25.06 18.53 -40.36
N ALA B 258 -24.31 18.53 -39.25
CA ALA B 258 -24.82 19.08 -38.01
C ALA B 258 -25.23 20.55 -38.18
N LEU B 259 -24.45 21.31 -38.94
CA LEU B 259 -24.75 22.73 -39.14
C LEU B 259 -26.04 22.92 -39.91
N GLY B 260 -26.46 21.91 -40.65
CA GLY B 260 -27.69 21.95 -41.43
C GLY B 260 -27.51 21.68 -42.91
N ALA B 261 -26.31 21.34 -43.37
CA ALA B 261 -26.12 21.09 -44.80
C ALA B 261 -27.01 19.93 -45.24
N SER B 262 -27.77 20.15 -46.31
CA SER B 262 -28.60 19.12 -46.89
C SER B 262 -27.77 17.97 -47.45
N LYS B 263 -28.45 16.83 -47.68
CA LYS B 263 -27.80 15.70 -48.33
C LYS B 263 -27.38 16.07 -49.75
N ARG B 264 -28.27 16.73 -50.49
CA ARG B 264 -27.89 17.18 -51.84
C ARG B 264 -26.63 18.03 -51.78
N TYR B 265 -26.53 18.91 -50.79
CA TYR B 265 -25.38 19.80 -50.69
C TYR B 265 -24.09 19.00 -50.52
N LEU B 266 -24.11 18.04 -49.59
CA LEU B 266 -22.91 17.26 -49.32
C LEU B 266 -22.54 16.39 -50.51
N LEU B 267 -23.55 15.79 -51.16
CA LEU B 267 -23.28 14.95 -52.31
C LEU B 267 -22.74 15.77 -53.47
N ILE B 268 -23.29 16.97 -53.69
CA ILE B 268 -22.78 17.87 -54.71
C ILE B 268 -21.34 18.30 -54.40
N ASP B 269 -21.07 18.65 -53.14
CA ASP B 269 -19.71 19.02 -52.75
C ASP B 269 -18.70 17.91 -53.08
N ALA B 270 -18.98 16.70 -52.63
CA ALA B 270 -18.05 15.59 -52.79
C ALA B 270 -17.82 15.28 -54.26
N LEU B 271 -18.91 15.18 -55.03
CA LEU B 271 -18.81 14.86 -56.45
C LEU B 271 -18.14 15.99 -57.22
N GLY B 272 -18.39 17.23 -56.83
CA GLY B 272 -17.72 18.35 -57.47
C GLY B 272 -16.21 18.27 -57.33
N GLN B 273 -15.75 17.97 -56.12
CA GLN B 273 -14.31 17.84 -55.89
C GLN B 273 -13.73 16.73 -56.74
N ALA B 274 -14.39 15.58 -56.78
CA ALA B 274 -13.91 14.48 -57.61
C ALA B 274 -13.90 14.86 -59.09
N ALA B 275 -14.95 15.55 -59.54
CA ALA B 275 -15.03 15.92 -60.96
C ALA B 275 -13.86 16.80 -61.37
N ILE B 276 -13.51 17.78 -60.52
CA ILE B 276 -12.37 18.65 -60.82
C ILE B 276 -11.08 17.83 -60.87
N ILE B 277 -10.90 16.93 -59.91
CA ILE B 277 -9.66 16.15 -59.85
C ILE B 277 -9.55 15.25 -61.08
N LEU B 278 -10.63 14.55 -61.41
CA LEU B 278 -10.64 13.69 -62.58
C LEU B 278 -10.46 14.49 -63.85
N ALA B 279 -11.10 15.66 -63.94
CA ALA B 279 -10.91 16.53 -65.10
C ALA B 279 -9.44 16.90 -65.27
N ALA B 280 -8.80 17.35 -64.18
CA ALA B 280 -7.38 17.70 -64.25
C ALA B 280 -6.57 16.53 -64.80
N GLY B 281 -6.73 15.35 -64.20
CA GLY B 281 -5.96 14.20 -64.61
C GLY B 281 -6.17 13.84 -66.06
N VAL B 282 -7.43 13.79 -66.49
CA VAL B 282 -7.74 13.37 -67.85
C VAL B 282 -7.25 14.40 -68.86
N ALA B 283 -7.41 15.69 -68.55
CA ALA B 283 -6.94 16.74 -69.45
C ALA B 283 -5.44 16.65 -69.66
N LEU B 284 -4.68 16.48 -68.57
CA LEU B 284 -3.23 16.38 -68.70
C LEU B 284 -2.83 15.13 -69.46
N GLY B 285 -3.49 14.01 -69.19
CA GLY B 285 -3.17 12.78 -69.91
C GLY B 285 -3.40 12.92 -71.40
N ALA B 286 -4.56 13.45 -71.78
CA ALA B 286 -4.87 13.59 -73.19
C ALA B 286 -4.03 14.69 -73.84
N GLY B 287 -3.68 15.73 -73.09
CA GLY B 287 -2.77 16.75 -73.56
C GLY B 287 -1.41 16.17 -73.86
N ILE B 288 -0.79 15.56 -72.85
CA ILE B 288 0.51 14.92 -73.05
C ILE B 288 0.39 13.84 -74.13
N GLY B 289 -0.76 13.17 -74.17
CA GLY B 289 -0.98 12.11 -75.14
C GLY B 289 -0.94 12.59 -76.57
N ALA B 290 -1.78 13.58 -76.89
CA ALA B 290 -1.79 14.11 -78.25
C ALA B 290 -0.41 14.61 -78.65
N LEU B 291 0.30 15.24 -77.71
CA LEU B 291 1.65 15.73 -78.00
C LEU B 291 2.61 14.59 -78.30
N LEU B 292 2.69 13.60 -77.39
CA LEU B 292 3.55 12.44 -77.64
C LEU B 292 3.14 11.71 -78.91
N GLY B 293 1.83 11.62 -79.16
CA GLY B 293 1.38 10.89 -80.34
C GLY B 293 1.79 11.61 -81.61
N TRP B 294 1.55 12.93 -81.66
CA TRP B 294 2.01 13.72 -82.79
C TRP B 294 3.53 13.64 -82.93
N LEU B 295 4.23 13.56 -81.81
CA LEU B 295 5.69 13.44 -81.83
C LEU B 295 6.15 12.08 -82.35
N ILE B 296 5.31 11.04 -82.20
CA ILE B 296 5.69 9.68 -82.60
C ILE B 296 5.09 9.29 -83.96
N ALA B 297 4.11 10.02 -84.46
CA ALA B 297 3.30 9.62 -85.61
C ALA B 297 4.10 9.51 -86.91
N GLY B 298 5.42 9.65 -86.84
CA GLY B 298 6.26 9.48 -88.01
C GLY B 298 6.96 8.14 -88.02
N SER B 299 7.25 7.61 -86.83
CA SER B 299 7.93 6.34 -86.70
C SER B 299 6.96 5.18 -86.51
N VAL B 300 5.81 5.43 -85.88
CA VAL B 300 4.84 4.38 -85.63
C VAL B 300 3.48 4.83 -86.17
N PRO B 301 2.70 3.95 -86.78
CA PRO B 301 1.36 4.32 -87.27
C PRO B 301 0.46 4.82 -86.15
N PHE B 302 0.06 6.09 -86.25
CA PHE B 302 -0.69 6.74 -85.18
C PHE B 302 -1.68 7.72 -85.79
N SER B 303 -2.97 7.45 -85.64
CA SER B 303 -4.02 8.32 -86.15
C SER B 303 -4.42 9.28 -85.03
N LEU B 304 -4.33 10.58 -85.31
CA LEU B 304 -4.48 11.63 -84.31
C LEU B 304 -5.55 12.62 -84.76
N GLY B 305 -6.76 12.49 -84.23
CA GLY B 305 -7.75 13.52 -84.48
C GLY B 305 -8.28 14.17 -83.22
N TRP B 306 -9.45 14.82 -83.34
CA TRP B 306 -10.13 15.32 -82.15
C TRP B 306 -10.92 14.21 -81.48
N VAL B 307 -11.55 13.36 -82.29
CA VAL B 307 -12.43 12.34 -81.71
C VAL B 307 -11.58 11.24 -81.09
N SER B 308 -10.37 11.04 -81.60
CA SER B 308 -9.52 9.97 -81.10
C SER B 308 -8.74 10.36 -79.84
N VAL B 309 -8.71 11.64 -79.48
CA VAL B 309 -8.13 12.07 -78.21
C VAL B 309 -9.20 12.47 -77.21
N LEU B 310 -10.26 13.16 -77.65
CA LEU B 310 -11.29 13.63 -76.73
C LEU B 310 -12.41 12.64 -76.54
N GLY B 311 -12.66 11.75 -77.50
CA GLY B 311 -13.61 10.69 -77.33
C GLY B 311 -13.22 9.84 -76.13
N PRO B 312 -12.04 9.23 -76.18
CA PRO B 312 -11.59 8.45 -75.02
C PRO B 312 -11.44 9.31 -73.76
N ALA B 313 -10.98 10.55 -73.91
CA ALA B 313 -10.84 11.44 -72.76
C ALA B 313 -12.18 11.63 -72.06
N LEU B 314 -13.21 11.97 -72.83
CA LEU B 314 -14.53 12.18 -72.25
C LEU B 314 -15.10 10.88 -71.71
N GLY B 315 -14.85 9.77 -72.41
CA GLY B 315 -15.29 8.48 -71.90
C GLY B 315 -14.71 8.15 -70.54
N ILE B 316 -13.40 8.34 -70.38
CA ILE B 316 -12.77 8.05 -69.09
C ILE B 316 -13.34 8.95 -68.01
N TRP B 317 -13.49 10.24 -68.31
CA TRP B 317 -13.98 11.19 -67.32
C TRP B 317 -15.41 10.84 -66.88
N LEU B 318 -16.25 10.40 -67.82
CA LEU B 318 -17.63 10.06 -67.48
C LEU B 318 -17.67 8.77 -66.68
N LEU B 319 -16.82 7.80 -67.02
CA LEU B 319 -16.68 6.63 -66.17
C LEU B 319 -16.28 7.03 -64.76
N GLY B 320 -15.41 8.04 -64.65
CA GLY B 320 -15.00 8.50 -63.33
C GLY B 320 -16.14 9.12 -62.55
N LEU B 321 -17.02 9.87 -63.23
CA LEU B 321 -18.16 10.46 -62.54
C LEU B 321 -19.12 9.38 -62.05
N ILE B 322 -19.38 8.36 -62.87
CA ILE B 322 -20.23 7.26 -62.41
C ILE B 322 -19.56 6.56 -61.24
N GLY B 323 -18.26 6.30 -61.38
CA GLY B 323 -17.52 5.72 -60.28
C GLY B 323 -17.57 6.59 -59.04
N ALA B 324 -17.45 7.91 -59.23
CA ALA B 324 -17.40 8.84 -58.09
C ALA B 324 -18.71 8.83 -57.31
N THR B 325 -19.85 8.87 -58.02
CA THR B 325 -21.13 8.81 -57.31
C THR B 325 -21.23 7.53 -56.49
N ILE B 326 -20.71 6.42 -57.01
CA ILE B 326 -20.68 5.17 -56.27
C ILE B 326 -19.89 5.34 -54.99
N ALA B 327 -18.77 6.06 -55.05
CA ALA B 327 -17.89 6.20 -53.90
C ALA B 327 -18.37 7.26 -52.94
N VAL B 328 -19.11 8.25 -53.45
CA VAL B 328 -19.62 9.37 -52.65
C VAL B 328 -20.99 9.10 -52.06
N ARG B 329 -21.66 8.01 -52.44
CA ARG B 329 -23.00 7.69 -51.96
C ARG B 329 -23.13 7.87 -50.43
N ASN B 330 -22.08 7.54 -49.69
CA ASN B 330 -22.08 7.50 -48.23
C ASN B 330 -21.91 8.88 -47.59
N VAL B 331 -21.87 9.96 -48.36
CA VAL B 331 -21.74 11.29 -47.77
C VAL B 331 -23.08 11.75 -47.21
N THR B 332 -24.17 11.16 -47.67
CA THR B 332 -25.53 11.48 -47.26
C THR B 332 -25.98 10.63 -46.08
N LYS B 333 -25.19 9.61 -45.72
CA LYS B 333 -25.47 8.73 -44.60
C LYS B 333 -24.70 9.11 -43.33
N VAL B 334 -23.82 10.10 -43.41
CA VAL B 334 -23.00 10.51 -42.27
C VAL B 334 -23.91 11.04 -41.16
N ASP B 335 -23.93 10.34 -40.04
CA ASP B 335 -24.76 10.81 -38.94
C ASP B 335 -24.15 12.10 -38.40
N PRO B 336 -24.95 13.17 -38.23
CA PRO B 336 -24.39 14.42 -37.73
C PRO B 336 -23.92 14.37 -36.28
N GLN B 337 -24.32 13.35 -35.51
CA GLN B 337 -23.83 13.25 -34.14
C GLN B 337 -22.33 13.04 -34.07
N ILE B 338 -21.68 12.72 -35.20
CA ILE B 338 -20.24 12.57 -35.23
C ILE B 338 -19.56 13.90 -34.94
N ALA B 339 -20.29 15.02 -35.06
CA ALA B 339 -19.70 16.33 -34.85
C ALA B 339 -19.66 16.70 -33.38
N LEU B 340 -20.58 16.16 -32.58
CA LEU B 340 -20.60 16.45 -31.15
C LEU B 340 -19.55 15.66 -30.38
N GLY B 341 -18.81 14.78 -31.04
CA GLY B 341 -17.78 14.00 -30.37
C GLY B 341 -16.46 14.73 -30.23
N ALA C 3 7.78 3.60 1.00
CA ALA C 3 8.71 4.71 1.18
C ALA C 3 9.66 4.81 0.00
N ALA C 4 9.17 4.44 -1.18
CA ALA C 4 9.95 4.49 -2.42
C ALA C 4 8.98 4.60 -3.59
N PRO C 5 8.94 5.74 -4.28
CA PRO C 5 7.91 5.96 -5.30
C PRO C 5 8.16 5.18 -6.58
N VAL C 6 7.05 4.81 -7.24
CA VAL C 6 7.13 4.30 -8.61
C VAL C 6 7.35 5.43 -9.59
N LEU C 7 6.66 6.55 -9.40
CA LEU C 7 6.74 7.69 -10.29
C LEU C 7 7.09 8.93 -9.48
N SER C 8 8.01 9.74 -10.01
CA SER C 8 8.38 10.99 -9.37
C SER C 8 8.36 12.08 -10.44
N ILE C 9 7.30 12.88 -10.46
CA ILE C 9 7.25 14.11 -11.23
C ILE C 9 7.75 15.25 -10.34
N THR C 10 8.88 15.85 -10.68
CA THR C 10 9.47 16.90 -9.85
C THR C 10 9.59 18.19 -10.66
N ASN C 11 8.82 19.21 -10.27
CA ASN C 11 8.88 20.54 -10.88
C ASN C 11 8.77 20.46 -12.41
N ALA C 12 7.72 19.79 -12.88
CA ALA C 12 7.56 19.53 -14.30
C ALA C 12 6.70 20.60 -14.95
N SER C 13 7.19 21.17 -16.05
CA SER C 13 6.45 22.19 -16.78
C SER C 13 6.41 21.85 -18.26
N VAL C 14 5.28 22.18 -18.90
CA VAL C 14 5.02 21.92 -20.31
C VAL C 14 4.48 23.19 -20.95
N VAL C 15 5.04 23.56 -22.10
CA VAL C 15 4.63 24.76 -22.84
C VAL C 15 4.43 24.37 -24.30
N TYR C 16 3.15 24.23 -24.73
CA TYR C 16 2.90 23.93 -26.13
C TYR C 16 2.77 25.21 -26.94
N PRO C 17 3.04 25.16 -28.24
CA PRO C 17 2.77 26.34 -29.08
C PRO C 17 1.28 26.46 -29.36
N ASP C 18 0.61 27.36 -28.64
CA ASP C 18 -0.83 27.62 -28.85
C ASP C 18 -1.00 28.59 -30.01
N GLY C 19 -0.94 28.06 -31.23
CA GLY C 19 -1.05 28.88 -32.41
C GLY C 19 0.12 29.83 -32.60
N ILE C 20 -0.13 31.13 -32.63
CA ILE C 20 0.96 32.08 -32.83
C ILE C 20 1.81 32.17 -31.57
N SER C 21 1.16 32.18 -30.41
CA SER C 21 1.85 32.29 -29.14
C SER C 21 2.12 30.88 -28.60
N THR C 22 2.62 30.81 -27.37
CA THR C 22 2.87 29.57 -26.67
C THR C 22 1.88 29.46 -25.52
N VAL C 23 1.98 28.37 -24.74
CA VAL C 23 1.07 28.21 -23.62
C VAL C 23 1.64 27.24 -22.57
N THR C 24 1.87 27.76 -21.37
CA THR C 24 2.35 26.97 -20.23
C THR C 24 1.18 26.12 -19.73
N ALA C 25 1.02 24.96 -20.39
CA ALA C 25 -0.05 24.03 -20.02
C ALA C 25 0.16 23.39 -18.65
N LEU C 26 1.41 23.23 -18.22
CA LEU C 26 1.69 22.76 -16.88
C LEU C 26 2.88 23.54 -16.32
N ASP C 27 2.77 24.00 -15.08
CA ASP C 27 3.71 24.95 -14.51
C ASP C 27 4.24 24.42 -13.17
N SER C 28 5.41 23.76 -13.22
CA SER C 28 6.14 23.35 -12.02
C SER C 28 5.32 22.43 -11.12
N ALA C 29 4.81 21.35 -11.71
CA ALA C 29 3.99 20.40 -10.96
C ALA C 29 4.89 19.41 -10.24
N ASN C 30 4.55 19.10 -8.99
CA ASN C 30 5.31 18.14 -8.19
C ASN C 30 4.37 17.07 -7.65
N VAL C 31 4.51 15.84 -8.17
CA VAL C 31 3.64 14.74 -7.79
C VAL C 31 4.50 13.47 -7.63
N GLU C 32 4.10 12.62 -6.69
CA GLU C 32 4.78 11.36 -6.42
C GLU C 32 3.73 10.30 -6.14
N ILE C 33 3.92 9.10 -6.71
CA ILE C 33 2.99 8.01 -6.54
C ILE C 33 3.73 6.75 -6.12
N PHE C 34 3.29 6.13 -5.02
CA PHE C 34 3.84 4.93 -4.40
C PHE C 34 2.97 3.71 -4.70
N PRO C 35 3.53 2.51 -4.65
CA PRO C 35 2.73 1.32 -4.98
C PRO C 35 1.61 1.12 -3.97
N GLY C 36 0.40 0.83 -4.47
CA GLY C 36 -0.75 0.65 -3.63
C GLY C 36 -1.62 1.87 -3.49
N GLU C 37 -1.15 3.03 -3.96
CA GLU C 37 -1.92 4.26 -3.92
C GLU C 37 -2.78 4.42 -5.15
N LEU C 38 -4.01 4.88 -4.94
CA LEU C 38 -4.83 5.45 -5.99
C LEU C 38 -4.81 6.97 -5.77
N VAL C 39 -3.98 7.67 -6.53
CA VAL C 39 -3.84 9.11 -6.38
C VAL C 39 -4.78 9.78 -7.36
N ALA C 40 -5.82 10.43 -6.85
CA ALA C 40 -6.72 11.19 -7.70
C ALA C 40 -6.18 12.58 -7.96
N ILE C 41 -6.46 13.10 -9.15
CA ILE C 41 -6.11 14.47 -9.52
C ILE C 41 -7.38 15.18 -9.97
N VAL C 42 -7.86 16.11 -9.15
CA VAL C 42 -9.12 16.79 -9.40
C VAL C 42 -8.81 18.22 -9.79
N GLY C 43 -9.77 18.84 -10.46
CA GLY C 43 -9.63 20.18 -11.00
C GLY C 43 -10.43 20.28 -12.27
N GLU C 44 -10.77 21.51 -12.64
CA GLU C 44 -11.74 21.66 -13.70
C GLU C 44 -11.12 21.29 -15.05
N SER C 45 -11.97 21.22 -16.07
CA SER C 45 -11.48 20.93 -17.41
C SER C 45 -10.71 22.14 -17.92
N GLY C 46 -9.41 21.94 -18.19
CA GLY C 46 -8.54 23.02 -18.57
C GLY C 46 -7.58 23.44 -17.48
N SER C 47 -7.53 22.71 -16.37
CA SER C 47 -6.67 23.07 -15.25
C SER C 47 -5.27 22.49 -15.35
N GLY C 48 -5.05 21.51 -16.23
CA GLY C 48 -3.75 20.89 -16.37
C GLY C 48 -3.66 19.45 -15.91
N LYS C 49 -4.79 18.83 -15.61
CA LYS C 49 -4.78 17.42 -15.24
C LYS C 49 -4.22 16.54 -16.36
N SER C 50 -4.78 16.70 -17.56
CA SER C 50 -4.38 15.84 -18.68
C SER C 50 -2.93 16.06 -19.11
N THR C 51 -2.44 17.30 -19.02
CA THR C 51 -1.02 17.53 -19.32
C THR C 51 -0.14 16.82 -18.30
N LEU C 52 -0.51 16.87 -17.02
CA LEU C 52 0.25 16.14 -16.02
C LEU C 52 0.19 14.64 -16.28
N LEU C 53 -1.00 14.13 -16.65
CA LEU C 53 -1.12 12.75 -17.06
C LEU C 53 -0.16 12.41 -18.19
N SER C 54 -0.27 13.12 -19.32
CA SER C 54 0.54 12.81 -20.48
C SER C 54 2.01 12.79 -20.08
N ILE C 55 2.43 13.79 -19.31
CA ILE C 55 3.79 13.84 -18.75
C ILE C 55 4.09 12.55 -18.00
N ALA C 56 3.17 12.14 -17.11
CA ALA C 56 3.37 10.94 -16.31
C ALA C 56 3.44 9.71 -17.18
N GLY C 57 2.80 9.76 -18.33
CA GLY C 57 2.76 8.59 -19.18
C GLY C 57 3.82 8.58 -20.24
N PHE C 58 4.90 9.33 -20.06
CA PHE C 58 5.99 9.34 -21.03
C PHE C 58 5.47 9.52 -22.46
N LEU C 59 4.32 10.20 -22.60
CA LEU C 59 3.80 10.53 -23.91
C LEU C 59 4.46 11.78 -24.48
N GLN C 60 4.93 12.68 -23.61
CA GLN C 60 5.64 13.87 -24.03
C GLN C 60 6.54 14.34 -22.91
N GLU C 61 7.73 14.77 -23.30
CA GLU C 61 8.66 15.28 -22.29
C GLU C 61 8.29 16.69 -21.87
N PRO C 62 8.50 17.04 -20.60
CA PRO C 62 8.28 18.42 -20.16
C PRO C 62 9.28 19.38 -20.79
N THR C 63 8.79 20.60 -21.07
CA THR C 63 9.68 21.66 -21.52
C THR C 63 10.69 22.05 -20.45
N SER C 64 10.43 21.68 -19.19
CA SER C 64 11.38 21.89 -18.11
C SER C 64 10.94 21.02 -16.94
N GLY C 65 11.91 20.63 -16.11
CA GLY C 65 11.66 19.68 -15.06
C GLY C 65 11.74 18.25 -15.55
N THR C 66 11.82 17.32 -14.61
CA THR C 66 12.18 15.94 -14.91
C THR C 66 11.10 15.01 -14.39
N VAL C 67 10.96 13.88 -15.09
CA VAL C 67 9.93 12.89 -14.78
C VAL C 67 10.60 11.53 -14.75
N THR C 68 10.48 10.82 -13.63
CA THR C 68 11.21 9.59 -13.40
C THR C 68 10.25 8.45 -13.06
N LEU C 69 10.46 7.30 -13.70
CA LEU C 69 9.83 6.05 -13.31
C LEU C 69 10.94 5.11 -12.87
N HIS C 70 10.88 4.69 -11.62
CA HIS C 70 11.95 3.88 -11.06
C HIS C 70 11.75 2.41 -11.41
N GLY C 71 12.86 1.70 -11.58
CA GLY C 71 12.82 0.38 -12.15
C GLY C 71 12.96 0.34 -13.66
N ALA C 72 12.85 1.50 -14.33
CA ALA C 72 12.91 1.58 -15.78
C ALA C 72 13.85 2.67 -16.26
N GLU C 73 14.78 3.11 -15.41
CA GLU C 73 15.67 4.20 -15.78
C GLU C 73 16.56 3.77 -16.93
N GLY C 74 16.98 4.75 -17.73
CA GLY C 74 17.84 4.47 -18.86
C GLY C 74 17.12 3.93 -20.08
N LEU C 75 15.86 4.30 -20.27
CA LEU C 75 15.08 3.87 -21.42
C LEU C 75 14.53 5.07 -22.16
N ASP C 76 14.36 4.91 -23.48
CA ASP C 76 13.70 5.93 -24.27
C ASP C 76 12.25 6.08 -23.82
N ALA C 77 11.58 7.09 -24.35
CA ALA C 77 10.20 7.37 -23.93
C ALA C 77 9.30 6.18 -24.21
N THR C 78 9.41 5.58 -25.39
CA THR C 78 8.44 4.56 -25.78
C THR C 78 8.70 3.21 -25.12
N SER C 79 9.97 2.85 -24.87
CA SER C 79 10.25 1.60 -24.16
C SER C 79 9.70 1.62 -22.73
N THR C 80 9.59 2.81 -22.13
CA THR C 80 9.06 2.90 -20.78
C THR C 80 7.57 2.58 -20.75
N ARG C 81 6.81 3.09 -21.72
CA ARG C 81 5.39 2.83 -21.77
C ARG C 81 5.09 1.37 -22.06
N ARG C 82 5.83 0.77 -22.98
CA ARG C 82 5.55 -0.60 -23.38
C ARG C 82 5.82 -1.60 -22.26
N GLU C 83 6.70 -1.28 -21.31
CA GLU C 83 7.12 -2.25 -20.31
C GLU C 83 6.65 -1.96 -18.88
N HIS C 84 6.35 -0.71 -18.52
CA HIS C 84 6.01 -0.42 -17.13
C HIS C 84 4.76 0.43 -16.93
N ILE C 85 4.01 0.75 -17.98
CA ILE C 85 2.83 1.60 -17.79
C ILE C 85 1.63 0.92 -18.42
N GLY C 86 0.46 1.13 -17.81
CA GLY C 86 -0.81 0.74 -18.40
C GLY C 86 -1.70 1.95 -18.56
N PHE C 87 -2.31 2.12 -19.72
CA PHE C 87 -3.09 3.33 -20.02
C PHE C 87 -4.56 2.96 -20.09
N VAL C 88 -5.35 3.54 -19.19
CA VAL C 88 -6.80 3.48 -19.28
C VAL C 88 -7.21 4.82 -19.89
N PHE C 89 -7.23 4.86 -21.22
CA PHE C 89 -7.51 6.10 -21.94
C PHE C 89 -8.91 6.62 -21.65
N GLN C 90 -9.10 7.91 -21.90
CA GLN C 90 -10.40 8.55 -21.65
C GLN C 90 -11.48 7.90 -22.52
N GLN C 91 -11.24 7.83 -23.82
CA GLN C 91 -12.02 6.96 -24.69
C GLN C 91 -11.43 5.57 -24.67
N PRO C 92 -12.26 4.53 -24.73
CA PRO C 92 -11.76 3.15 -24.55
C PRO C 92 -10.59 2.82 -25.46
N ASN C 93 -10.51 3.42 -26.64
CA ASN C 93 -9.49 3.14 -27.64
C ASN C 93 -9.34 1.64 -27.83
N LEU C 94 -10.43 1.03 -28.28
CA LEU C 94 -10.42 -0.35 -28.74
C LEU C 94 -10.19 -0.38 -30.24
N LEU C 95 -9.30 -1.26 -30.68
CA LEU C 95 -9.05 -1.42 -32.11
C LEU C 95 -10.23 -2.19 -32.71
N GLY C 96 -10.73 -1.71 -33.84
CA GLY C 96 -12.04 -2.14 -34.30
C GLY C 96 -12.06 -3.59 -34.74
N SER C 97 -11.01 -4.02 -35.43
CA SER C 97 -11.00 -5.33 -36.05
C SER C 97 -10.65 -6.45 -35.07
N LEU C 98 -10.30 -6.13 -33.83
CA LEU C 98 -9.99 -7.14 -32.83
C LEU C 98 -11.18 -7.45 -31.94
N THR C 99 -11.18 -8.65 -31.38
CA THR C 99 -12.15 -9.09 -30.38
C THR C 99 -11.71 -8.61 -29.01
N ALA C 100 -12.59 -8.80 -28.02
CA ALA C 100 -12.28 -8.43 -26.64
C ALA C 100 -10.94 -9.01 -26.20
N ARG C 101 -10.79 -10.33 -26.25
CA ARG C 101 -9.52 -10.93 -25.83
C ARG C 101 -8.36 -10.41 -26.68
N GLU C 102 -8.61 -10.19 -27.98
CA GLU C 102 -7.55 -9.70 -28.85
C GLU C 102 -7.11 -8.28 -28.48
N GLN C 103 -7.96 -7.52 -27.79
CA GLN C 103 -7.55 -6.20 -27.34
C GLN C 103 -6.41 -6.30 -26.35
N LEU C 104 -6.38 -7.40 -25.59
CA LEU C 104 -5.30 -7.64 -24.64
C LEU C 104 -4.13 -8.35 -25.32
N LEU C 105 -4.42 -9.44 -26.06
CA LEU C 105 -3.37 -10.20 -26.73
C LEU C 105 -2.47 -9.35 -27.62
N ILE C 106 -3.02 -8.30 -28.25
CA ILE C 106 -2.22 -7.49 -29.15
C ILE C 106 -1.14 -6.72 -28.41
N THR C 107 -1.38 -6.35 -27.15
CA THR C 107 -0.31 -5.80 -26.33
C THR C 107 0.79 -6.83 -26.13
N ASP C 108 0.42 -8.08 -25.84
CA ASP C 108 1.42 -9.12 -25.67
C ASP C 108 2.21 -9.34 -26.94
N HIS C 109 1.59 -9.10 -28.09
CA HIS C 109 2.31 -9.30 -29.35
C HIS C 109 3.29 -8.16 -29.58
N LEU C 110 2.87 -6.94 -29.25
CA LEU C 110 3.73 -5.79 -29.41
C LEU C 110 4.85 -5.76 -28.37
N ARG C 111 4.80 -6.59 -27.34
CA ARG C 111 5.91 -6.73 -26.41
C ARG C 111 6.87 -7.86 -26.80
N GLY C 112 6.58 -8.60 -27.86
CA GLY C 112 7.49 -9.63 -28.33
C GLY C 112 7.35 -10.99 -27.68
N ILE C 113 6.21 -11.28 -27.05
CA ILE C 113 5.98 -12.56 -26.40
C ILE C 113 4.71 -13.17 -26.98
N LYS C 114 4.76 -14.48 -27.24
CA LYS C 114 3.61 -15.16 -27.82
C LYS C 114 2.36 -14.91 -26.96
N PRO C 115 1.32 -14.27 -27.51
CA PRO C 115 0.19 -13.83 -26.69
C PRO C 115 -0.44 -14.94 -25.85
N ARG C 116 -0.53 -14.73 -24.54
CA ARG C 116 -0.98 -15.76 -23.61
C ARG C 116 -2.48 -15.60 -23.40
N LYS C 117 -3.25 -16.56 -23.96
CA LYS C 117 -4.70 -16.47 -23.93
C LYS C 117 -5.25 -16.64 -22.52
N ASP C 118 -4.62 -17.50 -21.71
CA ASP C 118 -5.05 -17.71 -20.33
C ASP C 118 -5.08 -16.40 -19.57
N ARG C 119 -3.96 -15.68 -19.53
CA ARG C 119 -3.92 -14.40 -18.84
C ARG C 119 -4.98 -13.45 -19.40
N ALA C 120 -5.14 -13.44 -20.72
CA ALA C 120 -6.11 -12.54 -21.34
C ALA C 120 -7.53 -12.86 -20.87
N ASP C 121 -7.83 -14.13 -20.57
CA ASP C 121 -9.15 -14.49 -20.09
C ASP C 121 -9.27 -14.26 -18.59
N GLU C 122 -8.25 -14.67 -17.82
CA GLU C 122 -8.22 -14.40 -16.38
C GLU C 122 -8.49 -12.93 -16.10
N LEU C 123 -7.81 -12.05 -16.83
CA LEU C 123 -7.97 -10.62 -16.61
C LEU C 123 -9.36 -10.16 -17.01
N LEU C 124 -9.87 -10.67 -18.13
CA LEU C 124 -11.22 -10.33 -18.56
C LEU C 124 -12.25 -10.71 -17.50
N ALA C 125 -12.03 -11.84 -16.81
CA ALA C 125 -12.92 -12.23 -15.73
C ALA C 125 -12.81 -11.26 -14.56
N ARG C 126 -11.58 -10.94 -14.14
CA ARG C 126 -11.38 -10.06 -12.99
C ARG C 126 -12.13 -8.74 -13.16
N VAL C 127 -12.23 -8.28 -14.40
CA VAL C 127 -12.93 -7.05 -14.75
C VAL C 127 -14.40 -7.37 -14.99
N GLY C 128 -14.80 -8.60 -14.68
CA GLY C 128 -16.19 -8.99 -14.74
C GLY C 128 -16.74 -9.19 -16.14
N LEU C 129 -15.91 -9.60 -17.08
CA LEU C 129 -16.32 -9.85 -18.46
C LEU C 129 -16.11 -11.32 -18.83
N LYS C 130 -16.20 -12.22 -17.85
CA LYS C 130 -15.99 -13.64 -18.09
C LYS C 130 -16.82 -14.15 -19.26
N GLY C 131 -16.16 -14.90 -20.15
CA GLY C 131 -16.82 -15.49 -21.30
C GLY C 131 -17.32 -14.48 -22.30
N LEU C 132 -16.78 -13.27 -22.28
CA LEU C 132 -17.07 -12.28 -23.30
C LEU C 132 -15.87 -11.96 -24.18
N GLY C 133 -14.75 -12.65 -23.99
CA GLY C 133 -13.58 -12.43 -24.82
C GLY C 133 -13.82 -12.59 -26.29
N GLY C 134 -14.91 -13.28 -26.67
CA GLY C 134 -15.25 -13.44 -28.07
C GLY C 134 -15.98 -12.26 -28.67
N ARG C 135 -16.39 -11.30 -27.85
CA ARG C 135 -17.24 -10.21 -28.33
C ARG C 135 -16.42 -9.23 -29.15
N ARG C 136 -17.06 -8.66 -30.16
CA ARG C 136 -16.47 -7.57 -30.92
C ARG C 136 -17.00 -6.24 -30.41
N VAL C 137 -16.26 -5.18 -30.71
CA VAL C 137 -16.56 -3.86 -30.17
C VAL C 137 -18.03 -3.49 -30.38
N ALA C 138 -18.56 -3.80 -31.57
CA ALA C 138 -19.95 -3.48 -31.88
C ALA C 138 -20.92 -4.09 -30.87
N GLN C 139 -20.55 -5.20 -30.25
CA GLN C 139 -21.36 -5.91 -29.27
C GLN C 139 -21.00 -5.57 -27.82
N LEU C 140 -20.19 -4.55 -27.60
CA LEU C 140 -19.79 -4.13 -26.26
C LEU C 140 -20.39 -2.77 -25.97
N SER C 141 -20.98 -2.63 -24.79
CA SER C 141 -21.59 -1.38 -24.36
C SER C 141 -20.53 -0.42 -23.86
N GLY C 142 -20.97 0.75 -23.37
CA GLY C 142 -20.01 1.72 -22.88
C GLY C 142 -19.22 1.20 -21.71
N GLY C 143 -19.89 0.72 -20.67
CA GLY C 143 -19.18 0.21 -19.52
C GLY C 143 -18.27 -0.96 -19.86
N GLN C 144 -18.71 -1.81 -20.80
CA GLN C 144 -17.91 -2.98 -21.16
C GLN C 144 -16.65 -2.59 -21.92
N ARG C 145 -16.75 -1.68 -22.89
CA ARG C 145 -15.55 -1.23 -23.58
C ARG C 145 -14.53 -0.70 -22.58
N GLN C 146 -15.00 0.12 -21.64
CA GLN C 146 -14.11 0.66 -20.62
C GLN C 146 -13.50 -0.48 -19.82
N ARG C 147 -14.32 -1.52 -19.57
CA ARG C 147 -13.86 -2.68 -18.82
C ARG C 147 -12.77 -3.44 -19.59
N VAL C 148 -12.91 -3.55 -20.92
CA VAL C 148 -11.83 -4.12 -21.71
C VAL C 148 -10.58 -3.25 -21.59
N ASN C 149 -10.76 -1.92 -21.58
CA ASN C 149 -9.64 -1.00 -21.47
C ASN C 149 -8.82 -1.28 -20.22
N ILE C 150 -9.48 -1.32 -19.06
CA ILE C 150 -8.80 -1.66 -17.80
C ILE C 150 -8.04 -2.97 -17.95
N ALA C 151 -8.72 -4.00 -18.48
CA ALA C 151 -8.10 -5.32 -18.61
C ALA C 151 -6.86 -5.25 -19.50
N ARG C 152 -6.93 -4.51 -20.60
CA ARG C 152 -5.78 -4.36 -21.48
C ARG C 152 -4.63 -3.66 -20.77
N ALA C 153 -4.94 -2.69 -19.91
CA ALA C 153 -3.90 -2.01 -19.14
C ALA C 153 -3.20 -2.95 -18.17
N LEU C 154 -3.88 -4.00 -17.72
CA LEU C 154 -3.32 -4.95 -16.77
C LEU C 154 -2.52 -6.08 -17.42
N MET C 155 -2.69 -6.31 -18.73
CA MET C 155 -2.02 -7.42 -19.39
C MET C 155 -0.51 -7.40 -19.18
N GLY C 156 0.10 -6.22 -19.19
CA GLY C 156 1.54 -6.15 -19.13
C GLY C 156 2.11 -6.16 -17.72
N ASN C 157 1.28 -6.47 -16.72
CA ASN C 157 1.63 -6.37 -15.30
C ASN C 157 2.39 -5.06 -15.04
N PRO C 158 1.76 -3.92 -15.27
CA PRO C 158 2.47 -2.64 -15.14
C PRO C 158 2.79 -2.32 -13.69
N GLN C 159 3.62 -1.29 -13.53
CA GLN C 159 3.88 -0.69 -12.23
C GLN C 159 3.19 0.65 -12.07
N LEU C 160 2.86 1.32 -13.17
CA LEU C 160 2.16 2.59 -13.16
C LEU C 160 0.91 2.45 -14.01
N LEU C 161 -0.25 2.68 -13.41
CA LEU C 161 -1.53 2.56 -14.09
C LEU C 161 -2.18 3.92 -14.16
N LEU C 162 -2.25 4.49 -15.35
CA LEU C 162 -2.79 5.83 -15.55
C LEU C 162 -4.21 5.74 -16.09
N ALA C 163 -5.14 6.43 -15.45
CA ALA C 163 -6.55 6.42 -15.84
C ALA C 163 -7.00 7.85 -16.08
N ASP C 164 -7.44 8.13 -17.31
CA ASP C 164 -7.81 9.48 -17.74
C ASP C 164 -9.33 9.55 -17.75
N GLU C 165 -9.91 9.97 -16.64
CA GLU C 165 -11.35 10.18 -16.52
C GLU C 165 -12.14 9.00 -17.11
N PRO C 166 -11.90 7.77 -16.62
CA PRO C 166 -12.50 6.60 -17.27
C PRO C 166 -13.99 6.47 -17.06
N THR C 167 -14.63 7.42 -16.39
CA THR C 167 -16.08 7.38 -16.16
C THR C 167 -16.79 8.55 -16.84
N SER C 168 -16.20 9.05 -17.94
CA SER C 168 -16.66 10.29 -18.53
C SER C 168 -18.01 10.13 -19.24
N ALA C 169 -18.29 8.94 -19.79
CA ALA C 169 -19.52 8.71 -20.52
C ALA C 169 -20.39 7.64 -19.85
N LEU C 170 -20.36 7.58 -18.52
CA LEU C 170 -21.06 6.55 -17.76
C LEU C 170 -21.95 7.20 -16.71
N ASP C 171 -23.19 6.71 -16.60
CA ASP C 171 -24.09 7.16 -15.56
C ASP C 171 -23.54 6.83 -14.17
N ALA C 172 -24.22 7.35 -13.14
CA ALA C 172 -23.71 7.26 -11.78
C ALA C 172 -23.50 5.83 -11.32
N ARG C 173 -24.42 4.92 -11.68
CA ARG C 173 -24.29 3.53 -11.25
C ARG C 173 -23.02 2.91 -11.82
N LEU C 174 -22.80 3.09 -13.12
CA LEU C 174 -21.69 2.41 -13.80
C LEU C 174 -20.35 3.02 -13.39
N SER C 175 -20.31 4.34 -13.24
CA SER C 175 -19.06 5.01 -12.86
C SER C 175 -18.59 4.64 -11.47
N LYS C 176 -19.50 4.30 -10.55
CA LYS C 176 -19.07 3.71 -9.29
C LYS C 176 -18.35 2.38 -9.53
N GLU C 177 -18.99 1.48 -10.29
CA GLU C 177 -18.39 0.17 -10.56
C GLU C 177 -16.99 0.30 -11.15
N ILE C 178 -16.77 1.31 -12.00
CA ILE C 178 -15.49 1.40 -12.68
C ILE C 178 -14.40 1.91 -11.75
N VAL C 179 -14.72 2.91 -10.92
CA VAL C 179 -13.73 3.36 -9.94
C VAL C 179 -13.51 2.31 -8.85
N GLU C 180 -14.57 1.56 -8.48
CA GLU C 180 -14.35 0.42 -7.59
C GLU C 180 -13.39 -0.57 -8.22
N LEU C 181 -13.57 -0.86 -9.50
CA LEU C 181 -12.70 -1.80 -10.20
C LEU C 181 -11.28 -1.26 -10.24
N LEU C 182 -11.13 0.03 -10.51
CA LEU C 182 -9.80 0.66 -10.53
C LEU C 182 -9.16 0.59 -9.15
N ARG C 183 -9.87 1.04 -8.11
CA ARG C 183 -9.32 0.94 -6.75
C ARG C 183 -8.97 -0.51 -6.42
N ASP C 184 -9.88 -1.44 -6.72
CA ASP C 184 -9.69 -2.83 -6.31
C ASP C 184 -8.53 -3.46 -7.05
N VAL C 185 -8.40 -3.17 -8.35
CA VAL C 185 -7.28 -3.69 -9.11
C VAL C 185 -5.98 -3.04 -8.65
N THR C 186 -6.01 -1.74 -8.38
CA THR C 186 -4.84 -1.04 -7.85
C THR C 186 -4.33 -1.74 -6.60
N LYS C 187 -5.19 -1.87 -5.59
CA LYS C 187 -4.80 -2.51 -4.34
C LYS C 187 -4.37 -3.96 -4.55
N GLU C 188 -5.12 -4.71 -5.36
CA GLU C 188 -4.90 -6.15 -5.46
C GLU C 188 -3.63 -6.49 -6.24
N PHE C 189 -3.18 -5.60 -7.12
CA PHE C 189 -1.93 -5.80 -7.84
C PHE C 189 -0.84 -4.83 -7.41
N ALA C 190 -1.03 -4.18 -6.26
CA ALA C 190 -0.04 -3.23 -5.71
C ALA C 190 0.43 -2.27 -6.80
N LEU C 191 -0.51 -1.77 -7.59
CA LEU C 191 -0.22 -0.81 -8.63
C LEU C 191 -0.10 0.59 -8.06
N ALA C 192 0.72 1.40 -8.71
CA ALA C 192 0.72 2.84 -8.49
C ALA C 192 -0.19 3.42 -9.57
N THR C 193 -1.30 4.01 -9.15
CA THR C 193 -2.30 4.49 -10.09
C THR C 193 -2.49 5.99 -9.92
N LEU C 194 -2.27 6.74 -11.00
CA LEU C 194 -2.76 8.09 -11.11
C LEU C 194 -4.12 8.08 -11.80
N MET C 195 -5.07 8.86 -11.28
CA MET C 195 -6.41 8.89 -11.87
C MET C 195 -6.92 10.32 -12.01
N VAL C 196 -6.90 10.83 -13.23
CA VAL C 196 -7.51 12.13 -13.50
C VAL C 196 -9.03 11.98 -13.42
N THR C 197 -9.69 12.93 -12.75
CA THR C 197 -11.13 12.83 -12.62
C THR C 197 -11.76 14.19 -12.37
N HIS C 198 -12.90 14.42 -13.01
CA HIS C 198 -13.71 15.62 -12.82
C HIS C 198 -14.87 15.37 -11.87
N ASP C 199 -15.23 14.11 -11.66
CA ASP C 199 -16.36 13.73 -10.79
C ASP C 199 -15.85 13.73 -9.35
N ARG C 200 -16.17 14.80 -8.61
CA ARG C 200 -15.69 14.93 -7.25
C ARG C 200 -16.26 13.89 -6.29
N SER C 201 -17.23 13.07 -6.73
CA SER C 201 -17.80 12.00 -5.92
C SER C 201 -16.89 10.80 -5.78
N GLN C 202 -15.82 10.72 -6.57
CA GLN C 202 -14.93 9.56 -6.60
C GLN C 202 -13.68 9.71 -5.75
N LEU C 203 -13.50 10.87 -5.10
CA LEU C 203 -12.34 11.04 -4.23
C LEU C 203 -12.32 10.03 -3.10
N ALA C 204 -13.50 9.58 -2.65
CA ALA C 204 -13.58 8.64 -1.55
C ALA C 204 -12.73 7.40 -1.82
N TYR C 205 -12.67 6.96 -3.08
CA TYR C 205 -11.95 5.76 -3.47
C TYR C 205 -10.45 5.96 -3.58
N ALA C 206 -9.97 7.21 -3.48
CA ALA C 206 -8.58 7.53 -3.67
C ALA C 206 -7.87 7.63 -2.32
N ASP C 207 -6.61 7.20 -2.29
CA ASP C 207 -5.86 7.27 -1.03
C ASP C 207 -5.43 8.70 -0.76
N ARG C 208 -5.12 9.45 -1.81
CA ARG C 208 -4.86 10.88 -1.71
C ARG C 208 -5.53 11.56 -2.88
N PHE C 209 -5.50 12.89 -2.89
CA PHE C 209 -5.95 13.61 -4.06
C PHE C 209 -5.21 14.93 -4.15
N VAL C 210 -4.97 15.36 -5.38
CA VAL C 210 -4.34 16.64 -5.69
C VAL C 210 -5.36 17.53 -6.38
N GLU C 211 -5.51 18.75 -5.87
CA GLU C 211 -6.37 19.71 -6.54
C GLU C 211 -5.52 20.50 -7.51
N MET C 212 -6.11 20.90 -8.63
CA MET C 212 -5.33 21.60 -9.64
C MET C 212 -6.13 22.79 -10.18
N ALA C 213 -5.38 23.83 -10.55
CA ALA C 213 -5.96 25.03 -11.14
C ALA C 213 -4.91 25.65 -12.04
N ASP C 214 -5.27 25.84 -13.31
CA ASP C 214 -4.42 26.50 -14.30
C ASP C 214 -3.01 25.92 -14.32
N GLY C 215 -2.93 24.59 -14.40
CA GLY C 215 -1.64 23.93 -14.54
C GLY C 215 -0.75 23.93 -13.32
N LYS C 216 -1.22 24.42 -12.18
CA LYS C 216 -0.41 24.40 -10.97
C LYS C 216 -1.08 23.48 -9.96
N ALA C 217 -0.31 22.54 -9.41
CA ALA C 217 -0.77 21.68 -8.33
C ALA C 217 -0.85 22.40 -6.98
N LEU C 218 -2.05 22.46 -6.40
CA LEU C 218 -2.23 23.13 -5.10
C LEU C 218 -1.73 22.18 -4.02
N GLN C 219 -0.90 22.67 -3.10
CA GLN C 219 -0.44 21.81 -2.03
C GLN C 219 -0.05 22.64 -0.80
N THR C 220 -0.55 22.21 0.35
CA THR C 220 -0.28 22.88 1.62
C THR C 220 1.19 22.72 2.01
N MET D 1 2.28 -6.74 -36.82
CA MET D 1 1.81 -7.67 -37.83
C MET D 1 0.49 -8.28 -37.35
N PHE D 2 0.26 -8.14 -36.05
CA PHE D 2 -0.97 -8.63 -35.41
C PHE D 2 -2.20 -7.87 -35.88
N LEU D 3 -2.22 -6.55 -35.68
CA LEU D 3 -3.35 -5.74 -36.13
C LEU D 3 -3.51 -5.77 -37.65
N GLY D 4 -2.39 -5.67 -38.39
CA GLY D 4 -2.50 -5.57 -39.84
C GLY D 4 -3.24 -6.72 -40.48
N ILE D 5 -2.94 -7.94 -40.06
CA ILE D 5 -3.55 -9.12 -40.68
C ILE D 5 -5.03 -9.23 -40.33
N ARG D 6 -5.41 -8.85 -39.11
CA ARG D 6 -6.81 -8.93 -38.69
C ARG D 6 -7.66 -7.77 -39.20
N ASP D 7 -7.06 -6.64 -39.54
CA ASP D 7 -7.79 -5.64 -40.32
C ASP D 7 -8.30 -6.24 -41.63
N ILE D 8 -7.49 -7.07 -42.28
CA ILE D 8 -7.88 -7.70 -43.53
C ILE D 8 -9.07 -8.66 -43.31
N ARG D 9 -9.03 -9.47 -42.25
CA ARG D 9 -10.10 -10.45 -42.07
C ARG D 9 -11.44 -9.77 -41.81
N ALA D 10 -11.43 -8.72 -41.00
CA ALA D 10 -12.69 -8.14 -40.56
C ALA D 10 -13.23 -7.11 -41.53
N ALA D 11 -12.42 -6.60 -42.45
CA ALA D 11 -12.85 -5.63 -43.45
C ALA D 11 -12.33 -6.06 -44.82
N ALA D 12 -12.86 -7.17 -45.34
CA ALA D 12 -12.37 -7.71 -46.61
C ALA D 12 -12.88 -6.93 -47.81
N GLY D 13 -13.93 -6.12 -47.63
CA GLY D 13 -14.53 -5.38 -48.71
C GLY D 13 -13.63 -4.36 -49.38
N ARG D 14 -13.11 -3.41 -48.61
CA ARG D 14 -12.29 -2.35 -49.20
C ARG D 14 -11.04 -2.93 -49.87
N PHE D 15 -10.41 -3.91 -49.22
CA PHE D 15 -9.23 -4.55 -49.78
C PHE D 15 -9.50 -5.34 -51.05
N ALA D 16 -10.69 -5.93 -51.18
CA ALA D 16 -11.05 -6.60 -52.42
C ALA D 16 -11.07 -5.63 -53.59
N LEU D 17 -11.63 -4.44 -53.39
CA LEU D 17 -11.67 -3.45 -54.46
C LEU D 17 -10.27 -3.12 -54.96
N ILE D 18 -9.36 -2.76 -54.05
CA ILE D 18 -8.01 -2.36 -54.47
C ILE D 18 -7.23 -3.56 -54.99
N ALA D 19 -7.39 -4.73 -54.36
CA ALA D 19 -6.71 -5.94 -54.84
C ALA D 19 -7.14 -6.28 -56.25
N SER D 20 -8.40 -6.00 -56.60
CA SER D 20 -8.86 -6.19 -57.98
C SER D 20 -8.10 -5.28 -58.94
N VAL D 21 -7.90 -4.01 -58.56
CA VAL D 21 -7.14 -3.11 -59.43
C VAL D 21 -5.73 -3.64 -59.64
N VAL D 22 -5.09 -4.10 -58.58
CA VAL D 22 -3.75 -4.67 -58.71
C VAL D 22 -3.81 -5.92 -59.59
N GLY D 23 -4.83 -6.76 -59.37
CA GLY D 23 -4.95 -7.98 -60.16
C GLY D 23 -5.23 -7.71 -61.63
N LEU D 24 -6.09 -6.75 -61.92
CA LEU D 24 -6.37 -6.40 -63.32
C LEU D 24 -5.11 -5.90 -64.01
N ILE D 25 -4.38 -4.99 -63.36
CA ILE D 25 -3.17 -4.44 -63.97
C ILE D 25 -2.18 -5.55 -64.24
N THR D 26 -2.03 -6.48 -63.30
CA THR D 26 -1.13 -7.61 -63.53
C THR D 26 -1.66 -8.50 -64.65
N LEU D 27 -2.98 -8.72 -64.67
CA LEU D 27 -3.58 -9.54 -65.73
C LEU D 27 -3.23 -8.95 -67.09
N LEU D 28 -3.44 -7.65 -67.24
CA LEU D 28 -3.09 -6.97 -68.48
C LEU D 28 -1.59 -7.11 -68.77
N ILE D 29 -0.75 -6.93 -67.74
CA ILE D 29 0.70 -7.00 -67.93
C ILE D 29 1.13 -8.42 -68.28
N VAL D 30 0.55 -9.44 -67.64
CA VAL D 30 0.98 -10.81 -67.90
C VAL D 30 0.69 -11.20 -69.34
N MET D 31 -0.49 -10.86 -69.86
CA MET D 31 -0.78 -11.25 -71.23
C MET D 31 -0.04 -10.38 -72.24
N LEU D 32 0.17 -9.10 -71.94
CA LEU D 32 0.97 -8.26 -72.82
C LEU D 32 2.42 -8.77 -72.88
N THR D 33 2.96 -9.21 -71.75
CA THR D 33 4.30 -9.79 -71.73
C THR D 33 4.36 -11.03 -72.63
N GLY D 34 3.43 -11.97 -72.43
CA GLY D 34 3.41 -13.19 -73.22
C GLY D 34 3.17 -12.90 -74.69
N LEU D 35 2.35 -11.90 -74.99
CA LEU D 35 1.99 -11.56 -76.37
C LEU D 35 3.17 -10.92 -77.09
N THR D 36 3.98 -10.13 -76.38
CA THR D 36 5.13 -9.50 -77.02
C THR D 36 6.20 -10.53 -77.34
N GLN D 37 6.45 -11.48 -76.42
CA GLN D 37 7.41 -12.54 -76.70
C GLN D 37 6.91 -13.48 -77.79
N GLY D 38 5.60 -13.75 -77.82
CA GLY D 38 5.05 -14.59 -78.87
C GLY D 38 5.23 -13.98 -80.26
N LEU D 39 4.97 -12.69 -80.39
CA LEU D 39 5.17 -12.01 -81.67
C LEU D 39 6.63 -11.95 -82.07
N GLY D 40 7.56 -11.84 -81.11
CA GLY D 40 8.97 -11.83 -81.50
C GLY D 40 9.40 -13.11 -82.19
N LYS D 41 8.96 -14.26 -81.68
CA LYS D 41 9.24 -15.51 -82.39
C LYS D 41 8.40 -15.62 -83.65
N GLN D 42 7.21 -15.01 -83.65
CA GLN D 42 6.43 -14.98 -84.89
C GLN D 42 7.19 -14.22 -85.96
N ASN D 43 8.05 -13.29 -85.56
CA ASN D 43 8.87 -12.56 -86.51
C ASN D 43 10.24 -13.19 -86.69
N THR D 44 10.77 -13.87 -85.66
CA THR D 44 12.18 -14.29 -85.66
C THR D 44 12.43 -15.77 -85.48
N SER D 45 11.42 -16.61 -85.27
CA SER D 45 11.66 -17.97 -84.82
C SER D 45 12.53 -18.75 -85.82
N ALA D 46 12.30 -18.52 -87.12
CA ALA D 46 13.03 -19.26 -88.13
C ALA D 46 14.51 -18.91 -88.15
N ILE D 47 14.84 -17.62 -88.21
CA ILE D 47 16.25 -17.23 -88.25
C ILE D 47 16.96 -17.68 -86.99
N GLU D 48 16.30 -17.56 -85.83
CA GLU D 48 16.91 -18.03 -84.59
C GLU D 48 17.27 -19.51 -84.71
N ALA D 49 16.36 -20.30 -85.28
CA ALA D 49 16.61 -21.72 -85.48
C ALA D 49 17.89 -21.94 -86.28
N LEU D 50 18.10 -21.15 -87.34
CA LEU D 50 19.31 -21.27 -88.15
C LEU D 50 20.56 -20.86 -87.38
N ALA D 51 20.40 -20.06 -86.34
CA ALA D 51 21.48 -19.71 -85.43
C ALA D 51 22.81 -19.33 -86.11
N PRO D 52 22.82 -18.25 -86.89
CA PRO D 52 24.10 -17.75 -87.41
C PRO D 52 24.78 -16.86 -86.40
N HIS D 53 26.12 -16.81 -86.50
CA HIS D 53 26.91 -15.95 -85.63
C HIS D 53 26.86 -14.49 -86.08
N SER D 54 27.32 -14.23 -87.29
CA SER D 54 27.19 -12.92 -87.94
C SER D 54 26.35 -13.08 -89.19
N VAL D 55 25.88 -11.95 -89.71
CA VAL D 55 25.01 -11.96 -90.88
C VAL D 55 25.34 -10.75 -91.78
N VAL D 56 25.66 -11.02 -93.05
CA VAL D 56 26.05 -9.99 -94.02
C VAL D 56 24.86 -9.57 -94.88
N PHE D 57 24.60 -8.27 -94.96
CA PHE D 57 23.50 -7.73 -95.77
C PHE D 57 24.02 -6.98 -96.99
N THR D 58 23.07 -6.47 -97.78
CA THR D 58 23.33 -5.63 -98.95
C THR D 58 22.42 -4.41 -98.84
N THR D 59 22.96 -3.22 -99.08
CA THR D 59 22.16 -2.00 -98.92
C THR D 59 22.22 -1.16 -100.19
N ALA D 60 21.46 -0.07 -100.19
CA ALA D 60 21.51 0.93 -101.24
C ALA D 60 21.41 2.32 -100.64
N GLY D 61 22.27 3.23 -101.07
CA GLY D 61 22.32 4.55 -100.47
C GLY D 61 22.69 4.56 -99.00
N GLY D 62 23.48 3.58 -98.57
CA GLY D 62 23.95 3.47 -97.20
C GLY D 62 22.84 3.48 -96.16
N SER D 63 21.64 3.04 -96.55
CA SER D 63 20.51 2.99 -95.64
C SER D 63 20.63 1.77 -94.72
N SER D 64 19.74 1.70 -93.73
CA SER D 64 19.73 0.55 -92.85
C SER D 64 19.35 -0.70 -93.64
N PRO D 65 20.00 -1.83 -93.39
CA PRO D 65 19.67 -3.04 -94.16
C PRO D 65 18.22 -3.48 -93.96
N GLU D 66 17.62 -3.99 -95.03
CA GLU D 66 16.24 -4.47 -95.01
C GLU D 66 16.11 -5.82 -95.70
N PHE D 67 15.44 -6.75 -95.04
CA PHE D 67 15.17 -8.06 -95.62
C PHE D 67 14.38 -7.97 -96.92
N THR D 68 13.64 -6.89 -97.11
CA THR D 68 12.83 -6.68 -98.31
C THR D 68 13.64 -6.19 -99.50
N SER D 69 14.92 -5.84 -99.31
CA SER D 69 15.70 -5.16 -100.33
C SER D 69 17.09 -5.72 -100.56
N SER D 70 17.47 -6.80 -99.88
CA SER D 70 18.82 -7.34 -99.97
C SER D 70 18.86 -8.52 -100.95
N GLU D 71 19.91 -8.54 -101.78
CA GLU D 71 20.22 -9.68 -102.63
C GLU D 71 21.73 -9.82 -102.68
N ILE D 72 22.24 -11.06 -102.72
CA ILE D 72 23.67 -11.30 -102.82
C ILE D 72 23.96 -11.92 -104.17
N SER D 73 24.80 -11.24 -104.96
CA SER D 73 25.26 -11.78 -106.22
C SER D 73 26.29 -12.89 -106.02
N GLU D 74 26.36 -13.81 -106.98
CA GLU D 74 27.07 -15.07 -106.76
C GLU D 74 28.56 -14.85 -106.53
N GLN D 75 29.13 -13.86 -107.21
CA GLN D 75 30.51 -13.46 -106.98
C GLN D 75 30.72 -12.87 -105.59
N GLN D 76 29.79 -12.02 -105.16
CA GLN D 76 29.78 -11.50 -103.80
C GLN D 76 29.83 -12.65 -102.79
N ALA D 77 29.20 -13.77 -103.11
CA ALA D 77 29.22 -14.94 -102.22
C ALA D 77 30.60 -15.60 -102.15
N GLU D 78 31.34 -15.64 -103.27
CA GLU D 78 32.68 -16.25 -103.21
C GLU D 78 33.65 -15.38 -102.43
N ARG D 79 33.45 -14.05 -102.41
CA ARG D 79 34.37 -13.19 -101.68
C ARG D 79 34.39 -13.67 -100.23
N TRP D 80 33.26 -13.52 -99.54
CA TRP D 80 33.13 -14.06 -98.20
C TRP D 80 33.19 -15.59 -98.31
N LYS D 81 34.28 -16.20 -97.88
CA LYS D 81 34.29 -17.65 -97.77
C LYS D 81 33.78 -18.09 -96.41
N ASP D 82 33.46 -19.38 -96.30
CA ASP D 82 32.83 -19.92 -95.10
C ASP D 82 31.45 -19.30 -94.84
N SER D 83 30.67 -19.13 -95.92
CA SER D 83 29.38 -18.46 -95.84
C SER D 83 28.33 -19.30 -96.54
N THR D 84 27.08 -19.18 -96.06
CA THR D 84 25.94 -19.87 -96.61
C THR D 84 24.87 -18.89 -97.09
N PRO D 85 24.38 -19.03 -98.32
CA PRO D 85 23.34 -18.11 -98.81
C PRO D 85 21.96 -18.44 -98.26
N LEU D 86 21.27 -17.42 -97.75
CA LEU D 86 19.90 -17.54 -97.27
C LEU D 86 19.00 -16.68 -98.15
N GLY D 87 18.01 -17.30 -98.78
CA GLY D 87 16.99 -16.58 -99.52
C GLY D 87 15.70 -16.52 -98.73
N VAL D 88 15.17 -15.30 -98.58
CA VAL D 88 13.97 -15.05 -97.79
C VAL D 88 12.98 -14.27 -98.65
N SER D 89 11.81 -14.85 -98.89
CA SER D 89 10.72 -14.17 -99.58
C SER D 89 9.40 -14.63 -99.00
N GLN D 90 8.36 -13.81 -99.22
CA GLN D 90 6.98 -14.19 -98.97
C GLN D 90 6.20 -14.09 -100.27
N THR D 91 5.44 -15.15 -100.57
CA THR D 91 4.66 -15.20 -101.81
C THR D 91 3.48 -16.14 -101.59
N ARG D 92 2.66 -16.26 -102.63
CA ARG D 92 1.43 -17.04 -102.55
C ARG D 92 1.72 -18.50 -102.80
N ILE D 93 1.06 -19.37 -102.02
CA ILE D 93 1.09 -20.81 -102.25
C ILE D 93 -0.32 -21.24 -102.57
N GLU D 94 -0.46 -22.07 -103.61
CA GLU D 94 -1.75 -22.52 -104.10
C GLU D 94 -1.71 -24.02 -104.29
N SER D 95 -2.67 -24.70 -103.70
CA SER D 95 -2.85 -26.12 -103.87
C SER D 95 -4.05 -26.41 -104.78
N ASP D 96 -4.19 -27.69 -105.11
CA ASP D 96 -5.30 -28.09 -105.97
C ASP D 96 -6.64 -27.77 -105.32
N GLN D 97 -6.67 -27.76 -103.98
CA GLN D 97 -7.89 -27.57 -103.23
C GLN D 97 -7.96 -26.27 -102.44
N ASN D 98 -6.84 -25.56 -102.27
CA ASN D 98 -6.82 -24.35 -101.45
C ASN D 98 -5.62 -23.50 -101.83
N ALA D 99 -5.46 -22.37 -101.14
CA ALA D 99 -4.30 -21.50 -101.33
C ALA D 99 -4.15 -20.58 -100.13
N ASN D 100 -2.98 -19.92 -100.06
CA ASN D 100 -2.64 -18.99 -98.98
C ASN D 100 -1.30 -18.34 -99.33
N THR D 101 -0.93 -17.34 -98.53
CA THR D 101 0.40 -16.72 -98.61
C THR D 101 1.29 -17.22 -97.49
N THR D 102 2.56 -17.48 -97.80
CA THR D 102 3.53 -17.95 -96.82
C THR D 102 4.92 -17.45 -97.17
N ALA D 103 5.80 -17.48 -96.18
CA ALA D 103 7.21 -17.17 -96.38
C ALA D 103 7.96 -18.40 -96.89
N VAL D 104 8.91 -18.15 -97.80
CA VAL D 104 9.76 -19.20 -98.36
C VAL D 104 11.21 -18.83 -98.08
N MET D 105 11.93 -19.72 -97.40
CA MET D 105 13.36 -19.55 -97.20
C MET D 105 14.14 -20.59 -98.01
N GLY D 106 15.20 -20.11 -98.66
CA GLY D 106 16.01 -20.95 -99.53
C GLY D 106 17.46 -21.01 -99.11
N LEU D 107 18.03 -22.21 -99.06
CA LEU D 107 19.42 -22.40 -98.67
C LEU D 107 20.09 -23.29 -99.70
N PRO D 108 21.42 -23.36 -99.72
CA PRO D 108 22.09 -24.18 -100.73
C PRO D 108 21.72 -25.64 -100.57
N GLU D 109 21.68 -26.33 -101.72
CA GLU D 109 21.20 -27.70 -101.80
C GLU D 109 22.02 -28.65 -100.92
N GLY D 110 21.30 -29.45 -100.13
CA GLY D 110 21.86 -30.46 -99.24
C GLY D 110 22.28 -29.99 -97.86
N THR D 111 22.30 -28.69 -97.58
CA THR D 111 22.71 -28.22 -96.27
C THR D 111 21.73 -28.74 -95.21
N PRO D 112 22.21 -29.42 -94.17
CA PRO D 112 21.31 -29.88 -93.11
C PRO D 112 20.68 -28.72 -92.34
N LEU D 113 19.37 -28.84 -92.09
CA LEU D 113 18.68 -27.78 -91.39
C LEU D 113 18.93 -27.91 -89.88
N PRO D 114 18.86 -26.82 -89.15
CA PRO D 114 19.06 -26.88 -87.69
C PRO D 114 18.09 -27.82 -86.99
N ASP D 115 18.59 -28.49 -85.93
CA ASP D 115 17.79 -29.48 -85.22
C ASP D 115 16.44 -28.90 -84.78
N SER D 116 16.39 -27.58 -84.59
CA SER D 116 15.13 -26.86 -84.43
C SER D 116 14.16 -27.20 -85.54
N VAL D 117 14.67 -27.31 -86.77
CA VAL D 117 13.86 -27.66 -87.92
C VAL D 117 14.19 -29.04 -88.47
N GLY D 118 15.45 -29.48 -88.37
CA GLY D 118 15.86 -30.80 -88.83
C GLY D 118 15.67 -31.05 -90.30
N GLY D 119 15.99 -32.27 -90.75
CA GLY D 119 15.95 -32.54 -92.17
C GLY D 119 17.08 -31.83 -92.89
N PHE D 120 17.05 -31.94 -94.21
CA PHE D 120 18.12 -31.40 -95.03
C PHE D 120 17.50 -30.57 -96.14
N ILE D 121 18.26 -29.62 -96.67
CA ILE D 121 17.82 -28.88 -97.85
C ILE D 121 17.79 -29.82 -99.04
N GLU D 122 16.60 -30.01 -99.61
CA GLU D 122 16.45 -30.83 -100.80
C GLU D 122 16.05 -29.97 -101.99
N GLN D 123 16.35 -30.47 -103.18
CA GLN D 123 15.79 -29.89 -104.39
C GLN D 123 14.27 -29.92 -104.28
N GLY D 124 13.65 -28.75 -104.31
CA GLY D 124 12.22 -28.62 -104.12
C GLY D 124 11.88 -27.86 -102.85
N ALA D 125 10.68 -28.12 -102.34
CA ALA D 125 10.17 -27.40 -101.19
C ALA D 125 9.81 -28.33 -100.04
N LEU D 126 10.30 -27.99 -98.84
CA LEU D 126 9.94 -28.65 -97.59
C LEU D 126 8.90 -27.80 -96.88
N LEU D 127 7.67 -28.34 -96.73
CA LEU D 127 6.53 -27.60 -96.24
C LEU D 127 6.33 -27.82 -94.73
N PRO D 128 5.85 -26.79 -94.02
CA PRO D 128 5.34 -27.03 -92.67
C PRO D 128 4.12 -27.95 -92.72
N ALA D 129 4.06 -28.89 -91.78
CA ALA D 129 3.01 -29.91 -91.79
C ALA D 129 1.62 -29.31 -91.74
N GLU D 130 1.43 -28.27 -90.91
CA GLU D 130 0.10 -27.69 -90.74
C GLU D 130 -0.42 -27.02 -92.01
N LEU D 131 0.47 -26.40 -92.79
CA LEU D 131 0.05 -25.81 -94.06
C LEU D 131 -0.37 -26.86 -95.07
N ALA D 132 0.34 -28.00 -95.11
CA ALA D 132 -0.06 -29.09 -96.00
C ALA D 132 -1.42 -29.67 -95.62
N ASP D 133 -1.70 -29.75 -94.31
CA ASP D 133 -3.01 -30.22 -93.88
C ASP D 133 -4.10 -29.26 -94.34
N PHE D 134 -3.87 -27.95 -94.18
CA PHE D 134 -4.82 -26.94 -94.64
C PHE D 134 -5.07 -27.05 -96.14
N LEU D 135 -4.00 -27.23 -96.93
CA LEU D 135 -4.07 -27.24 -98.38
C LEU D 135 -4.53 -28.57 -98.97
N HIS D 136 -4.64 -29.63 -98.17
CA HIS D 136 -5.04 -30.95 -98.67
C HIS D 136 -4.04 -31.49 -99.69
N VAL D 137 -2.76 -31.21 -99.43
CA VAL D 137 -1.63 -31.59 -100.28
C VAL D 137 -0.82 -32.65 -99.54
N ARG D 138 -0.50 -33.73 -100.24
CA ARG D 138 0.25 -34.83 -99.65
C ARG D 138 1.63 -34.90 -100.30
N ALA D 139 2.48 -35.76 -99.75
CA ALA D 139 3.82 -35.95 -100.29
C ALA D 139 3.74 -36.46 -101.72
N GLY D 140 4.26 -35.69 -102.66
CA GLY D 140 4.24 -36.10 -104.04
C GLY D 140 3.30 -35.30 -104.93
N ASP D 141 2.52 -34.39 -104.37
CA ASP D 141 1.57 -33.57 -105.10
C ASP D 141 2.23 -32.27 -105.53
N HIS D 142 1.81 -31.78 -106.69
CA HIS D 142 2.35 -30.55 -107.23
C HIS D 142 1.54 -29.38 -106.72
N ILE D 143 2.25 -28.31 -106.34
CA ILE D 143 1.64 -27.08 -105.84
C ILE D 143 2.22 -25.90 -106.60
N THR D 144 1.44 -24.83 -106.67
CA THR D 144 1.86 -23.57 -107.28
C THR D 144 2.32 -22.62 -106.20
N LEU D 145 3.60 -22.28 -106.23
CA LEU D 145 4.23 -21.39 -105.24
C LEU D 145 4.72 -20.17 -105.99
N GLY D 146 4.05 -19.04 -105.78
CA GLY D 146 4.43 -17.80 -106.44
C GLY D 146 4.44 -17.92 -107.95
N GLY D 147 3.52 -18.68 -108.51
CA GLY D 147 3.44 -18.85 -109.95
C GLY D 147 4.32 -19.94 -110.51
N ALA D 148 4.96 -20.77 -109.68
CA ALA D 148 5.83 -21.83 -110.14
C ALA D 148 5.41 -23.15 -109.51
N THR D 149 5.26 -24.17 -110.34
CA THR D 149 4.84 -25.49 -109.89
C THR D 149 6.03 -26.31 -109.40
N VAL D 150 6.02 -26.66 -108.12
CA VAL D 150 7.09 -27.42 -107.50
C VAL D 150 6.43 -28.56 -106.71
N THR D 151 7.15 -29.67 -106.56
CA THR D 151 6.64 -30.82 -105.84
C THR D 151 6.97 -30.73 -104.36
N VAL D 152 6.02 -31.13 -103.52
CA VAL D 152 6.21 -31.12 -102.07
C VAL D 152 7.24 -32.19 -101.74
N ALA D 153 8.42 -31.77 -101.27
CA ALA D 153 9.48 -32.70 -100.92
C ALA D 153 9.27 -33.38 -99.57
N GLY D 154 8.52 -32.76 -98.67
CA GLY D 154 8.33 -33.36 -97.36
C GLY D 154 7.80 -32.35 -96.37
N THR D 155 7.44 -32.88 -95.19
CA THR D 155 6.93 -32.08 -94.09
C THR D 155 8.06 -31.84 -93.09
N VAL D 156 7.93 -30.76 -92.32
CA VAL D 156 8.94 -30.39 -91.34
C VAL D 156 8.22 -29.79 -90.14
N LYS D 157 8.97 -29.27 -89.16
CA LYS D 157 8.33 -28.52 -88.10
C LYS D 157 8.04 -27.10 -88.56
N THR D 158 7.40 -26.31 -87.71
CA THR D 158 6.96 -24.97 -88.08
C THR D 158 7.87 -23.93 -87.45
N GLU D 159 8.48 -23.09 -88.28
CA GLU D 159 9.11 -21.85 -87.85
C GLU D 159 8.42 -20.69 -88.57
N ASN D 160 8.67 -19.48 -88.11
CA ASN D 160 7.87 -18.34 -88.54
C ASN D 160 8.78 -17.23 -89.04
N TYR D 161 8.30 -16.49 -90.03
CA TYR D 161 8.96 -15.27 -90.49
C TYR D 161 7.88 -14.26 -90.87
N SER D 162 7.87 -13.12 -90.20
CA SER D 162 6.90 -12.05 -90.45
C SER D 162 5.45 -12.56 -90.44
N HIS D 163 5.08 -13.23 -89.34
CA HIS D 163 3.75 -13.78 -89.13
C HIS D 163 3.35 -14.82 -90.15
N THR D 164 4.32 -15.41 -90.84
CA THR D 164 4.09 -16.48 -91.80
C THR D 164 4.97 -17.67 -91.48
N PRO D 165 4.49 -18.89 -91.76
CA PRO D 165 5.36 -20.07 -91.64
C PRO D 165 6.38 -20.10 -92.76
N VAL D 166 7.51 -20.73 -92.49
CA VAL D 166 8.64 -20.78 -93.41
C VAL D 166 8.66 -22.10 -94.16
N VAL D 167 8.60 -22.02 -95.48
CA VAL D 167 8.80 -23.15 -96.37
C VAL D 167 10.26 -23.16 -96.83
N TRP D 168 10.92 -24.30 -96.66
CA TRP D 168 12.36 -24.42 -96.87
C TRP D 168 12.64 -25.02 -98.24
N VAL D 169 13.44 -24.34 -99.06
CA VAL D 169 13.74 -24.79 -100.41
C VAL D 169 15.24 -24.64 -100.69
N ASP D 170 15.69 -25.34 -101.72
CA ASP D 170 17.05 -25.15 -102.22
C ASP D 170 17.20 -23.75 -102.82
N THR D 171 18.46 -23.29 -102.89
CA THR D 171 18.76 -21.96 -103.43
C THR D 171 18.29 -21.80 -104.88
N ALA D 172 18.43 -22.84 -105.70
CA ALA D 172 17.99 -22.75 -107.10
C ALA D 172 16.47 -22.57 -107.22
N THR D 173 15.71 -23.37 -106.49
CA THR D 173 14.25 -23.26 -106.56
C THR D 173 13.75 -21.92 -106.06
N TRP D 174 14.32 -21.42 -104.96
CA TRP D 174 13.92 -20.11 -104.43
C TRP D 174 14.09 -19.01 -105.47
N GLN D 175 15.16 -19.07 -106.28
CA GLN D 175 15.33 -18.08 -107.35
C GLN D 175 14.17 -18.13 -108.33
N LEU D 176 13.66 -19.32 -108.63
CA LEU D 176 12.53 -19.42 -109.55
C LEU D 176 11.27 -18.83 -108.95
N VAL D 177 11.04 -19.04 -107.65
CA VAL D 177 9.83 -18.55 -107.00
C VAL D 177 9.91 -17.04 -106.76
N SER D 178 11.12 -16.52 -106.55
CA SER D 178 11.34 -15.11 -106.23
C SER D 178 11.80 -14.31 -107.44
N HIS D 179 11.99 -14.95 -108.59
CA HIS D 179 12.29 -14.29 -109.86
C HIS D 179 13.52 -13.41 -109.76
N THR D 180 14.65 -14.02 -109.40
CA THR D 180 15.88 -13.27 -109.22
C THR D 180 17.08 -14.13 -109.59
N LYS D 181 18.10 -13.49 -110.15
CA LYS D 181 19.36 -14.16 -110.45
C LYS D 181 20.28 -14.24 -109.24
N ALA D 182 19.96 -13.54 -108.14
CA ALA D 182 20.77 -13.59 -106.94
C ALA D 182 20.73 -14.99 -106.35
N VAL D 183 21.78 -15.32 -105.58
CA VAL D 183 21.84 -16.63 -104.93
C VAL D 183 21.17 -16.63 -103.57
N GLY D 184 20.74 -15.47 -103.09
CA GLY D 184 20.05 -15.39 -101.83
C GLY D 184 19.79 -13.95 -101.47
N THR D 185 19.15 -13.77 -100.33
CA THR D 185 18.92 -12.44 -99.80
C THR D 185 19.90 -12.07 -98.71
N VAL D 186 20.37 -13.05 -97.93
CA VAL D 186 21.39 -12.81 -96.92
C VAL D 186 22.34 -14.01 -96.89
N LEU D 187 23.44 -13.87 -96.13
CA LEU D 187 24.43 -14.92 -95.89
C LEU D 187 24.55 -15.23 -94.41
N LEU D 188 24.35 -16.50 -94.04
CA LEU D 188 24.51 -16.95 -92.65
C LEU D 188 25.97 -17.37 -92.42
N LEU D 189 26.62 -16.76 -91.43
CA LEU D 189 28.00 -17.04 -91.06
C LEU D 189 28.11 -17.64 -89.66
N ASN D 190 28.66 -18.86 -89.57
CA ASN D 190 28.84 -19.47 -88.26
C ASN D 190 30.16 -19.09 -87.61
N GLN D 191 31.05 -18.44 -88.35
CA GLN D 191 32.39 -18.08 -87.90
C GLN D 191 32.56 -16.57 -87.73
N GLU D 192 33.76 -16.18 -87.33
CA GLU D 192 34.14 -14.78 -87.18
C GLU D 192 34.30 -14.10 -88.54
N PRO D 193 33.75 -12.88 -88.71
CA PRO D 193 33.87 -12.21 -90.01
C PRO D 193 35.30 -11.70 -90.21
N THR D 194 36.07 -12.34 -91.10
CA THR D 194 37.46 -11.95 -91.37
C THR D 194 37.68 -11.34 -92.73
N ILE D 195 36.68 -11.05 -93.45
CA ILE D 195 36.87 -10.43 -94.75
C ILE D 195 36.37 -9.00 -94.60
N GLN D 196 37.06 -8.12 -95.27
CA GLN D 196 36.57 -6.78 -95.07
C GLN D 196 35.50 -6.47 -96.10
N PRO D 197 34.44 -5.81 -95.66
CA PRO D 197 33.33 -5.52 -96.54
C PRO D 197 33.47 -4.18 -97.23
N GLN D 198 32.73 -4.05 -98.32
CA GLN D 198 32.68 -2.89 -99.17
C GLN D 198 31.69 -1.87 -98.61
N ASP D 199 31.78 -0.65 -99.13
CA ASP D 199 30.90 0.44 -98.71
C ASP D 199 29.43 0.02 -98.71
N ASN D 200 29.03 -0.80 -99.67
CA ASN D 200 27.63 -1.21 -99.83
C ASN D 200 27.26 -2.44 -99.01
N GLU D 201 28.20 -3.06 -98.34
CA GLU D 201 27.94 -4.22 -97.50
C GLU D 201 27.87 -3.81 -96.03
N VAL D 202 27.21 -4.65 -95.22
CA VAL D 202 27.03 -4.40 -93.79
C VAL D 202 26.85 -5.73 -93.06
N VAL D 203 27.72 -6.00 -92.09
CA VAL D 203 27.63 -7.18 -91.24
C VAL D 203 26.94 -6.82 -89.93
N THR D 204 26.11 -7.73 -89.42
CA THR D 204 25.30 -7.52 -88.23
C THR D 204 25.25 -8.81 -87.42
N ASP D 205 25.09 -8.66 -86.11
CA ASP D 205 24.85 -9.82 -85.26
C ASP D 205 23.38 -10.24 -85.33
N LEU D 206 23.09 -11.42 -84.76
CA LEU D 206 21.75 -11.99 -84.86
C LEU D 206 20.67 -11.03 -84.36
N LYS D 207 20.93 -10.37 -83.22
CA LYS D 207 19.95 -9.39 -82.73
C LYS D 207 19.73 -8.28 -83.73
N GLY D 208 20.81 -7.59 -84.13
CA GLY D 208 20.68 -6.52 -85.10
C GLY D 208 20.12 -6.96 -86.43
N ALA D 209 20.29 -8.25 -86.76
CA ALA D 209 19.71 -8.77 -88.00
C ALA D 209 18.19 -8.72 -87.96
N PHE D 210 17.59 -8.77 -86.77
CA PHE D 210 16.14 -8.67 -86.70
C PHE D 210 15.64 -7.28 -87.06
N GLN D 211 16.45 -6.24 -86.80
CA GLN D 211 16.09 -4.90 -87.21
C GLN D 211 15.83 -4.84 -88.72
N ALA D 212 16.58 -5.64 -89.49
CA ALA D 212 16.39 -5.73 -90.94
C ALA D 212 15.06 -6.37 -91.30
N MET D 213 14.35 -6.95 -90.35
CA MET D 213 13.01 -7.45 -90.60
C MET D 213 12.04 -6.28 -90.43
N PRO D 214 11.09 -6.11 -91.34
CA PRO D 214 10.30 -4.88 -91.35
C PRO D 214 9.42 -4.69 -90.11
N ALA D 215 8.65 -5.71 -89.73
CA ALA D 215 7.72 -5.54 -88.61
C ALA D 215 8.36 -5.59 -87.24
N TYR D 216 9.56 -6.16 -87.08
CA TYR D 216 9.96 -6.60 -85.75
C TYR D 216 10.23 -5.44 -84.80
N LYS D 217 11.17 -4.56 -85.15
CA LYS D 217 11.54 -3.52 -84.20
C LYS D 217 10.37 -2.60 -83.89
N SER D 218 9.69 -2.10 -84.92
CA SER D 218 8.64 -1.11 -84.70
C SER D 218 7.44 -1.62 -83.93
N GLU D 219 7.32 -2.93 -83.74
CA GLU D 219 6.15 -3.47 -83.05
C GLU D 219 6.51 -4.02 -81.69
N ARG D 220 7.69 -4.64 -81.57
CA ARG D 220 8.18 -5.04 -80.26
CA ARG D 220 8.17 -5.04 -80.26
C ARG D 220 8.48 -3.83 -79.39
N SER D 221 9.06 -2.78 -79.99
CA SER D 221 9.35 -1.56 -79.24
C SER D 221 8.07 -0.94 -78.69
N SER D 222 7.02 -0.85 -79.52
CA SER D 222 5.77 -0.26 -79.05
C SER D 222 5.16 -1.09 -77.92
N LEU D 223 5.22 -2.42 -78.02
CA LEU D 223 4.70 -3.27 -76.96
C LEU D 223 5.50 -3.13 -75.67
N LEU D 224 6.82 -3.02 -75.79
CA LEU D 224 7.66 -2.85 -74.61
C LEU D 224 7.37 -1.53 -73.91
N SER D 225 7.17 -0.47 -74.69
CA SER D 225 6.82 0.83 -74.12
C SER D 225 5.49 0.75 -73.37
N MET D 226 4.49 0.08 -73.94
CA MET D 226 3.22 -0.10 -73.23
C MET D 226 3.44 -0.82 -71.91
N GLN D 227 4.25 -1.87 -71.89
CA GLN D 227 4.48 -2.58 -70.63
C GLN D 227 5.12 -1.66 -69.60
N ALA D 228 6.01 -0.77 -70.05
CA ALA D 228 6.65 0.13 -69.10
C ALA D 228 5.64 1.08 -68.48
N PHE D 229 4.75 1.66 -69.29
CA PHE D 229 3.70 2.50 -68.73
C PHE D 229 2.87 1.71 -67.72
N LEU D 230 2.60 0.43 -68.02
CA LEU D 230 1.80 -0.39 -67.12
C LEU D 230 2.48 -0.62 -65.79
N TYR D 231 3.80 -0.88 -65.79
CA TYR D 231 4.50 -1.02 -64.53
C TYR D 231 4.47 0.29 -63.74
N ILE D 232 4.71 1.42 -64.41
CA ILE D 232 4.66 2.70 -63.71
C ILE D 232 3.27 2.94 -63.15
N ILE D 233 2.22 2.67 -63.94
CA ILE D 233 0.86 2.87 -63.47
C ILE D 233 0.60 2.01 -62.24
N SER D 234 1.06 0.76 -62.24
CA SER D 234 0.91 -0.09 -61.06
C SER D 234 1.58 0.53 -59.84
N ALA D 235 2.85 0.92 -59.96
CA ALA D 235 3.56 1.52 -58.84
C ALA D 235 2.81 2.73 -58.31
N LEU D 236 2.37 3.61 -59.20
CA LEU D 236 1.67 4.83 -58.78
C LEU D 236 0.32 4.51 -58.13
N VAL D 237 -0.43 3.55 -58.69
CA VAL D 237 -1.73 3.21 -58.09
C VAL D 237 -1.52 2.75 -56.65
N THR D 238 -0.56 1.87 -56.41
CA THR D 238 -0.32 1.37 -55.06
C THR D 238 0.08 2.51 -54.14
N VAL D 239 1.00 3.37 -54.60
CA VAL D 239 1.46 4.50 -53.81
C VAL D 239 0.30 5.46 -53.52
N ALA D 240 -0.49 5.76 -54.55
CA ALA D 240 -1.64 6.64 -54.37
C ALA D 240 -2.60 6.08 -53.34
N PHE D 241 -3.02 4.83 -53.53
CA PHE D 241 -4.01 4.23 -52.63
C PHE D 241 -3.45 4.03 -51.22
N LEU D 242 -2.22 3.54 -51.10
CA LEU D 242 -1.67 3.27 -49.77
C LEU D 242 -1.39 4.52 -48.96
N THR D 243 -1.03 5.65 -49.58
CA THR D 243 -0.86 6.88 -48.77
C THR D 243 -2.16 7.28 -48.10
N VAL D 244 -3.24 7.35 -48.88
CA VAL D 244 -4.53 7.71 -48.29
C VAL D 244 -4.96 6.64 -47.29
N TRP D 245 -4.61 5.37 -47.56
CA TRP D 245 -5.02 4.28 -46.69
C TRP D 245 -4.32 4.33 -45.34
N THR D 246 -2.99 4.48 -45.33
CA THR D 246 -2.29 4.58 -44.06
C THR D 246 -2.75 5.79 -43.24
N LEU D 247 -3.10 6.88 -43.92
CA LEU D 247 -3.69 8.02 -43.23
C LEU D 247 -5.04 7.68 -42.60
N GLN D 248 -5.71 6.63 -43.07
CA GLN D 248 -6.94 6.19 -42.40
C GLN D 248 -6.66 5.52 -41.06
N ARG D 249 -5.53 4.83 -40.92
CA ARG D 249 -5.28 4.06 -39.71
C ARG D 249 -4.62 4.88 -38.61
N THR D 250 -4.34 6.17 -38.83
CA THR D 250 -3.61 7.00 -37.89
C THR D 250 -4.07 6.77 -36.45
N ARG D 251 -5.39 6.62 -36.27
CA ARG D 251 -5.94 6.50 -34.91
C ARG D 251 -5.51 5.18 -34.28
N ASP D 252 -5.67 4.08 -35.01
CA ASP D 252 -5.29 2.78 -34.48
C ASP D 252 -3.78 2.69 -34.29
N ILE D 253 -3.02 3.27 -35.23
CA ILE D 253 -1.57 3.31 -35.08
C ILE D 253 -1.18 4.16 -33.88
N ALA D 254 -1.90 5.28 -33.66
CA ALA D 254 -1.62 6.13 -32.51
C ALA D 254 -1.84 5.37 -31.20
N VAL D 255 -2.91 4.58 -31.15
CA VAL D 255 -3.21 3.80 -29.95
C VAL D 255 -2.12 2.77 -29.69
N LEU D 256 -1.67 2.08 -30.74
CA LEU D 256 -0.58 1.13 -30.54
C LEU D 256 0.69 1.86 -30.14
N ALA D 257 0.91 3.04 -30.71
CA ALA D 257 2.04 3.87 -30.31
C ALA D 257 1.92 4.26 -28.84
N ALA D 258 0.72 4.71 -28.44
CA ALA D 258 0.49 5.08 -27.05
C ALA D 258 0.76 3.92 -26.11
N LEU D 259 0.38 2.70 -26.51
CA LEU D 259 0.61 1.54 -25.67
C LEU D 259 2.10 1.22 -25.54
N GLY D 260 2.92 1.67 -26.50
CA GLY D 260 4.35 1.44 -26.45
C GLY D 260 4.93 0.71 -27.64
N ALA D 261 4.15 0.40 -28.68
CA ALA D 261 4.67 -0.31 -29.82
C ALA D 261 5.81 0.45 -30.49
N SER D 262 6.92 -0.25 -30.72
CA SER D 262 8.07 0.33 -31.39
C SER D 262 7.71 0.75 -32.81
N LYS D 263 8.56 1.62 -33.39
CA LYS D 263 8.35 2.02 -34.78
C LYS D 263 8.49 0.83 -35.73
N ARG D 264 9.50 -0.04 -35.54
CA ARG D 264 9.56 -1.21 -36.40
C ARG D 264 8.28 -2.03 -36.31
N TYR D 265 7.69 -2.13 -35.12
CA TYR D 265 6.48 -2.93 -34.99
C TYR D 265 5.36 -2.37 -35.87
N LEU D 266 5.14 -1.06 -35.80
CA LEU D 266 4.07 -0.47 -36.59
C LEU D 266 4.38 -0.54 -38.08
N LEU D 267 5.64 -0.29 -38.45
CA LEU D 267 6.01 -0.32 -39.85
C LEU D 267 6.01 -1.74 -40.41
N ILE D 268 6.47 -2.72 -39.62
CA ILE D 268 6.35 -4.12 -40.03
C ILE D 268 4.88 -4.52 -40.13
N ASP D 269 4.07 -4.09 -39.16
CA ASP D 269 2.63 -4.32 -39.24
C ASP D 269 2.06 -3.78 -40.54
N ALA D 270 2.36 -2.52 -40.83
CA ALA D 270 1.78 -1.84 -41.99
C ALA D 270 2.21 -2.49 -43.31
N LEU D 271 3.52 -2.72 -43.49
CA LEU D 271 3.96 -3.33 -44.75
C LEU D 271 3.49 -4.77 -44.85
N GLY D 272 3.38 -5.47 -43.72
CA GLY D 272 2.87 -6.83 -43.77
C GLY D 272 1.48 -6.84 -44.37
N GLN D 273 0.64 -5.91 -43.92
CA GLN D 273 -0.71 -5.79 -44.46
C GLN D 273 -0.65 -5.45 -45.94
N ALA D 274 0.19 -4.47 -46.32
CA ALA D 274 0.34 -4.11 -47.72
C ALA D 274 0.90 -5.28 -48.53
N ALA D 275 1.94 -5.94 -48.01
CA ALA D 275 2.55 -7.03 -48.75
C ALA D 275 1.55 -8.16 -48.98
N ILE D 276 0.77 -8.49 -47.95
CA ILE D 276 -0.26 -9.51 -48.10
C ILE D 276 -1.28 -9.09 -49.15
N ILE D 277 -1.70 -7.82 -49.11
CA ILE D 277 -2.69 -7.34 -50.08
C ILE D 277 -2.14 -7.44 -51.49
N LEU D 278 -0.90 -6.97 -51.68
CA LEU D 278 -0.27 -6.99 -52.99
C LEU D 278 -0.03 -8.41 -53.48
N ALA D 279 0.40 -9.31 -52.59
CA ALA D 279 0.61 -10.70 -52.96
C ALA D 279 -0.69 -11.33 -53.46
N ALA D 280 -1.77 -11.18 -52.70
CA ALA D 280 -3.06 -11.71 -53.12
C ALA D 280 -3.45 -11.19 -54.50
N GLY D 281 -3.39 -9.86 -54.68
CA GLY D 281 -3.81 -9.28 -55.94
C GLY D 281 -3.01 -9.80 -57.12
N VAL D 282 -1.68 -9.83 -56.98
CA VAL D 282 -0.84 -10.25 -58.09
C VAL D 282 -1.04 -11.73 -58.40
N ALA D 283 -1.12 -12.56 -57.36
CA ALA D 283 -1.34 -13.99 -57.59
C ALA D 283 -2.66 -14.25 -58.30
N LEU D 284 -3.74 -13.60 -57.84
CA LEU D 284 -5.04 -13.82 -58.46
C LEU D 284 -5.05 -13.32 -59.90
N GLY D 285 -4.50 -12.12 -60.12
CA GLY D 285 -4.43 -11.57 -61.46
C GLY D 285 -3.59 -12.43 -62.39
N ALA D 286 -2.41 -12.83 -61.93
CA ALA D 286 -1.51 -13.61 -62.77
C ALA D 286 -2.03 -15.03 -62.99
N GLY D 287 -2.75 -15.58 -62.01
CA GLY D 287 -3.38 -16.87 -62.20
C GLY D 287 -4.36 -16.80 -63.35
N ILE D 288 -5.32 -15.88 -63.26
CA ILE D 288 -6.26 -15.67 -64.36
C ILE D 288 -5.51 -15.34 -65.64
N GLY D 289 -4.36 -14.66 -65.53
CA GLY D 289 -3.55 -14.28 -66.66
C GLY D 289 -3.04 -15.49 -67.42
N ALA D 290 -2.35 -16.38 -66.70
CA ALA D 290 -1.82 -17.59 -67.32
C ALA D 290 -2.93 -18.44 -67.90
N LEU D 291 -4.09 -18.49 -67.23
CA LEU D 291 -5.22 -19.28 -67.72
C LEU D 291 -5.75 -18.75 -69.05
N LEU D 292 -6.09 -17.46 -69.10
CA LEU D 292 -6.57 -16.88 -70.36
C LEU D 292 -5.55 -17.03 -71.48
N GLY D 293 -4.27 -16.89 -71.17
CA GLY D 293 -3.28 -16.99 -72.23
C GLY D 293 -3.17 -18.39 -72.79
N TRP D 294 -3.04 -19.39 -71.91
CA TRP D 294 -3.00 -20.78 -72.37
C TRP D 294 -4.26 -21.12 -73.14
N LEU D 295 -5.40 -20.58 -72.71
CA LEU D 295 -6.67 -20.79 -73.39
C LEU D 295 -6.71 -20.09 -74.75
N ILE D 296 -5.94 -19.01 -74.92
CA ILE D 296 -6.02 -18.20 -76.13
C ILE D 296 -4.87 -18.50 -77.10
N ALA D 297 -3.80 -19.16 -76.66
CA ALA D 297 -2.59 -19.35 -77.45
C ALA D 297 -2.79 -20.19 -78.72
N GLY D 298 -3.99 -20.61 -79.09
CA GLY D 298 -4.17 -21.36 -80.32
C GLY D 298 -4.66 -20.46 -81.43
N SER D 299 -5.44 -19.44 -81.05
CA SER D 299 -6.00 -18.47 -81.99
C SER D 299 -5.13 -17.22 -82.13
N VAL D 300 -4.43 -16.83 -81.07
CA VAL D 300 -3.61 -15.62 -81.11
C VAL D 300 -2.21 -15.99 -80.63
N PRO D 301 -1.15 -15.42 -81.23
CA PRO D 301 0.23 -15.71 -80.79
C PRO D 301 0.50 -15.31 -79.36
N PHE D 302 0.78 -16.29 -78.51
CA PHE D 302 1.02 -16.05 -77.09
C PHE D 302 2.04 -17.06 -76.57
N SER D 303 3.21 -16.58 -76.17
CA SER D 303 4.27 -17.44 -75.66
C SER D 303 4.15 -17.49 -74.13
N LEU D 304 4.02 -18.71 -73.59
CA LEU D 304 3.68 -18.93 -72.19
C LEU D 304 4.66 -19.85 -71.48
N GLY D 305 5.54 -19.30 -70.65
CA GLY D 305 6.34 -20.16 -69.80
C GLY D 305 6.18 -19.82 -68.33
N TRP D 306 7.14 -20.25 -67.50
CA TRP D 306 7.14 -19.84 -66.10
C TRP D 306 7.75 -18.45 -65.92
N VAL D 307 8.80 -18.14 -66.69
CA VAL D 307 9.48 -16.87 -66.47
C VAL D 307 8.66 -15.73 -67.06
N SER D 308 7.88 -16.00 -68.10
CA SER D 308 7.11 -14.95 -68.76
C SER D 308 5.81 -14.62 -68.02
N VAL D 309 5.44 -15.42 -67.02
CA VAL D 309 4.33 -15.11 -66.13
C VAL D 309 4.81 -14.70 -64.75
N LEU D 310 5.83 -15.37 -64.20
CA LEU D 310 6.21 -15.12 -62.82
C LEU D 310 7.28 -14.04 -62.71
N GLY D 311 8.11 -13.87 -63.75
CA GLY D 311 9.05 -12.79 -63.78
C GLY D 311 8.34 -11.46 -63.65
N PRO D 312 7.41 -11.18 -64.58
CA PRO D 312 6.63 -9.93 -64.45
C PRO D 312 5.84 -9.86 -63.16
N ALA D 313 5.26 -10.98 -62.72
CA ALA D 313 4.51 -11.01 -61.48
C ALA D 313 5.39 -10.57 -60.32
N LEU D 314 6.59 -11.15 -60.22
CA LEU D 314 7.49 -10.84 -59.12
C LEU D 314 7.98 -9.40 -59.25
N GLY D 315 8.22 -8.94 -60.47
CA GLY D 315 8.60 -7.55 -60.68
C GLY D 315 7.58 -6.56 -60.16
N ILE D 316 6.30 -6.82 -60.43
CA ILE D 316 5.24 -5.93 -59.95
C ILE D 316 5.21 -5.91 -58.43
N TRP D 317 5.36 -7.08 -57.81
CA TRP D 317 5.28 -7.18 -56.35
C TRP D 317 6.42 -6.41 -55.69
N LEU D 318 7.61 -6.45 -56.29
CA LEU D 318 8.73 -5.70 -55.72
C LEU D 318 8.53 -4.21 -55.92
N LEU D 319 8.04 -3.79 -57.09
CA LEU D 319 7.70 -2.39 -57.27
C LEU D 319 6.68 -1.94 -56.22
N GLY D 320 5.68 -2.79 -55.95
CA GLY D 320 4.68 -2.44 -54.97
C GLY D 320 5.22 -2.33 -53.55
N LEU D 321 6.16 -3.21 -53.19
CA LEU D 321 6.75 -3.13 -51.86
C LEU D 321 7.56 -1.85 -51.70
N ILE D 322 8.31 -1.47 -52.74
CA ILE D 322 9.04 -0.20 -52.69
C ILE D 322 8.05 0.95 -52.57
N GLY D 323 7.00 0.90 -53.38
CA GLY D 323 5.97 1.92 -53.33
C GLY D 323 5.32 2.00 -51.96
N ALA D 324 5.06 0.85 -51.34
CA ALA D 324 4.38 0.83 -50.05
C ALA D 324 5.23 1.48 -48.96
N THR D 325 6.52 1.15 -48.92
CA THR D 325 7.40 1.81 -47.95
C THR D 325 7.38 3.32 -48.11
N ILE D 326 7.26 3.82 -49.34
CA ILE D 326 7.15 5.26 -49.57
C ILE D 326 5.85 5.79 -48.97
N ALA D 327 4.81 4.96 -48.95
CA ALA D 327 3.50 5.38 -48.47
C ALA D 327 3.37 5.20 -46.97
N VAL D 328 3.98 4.15 -46.43
CA VAL D 328 3.90 3.83 -45.02
C VAL D 328 5.02 4.54 -44.25
N ARG D 329 5.73 5.44 -44.91
CA ARG D 329 6.84 6.11 -44.24
C ARG D 329 6.34 6.88 -43.01
N ASN D 330 5.11 7.40 -43.05
CA ASN D 330 4.55 8.21 -41.99
C ASN D 330 3.93 7.39 -40.86
N VAL D 331 4.09 6.06 -40.85
CA VAL D 331 3.54 5.28 -39.75
C VAL D 331 4.38 5.46 -38.50
N THR D 332 5.65 5.83 -38.68
CA THR D 332 6.58 6.02 -37.58
C THR D 332 6.63 7.46 -37.13
N LYS D 333 5.89 8.35 -37.79
CA LYS D 333 5.89 9.77 -37.48
C LYS D 333 4.60 10.21 -36.76
N VAL D 334 3.90 9.26 -36.15
CA VAL D 334 2.61 9.53 -35.50
C VAL D 334 2.83 9.72 -34.01
N ASP D 335 2.40 10.87 -33.49
CA ASP D 335 2.58 11.04 -32.04
C ASP D 335 1.45 10.33 -31.28
N PRO D 336 1.79 9.70 -30.16
CA PRO D 336 0.77 8.95 -29.40
C PRO D 336 -0.23 9.81 -28.66
N GLN D 337 0.01 11.12 -28.60
CA GLN D 337 -0.93 12.03 -27.95
C GLN D 337 -2.30 12.04 -28.62
N ILE D 338 -2.38 11.53 -29.86
CA ILE D 338 -3.65 11.43 -30.59
C ILE D 338 -4.62 10.51 -29.86
N ALA D 339 -4.11 9.57 -29.06
CA ALA D 339 -4.95 8.62 -28.36
C ALA D 339 -5.50 9.21 -27.07
N LEU D 340 -4.78 10.17 -26.48
CA LEU D 340 -5.22 10.79 -25.24
C LEU D 340 -6.52 11.56 -25.43
N GLY D 341 -6.72 12.19 -26.60
CA GLY D 341 -7.96 12.91 -26.85
C GLY D 341 -8.74 12.35 -28.02
N ALA D 342 -9.51 13.19 -28.72
CA ALA D 342 -10.51 12.73 -29.67
C ALA D 342 -10.19 13.17 -31.09
N THR D 343 -10.47 12.29 -32.05
CA THR D 343 -10.32 12.59 -33.47
C THR D 343 -11.45 11.94 -34.28
N PRO E 5 -62.85 21.06 13.30
CA PRO E 5 -61.54 20.79 13.91
C PRO E 5 -61.54 19.55 14.80
N VAL E 6 -60.41 18.87 14.86
CA VAL E 6 -60.25 17.70 15.71
C VAL E 6 -59.57 18.05 17.02
N LEU E 7 -58.61 18.99 16.98
CA LEU E 7 -57.82 19.33 18.16
C LEU E 7 -57.65 20.84 18.22
N SER E 8 -57.77 21.38 19.43
CA SER E 8 -57.48 22.79 19.69
C SER E 8 -56.72 22.90 21.00
N ILE E 9 -55.48 23.38 20.92
CA ILE E 9 -54.68 23.69 22.10
C ILE E 9 -54.75 25.20 22.31
N THR E 10 -55.47 25.65 23.32
CA THR E 10 -55.63 27.08 23.59
C THR E 10 -54.78 27.50 24.78
N ASN E 11 -53.80 28.36 24.54
CA ASN E 11 -52.95 28.98 25.56
C ASN E 11 -52.45 27.96 26.61
N ALA E 12 -51.83 26.89 26.13
CA ALA E 12 -51.36 25.82 27.00
C ALA E 12 -49.92 26.05 27.44
N SER E 13 -49.58 25.53 28.62
CA SER E 13 -48.25 25.76 29.19
C SER E 13 -47.98 24.79 30.32
N VAL E 14 -46.88 24.04 30.22
CA VAL E 14 -46.47 23.07 31.23
C VAL E 14 -45.23 23.61 31.94
N VAL E 15 -45.21 23.46 33.26
CA VAL E 15 -44.09 23.89 34.08
C VAL E 15 -43.66 22.71 34.93
N TYR E 16 -42.36 22.46 34.99
CA TYR E 16 -41.97 21.36 35.84
C TYR E 16 -41.34 21.87 37.13
N PRO E 17 -41.57 21.21 38.26
CA PRO E 17 -40.87 21.63 39.48
C PRO E 17 -39.43 21.15 39.43
N ASP E 18 -38.51 22.10 39.22
CA ASP E 18 -37.08 21.83 39.25
C ASP E 18 -36.58 22.18 40.65
N GLY E 19 -36.89 21.30 41.59
CA GLY E 19 -36.55 21.50 42.98
C GLY E 19 -37.01 22.82 43.56
N ILE E 20 -36.08 23.67 44.03
CA ILE E 20 -36.49 24.95 44.60
C ILE E 20 -37.12 25.85 43.55
N SER E 21 -36.53 25.91 42.36
CA SER E 21 -37.03 26.77 41.30
C SER E 21 -37.93 25.96 40.37
N THR E 22 -38.21 26.51 39.18
CA THR E 22 -39.01 25.82 38.18
C THR E 22 -38.41 26.07 36.81
N VAL E 23 -38.71 25.18 35.87
CA VAL E 23 -38.23 25.28 34.50
C VAL E 23 -39.45 25.17 33.59
N THR E 24 -39.84 26.29 32.99
CA THR E 24 -40.96 26.27 32.05
C THR E 24 -40.52 25.64 30.73
N ALA E 25 -41.23 24.59 30.33
CA ALA E 25 -40.97 23.91 29.06
C ALA E 25 -41.87 24.40 27.94
N LEU E 26 -43.09 24.82 28.26
CA LEU E 26 -44.00 25.43 27.29
C LEU E 26 -44.65 26.66 27.90
N ASP E 27 -44.58 27.79 27.19
CA ASP E 27 -45.11 29.06 27.69
C ASP E 27 -46.18 29.56 26.70
N SER E 28 -47.45 29.32 27.03
CA SER E 28 -48.59 29.87 26.30
C SER E 28 -48.62 29.46 24.83
N ALA E 29 -48.65 28.14 24.62
CA ALA E 29 -48.80 27.58 23.28
C ALA E 29 -50.26 27.61 22.82
N ASN E 30 -50.46 27.96 21.55
CA ASN E 30 -51.81 28.00 20.96
C ASN E 30 -51.73 27.38 19.56
N VAL E 31 -52.21 26.15 19.41
CA VAL E 31 -52.12 25.41 18.16
C VAL E 31 -53.42 24.67 17.90
N GLU E 32 -53.96 24.82 16.69
CA GLU E 32 -55.22 24.21 16.27
C GLU E 32 -55.03 23.43 14.97
N ILE E 33 -55.56 22.20 14.93
CA ILE E 33 -55.36 21.26 13.83
C ILE E 33 -56.71 20.73 13.39
N PHE E 34 -57.02 20.85 12.11
CA PHE E 34 -58.26 20.38 11.50
C PHE E 34 -58.02 19.10 10.72
N PRO E 35 -59.09 18.37 10.37
CA PRO E 35 -58.90 17.12 9.61
C PRO E 35 -58.18 17.37 8.29
N GLY E 36 -57.39 16.39 7.87
CA GLY E 36 -56.68 16.50 6.61
C GLY E 36 -55.53 17.47 6.62
N GLU E 37 -55.20 18.03 7.78
CA GLU E 37 -54.01 18.86 7.95
C GLU E 37 -52.83 17.99 8.37
N LEU E 38 -51.65 18.37 7.92
CA LEU E 38 -50.41 17.85 8.51
C LEU E 38 -49.58 19.05 8.97
N VAL E 39 -49.62 19.34 10.26
CA VAL E 39 -48.94 20.49 10.82
C VAL E 39 -47.61 19.99 11.35
N ALA E 40 -46.51 20.44 10.73
CA ALA E 40 -45.18 20.12 11.22
C ALA E 40 -44.79 21.08 12.33
N ILE E 41 -44.16 20.56 13.37
CA ILE E 41 -43.61 21.39 14.45
C ILE E 41 -42.09 21.26 14.43
N VAL E 42 -41.41 22.37 14.15
CA VAL E 42 -39.97 22.39 14.04
C VAL E 42 -39.42 23.22 15.21
N GLY E 43 -38.11 23.15 15.40
CA GLY E 43 -37.44 23.93 16.42
C GLY E 43 -36.19 23.23 16.90
N GLU E 44 -35.33 24.01 17.54
CA GLU E 44 -34.12 23.49 18.20
C GLU E 44 -34.47 22.35 19.15
N SER E 45 -33.49 21.50 19.46
CA SER E 45 -33.71 20.49 20.49
C SER E 45 -34.00 21.17 21.81
N GLY E 46 -35.18 20.88 22.36
CA GLY E 46 -35.54 21.41 23.66
C GLY E 46 -36.35 22.68 23.60
N SER E 47 -36.86 23.05 22.42
CA SER E 47 -37.64 24.28 22.32
C SER E 47 -39.05 24.12 22.85
N GLY E 48 -39.51 22.89 23.05
CA GLY E 48 -40.86 22.62 23.50
C GLY E 48 -41.72 21.93 22.48
N LYS E 49 -41.14 21.35 21.43
CA LYS E 49 -41.94 20.56 20.49
C LYS E 49 -42.33 19.22 21.10
N SER E 50 -41.35 18.49 21.64
CA SER E 50 -41.65 17.24 22.33
C SER E 50 -42.70 17.43 23.43
N THR E 51 -42.63 18.58 24.12
CA THR E 51 -43.62 18.89 25.15
C THR E 51 -44.99 19.18 24.54
N LEU E 52 -45.03 19.95 23.45
CA LEU E 52 -46.30 20.25 22.78
C LEU E 52 -46.97 18.98 22.27
N LEU E 53 -46.18 18.07 21.70
CA LEU E 53 -46.73 16.81 21.22
C LEU E 53 -47.26 15.97 22.38
N SER E 54 -46.42 15.72 23.38
CA SER E 54 -46.84 14.92 24.53
C SER E 54 -48.10 15.49 25.17
N ILE E 55 -48.35 16.79 25.01
CA ILE E 55 -49.59 17.40 25.49
C ILE E 55 -50.74 17.09 24.55
N ALA E 56 -50.51 17.22 23.24
CA ALA E 56 -51.55 16.93 22.27
C ALA E 56 -52.03 15.49 22.37
N GLY E 57 -51.18 14.60 22.86
CA GLY E 57 -51.53 13.21 23.08
C GLY E 57 -52.10 12.87 24.43
N PHE E 58 -52.42 13.85 25.28
CA PHE E 58 -52.99 13.58 26.60
C PHE E 58 -52.11 12.65 27.43
N LEU E 59 -50.80 12.71 27.17
CA LEU E 59 -49.84 11.91 27.92
C LEU E 59 -49.49 12.54 29.25
N GLN E 60 -49.68 13.85 29.39
CA GLN E 60 -49.54 14.53 30.66
C GLN E 60 -50.45 15.75 30.64
N GLU E 61 -51.10 16.04 31.76
CA GLU E 61 -51.99 17.18 31.78
C GLU E 61 -51.15 18.46 31.76
N PRO E 62 -51.62 19.51 31.11
CA PRO E 62 -50.96 20.82 31.28
C PRO E 62 -51.14 21.40 32.67
N THR E 63 -50.11 22.11 33.12
CA THR E 63 -50.18 22.83 34.39
C THR E 63 -50.97 24.12 34.28
N SER E 64 -51.34 24.52 33.06
CA SER E 64 -52.09 25.74 32.80
C SER E 64 -52.58 25.69 31.36
N GLY E 65 -53.78 26.23 31.12
CA GLY E 65 -54.36 26.21 29.79
C GLY E 65 -55.25 25.01 29.61
N THR E 66 -55.87 24.93 28.44
CA THR E 66 -56.82 23.86 28.17
C THR E 66 -56.44 23.14 26.88
N VAL E 67 -56.78 21.86 26.80
CA VAL E 67 -56.56 21.04 25.62
C VAL E 67 -57.85 20.27 25.34
N THR E 68 -58.52 20.59 24.22
CA THR E 68 -59.83 20.03 23.93
C THR E 68 -59.74 19.18 22.68
N LEU E 69 -60.25 17.95 22.78
CA LEU E 69 -60.38 17.04 21.65
C LEU E 69 -61.86 16.83 21.37
N HIS E 70 -62.35 17.40 20.26
CA HIS E 70 -63.78 17.36 19.98
C HIS E 70 -64.21 15.96 19.56
N GLY E 71 -65.45 15.63 19.87
CA GLY E 71 -65.94 14.26 19.82
C GLY E 71 -65.42 13.36 20.93
N ALA E 72 -64.58 13.89 21.83
CA ALA E 72 -64.01 13.10 22.90
C ALA E 72 -64.17 13.77 24.26
N GLU E 73 -64.96 14.84 24.34
CA GLU E 73 -65.23 15.46 25.64
C GLU E 73 -65.96 14.49 26.55
N GLY E 74 -65.75 14.64 27.85
CA GLY E 74 -66.35 13.72 28.79
C GLY E 74 -65.56 12.43 28.89
N LEU E 75 -64.23 12.52 28.81
CA LEU E 75 -63.39 11.34 28.86
C LEU E 75 -62.10 11.65 29.59
N ASP E 76 -61.62 10.68 30.36
CA ASP E 76 -60.34 10.82 31.04
C ASP E 76 -59.22 10.85 30.01
N ALA E 77 -58.00 11.17 30.48
CA ALA E 77 -56.87 11.25 29.57
C ALA E 77 -56.62 9.92 28.88
N THR E 78 -56.50 8.84 29.65
CA THR E 78 -56.15 7.55 29.07
C THR E 78 -57.20 7.06 28.07
N SER E 79 -58.49 7.20 28.43
CA SER E 79 -59.56 6.78 27.50
C SER E 79 -59.50 7.53 26.18
N THR E 80 -59.21 8.84 26.25
CA THR E 80 -59.00 9.65 25.05
C THR E 80 -58.00 9.03 24.10
N ARG E 81 -56.76 8.86 24.56
CA ARG E 81 -55.70 8.23 23.75
C ARG E 81 -56.16 6.93 23.10
N ARG E 82 -56.95 6.13 23.81
CA ARG E 82 -57.31 4.81 23.30
C ARG E 82 -58.17 4.93 22.04
N GLU E 83 -59.09 5.88 21.99
CA GLU E 83 -60.15 5.88 20.99
C GLU E 83 -59.96 6.91 19.89
N HIS E 84 -59.20 7.98 20.11
CA HIS E 84 -59.11 9.07 19.16
C HIS E 84 -57.71 9.39 18.68
N ILE E 85 -56.67 8.81 19.25
CA ILE E 85 -55.30 9.16 18.93
C ILE E 85 -54.52 7.93 18.49
N GLY E 86 -53.62 8.11 17.52
CA GLY E 86 -52.64 7.12 17.16
C GLY E 86 -51.24 7.70 17.26
N PHE E 87 -50.31 6.96 17.85
CA PHE E 87 -48.96 7.45 18.11
C PHE E 87 -47.97 6.76 17.16
N VAL E 88 -47.33 7.54 16.30
CA VAL E 88 -46.13 7.07 15.59
C VAL E 88 -44.92 7.48 16.44
N PHE E 89 -44.65 6.68 17.48
CA PHE E 89 -43.57 7.01 18.41
C PHE E 89 -42.24 7.19 17.67
N GLN E 90 -41.36 8.00 18.26
CA GLN E 90 -40.01 8.19 17.73
C GLN E 90 -39.36 6.84 17.44
N GLN E 91 -39.13 6.05 18.47
CA GLN E 91 -38.72 4.68 18.26
C GLN E 91 -39.95 3.83 17.98
N PRO E 92 -39.83 2.82 17.11
CA PRO E 92 -41.03 2.10 16.65
C PRO E 92 -41.82 1.48 17.78
N ASN E 93 -41.16 1.04 18.85
CA ASN E 93 -41.82 0.49 20.03
C ASN E 93 -42.70 -0.69 19.66
N LEU E 94 -42.09 -1.68 19.01
CA LEU E 94 -42.77 -2.92 18.70
C LEU E 94 -42.60 -3.87 19.85
N LEU E 95 -43.70 -4.50 20.26
CA LEU E 95 -43.64 -5.45 21.37
C LEU E 95 -42.85 -6.68 20.93
N GLY E 96 -41.87 -7.07 21.74
CA GLY E 96 -40.92 -8.09 21.33
C GLY E 96 -41.58 -9.37 20.87
N SER E 97 -42.48 -9.91 21.69
CA SER E 97 -43.01 -11.25 21.47
C SER E 97 -44.06 -11.32 20.36
N LEU E 98 -44.45 -10.19 19.78
CA LEU E 98 -45.50 -10.20 18.78
C LEU E 98 -44.94 -10.14 17.36
N THR E 99 -45.68 -10.73 16.43
CA THR E 99 -45.36 -10.62 15.01
C THR E 99 -45.83 -9.27 14.48
N ALA E 100 -45.39 -8.96 13.25
CA ALA E 100 -45.81 -7.71 12.61
C ALA E 100 -47.33 -7.56 12.63
N ARG E 101 -48.04 -8.65 12.34
CA ARG E 101 -49.50 -8.58 12.32
C ARG E 101 -50.06 -8.38 13.73
N GLU E 102 -49.52 -9.11 14.70
CA GLU E 102 -50.01 -8.98 16.08
C GLU E 102 -49.80 -7.58 16.63
N GLN E 103 -48.80 -6.85 16.11
CA GLN E 103 -48.58 -5.46 16.51
C GLN E 103 -49.83 -4.62 16.37
N LEU E 104 -50.59 -4.83 15.28
CA LEU E 104 -51.84 -4.12 15.09
C LEU E 104 -52.98 -4.74 15.90
N LEU E 105 -53.03 -6.07 15.95
CA LEU E 105 -54.18 -6.73 16.57
C LEU E 105 -54.32 -6.37 18.04
N ILE E 106 -53.20 -6.17 18.77
CA ILE E 106 -53.32 -5.89 20.19
C ILE E 106 -54.03 -4.55 20.42
N THR E 107 -53.83 -3.57 19.54
CA THR E 107 -54.57 -2.32 19.62
C THR E 107 -56.07 -2.57 19.57
N ASP E 108 -56.51 -3.47 18.67
CA ASP E 108 -57.90 -3.91 18.65
C ASP E 108 -58.27 -4.51 20.00
N HIS E 109 -57.44 -5.42 20.50
CA HIS E 109 -57.78 -6.15 21.72
C HIS E 109 -57.95 -5.18 22.89
N LEU E 110 -57.04 -4.21 23.01
CA LEU E 110 -57.14 -3.26 24.12
C LEU E 110 -58.32 -2.31 23.93
N ARG E 111 -58.66 -1.98 22.68
CA ARG E 111 -59.89 -1.24 22.43
C ARG E 111 -61.14 -2.10 22.59
N GLY E 112 -60.98 -3.36 22.98
CA GLY E 112 -62.09 -4.24 23.31
C GLY E 112 -62.90 -4.78 22.15
N ILE E 113 -62.27 -5.02 21.00
CA ILE E 113 -62.96 -5.54 19.83
C ILE E 113 -62.27 -6.83 19.38
N LYS E 114 -63.05 -7.71 18.76
CA LYS E 114 -62.53 -8.96 18.22
C LYS E 114 -61.44 -8.65 17.21
N PRO E 115 -60.17 -8.97 17.52
CA PRO E 115 -59.06 -8.53 16.66
C PRO E 115 -59.30 -8.89 15.21
N ARG E 116 -59.26 -7.87 14.35
CA ARG E 116 -59.62 -8.00 12.94
C ARG E 116 -58.34 -8.28 12.14
N LYS E 117 -58.23 -9.52 11.65
CA LYS E 117 -57.01 -9.94 10.97
C LYS E 117 -56.99 -9.44 9.53
N ASP E 118 -58.13 -9.43 8.85
CA ASP E 118 -58.15 -8.91 7.49
C ASP E 118 -57.80 -7.43 7.49
N ARG E 119 -58.41 -6.65 8.37
CA ARG E 119 -58.04 -5.25 8.49
C ARG E 119 -56.54 -5.12 8.77
N ALA E 120 -56.03 -5.94 9.69
CA ALA E 120 -54.62 -5.87 10.07
C ALA E 120 -53.73 -6.12 8.86
N ASP E 121 -54.05 -7.16 8.09
CA ASP E 121 -53.22 -7.50 6.94
C ASP E 121 -53.33 -6.45 5.84
N GLU E 122 -54.53 -5.89 5.63
CA GLU E 122 -54.68 -4.81 4.68
C GLU E 122 -53.82 -3.60 5.05
N LEU E 123 -53.90 -3.19 6.32
CA LEU E 123 -53.10 -2.05 6.77
C LEU E 123 -51.61 -2.29 6.54
N LEU E 124 -51.10 -3.46 6.94
CA LEU E 124 -49.70 -3.78 6.66
C LEU E 124 -49.39 -3.67 5.18
N ALA E 125 -50.33 -4.12 4.33
CA ALA E 125 -50.17 -3.98 2.89
C ALA E 125 -50.09 -2.51 2.48
N ARG E 126 -50.98 -1.68 3.05
CA ARG E 126 -51.01 -0.27 2.73
C ARG E 126 -49.66 0.38 3.03
N VAL E 127 -49.05 0.01 4.16
CA VAL E 127 -47.78 0.59 4.57
C VAL E 127 -46.64 -0.15 3.88
N GLY E 128 -46.96 -0.85 2.79
CA GLY E 128 -45.94 -1.48 1.98
C GLY E 128 -45.27 -2.69 2.59
N LEU E 129 -45.99 -3.47 3.40
CA LEU E 129 -45.44 -4.70 3.97
C LEU E 129 -46.36 -5.89 3.73
N LYS E 130 -47.13 -5.87 2.64
CA LYS E 130 -48.05 -6.96 2.33
C LYS E 130 -47.36 -8.32 2.46
N GLY E 131 -47.99 -9.22 3.21
CA GLY E 131 -47.47 -10.55 3.38
C GLY E 131 -46.50 -10.72 4.53
N LEU E 132 -46.05 -9.63 5.14
CA LEU E 132 -45.05 -9.71 6.19
C LEU E 132 -45.69 -9.86 7.57
N GLY E 133 -46.99 -10.14 7.63
CA GLY E 133 -47.69 -10.24 8.90
C GLY E 133 -47.02 -11.21 9.86
N GLY E 134 -46.40 -12.26 9.34
CA GLY E 134 -45.78 -13.27 10.17
C GLY E 134 -44.37 -12.98 10.61
N ARG E 135 -43.76 -11.93 10.08
CA ARG E 135 -42.42 -11.55 10.51
C ARG E 135 -42.38 -11.29 12.01
N ARG E 136 -41.26 -11.62 12.63
CA ARG E 136 -41.01 -11.21 14.00
C ARG E 136 -40.24 -9.89 14.00
N VAL E 137 -40.12 -9.27 15.17
CA VAL E 137 -39.45 -7.98 15.25
C VAL E 137 -37.99 -8.14 14.83
N ALA E 138 -37.39 -9.28 15.14
CA ALA E 138 -36.01 -9.57 14.73
C ALA E 138 -35.89 -9.77 13.23
N GLN E 139 -37.00 -9.97 12.51
CA GLN E 139 -37.00 -10.11 11.06
C GLN E 139 -37.52 -8.86 10.37
N LEU E 140 -37.48 -7.71 11.04
CA LEU E 140 -37.91 -6.45 10.45
C LEU E 140 -36.77 -5.45 10.49
N SER E 141 -36.55 -4.76 9.38
CA SER E 141 -35.50 -3.76 9.28
C SER E 141 -35.97 -2.43 9.87
N GLY E 142 -35.03 -1.52 10.08
CA GLY E 142 -35.36 -0.26 10.73
C GLY E 142 -36.52 0.44 10.05
N GLY E 143 -36.46 0.55 8.72
CA GLY E 143 -37.58 1.09 7.98
C GLY E 143 -38.85 0.28 8.13
N GLN E 144 -38.72 -1.05 8.07
CA GLN E 144 -39.88 -1.92 8.24
C GLN E 144 -40.54 -1.72 9.60
N ARG E 145 -39.75 -1.63 10.67
CA ARG E 145 -40.34 -1.47 12.00
C ARG E 145 -41.08 -0.14 12.09
N GLN E 146 -40.52 0.91 11.50
CA GLN E 146 -41.19 2.21 11.53
C GLN E 146 -42.46 2.17 10.71
N ARG E 147 -42.43 1.47 9.58
CA ARG E 147 -43.64 1.26 8.79
C ARG E 147 -44.70 0.52 9.61
N VAL E 148 -44.31 -0.55 10.31
CA VAL E 148 -45.26 -1.27 11.15
C VAL E 148 -45.88 -0.33 12.18
N ASN E 149 -45.05 0.53 12.79
CA ASN E 149 -45.55 1.50 13.77
C ASN E 149 -46.63 2.39 13.17
N ILE E 150 -46.44 2.84 11.93
CA ILE E 150 -47.47 3.63 11.26
C ILE E 150 -48.74 2.81 11.12
N ALA E 151 -48.62 1.58 10.59
CA ALA E 151 -49.77 0.70 10.44
C ALA E 151 -50.48 0.42 11.76
N ARG E 152 -49.76 0.54 12.88
CA ARG E 152 -50.37 0.31 14.18
C ARG E 152 -51.14 1.52 14.70
N ALA E 153 -50.83 2.71 14.17
CA ALA E 153 -51.55 3.90 14.59
C ALA E 153 -52.86 4.05 13.85
N LEU E 154 -53.03 3.35 12.74
CA LEU E 154 -54.24 3.42 11.94
C LEU E 154 -55.16 2.22 12.19
N MET E 155 -54.84 1.39 13.18
CA MET E 155 -55.67 0.20 13.43
C MET E 155 -57.00 0.57 14.04
N GLY E 156 -57.04 1.63 14.84
CA GLY E 156 -58.23 2.08 15.51
C GLY E 156 -59.01 3.16 14.80
N ASN E 157 -58.56 3.58 13.62
CA ASN E 157 -59.19 4.66 12.87
C ASN E 157 -59.32 5.91 13.74
N PRO E 158 -58.21 6.45 14.24
CA PRO E 158 -58.27 7.65 15.07
C PRO E 158 -58.51 8.91 14.26
N GLN E 159 -58.90 9.96 14.97
CA GLN E 159 -59.07 11.27 14.36
C GLN E 159 -57.86 12.17 14.52
N LEU E 160 -56.77 11.66 15.08
CA LEU E 160 -55.59 12.47 15.33
C LEU E 160 -54.36 11.57 15.32
N LEU E 161 -53.39 11.88 14.46
CA LEU E 161 -52.16 11.13 14.36
C LEU E 161 -51.00 11.99 14.84
N LEU E 162 -50.19 11.45 15.76
CA LEU E 162 -49.03 12.14 16.31
C LEU E 162 -47.76 11.40 15.92
N ALA E 163 -46.87 12.07 15.22
CA ALA E 163 -45.57 11.53 14.83
C ALA E 163 -44.45 12.34 15.46
N ASP E 164 -43.64 11.69 16.29
CA ASP E 164 -42.56 12.35 17.04
C ASP E 164 -41.26 11.96 16.35
N GLU E 165 -40.84 12.77 15.38
CA GLU E 165 -39.57 12.60 14.68
C GLU E 165 -39.39 11.13 14.26
N PRO E 166 -40.30 10.58 13.46
CA PRO E 166 -40.15 9.16 13.08
C PRO E 166 -39.07 8.90 12.05
N THR E 167 -38.44 9.94 11.50
CA THR E 167 -37.39 9.77 10.50
C THR E 167 -36.04 10.25 10.99
N SER E 168 -35.84 10.25 12.32
CA SER E 168 -34.60 10.74 12.89
C SER E 168 -33.45 9.74 12.77
N ALA E 169 -33.74 8.46 12.65
CA ALA E 169 -32.72 7.43 12.45
C ALA E 169 -32.87 6.73 11.11
N LEU E 170 -33.33 7.45 10.10
CA LEU E 170 -33.56 6.89 8.76
C LEU E 170 -32.91 7.80 7.72
N ASP E 171 -32.25 7.17 6.74
CA ASP E 171 -31.53 7.91 5.72
C ASP E 171 -32.49 8.71 4.84
N ALA E 172 -31.94 9.44 3.88
CA ALA E 172 -32.73 10.42 3.14
C ALA E 172 -33.81 9.75 2.29
N ARG E 173 -33.43 8.72 1.52
CA ARG E 173 -34.40 8.03 0.67
C ARG E 173 -35.52 7.41 1.50
N LEU E 174 -35.16 6.68 2.56
CA LEU E 174 -36.16 5.96 3.34
C LEU E 174 -37.08 6.94 4.06
N SER E 175 -36.54 8.06 4.52
CA SER E 175 -37.33 9.04 5.26
C SER E 175 -38.21 9.85 4.33
N LYS E 176 -37.78 10.07 3.09
CA LYS E 176 -38.66 10.62 2.08
C LYS E 176 -39.88 9.72 1.89
N GLU E 177 -39.65 8.41 1.73
CA GLU E 177 -40.75 7.46 1.56
C GLU E 177 -41.70 7.50 2.74
N ILE E 178 -41.17 7.61 3.96
CA ILE E 178 -42.00 7.58 5.16
C ILE E 178 -42.88 8.82 5.27
N VAL E 179 -42.33 10.00 4.93
CA VAL E 179 -43.13 11.22 5.05
C VAL E 179 -44.20 11.28 3.97
N GLU E 180 -43.90 10.81 2.76
CA GLU E 180 -44.97 10.63 1.77
C GLU E 180 -46.07 9.75 2.34
N LEU E 181 -45.68 8.64 2.96
CA LEU E 181 -46.65 7.73 3.57
C LEU E 181 -47.55 8.47 4.55
N LEU E 182 -46.94 9.22 5.47
CA LEU E 182 -47.71 9.93 6.48
C LEU E 182 -48.66 10.95 5.84
N ARG E 183 -48.15 11.75 4.91
CA ARG E 183 -49.00 12.73 4.23
C ARG E 183 -50.12 12.03 3.48
N ASP E 184 -49.78 11.00 2.70
CA ASP E 184 -50.78 10.31 1.88
C ASP E 184 -51.85 9.67 2.75
N VAL E 185 -51.45 9.13 3.90
CA VAL E 185 -52.41 8.50 4.79
C VAL E 185 -53.27 9.56 5.47
N THR E 186 -52.64 10.65 5.91
CA THR E 186 -53.38 11.79 6.45
C THR E 186 -54.44 12.26 5.47
N LYS E 187 -54.09 12.31 4.18
CA LYS E 187 -55.03 12.80 3.17
C LYS E 187 -56.11 11.75 2.89
N GLU E 188 -55.72 10.48 2.80
CA GLU E 188 -56.67 9.44 2.41
C GLU E 188 -57.79 9.28 3.44
N PHE E 189 -57.43 9.30 4.73
CA PHE E 189 -58.38 8.99 5.79
C PHE E 189 -58.84 10.23 6.55
N ALA E 190 -58.59 11.42 6.01
CA ALA E 190 -59.05 12.68 6.62
C ALA E 190 -58.61 12.78 8.08
N LEU E 191 -57.37 12.42 8.35
CA LEU E 191 -56.81 12.52 9.69
C LEU E 191 -56.18 13.89 9.90
N ALA E 192 -56.08 14.28 11.17
CA ALA E 192 -55.31 15.44 11.57
C ALA E 192 -53.98 14.96 12.15
N THR E 193 -52.88 15.54 11.67
CA THR E 193 -51.55 15.01 11.98
C THR E 193 -50.62 16.12 12.42
N LEU E 194 -50.09 16.00 13.64
CA LEU E 194 -48.90 16.72 14.06
C LEU E 194 -47.66 15.88 13.78
N MET E 195 -46.62 16.51 13.24
CA MET E 195 -45.35 15.84 13.01
C MET E 195 -44.21 16.68 13.57
N VAL E 196 -43.65 16.25 14.70
CA VAL E 196 -42.42 16.84 15.20
C VAL E 196 -41.28 16.46 14.25
N THR E 197 -40.38 17.41 13.99
CA THR E 197 -39.26 17.14 13.08
C THR E 197 -38.15 18.17 13.24
N HIS E 198 -36.90 17.71 13.34
CA HIS E 198 -35.75 18.59 13.16
C HIS E 198 -35.35 18.74 11.70
N ASP E 199 -35.71 17.79 10.85
CA ASP E 199 -35.35 17.77 9.44
C ASP E 199 -36.27 18.70 8.67
N ARG E 200 -35.85 19.95 8.49
CA ARG E 200 -36.65 20.93 7.74
C ARG E 200 -36.89 20.52 6.29
N SER E 201 -36.18 19.51 5.77
CA SER E 201 -36.42 19.08 4.40
C SER E 201 -37.81 18.48 4.21
N GLN E 202 -38.52 18.19 5.31
CA GLN E 202 -39.81 17.54 5.27
C GLN E 202 -40.97 18.51 5.41
N LEU E 203 -40.69 19.81 5.62
CA LEU E 203 -41.77 20.79 5.67
C LEU E 203 -42.52 20.86 4.35
N ALA E 204 -41.89 20.41 3.26
CA ALA E 204 -42.52 20.39 1.95
C ALA E 204 -43.83 19.61 1.97
N TYR E 205 -43.89 18.56 2.77
CA TYR E 205 -45.06 17.69 2.86
C TYR E 205 -46.10 18.20 3.84
N ALA E 206 -45.85 19.33 4.48
CA ALA E 206 -46.71 19.84 5.54
C ALA E 206 -47.51 21.04 5.04
N ASP E 207 -48.75 21.15 5.50
CA ASP E 207 -49.62 22.24 5.06
C ASP E 207 -49.33 23.51 5.85
N ARG E 208 -49.01 23.39 7.14
CA ARG E 208 -48.57 24.52 7.94
C ARG E 208 -47.46 24.04 8.87
N PHE E 209 -46.76 24.98 9.49
CA PHE E 209 -45.72 24.61 10.44
C PHE E 209 -45.64 25.62 11.57
N VAL E 210 -45.54 25.13 12.80
CA VAL E 210 -45.22 25.96 13.96
C VAL E 210 -43.74 25.78 14.27
N GLU E 211 -42.96 26.85 14.16
CA GLU E 211 -41.59 26.84 14.67
C GLU E 211 -41.60 27.35 16.11
N MET E 212 -40.73 26.78 16.94
CA MET E 212 -40.77 27.06 18.37
C MET E 212 -39.37 27.35 18.90
N ALA E 213 -39.33 28.15 19.97
CA ALA E 213 -38.09 28.57 20.61
C ALA E 213 -38.36 28.87 22.07
N ASP E 214 -37.55 28.30 22.96
CA ASP E 214 -37.61 28.59 24.39
C ASP E 214 -39.01 28.38 24.96
N GLY E 215 -39.70 27.34 24.46
CA GLY E 215 -41.03 27.02 24.91
C GLY E 215 -42.08 28.03 24.52
N LYS E 216 -42.07 28.45 23.26
CA LYS E 216 -43.01 29.45 22.77
C LYS E 216 -43.16 29.30 21.26
N ALA E 217 -44.42 29.30 20.80
CA ALA E 217 -44.66 29.29 19.37
C ALA E 217 -44.09 30.58 18.80
N LEU E 218 -43.21 30.45 17.79
CA LEU E 218 -42.56 31.62 17.22
C LEU E 218 -43.35 32.24 16.09
N GLN E 219 -43.78 31.43 15.12
CA GLN E 219 -44.72 31.88 14.12
C GLN E 219 -45.30 30.67 13.39
N THR E 220 -46.58 30.73 13.09
CA THR E 220 -47.30 29.66 12.41
C THR E 220 -47.53 30.08 10.96
N ALA E 221 -46.82 29.45 10.04
CA ALA E 221 -46.95 29.77 8.62
C ALA E 221 -47.69 28.67 7.88
N MET F 1 -54.63 -9.60 28.26
CA MET F 1 -54.19 -10.99 28.39
C MET F 1 -53.57 -11.42 27.05
N PHE F 2 -53.72 -10.55 26.06
CA PHE F 2 -53.17 -10.80 24.73
C PHE F 2 -51.65 -10.87 24.76
N LEU F 3 -51.00 -9.80 25.23
CA LEU F 3 -49.55 -9.78 25.33
C LEU F 3 -49.02 -10.80 26.33
N GLY F 4 -49.69 -10.95 27.48
CA GLY F 4 -49.19 -11.86 28.50
C GLY F 4 -49.03 -13.30 28.03
N ILE F 5 -50.02 -13.80 27.29
CA ILE F 5 -49.99 -15.20 26.85
C ILE F 5 -48.87 -15.42 25.85
N ARG F 6 -48.62 -14.43 24.99
CA ARG F 6 -47.59 -14.55 23.96
C ARG F 6 -46.19 -14.25 24.47
N ASP F 7 -46.06 -13.47 25.55
CA ASP F 7 -44.80 -13.41 26.27
C ASP F 7 -44.37 -14.80 26.75
N ILE F 8 -45.35 -15.61 27.20
CA ILE F 8 -45.06 -16.96 27.67
C ILE F 8 -44.61 -17.83 26.50
N ARG F 9 -45.33 -17.78 25.39
CA ARG F 9 -44.94 -18.53 24.21
C ARG F 9 -43.52 -18.16 23.76
N ALA F 10 -43.24 -16.86 23.65
CA ALA F 10 -41.97 -16.42 23.09
C ALA F 10 -40.82 -16.49 24.11
N ALA F 11 -41.13 -16.65 25.40
CA ALA F 11 -40.12 -16.79 26.45
C ALA F 11 -40.51 -17.96 27.36
N ALA F 12 -40.46 -19.18 26.81
CA ALA F 12 -40.86 -20.34 27.61
C ALA F 12 -39.77 -20.76 28.59
N GLY F 13 -38.53 -20.35 28.39
CA GLY F 13 -37.46 -20.75 29.28
C GLY F 13 -37.60 -20.26 30.70
N ARG F 14 -37.66 -18.93 30.89
CA ARG F 14 -37.72 -18.38 32.24
C ARG F 14 -38.99 -18.80 32.97
N PHE F 15 -40.12 -18.86 32.25
CA PHE F 15 -41.39 -19.26 32.87
C PHE F 15 -41.39 -20.73 33.28
N ALA F 16 -40.72 -21.59 32.50
CA ALA F 16 -40.57 -22.99 32.88
C ALA F 16 -39.80 -23.13 34.18
N LEU F 17 -38.73 -22.34 34.32
CA LEU F 17 -37.90 -22.37 35.52
C LEU F 17 -38.72 -22.01 36.76
N ILE F 18 -39.46 -20.90 36.71
CA ILE F 18 -40.21 -20.46 37.89
C ILE F 18 -41.37 -21.40 38.19
N ALA F 19 -42.08 -21.85 37.15
CA ALA F 19 -43.17 -22.80 37.36
C ALA F 19 -42.70 -24.11 37.98
N SER F 20 -41.47 -24.54 37.65
CA SER F 20 -40.92 -25.71 38.32
C SER F 20 -40.72 -25.45 39.81
N VAL F 21 -40.25 -24.26 40.17
CA VAL F 21 -40.09 -23.93 41.58
C VAL F 21 -41.43 -24.00 42.29
N VAL F 22 -42.46 -23.40 41.69
CA VAL F 22 -43.81 -23.50 42.25
C VAL F 22 -44.27 -24.95 42.25
N GLY F 23 -43.91 -25.70 41.19
CA GLY F 23 -44.30 -27.10 41.13
C GLY F 23 -43.65 -27.96 42.20
N LEU F 24 -42.36 -27.74 42.47
CA LEU F 24 -41.72 -28.48 43.55
C LEU F 24 -42.36 -28.16 44.90
N ILE F 25 -42.60 -26.87 45.17
CA ILE F 25 -43.18 -26.48 46.45
C ILE F 25 -44.56 -27.09 46.62
N THR F 26 -45.36 -27.09 45.54
CA THR F 26 -46.67 -27.73 45.63
C THR F 26 -46.52 -29.24 45.79
N LEU F 27 -45.57 -29.84 45.08
CA LEU F 27 -45.31 -31.28 45.22
C LEU F 27 -44.99 -31.64 46.66
N LEU F 28 -44.06 -30.91 47.27
CA LEU F 28 -43.72 -31.16 48.67
C LEU F 28 -44.95 -31.04 49.56
N ILE F 29 -45.77 -30.01 49.31
CA ILE F 29 -46.95 -29.78 50.14
C ILE F 29 -47.97 -30.89 49.97
N VAL F 30 -48.17 -31.37 48.73
CA VAL F 30 -49.17 -32.42 48.51
C VAL F 30 -48.80 -33.70 49.24
N MET F 31 -47.53 -34.11 49.18
CA MET F 31 -47.13 -35.30 49.91
C MET F 31 -47.03 -35.04 51.40
N LEU F 32 -46.59 -33.84 51.79
CA LEU F 32 -46.61 -33.49 53.21
C LEU F 32 -48.03 -33.51 53.74
N THR F 33 -48.99 -33.00 52.97
CA THR F 33 -50.39 -33.07 53.37
C THR F 33 -50.82 -34.53 53.50
N GLY F 34 -50.53 -35.33 52.47
CA GLY F 34 -50.91 -36.73 52.51
C GLY F 34 -50.26 -37.48 53.66
N LEU F 35 -49.02 -37.11 54.00
CA LEU F 35 -48.31 -37.81 55.07
C LEU F 35 -48.88 -37.48 56.44
N THR F 36 -49.29 -36.22 56.67
CA THR F 36 -49.85 -35.88 57.97
C THR F 36 -51.22 -36.51 58.15
N GLN F 37 -52.00 -36.57 57.08
CA GLN F 37 -53.27 -37.28 57.15
C GLN F 37 -53.05 -38.77 57.34
N GLY F 38 -52.00 -39.32 56.72
CA GLY F 38 -51.69 -40.73 56.92
C GLY F 38 -51.31 -41.04 58.36
N LEU F 39 -50.47 -40.18 58.95
CA LEU F 39 -50.07 -40.38 60.35
C LEU F 39 -51.25 -40.21 61.30
N GLY F 40 -52.19 -39.32 60.97
CA GLY F 40 -53.36 -39.15 61.82
C GLY F 40 -54.19 -40.41 61.92
N LYS F 41 -54.34 -41.13 60.80
CA LYS F 41 -55.04 -42.41 60.88
C LYS F 41 -54.20 -43.46 61.59
N GLN F 42 -52.87 -43.36 61.53
CA GLN F 42 -52.03 -44.24 62.31
C GLN F 42 -52.26 -44.07 63.81
N ASN F 43 -52.64 -42.87 64.24
CA ASN F 43 -52.93 -42.64 65.65
C ASN F 43 -54.40 -42.79 66.01
N THR F 44 -55.32 -42.52 65.07
CA THR F 44 -56.72 -42.35 65.44
C THR F 44 -57.69 -43.31 64.76
N SER F 45 -57.24 -44.12 63.80
CA SER F 45 -58.18 -44.82 62.94
C SER F 45 -59.12 -45.70 63.75
N ALA F 46 -58.63 -46.29 64.85
CA ALA F 46 -59.46 -47.17 65.66
C ALA F 46 -60.57 -46.40 66.36
N ILE F 47 -60.21 -45.34 67.09
CA ILE F 47 -61.21 -44.57 67.83
C ILE F 47 -62.21 -43.94 66.86
N GLU F 48 -61.74 -43.40 65.74
CA GLU F 48 -62.67 -42.84 64.75
C GLU F 48 -63.67 -43.88 64.30
N ALA F 49 -63.20 -45.11 64.01
CA ALA F 49 -64.10 -46.18 63.62
C ALA F 49 -65.20 -46.39 64.66
N LEU F 50 -64.82 -46.39 65.95
CA LEU F 50 -65.82 -46.58 67.00
C LEU F 50 -66.79 -45.41 67.09
N ALA F 51 -66.41 -44.23 66.57
CA ALA F 51 -67.29 -43.07 66.47
C ALA F 51 -68.06 -42.72 67.74
N PRO F 52 -67.36 -42.38 68.83
CA PRO F 52 -68.07 -41.91 70.02
C PRO F 52 -68.43 -40.43 69.94
N HIS F 53 -69.48 -40.07 70.67
CA HIS F 53 -69.89 -38.66 70.75
C HIS F 53 -69.00 -37.94 71.75
N SER F 54 -69.04 -38.36 73.01
CA SER F 54 -68.09 -37.88 74.01
C SER F 54 -67.35 -39.08 74.58
N VAL F 55 -66.22 -38.81 75.24
CA VAL F 55 -65.38 -39.83 75.83
C VAL F 55 -64.88 -39.33 77.18
N VAL F 56 -65.15 -40.09 78.25
CA VAL F 56 -64.84 -39.69 79.62
C VAL F 56 -63.49 -40.24 80.04
N PHE F 57 -62.64 -39.36 80.57
CA PHE F 57 -61.29 -39.67 81.03
C PHE F 57 -61.22 -39.62 82.56
N THR F 58 -60.04 -39.96 83.06
CA THR F 58 -59.65 -39.85 84.46
C THR F 58 -58.29 -39.18 84.49
N THR F 59 -58.13 -38.18 85.36
CA THR F 59 -56.94 -37.36 85.31
C THR F 59 -56.22 -37.37 86.65
N ALA F 60 -55.10 -36.66 86.70
CA ALA F 60 -54.36 -36.47 87.94
C ALA F 60 -53.86 -35.04 88.06
N GLY F 61 -54.09 -34.43 89.23
CA GLY F 61 -53.68 -33.06 89.45
C GLY F 61 -54.32 -32.10 88.47
N GLY F 62 -55.51 -32.41 87.99
CA GLY F 62 -56.19 -31.57 87.00
C GLY F 62 -55.34 -31.32 85.78
N SER F 63 -54.42 -32.24 85.46
CA SER F 63 -53.56 -32.12 84.30
C SER F 63 -54.31 -32.52 83.03
N SER F 64 -53.64 -32.36 81.89
CA SER F 64 -54.25 -32.75 80.63
C SER F 64 -54.48 -34.26 80.61
N PRO F 65 -55.62 -34.73 80.11
CA PRO F 65 -55.84 -36.17 80.01
C PRO F 65 -54.86 -36.82 79.06
N GLU F 66 -54.47 -38.05 79.39
CA GLU F 66 -53.56 -38.84 78.57
C GLU F 66 -54.08 -40.27 78.50
N PHE F 67 -54.16 -40.82 77.29
CA PHE F 67 -54.53 -42.21 77.10
C PHE F 67 -53.56 -43.15 77.80
N THR F 68 -52.34 -42.69 78.04
CA THR F 68 -51.30 -43.48 78.69
C THR F 68 -51.47 -43.53 80.19
N SER F 69 -52.41 -42.74 80.75
CA SER F 69 -52.50 -42.57 82.19
C SER F 69 -53.91 -42.63 82.76
N SER F 70 -54.93 -42.85 81.95
CA SER F 70 -56.30 -42.82 82.43
C SER F 70 -56.82 -44.23 82.66
N GLU F 71 -57.58 -44.42 83.74
CA GLU F 71 -58.30 -45.65 83.97
C GLU F 71 -59.66 -45.32 84.56
N ILE F 72 -60.64 -46.15 84.22
CA ILE F 72 -62.03 -46.00 84.68
C ILE F 72 -62.31 -47.16 85.62
N SER F 73 -62.71 -46.84 86.86
CA SER F 73 -63.04 -47.84 87.85
C SER F 73 -64.39 -48.47 87.55
N GLU F 74 -64.64 -49.61 88.21
CA GLU F 74 -65.88 -50.34 88.00
C GLU F 74 -67.09 -49.46 88.30
N GLN F 75 -67.09 -48.81 89.47
CA GLN F 75 -68.19 -47.92 89.81
C GLN F 75 -68.23 -46.70 88.90
N GLN F 76 -67.06 -46.24 88.45
CA GLN F 76 -66.99 -45.10 87.53
C GLN F 76 -67.82 -45.36 86.28
N ALA F 77 -67.74 -46.58 85.74
CA ALA F 77 -68.50 -46.90 84.54
C ALA F 77 -69.99 -47.01 84.84
N GLU F 78 -70.35 -47.48 86.04
CA GLU F 78 -71.77 -47.60 86.38
C GLU F 78 -72.40 -46.24 86.59
N ARG F 79 -71.62 -45.25 87.02
CA ARG F 79 -72.15 -43.90 87.22
C ARG F 79 -72.74 -43.37 85.91
N TRP F 80 -71.85 -43.14 84.93
CA TRP F 80 -72.24 -42.64 83.62
C TRP F 80 -73.18 -43.58 82.88
N LYS F 81 -74.45 -43.19 82.76
CA LYS F 81 -75.41 -44.04 82.10
C LYS F 81 -75.13 -44.05 80.60
N ASP F 82 -75.47 -45.17 79.96
CA ASP F 82 -75.28 -45.36 78.52
C ASP F 82 -73.84 -45.08 78.12
N SER F 83 -72.92 -45.77 78.77
CA SER F 83 -71.50 -45.60 78.54
C SER F 83 -70.85 -46.96 78.37
N THR F 84 -69.82 -47.00 77.54
CA THR F 84 -69.09 -48.24 77.29
C THR F 84 -67.64 -48.08 77.73
N PRO F 85 -67.13 -48.97 78.57
CA PRO F 85 -65.71 -48.84 78.96
C PRO F 85 -64.81 -49.37 77.86
N LEU F 86 -63.81 -48.58 77.50
CA LEU F 86 -62.81 -48.97 76.51
C LEU F 86 -61.46 -49.03 77.21
N GLY F 87 -60.80 -50.18 77.16
CA GLY F 87 -59.45 -50.31 77.66
C GLY F 87 -58.46 -50.28 76.51
N VAL F 88 -57.46 -49.41 76.63
CA VAL F 88 -56.47 -49.20 75.59
C VAL F 88 -55.09 -49.39 76.21
N SER F 89 -54.33 -50.34 75.68
CA SER F 89 -52.97 -50.58 76.14
C SER F 89 -52.11 -50.93 74.94
N GLN F 90 -50.80 -50.74 75.10
CA GLN F 90 -49.81 -51.22 74.16
C GLN F 90 -48.91 -52.18 74.91
N THR F 91 -48.75 -53.38 74.36
CA THR F 91 -47.99 -54.42 75.04
C THR F 91 -47.48 -55.41 73.99
N ARG F 92 -46.69 -56.37 74.45
CA ARG F 92 -46.07 -57.34 73.59
C ARG F 92 -47.03 -58.48 73.31
N ILE F 93 -47.19 -58.83 72.02
CA ILE F 93 -47.94 -60.00 71.61
C ILE F 93 -46.91 -61.02 71.12
N GLU F 94 -47.07 -62.27 71.54
CA GLU F 94 -46.12 -63.32 71.22
C GLU F 94 -46.85 -64.58 70.78
N SER F 95 -46.47 -65.09 69.61
CA SER F 95 -46.97 -66.35 69.09
C SER F 95 -45.89 -67.41 69.23
N ASP F 96 -46.26 -68.66 68.91
CA ASP F 96 -45.33 -69.77 69.02
C ASP F 96 -44.08 -69.57 68.17
N GLN F 97 -44.14 -68.75 67.11
CA GLN F 97 -43.01 -68.62 66.21
C GLN F 97 -42.43 -67.21 66.14
N ASN F 98 -43.16 -66.19 66.57
CA ASN F 98 -42.67 -64.81 66.42
C ASN F 98 -43.34 -63.93 67.46
N ALA F 99 -42.97 -62.64 67.46
CA ALA F 99 -43.54 -61.68 68.39
C ALA F 99 -43.33 -60.26 67.88
N ASN F 100 -44.03 -59.33 68.54
CA ASN F 100 -44.02 -57.90 68.24
C ASN F 100 -44.85 -57.22 69.31
N THR F 101 -44.84 -55.88 69.30
CA THR F 101 -45.69 -55.09 70.17
C THR F 101 -46.91 -54.61 69.39
N THR F 102 -48.05 -54.60 70.05
CA THR F 102 -49.29 -54.18 69.42
C THR F 102 -50.16 -53.48 70.44
N ALA F 103 -51.11 -52.68 69.94
CA ALA F 103 -52.11 -52.07 70.79
C ALA F 103 -53.27 -53.03 70.97
N VAL F 104 -53.81 -53.07 72.17
CA VAL F 104 -54.95 -53.90 72.51
C VAL F 104 -56.06 -52.99 73.00
N MET F 105 -57.22 -53.07 72.34
CA MET F 105 -58.40 -52.38 72.81
C MET F 105 -59.42 -53.38 73.33
N GLY F 106 -60.00 -53.08 74.48
CA GLY F 106 -60.94 -53.96 75.13
C GLY F 106 -62.29 -53.30 75.34
N LEU F 107 -63.36 -54.00 75.00
CA LEU F 107 -64.71 -53.53 75.20
C LEU F 107 -65.52 -54.65 75.84
N PRO F 108 -66.68 -54.35 76.42
CA PRO F 108 -67.48 -55.42 77.04
C PRO F 108 -67.94 -56.42 76.00
N GLU F 109 -67.94 -57.68 76.39
CA GLU F 109 -68.20 -58.77 75.46
C GLU F 109 -69.57 -58.65 74.80
N GLY F 110 -69.60 -58.96 73.50
CA GLY F 110 -70.76 -58.86 72.64
C GLY F 110 -71.03 -57.50 72.02
N THR F 111 -70.32 -56.45 72.42
CA THR F 111 -70.55 -55.14 71.80
C THR F 111 -70.16 -55.20 70.32
N PRO F 112 -71.04 -54.78 69.41
CA PRO F 112 -70.71 -54.83 67.98
C PRO F 112 -69.56 -53.89 67.62
N LEU F 113 -68.61 -54.42 66.85
CA LEU F 113 -67.49 -53.61 66.41
C LEU F 113 -67.85 -52.81 65.16
N PRO F 114 -67.23 -51.65 64.95
CA PRO F 114 -67.54 -50.84 63.76
C PRO F 114 -67.30 -51.62 62.46
N ASP F 115 -68.12 -51.29 61.45
CA ASP F 115 -68.03 -51.97 60.16
C ASP F 115 -66.61 -51.94 59.61
N SER F 116 -65.83 -50.93 60.00
CA SER F 116 -64.40 -50.90 59.70
C SER F 116 -63.73 -52.21 60.13
N VAL F 117 -64.13 -52.76 61.26
CA VAL F 117 -63.54 -53.98 61.79
C VAL F 117 -64.50 -55.17 61.68
N GLY F 118 -65.81 -54.93 61.75
CA GLY F 118 -66.83 -55.95 61.64
C GLY F 118 -66.82 -57.02 62.71
N GLY F 119 -67.76 -57.96 62.61
CA GLY F 119 -67.90 -58.95 63.65
C GLY F 119 -68.41 -58.32 64.95
N PHE F 120 -68.23 -59.06 66.03
CA PHE F 120 -68.61 -58.62 67.36
C PHE F 120 -67.49 -58.99 68.32
N ILE F 121 -67.30 -58.17 69.35
CA ILE F 121 -66.40 -58.51 70.44
C ILE F 121 -66.76 -59.88 70.98
N GLU F 122 -65.86 -60.85 70.84
CA GLU F 122 -66.09 -62.17 71.39
C GLU F 122 -65.06 -62.46 72.47
N GLN F 123 -65.38 -63.44 73.31
CA GLN F 123 -64.48 -63.85 74.39
C GLN F 123 -63.11 -64.21 73.83
N GLY F 124 -62.07 -63.59 74.39
CA GLY F 124 -60.72 -63.80 73.88
C GLY F 124 -60.23 -62.64 73.04
N ALA F 125 -59.35 -62.92 72.09
CA ALA F 125 -58.72 -61.88 71.28
C ALA F 125 -59.05 -62.07 69.81
N LEU F 126 -59.49 -60.99 69.17
CA LEU F 126 -59.68 -60.94 67.72
C LEU F 126 -58.49 -60.27 67.08
N LEU F 127 -57.76 -61.01 66.24
CA LEU F 127 -56.54 -60.44 65.71
C LEU F 127 -56.81 -59.83 64.33
N PRO F 128 -56.14 -58.73 63.99
CA PRO F 128 -56.12 -58.31 62.58
C PRO F 128 -55.48 -59.37 61.71
N ALA F 129 -56.06 -59.58 60.52
CA ALA F 129 -55.61 -60.65 59.65
C ALA F 129 -54.13 -60.52 59.34
N GLU F 130 -53.64 -59.30 59.16
CA GLU F 130 -52.23 -59.10 58.84
C GLU F 130 -51.35 -59.49 60.01
N LEU F 131 -51.78 -59.18 61.24
CA LEU F 131 -51.03 -59.59 62.42
C LEU F 131 -51.07 -61.09 62.61
N ALA F 132 -52.23 -61.70 62.39
CA ALA F 132 -52.34 -63.16 62.50
C ALA F 132 -51.46 -63.85 61.47
N ASP F 133 -51.38 -63.29 60.25
CA ASP F 133 -50.48 -63.87 59.25
C ASP F 133 -49.03 -63.74 59.71
N PHE F 134 -48.66 -62.59 60.28
CA PHE F 134 -47.31 -62.40 60.79
C PHE F 134 -46.98 -63.44 61.85
N LEU F 135 -47.90 -63.66 62.79
CA LEU F 135 -47.72 -64.59 63.89
C LEU F 135 -47.97 -66.05 63.50
N HIS F 136 -48.60 -66.32 62.36
CA HIS F 136 -48.89 -67.67 61.90
C HIS F 136 -49.79 -68.38 62.91
N VAL F 137 -50.94 -67.76 63.17
CA VAL F 137 -51.94 -68.28 64.10
C VAL F 137 -53.32 -68.12 63.47
N ARG F 138 -54.18 -69.10 63.71
CA ARG F 138 -55.53 -69.05 63.18
C ARG F 138 -56.52 -68.98 64.32
N ALA F 139 -57.80 -69.26 64.05
CA ALA F 139 -58.81 -69.24 65.11
C ALA F 139 -58.62 -70.44 66.02
N GLY F 140 -58.61 -70.20 67.33
CA GLY F 140 -58.45 -71.29 68.27
C GLY F 140 -57.04 -71.57 68.74
N ASP F 141 -56.05 -70.86 68.21
CA ASP F 141 -54.66 -71.04 68.62
C ASP F 141 -54.38 -70.16 69.83
N HIS F 142 -53.43 -70.61 70.64
CA HIS F 142 -53.08 -69.86 71.84
C HIS F 142 -51.93 -68.91 71.53
N ILE F 143 -52.05 -67.69 72.07
CA ILE F 143 -51.04 -66.65 71.92
C ILE F 143 -50.84 -65.98 73.27
N THR F 144 -49.62 -65.50 73.51
CA THR F 144 -49.29 -64.82 74.75
C THR F 144 -49.45 -63.33 74.52
N LEU F 145 -50.38 -62.71 75.23
CA LEU F 145 -50.70 -61.30 75.07
C LEU F 145 -50.34 -60.60 76.37
N GLY F 146 -49.29 -59.79 76.33
CA GLY F 146 -48.85 -59.05 77.51
C GLY F 146 -48.54 -59.94 78.70
N GLY F 147 -47.97 -61.11 78.45
CA GLY F 147 -47.64 -62.04 79.50
C GLY F 147 -48.76 -62.97 79.92
N ALA F 148 -49.87 -62.98 79.19
CA ALA F 148 -51.01 -63.83 79.51
C ALA F 148 -51.40 -64.64 78.29
N THR F 149 -51.85 -65.87 78.53
CA THR F 149 -52.24 -66.78 77.45
C THR F 149 -53.70 -66.57 77.11
N VAL F 150 -53.99 -66.38 75.82
CA VAL F 150 -55.33 -66.04 75.36
C VAL F 150 -55.56 -66.81 74.05
N THR F 151 -56.81 -67.18 73.81
CA THR F 151 -57.17 -67.89 72.60
C THR F 151 -57.60 -66.92 71.51
N VAL F 152 -57.11 -67.16 70.29
CA VAL F 152 -57.48 -66.35 69.14
C VAL F 152 -58.91 -66.73 68.75
N ALA F 153 -59.84 -65.78 68.90
CA ALA F 153 -61.24 -66.05 68.56
C ALA F 153 -61.49 -65.95 67.07
N GLY F 154 -60.68 -65.19 66.36
CA GLY F 154 -60.90 -65.00 64.94
C GLY F 154 -60.14 -63.79 64.44
N THR F 155 -60.20 -63.60 63.13
CA THR F 155 -59.52 -62.50 62.48
C THR F 155 -60.50 -61.37 62.18
N VAL F 156 -59.95 -60.16 62.05
CA VAL F 156 -60.73 -58.96 61.77
C VAL F 156 -59.89 -58.03 60.90
N LYS F 157 -60.44 -56.88 60.55
CA LYS F 157 -59.69 -55.90 59.78
C LYS F 157 -58.78 -55.10 60.70
N THR F 158 -57.98 -54.22 60.11
CA THR F 158 -56.95 -53.50 60.85
C THR F 158 -57.41 -52.06 61.09
N GLU F 159 -57.44 -51.66 62.36
CA GLU F 159 -57.47 -50.26 62.75
C GLU F 159 -56.27 -49.99 63.64
N ASN F 160 -55.95 -48.72 63.86
CA ASN F 160 -54.66 -48.37 64.42
C ASN F 160 -54.81 -47.47 65.64
N TYR F 161 -53.87 -47.62 66.56
CA TYR F 161 -53.69 -46.75 67.71
C TYR F 161 -52.21 -46.60 67.99
N SER F 162 -51.70 -45.37 67.93
CA SER F 162 -50.29 -45.08 68.17
C SER F 162 -49.37 -45.91 67.27
N HIS F 163 -49.62 -45.83 65.97
CA HIS F 163 -48.82 -46.48 64.93
C HIS F 163 -48.80 -48.00 65.05
N THR F 164 -49.74 -48.60 65.78
CA THR F 164 -49.82 -50.04 65.90
C THR F 164 -51.21 -50.52 65.54
N PRO F 165 -51.33 -51.74 65.03
CA PRO F 165 -52.66 -52.32 64.81
C PRO F 165 -53.31 -52.67 66.14
N VAL F 166 -54.64 -52.67 66.13
CA VAL F 166 -55.44 -52.88 67.33
C VAL F 166 -55.94 -54.32 67.35
N VAL F 167 -55.64 -55.04 68.43
CA VAL F 167 -56.24 -56.33 68.72
C VAL F 167 -57.44 -56.11 69.64
N TRP F 168 -58.59 -56.63 69.25
CA TRP F 168 -59.84 -56.36 69.94
C TRP F 168 -60.17 -57.51 70.87
N VAL F 169 -60.43 -57.20 72.15
CA VAL F 169 -60.64 -58.20 73.18
C VAL F 169 -61.86 -57.82 74.01
N ASP F 170 -62.34 -58.79 74.77
CA ASP F 170 -63.37 -58.58 75.77
C ASP F 170 -62.78 -57.92 77.01
N THR F 171 -63.61 -57.12 77.69
CA THR F 171 -63.15 -56.31 78.82
C THR F 171 -62.41 -57.14 79.85
N ALA F 172 -62.86 -58.38 80.09
CA ALA F 172 -62.19 -59.23 81.06
C ALA F 172 -60.76 -59.54 80.63
N THR F 173 -60.57 -59.91 79.37
CA THR F 173 -59.24 -60.25 78.87
C THR F 173 -58.28 -59.06 78.92
N TRP F 174 -58.77 -57.87 78.56
CA TRP F 174 -57.91 -56.68 78.62
C TRP F 174 -57.40 -56.42 80.03
N GLN F 175 -58.26 -56.62 81.04
CA GLN F 175 -57.84 -56.42 82.43
C GLN F 175 -56.69 -57.36 82.78
N LEU F 176 -56.77 -58.62 82.33
CA LEU F 176 -55.71 -59.58 82.61
C LEU F 176 -54.39 -59.18 81.95
N VAL F 177 -54.46 -58.68 80.71
CA VAL F 177 -53.27 -58.29 79.99
C VAL F 177 -52.71 -56.95 80.46
N SER F 178 -53.56 -56.05 80.96
CA SER F 178 -53.13 -54.73 81.40
C SER F 178 -53.01 -54.60 82.91
N HIS F 179 -53.32 -55.67 83.67
CA HIS F 179 -53.05 -55.75 85.10
C HIS F 179 -53.71 -54.60 85.88
N THR F 180 -55.04 -54.53 85.76
CA THR F 180 -55.78 -53.45 86.40
C THR F 180 -57.15 -53.93 86.82
N LYS F 181 -57.64 -53.39 87.95
CA LYS F 181 -59.02 -53.63 88.32
C LYS F 181 -59.98 -52.71 87.57
N ALA F 182 -59.46 -51.74 86.83
CA ALA F 182 -60.30 -50.85 86.05
C ALA F 182 -61.01 -51.62 84.94
N VAL F 183 -62.19 -51.11 84.55
CA VAL F 183 -62.95 -51.74 83.47
C VAL F 183 -62.56 -51.18 82.11
N GLY F 184 -61.70 -50.17 82.08
CA GLY F 184 -61.25 -49.60 80.83
C GLY F 184 -60.38 -48.39 81.10
N THR F 185 -59.91 -47.79 80.01
CA THR F 185 -59.11 -46.58 80.10
C THR F 185 -59.93 -45.32 79.84
N VAL F 186 -60.97 -45.41 79.01
CA VAL F 186 -61.91 -44.31 78.78
C VAL F 186 -63.31 -44.89 78.69
N LEU F 187 -64.30 -43.99 78.69
CA LEU F 187 -65.72 -44.35 78.56
C LEU F 187 -66.31 -43.70 77.31
N LEU F 188 -66.85 -44.52 76.42
CA LEU F 188 -67.48 -44.06 75.18
C LEU F 188 -68.95 -43.73 75.42
N LEU F 189 -69.34 -42.50 75.08
CA LEU F 189 -70.70 -41.98 75.22
C LEU F 189 -71.25 -41.66 73.84
N ASN F 190 -72.39 -42.28 73.49
CA ASN F 190 -72.94 -42.00 72.16
C ASN F 190 -73.82 -40.75 72.13
N GLN F 191 -74.55 -40.43 73.20
CA GLN F 191 -75.31 -39.20 73.24
C GLN F 191 -74.56 -38.16 74.08
N GLU F 192 -75.20 -37.02 74.32
CA GLU F 192 -74.61 -35.96 75.14
C GLU F 192 -74.76 -36.30 76.62
N PRO F 193 -73.71 -36.10 77.41
CA PRO F 193 -73.77 -36.45 78.84
C PRO F 193 -74.70 -35.49 79.60
N THR F 194 -75.55 -36.08 80.43
CA THR F 194 -76.52 -35.34 81.24
C THR F 194 -76.08 -35.28 82.69
N ILE F 195 -74.87 -35.76 82.99
CA ILE F 195 -74.31 -35.72 84.33
C ILE F 195 -73.07 -34.84 84.29
N GLN F 196 -72.84 -34.13 85.38
CA GLN F 196 -71.62 -33.34 85.45
C GLN F 196 -70.49 -34.22 85.99
N PRO F 197 -69.25 -34.10 85.52
CA PRO F 197 -68.22 -35.06 85.94
C PRO F 197 -67.56 -34.69 87.25
N GLN F 198 -66.87 -35.68 87.81
CA GLN F 198 -66.20 -35.60 89.10
C GLN F 198 -64.88 -34.86 88.98
N ASP F 199 -64.30 -34.51 90.13
CA ASP F 199 -63.02 -33.82 90.19
C ASP F 199 -61.96 -34.51 89.31
N ASN F 200 -61.95 -35.84 89.29
CA ASN F 200 -60.96 -36.59 88.54
C ASN F 200 -61.39 -36.91 87.12
N GLU F 201 -62.64 -36.62 86.76
CA GLU F 201 -63.16 -36.91 85.43
C GLU F 201 -63.14 -35.69 84.52
N VAL F 202 -63.18 -35.94 83.22
CA VAL F 202 -63.13 -34.91 82.17
C VAL F 202 -63.82 -35.44 80.93
N VAL F 203 -64.82 -34.72 80.43
CA VAL F 203 -65.50 -35.11 79.19
C VAL F 203 -64.87 -34.37 78.01
N THR F 204 -64.71 -35.08 76.89
CA THR F 204 -64.06 -34.53 75.71
C THR F 204 -64.75 -35.08 74.47
N ASP F 205 -64.76 -34.29 73.40
CA ASP F 205 -65.25 -34.74 72.11
C ASP F 205 -64.20 -35.58 71.38
N LEU F 206 -64.64 -36.20 70.28
CA LEU F 206 -63.77 -37.10 69.53
C LEU F 206 -62.46 -36.44 69.12
N LYS F 207 -62.54 -35.21 68.60
CA LYS F 207 -61.33 -34.49 68.23
C LYS F 207 -60.40 -34.27 69.42
N GLY F 208 -60.93 -33.71 70.50
CA GLY F 208 -60.13 -33.49 71.71
C GLY F 208 -59.57 -34.78 72.30
N ALA F 209 -60.24 -35.90 72.06
CA ALA F 209 -59.76 -37.20 72.52
C ALA F 209 -58.45 -37.60 71.86
N PHE F 210 -58.21 -37.18 70.61
CA PHE F 210 -56.92 -37.48 70.00
C PHE F 210 -55.77 -36.76 70.68
N GLN F 211 -55.99 -35.54 71.18
CA GLN F 211 -54.95 -34.81 71.89
C GLN F 211 -54.45 -35.55 73.13
N ALA F 212 -55.20 -36.57 73.59
CA ALA F 212 -54.78 -37.39 74.72
C ALA F 212 -53.87 -38.53 74.32
N MET F 213 -53.66 -38.76 73.04
CA MET F 213 -52.74 -39.78 72.60
C MET F 213 -51.32 -39.23 72.62
N PRO F 214 -50.34 -40.01 73.12
CA PRO F 214 -49.02 -39.42 73.39
C PRO F 214 -48.31 -38.91 72.15
N ALA F 215 -48.24 -39.73 71.09
CA ALA F 215 -47.51 -39.34 69.89
C ALA F 215 -48.26 -38.33 69.03
N TYR F 216 -49.58 -38.22 69.19
CA TYR F 216 -50.40 -37.57 68.16
C TYR F 216 -50.20 -36.06 68.14
N LYS F 217 -50.50 -35.38 69.25
CA LYS F 217 -50.48 -33.91 69.23
C LYS F 217 -49.11 -33.36 68.88
N SER F 218 -48.05 -33.84 69.55
CA SER F 218 -46.75 -33.23 69.34
C SER F 218 -46.20 -33.49 67.95
N GLU F 219 -46.81 -34.38 67.16
CA GLU F 219 -46.29 -34.69 65.84
C GLU F 219 -47.18 -34.16 64.72
N ARG F 220 -48.50 -34.13 64.91
CA ARG F 220 -49.37 -33.46 63.95
CA ARG F 220 -49.36 -33.45 63.94
C ARG F 220 -49.16 -31.94 64.01
N SER F 221 -48.99 -31.40 65.21
CA SER F 221 -48.76 -29.96 65.36
C SER F 221 -47.49 -29.53 64.63
N SER F 222 -46.41 -30.28 64.81
CA SER F 222 -45.16 -29.92 64.14
C SER F 222 -45.30 -30.05 62.63
N LEU F 223 -46.00 -31.08 62.15
CA LEU F 223 -46.20 -31.23 60.72
C LEU F 223 -47.09 -30.13 60.14
N LEU F 224 -48.12 -29.71 60.87
CA LEU F 224 -48.97 -28.63 60.38
C LEU F 224 -48.21 -27.31 60.31
N SER F 225 -47.35 -27.03 61.28
CA SER F 225 -46.51 -25.83 61.19
C SER F 225 -45.65 -25.87 59.94
N MET F 226 -45.10 -27.05 59.62
CA MET F 226 -44.31 -27.21 58.41
C MET F 226 -45.11 -26.82 57.18
N GLN F 227 -46.36 -27.29 57.09
CA GLN F 227 -47.20 -26.95 55.95
C GLN F 227 -47.45 -25.45 55.90
N ALA F 228 -47.61 -24.83 57.07
CA ALA F 228 -47.87 -23.39 57.10
C ALA F 228 -46.67 -22.64 56.52
N PHE F 229 -45.46 -23.02 56.93
CA PHE F 229 -44.26 -22.43 56.34
C PHE F 229 -44.21 -22.68 54.84
N LEU F 230 -44.62 -23.87 54.41
CA LEU F 230 -44.59 -24.20 52.98
C LEU F 230 -45.55 -23.33 52.18
N TYR F 231 -46.77 -23.12 52.69
CA TYR F 231 -47.69 -22.24 51.99
C TYR F 231 -47.16 -20.82 51.95
N ILE F 232 -46.63 -20.34 53.08
CA ILE F 232 -46.06 -19.00 53.14
C ILE F 232 -44.87 -18.86 52.20
N ILE F 233 -43.98 -19.85 52.17
CA ILE F 233 -42.83 -19.79 51.27
C ILE F 233 -43.29 -19.70 49.81
N SER F 234 -44.32 -20.47 49.45
CA SER F 234 -44.84 -20.40 48.09
C SER F 234 -45.29 -18.99 47.74
N ALA F 235 -46.10 -18.37 48.59
CA ALA F 235 -46.60 -17.03 48.34
C ALA F 235 -45.46 -16.03 48.12
N LEU F 236 -44.46 -16.02 49.01
CA LEU F 236 -43.35 -15.09 48.84
C LEU F 236 -42.52 -15.39 47.61
N VAL F 237 -42.32 -16.66 47.27
CA VAL F 237 -41.54 -16.99 46.07
C VAL F 237 -42.15 -16.32 44.86
N THR F 238 -43.47 -16.42 44.69
CA THR F 238 -44.12 -15.75 43.57
C THR F 238 -43.96 -14.24 43.70
N VAL F 239 -44.19 -13.71 44.91
CA VAL F 239 -44.14 -12.26 45.12
C VAL F 239 -42.75 -11.74 44.77
N ALA F 240 -41.71 -12.42 45.27
CA ALA F 240 -40.34 -12.02 44.97
C ALA F 240 -40.08 -12.07 43.47
N PHE F 241 -40.41 -13.19 42.85
CA PHE F 241 -40.17 -13.37 41.43
C PHE F 241 -40.94 -12.35 40.59
N LEU F 242 -42.24 -12.20 40.87
CA LEU F 242 -43.10 -11.35 40.04
C LEU F 242 -42.77 -9.86 40.16
N THR F 243 -42.29 -9.40 41.33
CA THR F 243 -41.85 -7.99 41.40
C THR F 243 -40.70 -7.74 40.44
N VAL F 244 -39.68 -8.59 40.47
CA VAL F 244 -38.55 -8.42 39.56
C VAL F 244 -39.02 -8.57 38.12
N TRP F 245 -39.95 -9.50 37.87
CA TRP F 245 -40.42 -9.76 36.52
C TRP F 245 -41.23 -8.60 35.94
N THR F 246 -42.20 -8.09 36.69
CA THR F 246 -42.97 -6.95 36.20
C THR F 246 -42.10 -5.74 35.97
N LEU F 247 -41.07 -5.53 36.80
CA LEU F 247 -40.09 -4.49 36.54
C LEU F 247 -39.39 -4.72 35.20
N GLN F 248 -39.25 -5.98 34.78
CA GLN F 248 -38.71 -6.28 33.46
C GLN F 248 -39.63 -5.81 32.34
N ARG F 249 -40.94 -5.83 32.56
CA ARG F 249 -41.88 -5.46 31.51
C ARG F 249 -42.18 -3.97 31.46
N THR F 250 -41.64 -3.17 32.38
CA THR F 250 -41.95 -1.75 32.51
C THR F 250 -42.05 -1.05 31.15
N ARG F 251 -41.12 -1.37 30.24
CA ARG F 251 -41.08 -0.69 28.96
C ARG F 251 -42.27 -1.06 28.09
N ASP F 252 -42.60 -2.35 28.02
CA ASP F 252 -43.74 -2.79 27.23
C ASP F 252 -45.05 -2.25 27.80
N ILE F 253 -45.16 -2.22 29.13
CA ILE F 253 -46.36 -1.71 29.77
C ILE F 253 -46.56 -0.23 29.46
N ALA F 254 -45.46 0.53 29.44
CA ALA F 254 -45.55 1.95 29.11
C ALA F 254 -46.09 2.18 27.70
N VAL F 255 -45.63 1.38 26.73
CA VAL F 255 -46.10 1.55 25.36
C VAL F 255 -47.59 1.26 25.26
N LEU F 256 -48.05 0.18 25.90
CA LEU F 256 -49.48 -0.13 25.88
C LEU F 256 -50.28 0.93 26.64
N ALA F 257 -49.74 1.43 27.75
CA ALA F 257 -50.40 2.52 28.46
C ALA F 257 -50.49 3.76 27.59
N ALA F 258 -49.39 4.12 26.93
CA ALA F 258 -49.38 5.29 26.05
C ALA F 258 -50.44 5.17 24.96
N LEU F 259 -50.64 3.96 24.44
CA LEU F 259 -51.62 3.74 23.39
C LEU F 259 -53.06 3.95 23.87
N GLY F 260 -53.29 3.86 25.17
CA GLY F 260 -54.62 4.06 25.73
C GLY F 260 -55.14 2.90 26.57
N ALA F 261 -54.34 1.86 26.80
CA ALA F 261 -54.81 0.73 27.59
C ALA F 261 -55.19 1.18 29.00
N SER F 262 -56.39 0.78 29.43
CA SER F 262 -56.87 1.13 30.75
C SER F 262 -56.01 0.49 31.83
N LYS F 263 -56.13 1.02 33.05
CA LYS F 263 -55.43 0.42 34.18
C LYS F 263 -55.95 -0.99 34.43
N ARG F 264 -57.26 -1.20 34.31
CA ARG F 264 -57.83 -2.53 34.47
C ARG F 264 -57.26 -3.51 33.44
N TYR F 265 -57.05 -3.04 32.21
CA TYR F 265 -56.55 -3.91 31.15
C TYR F 265 -55.17 -4.45 31.47
N LEU F 266 -54.26 -3.57 31.89
CA LEU F 266 -52.89 -4.00 32.18
C LEU F 266 -52.84 -4.94 33.36
N LEU F 267 -53.61 -4.67 34.41
CA LEU F 267 -53.59 -5.54 35.58
C LEU F 267 -54.18 -6.92 35.26
N ILE F 268 -55.24 -6.97 34.46
CA ILE F 268 -55.78 -8.26 34.01
C ILE F 268 -54.76 -9.01 33.17
N ASP F 269 -54.04 -8.30 32.28
CA ASP F 269 -52.98 -8.93 31.50
C ASP F 269 -51.98 -9.63 32.41
N ALA F 270 -51.47 -8.90 33.39
CA ALA F 270 -50.41 -9.40 34.25
C ALA F 270 -50.87 -10.61 35.06
N LEU F 271 -52.05 -10.50 35.69
CA LEU F 271 -52.56 -11.61 36.49
C LEU F 271 -52.93 -12.80 35.63
N GLY F 272 -53.38 -12.56 34.40
CA GLY F 272 -53.62 -13.67 33.50
C GLY F 272 -52.36 -14.47 33.26
N GLN F 273 -51.26 -13.77 33.00
CA GLN F 273 -49.98 -14.43 32.84
C GLN F 273 -49.60 -15.17 34.13
N ALA F 274 -49.74 -14.49 35.27
CA ALA F 274 -49.43 -15.11 36.55
C ALA F 274 -50.34 -16.29 36.85
N ALA F 275 -51.65 -16.15 36.59
CA ALA F 275 -52.58 -17.25 36.85
C ALA F 275 -52.25 -18.46 35.98
N ILE F 276 -51.93 -18.22 34.71
CA ILE F 276 -51.56 -19.29 33.79
C ILE F 276 -50.31 -20.01 34.31
N ILE F 277 -49.29 -19.24 34.70
CA ILE F 277 -48.05 -19.84 35.17
C ILE F 277 -48.29 -20.60 36.47
N LEU F 278 -49.02 -19.99 37.40
CA LEU F 278 -49.31 -20.62 38.68
C LEU F 278 -50.13 -21.89 38.47
N ALA F 279 -51.08 -21.85 37.55
CA ALA F 279 -51.87 -23.04 37.21
C ALA F 279 -50.97 -24.16 36.74
N ALA F 280 -50.08 -23.87 35.79
CA ALA F 280 -49.13 -24.86 35.31
C ALA F 280 -48.35 -25.46 36.47
N GLY F 281 -47.78 -24.61 37.31
CA GLY F 281 -46.95 -25.09 38.41
C GLY F 281 -47.74 -25.99 39.35
N VAL F 282 -48.94 -25.54 39.75
CA VAL F 282 -49.73 -26.29 40.71
C VAL F 282 -50.21 -27.60 40.09
N ALA F 283 -50.63 -27.57 38.83
CA ALA F 283 -51.10 -28.79 38.17
C ALA F 283 -49.99 -29.84 38.14
N LEU F 284 -48.78 -29.44 37.77
CA LEU F 284 -47.67 -30.39 37.70
C LEU F 284 -47.37 -30.96 39.08
N GLY F 285 -47.33 -30.10 40.10
CA GLY F 285 -47.04 -30.57 41.44
C GLY F 285 -48.06 -31.57 41.94
N ALA F 286 -49.35 -31.27 41.75
CA ALA F 286 -50.38 -32.17 42.24
C ALA F 286 -50.43 -33.46 41.43
N GLY F 287 -50.07 -33.41 40.15
CA GLY F 287 -49.98 -34.62 39.36
C GLY F 287 -48.95 -35.58 39.92
N ILE F 288 -47.69 -35.11 39.98
CA ILE F 288 -46.61 -35.93 40.52
C ILE F 288 -46.91 -36.33 41.95
N GLY F 289 -47.57 -35.44 42.70
CA GLY F 289 -47.90 -35.70 44.09
C GLY F 289 -48.80 -36.89 44.28
N ALA F 290 -49.98 -36.89 43.64
CA ALA F 290 -50.87 -38.04 43.75
C ALA F 290 -50.21 -39.30 43.21
N LEU F 291 -49.45 -39.18 42.11
CA LEU F 291 -48.76 -40.34 41.56
C LEU F 291 -47.66 -40.84 42.50
N LEU F 292 -46.78 -39.93 42.95
CA LEU F 292 -45.74 -40.31 43.89
C LEU F 292 -46.33 -40.84 45.19
N GLY F 293 -47.38 -40.21 45.69
CA GLY F 293 -47.94 -40.64 46.97
C GLY F 293 -48.57 -42.02 46.86
N TRP F 294 -49.38 -42.24 45.82
CA TRP F 294 -49.92 -43.57 45.58
C TRP F 294 -48.80 -44.59 45.44
N LEU F 295 -47.68 -44.18 44.85
CA LEU F 295 -46.53 -45.07 44.72
C LEU F 295 -45.90 -45.37 46.09
N ILE F 296 -46.06 -44.46 47.04
CA ILE F 296 -45.41 -44.60 48.34
C ILE F 296 -46.36 -45.16 49.40
N ALA F 297 -47.67 -45.13 49.14
CA ALA F 297 -48.65 -45.44 50.18
C ALA F 297 -48.59 -46.88 50.67
N GLY F 298 -47.62 -47.66 50.20
CA GLY F 298 -47.44 -49.03 50.66
C GLY F 298 -46.32 -49.13 51.67
N SER F 299 -45.31 -48.28 51.51
CA SER F 299 -44.15 -48.29 52.39
C SER F 299 -44.26 -47.30 53.53
N VAL F 300 -44.93 -46.17 53.32
CA VAL F 300 -45.06 -45.15 54.36
C VAL F 300 -46.54 -44.84 54.55
N PRO F 301 -47.02 -44.60 55.78
CA PRO F 301 -48.44 -44.28 55.96
C PRO F 301 -48.78 -43.01 55.19
N PHE F 302 -49.66 -43.15 54.20
CA PHE F 302 -49.99 -42.00 53.37
C PHE F 302 -51.44 -42.11 52.92
N SER F 303 -52.30 -41.27 53.49
CA SER F 303 -53.71 -41.21 53.13
C SER F 303 -53.93 -40.03 52.19
N LEU F 304 -54.31 -40.29 50.95
CA LEU F 304 -54.42 -39.24 49.95
C LEU F 304 -55.68 -39.47 49.11
N GLY F 305 -56.65 -38.56 49.21
CA GLY F 305 -57.83 -38.57 48.38
C GLY F 305 -57.89 -37.37 47.45
N TRP F 306 -59.11 -37.02 47.04
CA TRP F 306 -59.28 -35.85 46.19
C TRP F 306 -59.13 -34.56 46.96
N VAL F 307 -59.63 -34.52 48.20
CA VAL F 307 -59.61 -33.27 48.95
C VAL F 307 -58.18 -33.00 49.41
N SER F 308 -57.38 -34.05 49.58
CA SER F 308 -56.02 -33.90 50.06
C SER F 308 -55.02 -33.55 48.94
N VAL F 309 -55.43 -33.60 47.68
CA VAL F 309 -54.62 -33.08 46.57
C VAL F 309 -55.13 -31.74 46.07
N LEU F 310 -56.45 -31.57 46.03
CA LEU F 310 -57.02 -30.35 45.47
C LEU F 310 -57.22 -29.26 46.51
N GLY F 311 -57.35 -29.62 47.79
CA GLY F 311 -57.38 -28.64 48.84
C GLY F 311 -56.10 -27.83 48.83
N PRO F 312 -54.96 -28.50 49.02
CA PRO F 312 -53.68 -27.77 48.95
C PRO F 312 -53.43 -27.12 47.59
N ALA F 313 -53.79 -27.80 46.51
CA ALA F 313 -53.56 -27.23 45.18
C ALA F 313 -54.28 -25.89 45.03
N LEU F 314 -55.58 -25.88 45.31
CA LEU F 314 -56.33 -24.63 45.16
C LEU F 314 -55.85 -23.58 46.15
N GLY F 315 -55.50 -24.02 47.36
CA GLY F 315 -54.95 -23.09 48.34
C GLY F 315 -53.66 -22.43 47.88
N ILE F 316 -52.73 -23.22 47.34
CA ILE F 316 -51.48 -22.64 46.86
C ILE F 316 -51.74 -21.69 45.70
N TRP F 317 -52.65 -22.07 44.79
CA TRP F 317 -52.92 -21.23 43.64
C TRP F 317 -53.52 -19.88 44.06
N LEU F 318 -54.40 -19.89 45.06
CA LEU F 318 -54.99 -18.65 45.54
C LEU F 318 -53.99 -17.81 46.32
N LEU F 319 -53.15 -18.45 47.14
CA LEU F 319 -52.06 -17.70 47.76
C LEU F 319 -51.17 -17.05 46.71
N GLY F 320 -50.90 -17.77 45.61
CA GLY F 320 -50.11 -17.20 44.55
C GLY F 320 -50.81 -16.04 43.87
N LEU F 321 -52.13 -16.14 43.70
CA LEU F 321 -52.88 -15.07 43.05
C LEU F 321 -52.87 -13.80 43.88
N ILE F 322 -53.08 -13.93 45.20
CA ILE F 322 -53.05 -12.75 46.07
C ILE F 322 -51.63 -12.18 46.07
N GLY F 323 -50.63 -13.05 46.17
CA GLY F 323 -49.26 -12.60 46.09
C GLY F 323 -48.95 -11.87 44.81
N ALA F 324 -49.53 -12.35 43.70
CA ALA F 324 -49.27 -11.75 42.39
C ALA F 324 -49.79 -10.32 42.31
N THR F 325 -50.99 -10.06 42.83
CA THR F 325 -51.51 -8.69 42.83
C THR F 325 -50.59 -7.76 43.61
N ILE F 326 -50.08 -8.20 44.76
CA ILE F 326 -49.15 -7.39 45.54
C ILE F 326 -47.92 -7.04 44.71
N ALA F 327 -47.42 -7.99 43.92
CA ALA F 327 -46.19 -7.79 43.18
C ALA F 327 -46.40 -7.00 41.90
N VAL F 328 -47.61 -7.11 41.31
CA VAL F 328 -47.93 -6.45 40.06
C VAL F 328 -48.56 -5.06 40.25
N ARG F 329 -48.86 -4.66 41.49
CA ARG F 329 -49.51 -3.38 41.79
C ARG F 329 -48.97 -2.22 40.96
N ASN F 330 -47.68 -2.22 40.68
CA ASN F 330 -47.00 -1.11 40.02
C ASN F 330 -47.23 -1.09 38.50
N VAL F 331 -48.10 -1.96 37.97
CA VAL F 331 -48.35 -1.92 36.54
C VAL F 331 -49.24 -0.75 36.16
N THR F 332 -49.90 -0.14 37.15
CA THR F 332 -50.76 1.02 36.90
C THR F 332 -50.07 2.33 37.23
N LYS F 333 -49.00 2.28 38.02
CA LYS F 333 -48.25 3.46 38.43
C LYS F 333 -47.27 3.91 37.35
N VAL F 334 -47.01 3.05 36.37
CA VAL F 334 -46.10 3.30 35.26
C VAL F 334 -46.52 4.55 34.48
N ASP F 335 -45.64 5.54 34.44
CA ASP F 335 -45.94 6.75 33.69
C ASP F 335 -45.90 6.42 32.20
N PRO F 336 -46.85 6.90 31.40
CA PRO F 336 -46.83 6.56 29.97
C PRO F 336 -45.81 7.32 29.15
N GLN F 337 -45.21 8.38 29.69
CA GLN F 337 -44.19 9.13 28.98
C GLN F 337 -42.91 8.32 28.74
N ILE F 338 -42.75 7.18 29.39
CA ILE F 338 -41.56 6.36 29.19
C ILE F 338 -41.48 5.84 27.75
N ALA F 339 -42.58 5.92 27.00
CA ALA F 339 -42.59 5.43 25.63
C ALA F 339 -42.07 6.47 24.65
N LEU F 340 -42.28 7.75 24.94
CA LEU F 340 -41.81 8.85 24.09
C LEU F 340 -40.33 9.15 24.22
N GLY F 341 -39.64 8.57 25.19
CA GLY F 341 -38.22 8.82 25.36
C GLY F 341 -37.36 7.80 24.65
N ALA F 342 -36.28 8.28 24.03
CA ALA F 342 -35.37 7.45 23.26
C ALA F 342 -34.07 7.21 24.01
N ALA G 3 5.65 12.93 14.06
CA ALA G 3 4.52 12.32 14.77
C ALA G 3 4.27 10.90 14.29
N ALA G 4 3.48 10.15 15.07
CA ALA G 4 3.09 8.77 14.74
C ALA G 4 1.64 8.59 15.13
N PRO G 5 0.85 7.91 14.30
CA PRO G 5 -0.60 7.90 14.52
C PRO G 5 -1.01 7.10 15.74
N VAL G 6 -2.18 7.46 16.28
CA VAL G 6 -2.77 6.72 17.38
C VAL G 6 -3.71 5.63 16.88
N LEU G 7 -4.54 5.96 15.90
CA LEU G 7 -5.49 5.04 15.30
C LEU G 7 -5.25 4.97 13.80
N SER G 8 -5.36 3.76 13.25
CA SER G 8 -5.16 3.54 11.82
C SER G 8 -6.25 2.59 11.35
N ILE G 9 -7.24 3.13 10.64
CA ILE G 9 -8.31 2.34 10.06
C ILE G 9 -7.98 2.23 8.57
N THR G 10 -7.49 1.06 8.14
CA THR G 10 -6.98 0.88 6.79
C THR G 10 -7.92 -0.04 6.00
N ASN G 11 -8.48 0.47 4.91
CA ASN G 11 -9.43 -0.22 4.04
C ASN G 11 -10.43 -1.05 4.85
N ALA G 12 -11.02 -0.43 5.86
CA ALA G 12 -11.96 -1.13 6.72
C ALA G 12 -13.31 -1.29 6.04
N SER G 13 -13.95 -2.44 6.24
CA SER G 13 -15.24 -2.69 5.64
C SER G 13 -16.11 -3.49 6.61
N VAL G 14 -17.41 -3.17 6.63
CA VAL G 14 -18.39 -3.85 7.47
C VAL G 14 -19.56 -4.19 6.56
N VAL G 15 -19.88 -5.47 6.48
CA VAL G 15 -20.92 -5.96 5.58
C VAL G 15 -21.94 -6.75 6.38
N TYR G 16 -23.29 -6.26 6.37
CA TYR G 16 -24.34 -7.00 7.06
C TYR G 16 -25.22 -7.79 6.08
N PRO G 17 -25.79 -8.91 6.55
CA PRO G 17 -26.72 -9.70 5.71
C PRO G 17 -28.12 -9.09 5.65
N ASP G 18 -28.38 -8.17 4.71
CA ASP G 18 -29.71 -7.55 4.60
C ASP G 18 -30.69 -8.52 3.93
N GLY G 19 -31.27 -9.39 4.76
CA GLY G 19 -32.24 -10.35 4.27
C GLY G 19 -31.65 -11.33 3.28
N ILE G 20 -32.21 -11.35 2.07
CA ILE G 20 -31.68 -12.23 1.02
C ILE G 20 -30.50 -11.60 0.30
N SER G 21 -30.34 -10.29 0.38
CA SER G 21 -29.24 -9.61 -0.26
C SER G 21 -28.17 -9.32 0.78
N THR G 22 -27.24 -8.43 0.44
CA THR G 22 -26.16 -8.05 1.33
C THR G 22 -26.07 -6.53 1.38
N VAL G 23 -25.69 -5.98 2.54
CA VAL G 23 -25.61 -4.52 2.73
C VAL G 23 -24.26 -4.13 3.33
N THR G 24 -23.34 -3.66 2.48
CA THR G 24 -22.03 -3.19 2.94
C THR G 24 -22.20 -1.86 3.68
N ALA G 25 -22.32 -1.91 5.01
CA ALA G 25 -22.52 -0.70 5.82
C ALA G 25 -21.31 0.23 5.78
N LEU G 26 -20.10 -0.30 5.60
CA LEU G 26 -18.90 0.53 5.53
C LEU G 26 -17.99 -0.05 4.46
N ASP G 27 -17.58 0.80 3.52
CA ASP G 27 -16.95 0.34 2.28
C ASP G 27 -15.54 0.92 2.18
N SER G 28 -14.54 0.14 2.60
CA SER G 28 -13.13 0.49 2.46
C SER G 28 -12.82 1.85 3.10
N ALA G 29 -13.02 1.93 4.41
CA ALA G 29 -12.81 3.17 5.12
C ALA G 29 -11.32 3.34 5.40
N ASN G 30 -10.83 4.56 5.19
CA ASN G 30 -9.45 4.91 5.49
C ASN G 30 -9.41 6.17 6.33
N VAL G 31 -9.09 6.03 7.62
CA VAL G 31 -8.97 7.17 8.51
C VAL G 31 -7.72 6.97 9.36
N GLU G 32 -7.03 8.08 9.65
CA GLU G 32 -5.87 8.08 10.54
C GLU G 32 -6.01 9.30 11.43
N ILE G 33 -5.76 9.11 12.73
CA ILE G 33 -5.86 10.20 13.69
C ILE G 33 -4.60 10.24 14.56
N PHE G 34 -4.04 11.42 14.72
CA PHE G 34 -2.83 11.67 15.48
C PHE G 34 -3.15 12.39 16.81
N PRO G 35 -2.23 12.35 17.77
CA PRO G 35 -2.50 12.98 19.07
C PRO G 35 -2.77 14.47 18.94
N GLY G 36 -3.81 14.93 19.62
CA GLY G 36 -4.14 16.34 19.64
C GLY G 36 -5.06 16.79 18.52
N GLU G 37 -5.47 15.90 17.63
CA GLU G 37 -6.42 16.25 16.59
C GLU G 37 -7.83 16.06 17.12
N LEU G 38 -8.74 16.92 16.66
CA LEU G 38 -10.17 16.68 16.73
C LEU G 38 -10.68 16.51 15.30
N VAL G 39 -11.00 15.27 14.93
CA VAL G 39 -11.52 14.97 13.60
C VAL G 39 -13.02 14.71 13.74
N ALA G 40 -13.81 15.47 12.98
CA ALA G 40 -15.26 15.33 12.99
C ALA G 40 -15.69 14.35 11.90
N ILE G 41 -16.60 13.45 12.25
CA ILE G 41 -17.16 12.52 11.28
C ILE G 41 -18.53 13.05 10.88
N VAL G 42 -18.60 13.59 9.67
CA VAL G 42 -19.82 14.19 9.15
C VAL G 42 -20.45 13.21 8.17
N GLY G 43 -21.74 13.36 7.94
CA GLY G 43 -22.42 12.55 6.95
C GLY G 43 -23.88 12.34 7.27
N GLU G 44 -24.65 12.06 6.21
CA GLU G 44 -26.09 11.89 6.32
C GLU G 44 -26.42 10.78 7.32
N SER G 45 -27.70 10.72 7.71
CA SER G 45 -28.12 9.73 8.70
C SER G 45 -28.00 8.34 8.09
N GLY G 46 -27.25 7.48 8.75
CA GLY G 46 -27.05 6.12 8.26
C GLY G 46 -26.16 6.05 7.04
N SER G 47 -25.07 6.82 7.03
CA SER G 47 -24.04 6.71 6.01
C SER G 47 -22.83 5.94 6.49
N GLY G 48 -22.90 5.34 7.68
CA GLY G 48 -21.79 4.64 8.28
C GLY G 48 -20.91 5.46 9.18
N LYS G 49 -21.36 6.64 9.61
CA LYS G 49 -20.68 7.36 10.68
C LYS G 49 -20.61 6.51 11.94
N SER G 50 -21.73 5.88 12.31
CA SER G 50 -21.75 5.13 13.56
C SER G 50 -20.96 3.83 13.42
N THR G 51 -21.16 3.13 12.30
CA THR G 51 -20.36 1.93 12.06
C THR G 51 -18.87 2.25 12.14
N LEU G 52 -18.46 3.38 11.55
CA LEU G 52 -17.06 3.78 11.60
C LEU G 52 -16.61 4.04 13.02
N LEU G 53 -17.43 4.73 13.80
CA LEU G 53 -17.06 5.01 15.19
C LEU G 53 -16.88 3.72 15.98
N SER G 54 -17.85 2.81 15.88
CA SER G 54 -17.75 1.56 16.64
C SER G 54 -16.57 0.72 16.18
N ILE G 55 -16.24 0.79 14.89
CA ILE G 55 -15.02 0.14 14.40
C ILE G 55 -13.81 0.73 15.09
N ALA G 56 -13.70 2.06 15.10
CA ALA G 56 -12.58 2.72 15.76
C ALA G 56 -12.54 2.43 17.26
N GLY G 57 -13.66 2.03 17.85
CA GLY G 57 -13.71 1.74 19.27
C GLY G 57 -13.63 0.27 19.63
N PHE G 58 -13.33 -0.60 18.67
CA PHE G 58 -13.20 -2.04 18.89
C PHE G 58 -14.44 -2.64 19.54
N LEU G 59 -15.61 -2.07 19.20
CA LEU G 59 -16.91 -2.63 19.57
C LEU G 59 -17.46 -3.60 18.53
N GLN G 60 -16.79 -3.73 17.38
CA GLN G 60 -17.10 -4.77 16.42
C GLN G 60 -16.00 -4.83 15.37
N GLU G 61 -15.59 -6.05 15.01
CA GLU G 61 -14.54 -6.13 14.02
C GLU G 61 -15.08 -5.88 12.62
N PRO G 62 -14.24 -5.36 11.73
CA PRO G 62 -14.67 -5.19 10.33
C PRO G 62 -14.72 -6.52 9.61
N THR G 63 -15.70 -6.66 8.72
CA THR G 63 -15.76 -7.86 7.90
C THR G 63 -14.52 -8.01 7.02
N SER G 64 -13.85 -6.90 6.71
CA SER G 64 -12.59 -6.94 6.00
C SER G 64 -11.80 -5.70 6.39
N GLY G 65 -10.55 -5.64 5.94
CA GLY G 65 -9.67 -4.55 6.34
C GLY G 65 -9.28 -4.66 7.80
N THR G 66 -8.46 -3.72 8.24
CA THR G 66 -7.88 -3.79 9.57
C THR G 66 -8.04 -2.47 10.30
N VAL G 67 -8.18 -2.55 11.61
CA VAL G 67 -8.14 -1.40 12.50
C VAL G 67 -7.01 -1.59 13.51
N THR G 68 -6.17 -0.58 13.63
CA THR G 68 -4.97 -0.67 14.46
C THR G 68 -4.92 0.51 15.40
N LEU G 69 -4.87 0.24 16.70
CA LEU G 69 -4.61 1.25 17.70
C LEU G 69 -3.18 1.04 18.16
N HIS G 70 -2.30 1.97 17.82
CA HIS G 70 -0.89 1.80 18.11
C HIS G 70 -0.66 1.88 19.61
N GLY G 71 0.09 0.91 20.12
CA GLY G 71 0.34 0.77 21.54
C GLY G 71 -0.51 -0.29 22.20
N ALA G 72 -1.48 -0.85 21.48
CA ALA G 72 -2.35 -1.91 21.99
C ALA G 72 -2.22 -3.19 21.18
N GLU G 73 -1.15 -3.32 20.40
CA GLU G 73 -0.91 -4.54 19.64
C GLU G 73 -0.78 -5.75 20.58
N GLY G 74 -1.36 -6.87 20.16
CA GLY G 74 -1.36 -8.05 21.00
C GLY G 74 -2.40 -8.02 22.10
N LEU G 75 -3.49 -7.29 21.89
CA LEU G 75 -4.55 -7.19 22.89
C LEU G 75 -5.89 -7.47 22.21
N ASP G 76 -6.75 -8.22 22.90
CA ASP G 76 -8.08 -8.47 22.37
C ASP G 76 -8.88 -7.16 22.36
N ALA G 77 -10.01 -7.18 21.63
CA ALA G 77 -10.79 -5.96 21.47
C ALA G 77 -11.19 -5.39 22.82
N THR G 78 -11.76 -6.22 23.69
CA THR G 78 -12.24 -5.72 24.97
C THR G 78 -11.13 -5.01 25.73
N SER G 79 -9.99 -5.70 25.91
CA SER G 79 -8.87 -5.12 26.64
C SER G 79 -8.30 -3.90 25.93
N THR G 80 -8.36 -3.87 24.60
CA THR G 80 -7.99 -2.67 23.84
C THR G 80 -8.88 -1.48 24.22
N ARG G 81 -10.19 -1.72 24.33
CA ARG G 81 -11.09 -0.69 24.82
C ARG G 81 -10.70 -0.26 26.23
N ARG G 82 -10.42 -1.23 27.10
CA ARG G 82 -10.32 -0.93 28.53
C ARG G 82 -9.13 -0.04 28.83
N GLU G 83 -8.01 -0.23 28.12
CA GLU G 83 -6.77 0.42 28.46
C GLU G 83 -6.37 1.55 27.54
N HIS G 84 -7.06 1.74 26.42
CA HIS G 84 -6.62 2.72 25.43
C HIS G 84 -7.70 3.68 24.94
N ILE G 85 -8.98 3.40 25.18
CA ILE G 85 -10.06 4.13 24.53
C ILE G 85 -10.98 4.70 25.61
N GLY G 86 -11.50 5.90 25.37
CA GLY G 86 -12.54 6.45 26.19
C GLY G 86 -13.76 6.79 25.37
N PHE G 87 -14.91 6.23 25.72
CA PHE G 87 -16.14 6.43 24.96
C PHE G 87 -17.00 7.48 25.64
N VAL G 88 -17.39 8.50 24.89
CA VAL G 88 -18.49 9.39 25.27
C VAL G 88 -19.70 8.94 24.46
N PHE G 89 -20.48 8.02 25.03
CA PHE G 89 -21.65 7.49 24.35
C PHE G 89 -22.64 8.60 24.00
N GLN G 90 -23.56 8.28 23.08
CA GLN G 90 -24.64 9.19 22.74
C GLN G 90 -25.47 9.53 23.98
N GLN G 91 -26.11 8.53 24.57
CA GLN G 91 -26.69 8.70 25.89
C GLN G 91 -25.57 8.66 26.94
N PRO G 92 -25.70 9.44 28.01
CA PRO G 92 -24.64 9.47 29.04
C PRO G 92 -24.26 8.10 29.56
N ASN G 93 -25.22 7.17 29.66
CA ASN G 93 -24.96 5.80 30.09
C ASN G 93 -24.31 5.78 31.46
N LEU G 94 -24.95 6.45 32.40
CA LEU G 94 -24.56 6.41 33.80
C LEU G 94 -25.25 5.25 34.51
N LEU G 95 -24.50 4.57 35.37
CA LEU G 95 -25.06 3.47 36.15
C LEU G 95 -25.98 4.02 37.23
N GLY G 96 -27.19 3.47 37.29
CA GLY G 96 -28.23 4.09 38.10
C GLY G 96 -27.93 4.18 39.59
N SER G 97 -27.18 3.22 40.13
CA SER G 97 -26.98 3.14 41.57
C SER G 97 -25.74 3.86 42.05
N LEU G 98 -24.89 4.35 41.14
CA LEU G 98 -23.65 5.01 41.52
C LEU G 98 -23.80 6.53 41.55
N THR G 99 -22.93 7.16 42.32
CA THR G 99 -22.81 8.61 42.34
C THR G 99 -21.88 9.05 41.22
N ALA G 100 -21.83 10.37 40.99
CA ALA G 100 -20.97 10.93 39.94
C ALA G 100 -19.54 10.46 40.10
N ARG G 101 -18.92 10.73 41.25
CA ARG G 101 -17.57 10.24 41.51
C ARG G 101 -17.45 8.73 41.34
N GLU G 102 -18.48 7.98 41.74
CA GLU G 102 -18.45 6.54 41.51
C GLU G 102 -18.48 6.21 40.02
N GLN G 103 -19.25 6.97 39.24
CA GLN G 103 -19.25 6.81 37.78
C GLN G 103 -17.83 6.86 37.24
N LEU G 104 -16.96 7.63 37.88
CA LEU G 104 -15.56 7.69 37.50
C LEU G 104 -14.77 6.53 38.08
N LEU G 105 -15.02 6.19 39.35
CA LEU G 105 -14.20 5.21 40.04
C LEU G 105 -14.33 3.80 39.46
N ILE G 106 -15.52 3.44 38.98
CA ILE G 106 -15.74 2.06 38.53
C ILE G 106 -14.86 1.69 37.36
N THR G 107 -14.40 2.66 36.57
CA THR G 107 -13.46 2.35 35.50
C THR G 107 -12.11 1.92 36.05
N ASP G 108 -11.61 2.62 37.06
CA ASP G 108 -10.40 2.18 37.76
C ASP G 108 -10.59 0.79 38.36
N HIS G 109 -11.72 0.55 39.01
CA HIS G 109 -11.95 -0.76 39.61
C HIS G 109 -11.92 -1.85 38.56
N LEU G 110 -12.53 -1.60 37.40
CA LEU G 110 -12.54 -2.58 36.33
C LEU G 110 -11.24 -2.59 35.53
N ARG G 111 -10.29 -1.72 35.86
CA ARG G 111 -8.96 -1.78 35.28
C ARG G 111 -7.91 -2.41 36.20
N GLY G 112 -8.30 -2.80 37.42
CA GLY G 112 -7.36 -3.46 38.31
C GLY G 112 -6.49 -2.55 39.14
N ILE G 113 -6.95 -1.33 39.43
CA ILE G 113 -6.19 -0.36 40.22
C ILE G 113 -7.10 0.18 41.32
N LYS G 114 -6.53 0.36 42.52
CA LYS G 114 -7.32 0.86 43.63
C LYS G 114 -7.94 2.20 43.22
N PRO G 115 -9.26 2.31 43.13
CA PRO G 115 -9.88 3.52 42.55
C PRO G 115 -9.28 4.78 43.14
N ARG G 116 -9.07 5.78 42.28
CA ARG G 116 -8.47 7.05 42.67
C ARG G 116 -9.56 8.11 42.89
N LYS G 117 -9.79 8.45 44.16
CA LYS G 117 -10.75 9.51 44.46
C LYS G 117 -10.20 10.88 44.07
N ASP G 118 -8.91 11.11 44.28
CA ASP G 118 -8.31 12.40 43.94
C ASP G 118 -8.45 12.69 42.44
N ARG G 119 -7.91 11.80 41.61
CA ARG G 119 -8.06 11.96 40.16
C ARG G 119 -9.53 12.15 39.80
N ALA G 120 -10.42 11.39 40.47
CA ALA G 120 -11.84 11.49 40.20
C ALA G 120 -12.36 12.91 40.41
N ASP G 121 -12.10 13.48 41.59
CA ASP G 121 -12.60 14.83 41.86
C ASP G 121 -12.01 15.85 40.89
N GLU G 122 -10.72 15.69 40.58
CA GLU G 122 -10.07 16.62 39.66
C GLU G 122 -10.70 16.55 38.27
N LEU G 123 -10.89 15.33 37.77
CA LEU G 123 -11.51 15.18 36.45
C LEU G 123 -12.96 15.64 36.48
N LEU G 124 -13.67 15.39 37.59
CA LEU G 124 -14.99 15.99 37.76
C LEU G 124 -14.90 17.51 37.78
N ALA G 125 -13.82 18.06 38.34
CA ALA G 125 -13.58 19.49 38.28
C ALA G 125 -13.24 19.94 36.86
N ARG G 126 -12.33 19.22 36.19
CA ARG G 126 -11.89 19.63 34.86
C ARG G 126 -13.06 19.76 33.90
N VAL G 127 -14.08 18.93 34.06
CA VAL G 127 -15.28 19.00 33.22
C VAL G 127 -16.26 20.04 33.72
N GLY G 128 -15.93 20.75 34.80
CA GLY G 128 -16.80 21.80 35.29
C GLY G 128 -17.82 21.36 36.32
N LEU G 129 -17.62 20.22 36.96
CA LEU G 129 -18.52 19.72 37.99
C LEU G 129 -17.84 19.66 39.36
N LYS G 130 -16.99 20.64 39.65
CA LYS G 130 -16.32 20.74 40.94
C LYS G 130 -17.26 20.46 42.10
N GLY G 131 -16.88 19.52 42.95
CA GLY G 131 -17.57 19.27 44.20
C GLY G 131 -18.85 18.48 44.08
N LEU G 132 -19.34 18.23 42.87
CA LEU G 132 -20.61 17.56 42.65
C LEU G 132 -20.49 16.04 42.63
N GLY G 133 -19.36 15.50 43.09
CA GLY G 133 -19.09 14.08 43.10
C GLY G 133 -20.09 13.25 43.89
N GLY G 134 -20.92 13.88 44.71
CA GLY G 134 -21.96 13.20 45.46
C GLY G 134 -23.30 13.07 44.79
N ARG G 135 -23.51 13.71 43.63
CA ARG G 135 -24.82 13.69 43.00
C ARG G 135 -25.18 12.30 42.51
N ARG G 136 -26.46 11.99 42.54
CA ARG G 136 -26.99 10.80 41.90
C ARG G 136 -27.57 11.19 40.53
N VAL G 137 -27.92 10.16 39.75
CA VAL G 137 -28.34 10.41 38.38
C VAL G 137 -29.61 11.24 38.33
N ALA G 138 -30.52 11.02 39.30
CA ALA G 138 -31.75 11.81 39.36
C ALA G 138 -31.47 13.27 39.70
N GLN G 139 -30.37 13.55 40.42
CA GLN G 139 -29.98 14.90 40.79
C GLN G 139 -29.06 15.53 39.76
N LEU G 140 -29.05 15.04 38.52
CA LEU G 140 -28.20 15.55 37.48
C LEU G 140 -29.03 15.87 36.25
N SER G 141 -28.81 17.04 35.66
CA SER G 141 -29.53 17.47 34.47
C SER G 141 -28.92 16.80 33.25
N GLY G 142 -29.53 17.02 32.09
CA GLY G 142 -28.97 16.48 30.86
C GLY G 142 -27.52 16.88 30.65
N GLY G 143 -27.24 18.18 30.73
CA GLY G 143 -25.87 18.64 30.52
C GLY G 143 -24.88 18.06 31.51
N GLN G 144 -25.29 17.94 32.78
CA GLN G 144 -24.39 17.41 33.80
C GLN G 144 -24.13 15.92 33.62
N ARG G 145 -25.14 15.17 33.19
CA ARG G 145 -24.94 13.75 32.90
C ARG G 145 -23.94 13.57 31.76
N GLN G 146 -24.03 14.42 30.73
CA GLN G 146 -23.10 14.34 29.63
C GLN G 146 -21.70 14.76 30.05
N ARG G 147 -21.60 15.72 30.98
CA ARG G 147 -20.30 16.10 31.53
C ARG G 147 -19.67 14.95 32.32
N VAL G 148 -20.47 14.22 33.08
CA VAL G 148 -19.95 13.03 33.76
C VAL G 148 -19.42 12.05 32.73
N ASN G 149 -20.17 11.83 31.66
CA ASN G 149 -19.76 10.89 30.62
C ASN G 149 -18.41 11.26 30.04
N ILE G 150 -18.22 12.55 29.70
CA ILE G 150 -16.92 13.03 29.23
C ILE G 150 -15.86 12.79 30.29
N ALA G 151 -16.19 13.06 31.55
CA ALA G 151 -15.22 12.85 32.61
C ALA G 151 -14.85 11.39 32.74
N ARG G 152 -15.84 10.49 32.58
CA ARG G 152 -15.57 9.06 32.69
C ARG G 152 -14.67 8.57 31.57
N ALA G 153 -14.87 9.08 30.35
CA ALA G 153 -13.96 8.73 29.27
C ALA G 153 -12.55 9.19 29.55
N LEU G 154 -12.40 10.28 30.31
CA LEU G 154 -11.08 10.83 30.62
C LEU G 154 -10.38 10.14 31.78
N MET G 155 -11.10 9.38 32.61
CA MET G 155 -10.48 8.86 33.82
C MET G 155 -9.33 7.91 33.51
N GLY G 156 -9.47 7.10 32.48
CA GLY G 156 -8.47 6.09 32.19
C GLY G 156 -7.26 6.58 31.44
N ASN G 157 -7.17 7.89 31.19
CA ASN G 157 -6.07 8.47 30.44
C ASN G 157 -5.93 7.72 29.10
N PRO G 158 -6.95 7.77 28.25
CA PRO G 158 -6.89 7.06 26.98
C PRO G 158 -6.03 7.81 25.95
N GLN G 159 -5.70 7.09 24.88
CA GLN G 159 -5.11 7.69 23.70
C GLN G 159 -6.13 8.03 22.63
N LEU G 160 -7.31 7.42 22.68
CA LEU G 160 -8.37 7.67 21.72
C LEU G 160 -9.60 8.14 22.48
N LEU G 161 -10.23 9.21 22.01
CA LEU G 161 -11.50 9.67 22.55
C LEU G 161 -12.54 9.62 21.45
N LEU G 162 -13.69 9.00 21.73
CA LEU G 162 -14.75 8.85 20.75
C LEU G 162 -16.04 9.46 21.31
N ALA G 163 -16.64 10.38 20.55
CA ALA G 163 -17.90 10.98 20.92
C ALA G 163 -18.94 10.67 19.84
N ASP G 164 -20.04 10.01 20.23
CA ASP G 164 -21.10 9.67 19.29
C ASP G 164 -22.28 10.61 19.48
N GLU G 165 -22.19 11.78 18.85
CA GLU G 165 -23.25 12.78 18.90
C GLU G 165 -23.60 13.18 20.32
N PRO G 166 -22.65 13.63 21.14
CA PRO G 166 -22.97 13.86 22.56
C PRO G 166 -23.87 15.06 22.79
N THR G 167 -24.14 15.87 21.77
CA THR G 167 -24.95 17.07 21.90
C THR G 167 -26.26 16.98 21.12
N SER G 168 -26.70 15.77 20.77
CA SER G 168 -27.89 15.62 19.93
C SER G 168 -29.17 15.94 20.70
N ALA G 169 -29.19 15.69 22.01
CA ALA G 169 -30.31 16.03 22.87
C ALA G 169 -30.02 17.26 23.74
N LEU G 170 -29.17 18.16 23.27
CA LEU G 170 -28.82 19.37 24.00
C LEU G 170 -29.03 20.62 23.15
N ASP G 171 -29.50 21.68 23.79
CA ASP G 171 -29.78 22.95 23.13
C ASP G 171 -28.49 23.60 22.64
N ALA G 172 -28.62 24.81 22.07
CA ALA G 172 -27.48 25.45 21.44
C ALA G 172 -26.46 25.90 22.48
N ARG G 173 -26.93 26.44 23.61
CA ARG G 173 -26.03 26.91 24.65
C ARG G 173 -25.17 25.79 25.21
N LEU G 174 -25.83 24.71 25.65
CA LEU G 174 -25.13 23.59 26.24
C LEU G 174 -24.23 22.88 25.24
N SER G 175 -24.70 22.70 24.01
CA SER G 175 -23.94 21.96 23.01
C SER G 175 -22.64 22.66 22.61
N LYS G 176 -22.63 24.00 22.55
CA LYS G 176 -21.39 24.72 22.30
C LYS G 176 -20.39 24.53 23.44
N GLU G 177 -20.85 24.64 24.69
CA GLU G 177 -19.96 24.45 25.84
C GLU G 177 -19.25 23.11 25.78
N ILE G 178 -19.96 22.05 25.39
CA ILE G 178 -19.39 20.71 25.47
C ILE G 178 -18.37 20.46 24.37
N VAL G 179 -18.63 20.95 23.15
CA VAL G 179 -17.65 20.82 22.09
C VAL G 179 -16.38 21.60 22.43
N GLU G 180 -16.53 22.78 23.05
CA GLU G 180 -15.37 23.49 23.56
C GLU G 180 -14.59 22.61 24.53
N LEU G 181 -15.30 21.99 25.48
CA LEU G 181 -14.66 21.08 26.41
C LEU G 181 -13.95 19.96 25.67
N LEU G 182 -14.58 19.41 24.64
CA LEU G 182 -14.00 18.27 23.92
C LEU G 182 -12.72 18.68 23.21
N ARG G 183 -12.76 19.78 22.46
CA ARG G 183 -11.54 20.30 21.82
C ARG G 183 -10.48 20.68 22.85
N ASP G 184 -10.89 21.33 23.94
CA ASP G 184 -9.93 21.82 24.93
C ASP G 184 -9.22 20.66 25.60
N VAL G 185 -9.98 19.64 26.01
CA VAL G 185 -9.40 18.44 26.58
C VAL G 185 -8.56 17.70 25.54
N THR G 186 -8.99 17.73 24.28
CA THR G 186 -8.25 17.03 23.22
C THR G 186 -6.86 17.62 23.05
N LYS G 187 -6.75 18.96 23.10
CA LYS G 187 -5.42 19.57 23.00
C LYS G 187 -4.63 19.40 24.29
N GLU G 188 -5.24 19.73 25.43
CA GLU G 188 -4.53 19.68 26.71
C GLU G 188 -3.82 18.34 26.92
N PHE G 189 -4.52 17.23 26.65
CA PHE G 189 -4.01 15.91 26.98
C PHE G 189 -3.57 15.11 25.74
N ALA G 190 -3.25 15.79 24.64
CA ALA G 190 -2.75 15.14 23.42
C ALA G 190 -3.59 13.92 23.05
N LEU G 191 -4.90 14.03 23.22
CA LEU G 191 -5.80 12.96 22.83
C LEU G 191 -5.94 12.90 21.31
N ALA G 192 -6.33 11.72 20.83
CA ALA G 192 -6.78 11.55 19.45
C ALA G 192 -8.27 11.33 19.51
N THR G 193 -9.05 12.30 19.02
CA THR G 193 -10.48 12.32 19.26
C THR G 193 -11.22 12.29 17.92
N LEU G 194 -11.98 11.22 17.68
CA LEU G 194 -12.98 11.20 16.62
C LEU G 194 -14.33 11.58 17.19
N MET G 195 -15.09 12.38 16.44
CA MET G 195 -16.38 12.84 16.92
C MET G 195 -17.38 12.80 15.78
N VAL G 196 -18.62 12.44 16.10
CA VAL G 196 -19.71 12.25 15.14
C VAL G 196 -20.83 13.20 15.55
N THR G 197 -21.18 14.15 14.67
CA THR G 197 -22.24 15.10 14.99
C THR G 197 -23.09 15.43 13.77
N HIS G 198 -24.31 15.90 14.05
CA HIS G 198 -25.24 16.38 13.03
C HIS G 198 -25.37 17.89 13.05
N ASP G 199 -24.64 18.56 13.94
CA ASP G 199 -24.69 20.00 14.01
C ASP G 199 -23.78 20.54 12.92
N ARG G 200 -24.13 21.71 12.40
CA ARG G 200 -23.34 22.35 11.36
C ARG G 200 -22.54 23.51 11.91
N SER G 201 -22.69 23.78 13.20
CA SER G 201 -21.98 24.87 13.86
C SER G 201 -20.80 24.38 14.68
N GLN G 202 -20.66 23.06 14.86
CA GLN G 202 -19.56 22.51 15.64
C GLN G 202 -18.42 22.01 14.76
N LEU G 203 -18.61 21.94 13.44
CA LEU G 203 -17.56 21.57 12.51
C LEU G 203 -16.40 22.56 12.46
N ALA G 204 -16.46 23.66 13.20
CA ALA G 204 -15.36 24.60 13.17
C ALA G 204 -14.38 24.35 14.31
N TYR G 205 -14.76 23.52 15.27
CA TYR G 205 -13.88 23.13 16.36
C TYR G 205 -12.93 22.01 15.97
N ALA G 206 -13.16 21.38 14.81
CA ALA G 206 -12.46 20.17 14.40
C ALA G 206 -11.35 20.49 13.42
N ASP G 207 -10.23 19.77 13.55
CA ASP G 207 -9.06 20.07 12.73
C ASP G 207 -9.20 19.52 11.32
N ARG G 208 -9.66 18.27 11.19
CA ARG G 208 -9.94 17.63 9.92
C ARG G 208 -11.39 17.17 9.88
N PHE G 209 -11.78 16.57 8.75
CA PHE G 209 -13.09 15.96 8.64
C PHE G 209 -12.97 14.59 7.97
N VAL G 210 -13.92 13.72 8.30
CA VAL G 210 -14.17 12.49 7.55
C VAL G 210 -15.61 12.61 7.05
N GLU G 211 -15.78 12.99 5.79
CA GLU G 211 -17.12 13.04 5.21
C GLU G 211 -17.55 11.66 4.77
N MET G 212 -18.80 11.32 5.07
CA MET G 212 -19.29 9.95 4.91
C MET G 212 -20.51 9.96 4.00
N ALA G 213 -20.44 9.17 2.92
CA ALA G 213 -21.57 9.01 2.02
C ALA G 213 -21.61 7.58 1.51
N ASP G 214 -22.76 6.92 1.68
CA ASP G 214 -22.98 5.57 1.18
C ASP G 214 -21.93 4.59 1.69
N GLY G 215 -21.43 4.82 2.90
CA GLY G 215 -20.46 3.95 3.53
C GLY G 215 -19.02 4.17 3.14
N LYS G 216 -18.71 5.23 2.40
CA LYS G 216 -17.33 5.52 1.99
C LYS G 216 -16.83 6.73 2.77
N ALA G 217 -15.65 6.60 3.37
CA ALA G 217 -15.04 7.69 4.12
C ALA G 217 -14.06 8.44 3.24
N LEU G 218 -14.23 9.76 3.15
CA LEU G 218 -13.29 10.65 2.50
C LEU G 218 -12.63 11.54 3.54
N GLN G 219 -11.31 11.41 3.70
CA GLN G 219 -10.56 12.22 4.65
C GLN G 219 -10.19 13.55 3.99
N THR G 220 -10.82 14.63 4.42
CA THR G 220 -10.57 15.95 3.88
C THR G 220 -10.10 16.90 4.98
N ALA G 221 -9.72 18.10 4.57
CA ALA G 221 -9.38 19.18 5.49
C ALA G 221 -10.28 20.39 5.32
N LYS G 222 -11.19 20.37 4.34
CA LYS G 222 -12.17 21.42 4.14
C LYS G 222 -13.47 20.76 3.69
N LEU G 223 -14.60 21.29 4.14
CA LEU G 223 -15.89 20.69 3.85
C LEU G 223 -16.16 20.68 2.34
N TRP G 224 -16.32 19.49 1.77
CA TRP G 224 -16.77 19.34 0.40
C TRP G 224 -18.26 19.06 0.28
N SER G 225 -18.91 18.68 1.38
CA SER G 225 -20.34 18.37 1.36
C SER G 225 -20.94 18.70 2.71
N HIS G 226 -22.06 19.42 2.70
CA HIS G 226 -22.72 19.86 3.92
C HIS G 226 -23.28 18.69 4.71
N PRO G 227 -23.55 18.87 6.02
CA PRO G 227 -24.23 17.85 6.81
C PRO G 227 -25.75 17.96 6.73
N MET H 1 -17.49 -6.43 41.35
CA MET H 1 -18.28 -6.36 42.57
C MET H 1 -18.53 -4.92 43.00
N PHE H 2 -17.87 -3.98 42.32
CA PHE H 2 -18.06 -2.57 42.62
C PHE H 2 -19.51 -2.16 42.39
N LEU H 3 -20.00 -2.28 41.15
CA LEU H 3 -21.40 -1.94 40.88
C LEU H 3 -22.35 -2.87 41.62
N GLY H 4 -22.03 -4.16 41.69
CA GLY H 4 -22.94 -5.11 42.33
C GLY H 4 -23.25 -4.74 43.78
N ILE H 5 -22.22 -4.38 44.55
CA ILE H 5 -22.39 -4.11 45.97
C ILE H 5 -23.21 -2.84 46.18
N ARG H 6 -23.00 -1.84 45.33
CA ARG H 6 -23.69 -0.56 45.45
C ARG H 6 -25.10 -0.60 44.88
N ASP H 7 -25.39 -1.53 43.98
CA ASP H 7 -26.78 -1.81 43.65
C ASP H 7 -27.58 -2.21 44.88
N ILE H 8 -26.97 -3.01 45.76
CA ILE H 8 -27.66 -3.45 46.97
C ILE H 8 -27.89 -2.29 47.92
N ARG H 9 -26.90 -1.42 48.08
CA ARG H 9 -27.09 -0.22 48.91
C ARG H 9 -28.29 0.60 48.43
N ALA H 10 -28.42 0.76 47.11
CA ALA H 10 -29.42 1.64 46.53
C ALA H 10 -30.76 0.96 46.22
N ALA H 11 -30.84 -0.37 46.24
CA ALA H 11 -32.09 -1.09 45.94
C ALA H 11 -32.38 -2.16 46.99
N ALA H 12 -32.71 -1.73 48.20
CA ALA H 12 -32.98 -2.65 49.29
C ALA H 12 -34.34 -3.34 49.18
N GLY H 13 -35.26 -2.81 48.37
CA GLY H 13 -36.59 -3.37 48.22
C GLY H 13 -36.66 -4.77 47.63
N ARG H 14 -36.29 -4.92 46.37
CA ARG H 14 -36.42 -6.20 45.69
C ARG H 14 -35.54 -7.26 46.35
N PHE H 15 -34.36 -6.86 46.81
CA PHE H 15 -33.45 -7.78 47.51
C PHE H 15 -33.99 -8.20 48.87
N ALA H 16 -34.76 -7.35 49.54
CA ALA H 16 -35.38 -7.74 50.79
C ALA H 16 -36.31 -8.94 50.61
N LEU H 17 -37.12 -8.96 49.55
CA LEU H 17 -37.99 -10.11 49.32
C LEU H 17 -37.19 -11.40 49.15
N ILE H 18 -36.16 -11.38 48.29
CA ILE H 18 -35.45 -12.61 47.98
C ILE H 18 -34.61 -13.09 49.16
N ALA H 19 -33.93 -12.18 49.86
CA ALA H 19 -33.20 -12.60 51.04
C ALA H 19 -34.14 -13.12 52.11
N SER H 20 -35.33 -12.54 52.23
CA SER H 20 -36.33 -13.06 53.14
C SER H 20 -36.80 -14.44 52.70
N VAL H 21 -37.04 -14.62 51.39
CA VAL H 21 -37.44 -15.93 50.90
C VAL H 21 -36.33 -16.95 51.14
N VAL H 22 -35.08 -16.56 50.86
CA VAL H 22 -33.95 -17.46 51.13
C VAL H 22 -33.88 -17.73 52.62
N GLY H 23 -34.13 -16.70 53.44
CA GLY H 23 -34.12 -16.87 54.88
C GLY H 23 -35.19 -17.81 55.39
N LEU H 24 -36.40 -17.72 54.83
CA LEU H 24 -37.47 -18.62 55.23
C LEU H 24 -37.10 -20.06 54.94
N ILE H 25 -36.59 -20.33 53.74
CA ILE H 25 -36.23 -21.71 53.38
C ILE H 25 -35.11 -22.21 54.28
N THR H 26 -34.11 -21.36 54.55
CA THR H 26 -33.05 -21.75 55.46
C THR H 26 -33.58 -21.92 56.88
N LEU H 27 -34.49 -21.04 57.30
CA LEU H 27 -35.11 -21.18 58.61
C LEU H 27 -35.81 -22.52 58.74
N LEU H 28 -36.62 -22.88 57.75
CA LEU H 28 -37.30 -24.16 57.76
C LEU H 28 -36.30 -25.31 57.80
N ILE H 29 -35.24 -25.23 57.01
CA ILE H 29 -34.25 -26.31 56.95
C ILE H 29 -33.52 -26.45 58.27
N VAL H 30 -33.13 -25.34 58.90
CA VAL H 30 -32.41 -25.44 60.17
C VAL H 30 -33.26 -26.08 61.25
N MET H 31 -34.55 -25.72 61.35
CA MET H 31 -35.37 -26.34 62.39
C MET H 31 -35.69 -27.79 62.04
N LEU H 32 -35.91 -28.07 60.75
CA LEU H 32 -36.09 -29.45 60.32
C LEU H 32 -34.83 -30.27 60.58
N THR H 33 -33.65 -29.69 60.32
CA THR H 33 -32.40 -30.39 60.61
C THR H 33 -32.31 -30.72 62.10
N GLY H 34 -32.54 -29.72 62.94
CA GLY H 34 -32.50 -29.93 64.38
C GLY H 34 -33.54 -30.91 64.86
N LEU H 35 -34.71 -30.91 64.24
CA LEU H 35 -35.81 -31.76 64.66
C LEU H 35 -35.56 -33.23 64.28
N THR H 36 -34.97 -33.49 63.11
CA THR H 36 -34.72 -34.88 62.75
C THR H 36 -33.60 -35.48 63.58
N GLN H 37 -32.56 -34.69 63.87
CA GLN H 37 -31.51 -35.14 64.78
C GLN H 37 -32.05 -35.29 66.19
N GLY H 38 -32.95 -34.41 66.59
CA GLY H 38 -33.57 -34.52 67.90
C GLY H 38 -34.35 -35.81 68.07
N LEU H 39 -35.12 -36.19 67.05
CA LEU H 39 -35.89 -37.44 67.12
C LEU H 39 -34.98 -38.66 67.20
N GLY H 40 -33.82 -38.62 66.53
CA GLY H 40 -32.91 -39.76 66.63
C GLY H 40 -32.44 -40.01 68.04
N LYS H 41 -32.14 -38.93 68.79
CA LYS H 41 -31.79 -39.11 70.19
C LYS H 41 -32.99 -39.51 71.02
N GLN H 42 -34.20 -39.11 70.59
CA GLN H 42 -35.41 -39.53 71.26
C GLN H 42 -35.60 -41.05 71.18
N ASN H 43 -35.12 -41.67 70.11
CA ASN H 43 -35.18 -43.13 69.96
C ASN H 43 -33.92 -43.89 70.38
N THR H 44 -32.74 -43.27 70.33
CA THR H 44 -31.48 -44.00 70.45
C THR H 44 -30.58 -43.60 71.62
N SER H 45 -30.94 -42.58 72.40
CA SER H 45 -30.01 -41.99 73.35
C SER H 45 -29.53 -43.00 74.40
N ALA H 46 -30.42 -43.90 74.84
CA ALA H 46 -30.06 -44.88 75.87
C ALA H 46 -29.06 -45.91 75.34
N ILE H 47 -29.34 -46.52 74.20
CA ILE H 47 -28.45 -47.54 73.65
C ILE H 47 -27.06 -46.96 73.34
N GLU H 48 -27.00 -45.74 72.80
CA GLU H 48 -25.71 -45.11 72.55
C GLU H 48 -24.89 -44.95 73.82
N ALA H 49 -25.52 -44.49 74.91
CA ALA H 49 -24.82 -44.33 76.17
C ALA H 49 -24.12 -45.62 76.62
N LEU H 50 -24.80 -46.76 76.50
CA LEU H 50 -24.16 -48.02 76.88
C LEU H 50 -22.97 -48.36 75.99
N ALA H 51 -22.90 -47.76 74.80
CA ALA H 51 -21.76 -47.86 73.90
C ALA H 51 -21.25 -49.30 73.69
N PRO H 52 -22.07 -50.17 73.13
CA PRO H 52 -21.57 -51.51 72.76
C PRO H 52 -20.85 -51.48 71.42
N HIS H 53 -19.94 -52.44 71.24
CA HIS H 53 -19.23 -52.54 69.99
C HIS H 53 -20.15 -53.18 68.97
N SER H 54 -20.53 -54.42 69.23
CA SER H 54 -21.54 -55.17 68.51
C SER H 54 -22.64 -55.60 69.48
N VAL H 55 -23.76 -56.02 68.93
CA VAL H 55 -24.94 -56.44 69.69
C VAL H 55 -25.59 -57.64 69.01
N VAL H 56 -25.78 -58.72 69.76
CA VAL H 56 -26.34 -59.96 69.24
C VAL H 56 -27.85 -59.98 69.52
N PHE H 57 -28.63 -60.25 68.48
CA PHE H 57 -30.08 -60.32 68.51
C PHE H 57 -30.56 -61.76 68.34
N THR H 58 -31.88 -61.91 68.35
CA THR H 58 -32.55 -63.18 68.07
C THR H 58 -33.66 -62.92 67.05
N THR H 59 -33.73 -63.78 66.04
CA THR H 59 -34.66 -63.60 64.94
C THR H 59 -35.50 -64.86 64.75
N ALA H 60 -36.47 -64.77 63.84
CA ALA H 60 -37.27 -65.92 63.42
C ALA H 60 -37.51 -65.85 61.93
N GLY H 61 -37.33 -66.97 61.24
CA GLY H 61 -37.50 -67.00 59.80
C GLY H 61 -36.52 -66.12 59.06
N GLY H 62 -35.32 -65.94 59.61
CA GLY H 62 -34.30 -65.10 58.97
C GLY H 62 -34.75 -63.69 58.69
N SER H 63 -35.72 -63.18 59.46
CA SER H 63 -36.21 -61.83 59.29
C SER H 63 -35.24 -60.81 59.91
N SER H 64 -35.50 -59.54 59.66
CA SER H 64 -34.68 -58.49 60.24
C SER H 64 -34.87 -58.50 61.75
N PRO H 65 -33.80 -58.32 62.53
CA PRO H 65 -33.98 -58.27 63.98
C PRO H 65 -34.88 -57.11 64.39
N GLU H 66 -35.65 -57.34 65.44
CA GLU H 66 -36.59 -56.35 65.95
C GLU H 66 -36.45 -56.25 67.46
N PHE H 67 -36.32 -55.03 67.99
CA PHE H 67 -36.30 -54.85 69.43
C PHE H 67 -37.60 -55.32 70.07
N THR H 68 -38.68 -55.34 69.30
CA THR H 68 -39.99 -55.79 69.75
C THR H 68 -40.12 -57.31 69.72
N SER H 69 -39.13 -58.04 69.19
CA SER H 69 -39.27 -59.46 68.93
C SER H 69 -38.10 -60.32 69.40
N SER H 70 -37.11 -59.74 70.07
CA SER H 70 -35.92 -60.47 70.50
C SER H 70 -36.00 -60.86 71.98
N GLU H 71 -35.55 -62.09 72.27
CA GLU H 71 -35.34 -62.53 73.64
C GLU H 71 -34.06 -63.36 73.69
N ILE H 72 -33.31 -63.27 74.78
CA ILE H 72 -32.08 -64.03 74.97
C ILE H 72 -32.28 -65.03 76.10
N SER H 73 -32.12 -66.32 75.78
CA SER H 73 -32.23 -67.39 76.76
C SER H 73 -31.01 -67.43 77.68
N GLU H 74 -31.17 -68.14 78.80
CA GLU H 74 -30.13 -68.20 79.82
C GLU H 74 -28.84 -68.80 79.27
N GLN H 75 -28.95 -69.86 78.46
CA GLN H 75 -27.76 -70.46 77.87
C GLN H 75 -27.26 -69.64 76.69
N GLN H 76 -28.17 -68.98 75.98
CA GLN H 76 -27.75 -68.05 74.95
C GLN H 76 -26.93 -66.92 75.57
N ALA H 77 -27.35 -66.42 76.74
CA ALA H 77 -26.61 -65.37 77.43
C ALA H 77 -25.33 -65.89 78.08
N GLU H 78 -25.37 -67.11 78.62
CA GLU H 78 -24.18 -67.65 79.28
C GLU H 78 -23.06 -67.98 78.31
N ARG H 79 -23.38 -68.28 77.05
CA ARG H 79 -22.33 -68.51 76.07
C ARG H 79 -21.47 -67.27 75.92
N TRP H 80 -22.08 -66.16 75.51
CA TRP H 80 -21.37 -64.91 75.29
C TRP H 80 -20.89 -64.42 76.65
N LYS H 81 -19.60 -64.57 76.93
CA LYS H 81 -19.05 -64.02 78.17
C LYS H 81 -18.53 -62.60 77.98
N ASP H 82 -18.24 -61.95 79.11
CA ASP H 82 -17.82 -60.55 79.15
C ASP H 82 -18.76 -59.68 78.34
N SER H 83 -20.04 -60.03 78.41
CA SER H 83 -21.13 -59.38 77.71
C SER H 83 -22.26 -59.14 78.69
N THR H 84 -23.05 -58.10 78.46
CA THR H 84 -24.15 -57.87 79.36
C THR H 84 -25.48 -57.96 78.60
N PRO H 85 -26.41 -58.78 79.06
CA PRO H 85 -27.74 -58.84 78.43
C PRO H 85 -28.59 -57.68 78.90
N LEU H 86 -29.19 -56.99 77.93
CA LEU H 86 -30.07 -55.86 78.19
C LEU H 86 -31.47 -56.21 77.74
N GLY H 87 -32.43 -56.12 78.66
CA GLY H 87 -33.84 -56.31 78.35
C GLY H 87 -34.50 -54.95 78.20
N VAL H 88 -35.23 -54.78 77.10
CA VAL H 88 -35.88 -53.52 76.77
C VAL H 88 -37.37 -53.75 76.56
N SER H 89 -38.20 -53.06 77.34
CA SER H 89 -39.64 -53.12 77.18
C SER H 89 -40.24 -51.74 77.42
N GLN H 90 -41.46 -51.56 76.93
CA GLN H 90 -42.27 -50.38 77.21
C GLN H 90 -43.53 -50.81 77.94
N THR H 91 -43.81 -50.15 79.06
CA THR H 91 -44.94 -50.53 79.89
C THR H 91 -45.41 -49.32 80.69
N ARG H 92 -46.53 -49.51 81.39
CA ARG H 92 -47.17 -48.43 82.13
C ARG H 92 -46.55 -48.35 83.51
N ILE H 93 -46.14 -47.14 83.91
CA ILE H 93 -45.69 -46.86 85.26
C ILE H 93 -46.74 -46.02 85.95
N GLU H 94 -47.13 -46.41 87.16
CA GLU H 94 -48.18 -45.74 87.91
C GLU H 94 -47.82 -45.57 89.38
N SER H 95 -47.91 -44.33 89.85
CA SER H 95 -47.79 -44.01 91.27
C SER H 95 -49.18 -43.65 91.80
N ASP H 96 -49.27 -43.49 93.12
CA ASP H 96 -50.57 -43.24 93.73
C ASP H 96 -51.26 -42.01 93.16
N GLN H 97 -50.50 -41.06 92.60
CA GLN H 97 -51.05 -39.81 92.12
C GLN H 97 -51.13 -39.69 90.60
N ASN H 98 -50.41 -40.52 89.85
CA ASN H 98 -50.42 -40.37 88.39
C ASN H 98 -49.90 -41.65 87.74
N ALA H 99 -49.86 -41.64 86.41
CA ALA H 99 -49.33 -42.76 85.63
C ALA H 99 -48.97 -42.28 84.23
N ASN H 100 -48.27 -43.15 83.51
CA ASN H 100 -47.83 -42.90 82.14
C ASN H 100 -47.18 -44.18 81.62
N THR H 101 -46.90 -44.20 80.33
CA THR H 101 -46.15 -45.28 79.71
C THR H 101 -44.69 -44.85 79.51
N THR H 102 -43.77 -45.75 79.82
CA THR H 102 -42.35 -45.45 79.71
C THR H 102 -41.60 -46.72 79.31
N ALA H 103 -40.41 -46.53 78.76
CA ALA H 103 -39.54 -47.63 78.42
C ALA H 103 -38.77 -48.09 79.64
N VAL H 104 -38.59 -49.40 79.77
CA VAL H 104 -37.82 -50.00 80.85
C VAL H 104 -36.71 -50.82 80.23
N MET H 105 -35.47 -50.51 80.61
CA MET H 105 -34.31 -51.30 80.25
C MET H 105 -33.74 -52.03 81.45
N GLY H 106 -33.41 -53.30 81.27
CA GLY H 106 -32.91 -54.15 82.34
C GLY H 106 -31.55 -54.75 82.02
N LEU H 107 -30.63 -54.68 82.95
CA LEU H 107 -29.30 -55.25 82.83
C LEU H 107 -28.96 -56.04 84.09
N PRO H 108 -27.93 -56.88 84.05
CA PRO H 108 -27.61 -57.70 85.22
C PRO H 108 -27.20 -56.84 86.40
N GLU H 109 -27.35 -57.40 87.59
CA GLU H 109 -27.04 -56.66 88.81
C GLU H 109 -25.56 -56.31 88.85
N GLY H 110 -25.26 -55.08 89.28
CA GLY H 110 -23.90 -54.62 89.40
C GLY H 110 -23.26 -54.04 88.15
N THR H 111 -23.93 -54.14 87.00
CA THR H 111 -23.37 -53.61 85.75
C THR H 111 -23.17 -52.10 85.83
N PRO H 112 -21.98 -51.59 85.55
CA PRO H 112 -21.75 -50.14 85.59
C PRO H 112 -22.54 -49.41 84.49
N LEU H 113 -23.19 -48.31 84.89
CA LEU H 113 -23.99 -47.48 84.02
C LEU H 113 -23.13 -46.48 83.24
N PRO H 114 -23.57 -46.09 82.05
CA PRO H 114 -22.82 -45.09 81.27
C PRO H 114 -22.70 -43.76 82.00
N ASP H 115 -21.56 -43.10 81.77
CA ASP H 115 -21.31 -41.81 82.43
C ASP H 115 -22.41 -40.81 82.14
N SER H 116 -23.11 -40.96 81.02
CA SER H 116 -24.31 -40.19 80.73
C SER H 116 -25.30 -40.21 81.89
N VAL H 117 -25.48 -41.36 82.53
CA VAL H 117 -26.42 -41.50 83.62
C VAL H 117 -25.75 -41.67 84.98
N GLY H 118 -24.56 -42.26 85.05
CA GLY H 118 -23.92 -42.47 86.33
C GLY H 118 -24.68 -43.41 87.23
N GLY H 119 -24.17 -43.64 88.45
CA GLY H 119 -24.76 -44.65 89.30
C GLY H 119 -24.51 -46.07 88.81
N PHE H 120 -25.17 -47.00 89.50
CA PHE H 120 -25.01 -48.42 89.22
C PHE H 120 -26.38 -49.07 89.26
N ILE H 121 -26.47 -50.30 88.76
CA ILE H 121 -27.71 -51.05 88.83
C ILE H 121 -27.95 -51.48 90.28
N GLU H 122 -29.07 -50.99 90.85
CA GLU H 122 -29.53 -51.37 92.17
C GLU H 122 -30.84 -52.12 92.07
N GLN H 123 -31.14 -52.91 93.11
CA GLN H 123 -32.38 -53.66 93.16
C GLN H 123 -33.58 -52.73 92.94
N GLY H 124 -34.48 -53.14 92.05
CA GLY H 124 -35.59 -52.27 91.72
C GLY H 124 -35.43 -51.52 90.42
N ALA H 125 -36.06 -50.35 90.34
CA ALA H 125 -36.10 -49.55 89.13
C ALA H 125 -35.44 -48.21 89.38
N LEU H 126 -34.55 -47.80 88.46
CA LEU H 126 -33.93 -46.49 88.50
C LEU H 126 -34.68 -45.59 87.51
N LEU H 127 -35.32 -44.58 88.04
CA LEU H 127 -36.21 -43.75 87.25
C LEU H 127 -35.48 -42.52 86.72
N PRO H 128 -35.83 -42.05 85.52
CA PRO H 128 -35.36 -40.72 85.11
C PRO H 128 -35.92 -39.69 86.08
N ALA H 129 -35.06 -38.73 86.47
CA ALA H 129 -35.44 -37.81 87.54
C ALA H 129 -36.72 -37.05 87.21
N GLU H 130 -36.87 -36.59 85.97
CA GLU H 130 -38.07 -35.82 85.65
C GLU H 130 -39.31 -36.70 85.71
N LEU H 131 -39.21 -37.95 85.29
CA LEU H 131 -40.35 -38.86 85.42
C LEU H 131 -40.62 -39.15 86.89
N ALA H 132 -39.56 -39.32 87.69
CA ALA H 132 -39.75 -39.52 89.11
C ALA H 132 -40.44 -38.31 89.73
N ASP H 133 -40.06 -37.12 89.27
CA ASP H 133 -40.73 -35.89 89.69
C ASP H 133 -42.19 -35.89 89.22
N PHE H 134 -42.41 -36.36 87.99
CA PHE H 134 -43.76 -36.45 87.44
C PHE H 134 -44.67 -37.30 88.31
N LEU H 135 -44.17 -38.45 88.76
CA LEU H 135 -44.91 -39.41 89.57
C LEU H 135 -44.98 -39.08 91.05
N HIS H 136 -44.34 -38.01 91.52
CA HIS H 136 -44.34 -37.65 92.94
C HIS H 136 -43.81 -38.83 93.77
N VAL H 137 -42.66 -39.35 93.37
CA VAL H 137 -42.04 -40.50 94.02
C VAL H 137 -40.59 -40.19 94.34
N ARG H 138 -40.06 -40.85 95.37
CA ARG H 138 -38.66 -40.71 95.77
C ARG H 138 -38.03 -42.10 95.92
N ALA H 139 -36.76 -42.11 96.35
CA ALA H 139 -36.05 -43.36 96.58
C ALA H 139 -36.59 -44.06 97.83
N GLY H 140 -37.18 -45.24 97.63
CA GLY H 140 -37.75 -46.01 98.72
C GLY H 140 -39.25 -46.11 98.66
N ASP H 141 -39.86 -45.57 97.61
CA ASP H 141 -41.29 -45.57 97.38
C ASP H 141 -41.66 -46.68 96.41
N HIS H 142 -42.88 -47.17 96.52
CA HIS H 142 -43.35 -48.23 95.64
C HIS H 142 -44.00 -47.62 94.41
N ILE H 143 -43.76 -48.23 93.26
CA ILE H 143 -44.29 -47.79 91.98
C ILE H 143 -44.79 -49.01 91.22
N THR H 144 -45.80 -48.81 90.40
CA THR H 144 -46.37 -49.90 89.60
C THR H 144 -45.66 -49.90 88.25
N LEU H 145 -44.90 -50.95 88.00
CA LEU H 145 -44.11 -51.09 86.78
C LEU H 145 -44.63 -52.35 86.11
N GLY H 146 -45.33 -52.19 84.99
CA GLY H 146 -45.88 -53.31 84.26
C GLY H 146 -46.78 -54.19 85.08
N GLY H 147 -47.59 -53.59 85.96
CA GLY H 147 -48.49 -54.35 86.80
C GLY H 147 -47.90 -54.90 88.07
N ALA H 148 -46.65 -54.57 88.38
CA ALA H 148 -45.98 -55.03 89.58
C ALA H 148 -45.39 -53.87 90.34
N THR H 149 -45.41 -53.96 91.67
CA THR H 149 -44.90 -52.89 92.52
C THR H 149 -43.41 -53.11 92.72
N VAL H 150 -42.62 -52.10 92.36
CA VAL H 150 -41.16 -52.12 92.47
C VAL H 150 -40.73 -50.96 93.34
N THR H 151 -39.62 -51.13 94.04
CA THR H 151 -39.10 -50.09 94.90
C THR H 151 -38.11 -49.21 94.12
N VAL H 152 -38.29 -47.90 94.27
CA VAL H 152 -37.46 -46.87 93.64
C VAL H 152 -36.12 -46.83 94.36
N ALA H 153 -35.06 -47.23 93.65
CA ALA H 153 -33.72 -47.21 94.23
C ALA H 153 -33.10 -45.83 94.21
N GLY H 154 -33.51 -44.97 93.27
CA GLY H 154 -32.93 -43.65 93.17
C GLY H 154 -33.21 -43.01 91.83
N THR H 155 -32.84 -41.74 91.75
CA THR H 155 -33.02 -40.94 90.54
C THR H 155 -31.74 -40.87 89.74
N VAL H 156 -31.90 -40.60 88.44
CA VAL H 156 -30.81 -40.53 87.48
C VAL H 156 -31.14 -39.45 86.46
N LYS H 157 -30.29 -39.30 85.44
CA LYS H 157 -30.60 -38.40 84.35
C LYS H 157 -31.52 -39.10 83.36
N THR H 158 -31.96 -38.37 82.34
CA THR H 158 -33.00 -38.88 81.45
C THR H 158 -32.34 -39.27 80.13
N GLU H 159 -32.55 -40.52 79.73
CA GLU H 159 -32.33 -40.99 78.38
C GLU H 159 -33.66 -41.47 77.82
N ASN H 160 -33.70 -41.73 76.51
CA ASN H 160 -34.96 -41.98 75.83
C ASN H 160 -34.85 -43.24 74.98
N TYR H 161 -35.98 -43.93 74.85
CA TYR H 161 -36.14 -45.07 73.95
C TYR H 161 -37.55 -45.06 73.40
N SER H 162 -37.65 -44.97 72.07
CA SER H 162 -38.94 -44.93 71.36
C SER H 162 -39.83 -43.83 71.91
N HIS H 163 -39.28 -42.62 71.99
CA HIS H 163 -39.97 -41.41 72.43
C HIS H 163 -40.48 -41.51 73.87
N THR H 164 -39.94 -42.44 74.63
CA THR H 164 -40.25 -42.65 76.03
C THR H 164 -38.98 -42.60 76.85
N PRO H 165 -39.05 -42.12 78.09
CA PRO H 165 -37.88 -42.19 78.96
C PRO H 165 -37.58 -43.61 79.38
N VAL H 166 -36.31 -43.87 79.68
CA VAL H 166 -35.83 -45.22 79.98
C VAL H 166 -35.76 -45.39 81.49
N VAL H 167 -36.48 -46.40 81.99
CA VAL H 167 -36.35 -46.83 83.38
C VAL H 167 -35.36 -47.97 83.46
N TRP H 168 -34.36 -47.82 84.32
CA TRP H 168 -33.24 -48.76 84.39
C TRP H 168 -33.45 -49.69 85.58
N VAL H 169 -33.43 -51.00 85.32
CA VAL H 169 -33.73 -52.00 86.33
C VAL H 169 -32.69 -53.11 86.28
N ASP H 170 -32.66 -53.89 87.34
CA ASP H 170 -31.86 -55.11 87.36
C ASP H 170 -32.52 -56.17 86.50
N THR H 171 -31.72 -57.15 86.07
CA THR H 171 -32.22 -58.18 85.17
C THR H 171 -33.40 -58.94 85.78
N ALA H 172 -33.36 -59.18 87.09
CA ALA H 172 -34.46 -59.88 87.75
C ALA H 172 -35.74 -59.05 87.71
N THR H 173 -35.64 -57.76 88.03
CA THR H 173 -36.83 -56.90 88.05
C THR H 173 -37.44 -56.76 86.65
N TRP H 174 -36.62 -56.56 85.63
CA TRP H 174 -37.14 -56.45 84.27
C TRP H 174 -37.92 -57.70 83.87
N GLN H 175 -37.41 -58.88 84.27
CA GLN H 175 -38.10 -60.13 83.95
C GLN H 175 -39.51 -60.15 84.52
N LEU H 176 -39.69 -59.65 85.75
CA LEU H 176 -41.02 -59.59 86.34
C LEU H 176 -41.93 -58.63 85.59
N VAL H 177 -41.39 -57.49 85.16
CA VAL H 177 -42.21 -56.47 84.50
C VAL H 177 -42.54 -56.86 83.06
N SER H 178 -41.67 -57.60 82.39
CA SER H 178 -41.88 -57.96 81.00
C SER H 178 -42.40 -59.38 80.83
N HIS H 179 -42.58 -60.10 81.95
CA HIS H 179 -43.21 -61.41 81.98
C HIS H 179 -42.48 -62.41 81.07
N THR H 180 -41.19 -62.57 81.35
CA THR H 180 -40.37 -63.48 80.57
C THR H 180 -39.30 -64.06 81.49
N LYS H 181 -38.99 -65.35 81.31
CA LYS H 181 -37.90 -65.97 82.04
C LYS H 181 -36.54 -65.73 81.38
N ALA H 182 -36.52 -65.19 80.16
CA ALA H 182 -35.27 -64.85 79.50
C ALA H 182 -34.56 -63.73 80.26
N VAL H 183 -33.24 -63.66 80.11
CA VAL H 183 -32.45 -62.66 80.82
C VAL H 183 -32.34 -61.33 80.09
N GLY H 184 -32.86 -61.22 78.87
CA GLY H 184 -32.78 -59.93 78.19
C GLY H 184 -33.32 -60.01 76.79
N THR H 185 -33.29 -58.85 76.12
CA THR H 185 -33.72 -58.74 74.73
C THR H 185 -32.55 -58.73 73.76
N VAL H 186 -31.39 -58.21 74.16
CA VAL H 186 -30.19 -58.21 73.33
C VAL H 186 -28.97 -58.51 74.19
N LEU H 187 -27.83 -58.66 73.52
CA LEU H 187 -26.52 -58.86 74.16
C LEU H 187 -25.59 -57.71 73.78
N LEU H 188 -25.10 -56.98 74.77
CA LEU H 188 -24.14 -55.91 74.54
C LEU H 188 -22.71 -56.44 74.61
N LEU H 189 -21.96 -56.21 73.53
CA LEU H 189 -20.56 -56.62 73.40
C LEU H 189 -19.67 -55.39 73.29
N ASN H 190 -18.69 -55.28 74.19
CA ASN H 190 -17.78 -54.15 74.12
C ASN H 190 -16.62 -54.39 73.16
N GLN H 191 -16.22 -55.66 72.98
CA GLN H 191 -15.28 -56.06 71.94
C GLN H 191 -16.00 -56.70 70.76
N GLU H 192 -15.23 -56.95 69.70
CA GLU H 192 -15.76 -57.61 68.51
C GLU H 192 -16.09 -59.07 68.83
N PRO H 193 -17.18 -59.61 68.27
CA PRO H 193 -17.59 -60.98 68.59
C PRO H 193 -16.60 -62.00 68.05
N THR H 194 -16.21 -62.95 68.90
CA THR H 194 -15.25 -63.97 68.50
C THR H 194 -15.86 -65.34 68.26
N ILE H 195 -17.18 -65.49 68.34
CA ILE H 195 -17.85 -66.75 68.06
C ILE H 195 -18.78 -66.55 66.87
N GLN H 196 -18.89 -67.58 66.02
CA GLN H 196 -19.95 -67.32 65.06
C GLN H 196 -21.29 -67.80 65.61
N PRO H 197 -22.37 -67.05 65.38
CA PRO H 197 -23.64 -67.35 66.03
C PRO H 197 -24.49 -68.36 65.25
N GLN H 198 -25.46 -68.93 65.95
CA GLN H 198 -26.35 -69.95 65.41
C GLN H 198 -27.48 -69.32 64.60
N ASP H 199 -28.22 -70.20 63.90
CA ASP H 199 -29.29 -69.79 63.01
C ASP H 199 -30.23 -68.76 63.64
N ASN H 200 -30.52 -68.89 64.93
CA ASN H 200 -31.48 -67.99 65.57
C ASN H 200 -30.81 -66.73 66.12
N GLU H 201 -29.49 -66.67 66.11
CA GLU H 201 -28.74 -65.48 66.51
C GLU H 201 -28.29 -64.72 65.28
N VAL H 202 -28.02 -63.43 65.47
CA VAL H 202 -27.52 -62.54 64.41
C VAL H 202 -26.76 -61.41 65.10
N VAL H 203 -25.48 -61.26 64.74
CA VAL H 203 -24.66 -60.19 65.30
C VAL H 203 -24.69 -58.98 64.38
N THR H 204 -24.75 -57.79 64.98
CA THR H 204 -24.86 -56.54 64.25
C THR H 204 -24.01 -55.49 64.96
N ASP H 205 -23.49 -54.54 64.19
CA ASP H 205 -22.77 -53.41 64.77
C ASP H 205 -23.76 -52.37 65.30
N LEU H 206 -23.23 -51.39 66.03
CA LEU H 206 -24.07 -50.38 66.66
C LEU H 206 -24.96 -49.68 65.63
N LYS H 207 -24.41 -49.35 64.47
CA LYS H 207 -25.19 -48.73 63.40
C LYS H 207 -26.39 -49.59 63.00
N GLY H 208 -26.12 -50.83 62.60
CA GLY H 208 -27.18 -51.76 62.24
C GLY H 208 -28.12 -52.06 63.39
N ALA H 209 -27.63 -51.93 64.63
CA ALA H 209 -28.46 -52.15 65.80
C ALA H 209 -29.61 -51.16 65.89
N PHE H 210 -29.44 -49.94 65.39
CA PHE H 210 -30.56 -49.01 65.37
C PHE H 210 -31.63 -49.41 64.38
N GLN H 211 -31.25 -50.04 63.26
CA GLN H 211 -32.24 -50.50 62.28
C GLN H 211 -33.15 -51.58 62.86
N ALA H 212 -32.80 -52.15 64.01
CA ALA H 212 -33.66 -53.10 64.71
C ALA H 212 -34.75 -52.43 65.53
N MET H 213 -34.72 -51.12 65.68
CA MET H 213 -35.82 -50.42 66.33
C MET H 213 -36.91 -50.14 65.31
N PRO H 214 -38.18 -50.40 65.63
CA PRO H 214 -39.22 -50.36 64.59
C PRO H 214 -39.42 -48.96 64.03
N ALA H 215 -39.58 -47.97 64.90
CA ALA H 215 -39.91 -46.61 64.47
C ALA H 215 -38.76 -45.86 63.83
N TYR H 216 -37.51 -46.24 64.07
CA TYR H 216 -36.41 -45.31 63.85
C TYR H 216 -36.17 -45.06 62.37
N LYS H 217 -35.84 -46.10 61.60
CA LYS H 217 -35.45 -45.88 60.21
C LYS H 217 -36.61 -45.30 59.40
N SER H 218 -37.81 -45.88 59.55
CA SER H 218 -38.93 -45.50 58.69
C SER H 218 -39.39 -44.07 58.89
N GLU H 219 -38.91 -43.37 59.91
CA GLU H 219 -39.31 -41.99 60.16
C GLU H 219 -38.17 -41.02 59.93
N ARG H 220 -36.94 -41.42 60.27
CA ARG H 220 -35.77 -40.65 59.85
C ARG H 220 -35.65 -40.60 58.34
N SER H 221 -36.06 -41.66 57.65
CA SER H 221 -35.90 -41.73 56.20
C SER H 221 -36.78 -40.69 55.50
N SER H 222 -38.05 -40.60 55.90
CA SER H 222 -38.94 -39.64 55.26
C SER H 222 -38.47 -38.21 55.52
N LEU H 223 -37.99 -37.93 56.73
CA LEU H 223 -37.50 -36.59 57.02
C LEU H 223 -36.25 -36.24 56.22
N LEU H 224 -35.32 -37.19 56.06
CA LEU H 224 -34.13 -36.90 55.26
C LEU H 224 -34.47 -36.69 53.80
N SER H 225 -35.40 -37.48 53.25
CA SER H 225 -35.82 -37.26 51.88
C SER H 225 -36.46 -35.89 51.75
N MET H 226 -37.25 -35.51 52.76
CA MET H 226 -37.83 -34.18 52.83
C MET H 226 -36.75 -33.11 52.82
N GLN H 227 -35.65 -33.35 53.56
CA GLN H 227 -34.55 -32.38 53.56
C GLN H 227 -33.99 -32.21 52.16
N ALA H 228 -33.96 -33.29 51.38
CA ALA H 228 -33.44 -33.21 50.02
C ALA H 228 -34.29 -32.26 49.19
N PHE H 229 -35.62 -32.39 49.30
CA PHE H 229 -36.49 -31.44 48.63
C PHE H 229 -36.21 -30.02 49.10
N LEU H 230 -35.96 -29.84 50.39
CA LEU H 230 -35.73 -28.49 50.91
C LEU H 230 -34.44 -27.90 50.35
N TYR H 231 -33.37 -28.69 50.30
CA TYR H 231 -32.13 -28.19 49.72
C TYR H 231 -32.31 -27.91 48.22
N ILE H 232 -32.97 -28.82 47.51
CA ILE H 232 -33.21 -28.64 46.09
C ILE H 232 -34.07 -27.40 45.82
N ILE H 233 -35.14 -27.21 46.60
CA ILE H 233 -36.00 -26.05 46.40
C ILE H 233 -35.21 -24.75 46.57
N SER H 234 -34.33 -24.69 47.58
CA SER H 234 -33.50 -23.51 47.77
C SER H 234 -32.68 -23.20 46.53
N ALA H 235 -31.98 -24.20 46.00
CA ALA H 235 -31.16 -24.01 44.81
C ALA H 235 -31.99 -23.47 43.63
N LEU H 236 -33.15 -24.06 43.37
CA LEU H 236 -33.98 -23.60 42.27
C LEU H 236 -34.53 -22.19 42.51
N VAL H 237 -34.91 -21.87 43.75
CA VAL H 237 -35.39 -20.52 44.05
C VAL H 237 -34.34 -19.50 43.65
N THR H 238 -33.08 -19.74 44.02
CA THR H 238 -32.00 -18.83 43.65
C THR H 238 -31.86 -18.76 42.13
N VAL H 239 -31.89 -19.92 41.48
CA VAL H 239 -31.71 -19.98 40.02
C VAL H 239 -32.84 -19.21 39.34
N ALA H 240 -34.08 -19.46 39.74
CA ALA H 240 -35.22 -18.77 39.14
C ALA H 240 -35.10 -17.26 39.34
N PHE H 241 -34.85 -16.84 40.57
CA PHE H 241 -34.74 -15.41 40.87
C PHE H 241 -33.55 -14.78 40.14
N LEU H 242 -32.37 -15.37 40.25
CA LEU H 242 -31.16 -14.78 39.69
C LEU H 242 -31.17 -14.72 38.17
N THR H 243 -31.83 -15.66 37.47
CA THR H 243 -31.92 -15.50 36.01
C THR H 243 -32.70 -14.23 35.66
N VAL H 244 -33.88 -14.07 36.23
CA VAL H 244 -34.69 -12.88 35.96
C VAL H 244 -33.95 -11.63 36.41
N TRP H 245 -33.22 -11.72 37.52
CA TRP H 245 -32.52 -10.55 38.05
C TRP H 245 -31.36 -10.14 37.15
N THR H 246 -30.54 -11.09 36.72
CA THR H 246 -29.42 -10.77 35.84
C THR H 246 -29.91 -10.14 34.54
N LEU H 247 -31.07 -10.59 34.03
CA LEU H 247 -31.65 -9.94 32.87
C LEU H 247 -32.02 -8.49 33.16
N GLN H 248 -32.33 -8.15 34.42
CA GLN H 248 -32.60 -6.76 34.74
C GLN H 248 -31.36 -5.89 34.60
N ARG H 249 -30.17 -6.45 34.81
CA ARG H 249 -28.95 -5.66 34.76
C ARG H 249 -28.33 -5.59 33.38
N THR H 250 -28.92 -6.27 32.39
CA THR H 250 -28.36 -6.36 31.04
C THR H 250 -27.84 -5.02 30.55
N ARG H 251 -28.60 -3.95 30.85
CA ARG H 251 -28.23 -2.63 30.36
C ARG H 251 -26.95 -2.13 31.01
N ASP H 252 -26.85 -2.26 32.33
CA ASP H 252 -25.64 -1.83 33.02
C ASP H 252 -24.45 -2.71 32.67
N ILE H 253 -24.68 -4.00 32.46
CA ILE H 253 -23.61 -4.90 32.04
C ILE H 253 -23.06 -4.47 30.69
N ALA H 254 -23.95 -4.04 29.79
CA ALA H 254 -23.52 -3.58 28.47
C ALA H 254 -22.61 -2.35 28.59
N VAL H 255 -22.95 -1.42 29.48
CA VAL H 255 -22.13 -0.23 29.63
C VAL H 255 -20.74 -0.59 30.14
N LEU H 256 -20.66 -1.49 31.13
CA LEU H 256 -19.37 -1.91 31.65
C LEU H 256 -18.59 -2.71 30.60
N ALA H 257 -19.29 -3.56 29.84
CA ALA H 257 -18.64 -4.30 28.76
C ALA H 257 -18.09 -3.35 27.70
N ALA H 258 -18.91 -2.38 27.28
CA ALA H 258 -18.45 -1.40 26.30
C ALA H 258 -17.21 -0.66 26.79
N LEU H 259 -17.19 -0.30 28.07
CA LEU H 259 -16.07 0.44 28.63
C LEU H 259 -14.79 -0.39 28.66
N GLY H 260 -14.90 -1.72 28.63
CA GLY H 260 -13.74 -2.58 28.64
C GLY H 260 -13.69 -3.62 29.75
N ALA H 261 -14.73 -3.75 30.59
CA ALA H 261 -14.69 -4.73 31.66
C ALA H 261 -14.56 -6.14 31.08
N SER H 262 -13.57 -6.88 31.56
CA SER H 262 -13.37 -8.25 31.11
C SER H 262 -14.56 -9.13 31.51
N LYS H 263 -14.67 -10.29 30.85
CA LYS H 263 -15.73 -11.22 31.21
C LYS H 263 -15.57 -11.70 32.66
N ARG H 264 -14.33 -11.98 33.07
CA ARG H 264 -14.12 -12.41 34.46
C ARG H 264 -14.67 -11.37 35.42
N TYR H 265 -14.41 -10.09 35.14
CA TYR H 265 -14.83 -9.00 36.02
C TYR H 265 -16.35 -8.96 36.13
N LEU H 266 -17.04 -9.07 35.00
CA LEU H 266 -18.49 -9.01 35.00
C LEU H 266 -19.08 -10.21 35.72
N LEU H 267 -18.48 -11.38 35.54
CA LEU H 267 -18.97 -12.58 36.20
C LEU H 267 -18.72 -12.52 37.71
N ILE H 268 -17.58 -11.98 38.12
CA ILE H 268 -17.29 -11.76 39.53
C ILE H 268 -18.26 -10.74 40.16
N ASP H 269 -18.59 -9.68 39.43
CA ASP H 269 -19.56 -8.70 39.94
C ASP H 269 -20.87 -9.37 40.34
N ALA H 270 -21.44 -10.15 39.43
CA ALA H 270 -22.74 -10.77 39.67
C ALA H 270 -22.67 -11.75 40.83
N LEU H 271 -21.67 -12.63 40.85
CA LEU H 271 -21.56 -13.62 41.91
C LEU H 271 -21.26 -12.98 43.26
N GLY H 272 -20.49 -11.89 43.28
CA GLY H 272 -20.31 -11.17 44.52
C GLY H 272 -21.64 -10.66 45.04
N GLN H 273 -22.46 -10.09 44.16
CA GLN H 273 -23.77 -9.60 44.54
C GLN H 273 -24.64 -10.74 45.07
N ALA H 274 -24.68 -11.87 44.36
CA ALA H 274 -25.46 -13.02 44.81
C ALA H 274 -24.94 -13.59 46.12
N ALA H 275 -23.61 -13.71 46.26
CA ALA H 275 -23.04 -14.27 47.47
C ALA H 275 -23.39 -13.44 48.70
N ILE H 276 -23.33 -12.12 48.58
CA ILE H 276 -23.69 -11.24 49.68
C ILE H 276 -25.16 -11.43 50.05
N ILE H 277 -26.03 -11.48 49.04
CA ILE H 277 -27.45 -11.65 49.28
C ILE H 277 -27.73 -13.03 49.89
N LEU H 278 -27.12 -14.07 49.32
CA LEU H 278 -27.33 -15.41 49.86
C LEU H 278 -26.81 -15.53 51.28
N ALA H 279 -25.66 -14.93 51.55
CA ALA H 279 -25.13 -14.92 52.92
C ALA H 279 -26.10 -14.22 53.87
N ALA H 280 -26.57 -13.03 53.49
CA ALA H 280 -27.54 -12.31 54.31
C ALA H 280 -28.75 -13.18 54.59
N GLY H 281 -29.36 -13.73 53.54
CA GLY H 281 -30.54 -14.56 53.73
C GLY H 281 -30.25 -15.78 54.59
N VAL H 282 -29.15 -16.48 54.31
CA VAL H 282 -28.85 -17.71 55.01
C VAL H 282 -28.47 -17.43 56.47
N ALA H 283 -27.63 -16.42 56.70
CA ALA H 283 -27.24 -16.09 58.07
C ALA H 283 -28.45 -15.67 58.89
N LEU H 284 -29.29 -14.78 58.34
CA LEU H 284 -30.46 -14.34 59.08
C LEU H 284 -31.44 -15.49 59.31
N GLY H 285 -31.67 -16.31 58.28
CA GLY H 285 -32.54 -17.46 58.44
C GLY H 285 -32.01 -18.44 59.49
N ALA H 286 -30.70 -18.73 59.41
CA ALA H 286 -30.11 -19.67 60.36
C ALA H 286 -30.02 -19.06 61.75
N GLY H 287 -29.83 -17.74 61.84
CA GLY H 287 -29.86 -17.05 63.11
C GLY H 287 -31.19 -17.19 63.81
N ILE H 288 -32.26 -16.75 63.14
CA ILE H 288 -33.60 -16.89 63.71
C ILE H 288 -33.90 -18.35 64.03
N GLY H 289 -33.37 -19.27 63.22
CA GLY H 289 -33.61 -20.68 63.44
C GLY H 289 -33.12 -21.19 64.77
N ALA H 290 -31.84 -21.00 65.07
CA ALA H 290 -31.30 -21.46 66.35
C ALA H 290 -32.03 -20.81 67.51
N LEU H 291 -32.39 -19.52 67.38
CA LEU H 291 -33.08 -18.83 68.46
C LEU H 291 -34.47 -19.41 68.72
N LEU H 292 -35.29 -19.49 67.66
CA LEU H 292 -36.62 -20.08 67.79
C LEU H 292 -36.55 -21.52 68.25
N GLY H 293 -35.55 -22.27 67.76
CA GLY H 293 -35.44 -23.67 68.13
C GLY H 293 -35.10 -23.84 69.60
N TRP H 294 -34.09 -23.10 70.08
CA TRP H 294 -33.74 -23.11 71.49
C TRP H 294 -34.92 -22.71 72.37
N LEU H 295 -35.75 -21.78 71.89
CA LEU H 295 -36.94 -21.40 72.63
C LEU H 295 -38.00 -22.49 72.64
N ILE H 296 -37.99 -23.39 71.64
CA ILE H 296 -39.03 -24.41 71.50
C ILE H 296 -38.58 -25.77 72.04
N ALA H 297 -37.28 -25.96 72.28
CA ALA H 297 -36.70 -27.26 72.63
C ALA H 297 -37.19 -27.81 73.95
N GLY H 298 -38.18 -27.17 74.56
CA GLY H 298 -38.77 -27.65 75.79
C GLY H 298 -40.07 -28.38 75.53
N SER H 299 -40.78 -27.97 74.48
CA SER H 299 -42.04 -28.58 74.09
C SER H 299 -41.87 -29.64 73.01
N VAL H 300 -40.90 -29.49 72.12
CA VAL H 300 -40.72 -30.42 71.00
C VAL H 300 -39.27 -30.92 71.02
N PRO H 301 -39.03 -32.19 70.72
CA PRO H 301 -37.66 -32.74 70.67
C PRO H 301 -36.80 -32.02 69.64
N PHE H 302 -35.75 -31.35 70.11
CA PHE H 302 -34.91 -30.53 69.25
C PHE H 302 -33.45 -30.55 69.71
N SER H 303 -32.59 -31.07 68.83
CA SER H 303 -31.15 -31.16 69.06
C SER H 303 -30.47 -29.93 68.47
N LEU H 304 -29.79 -29.16 69.33
CA LEU H 304 -29.25 -27.84 68.96
C LEU H 304 -27.77 -27.70 69.30
N GLY H 305 -26.91 -27.82 68.30
CA GLY H 305 -25.51 -27.49 68.46
C GLY H 305 -25.03 -26.42 67.50
N TRP H 306 -23.71 -26.37 67.27
CA TRP H 306 -23.12 -25.50 66.26
C TRP H 306 -23.21 -26.14 64.88
N VAL H 307 -23.00 -27.46 64.83
CA VAL H 307 -22.83 -28.14 63.55
C VAL H 307 -24.19 -28.33 62.86
N SER H 308 -25.25 -28.53 63.63
CA SER H 308 -26.54 -28.81 63.03
C SER H 308 -27.29 -27.55 62.61
N VAL H 309 -26.80 -26.37 62.98
CA VAL H 309 -27.38 -25.13 62.51
C VAL H 309 -26.48 -24.49 61.44
N LEU H 310 -25.16 -24.57 61.61
CA LEU H 310 -24.24 -23.93 60.69
C LEU H 310 -23.82 -24.83 59.54
N GLY H 311 -23.87 -26.15 59.73
CA GLY H 311 -23.64 -27.08 58.66
C GLY H 311 -24.59 -26.86 57.49
N PRO H 312 -25.90 -26.95 57.76
CA PRO H 312 -26.87 -26.70 56.67
C PRO H 312 -26.73 -25.31 56.07
N ALA H 313 -26.40 -24.31 56.89
CA ALA H 313 -26.22 -22.96 56.38
C ALA H 313 -25.15 -22.92 55.29
N LEU H 314 -23.98 -23.50 55.56
CA LEU H 314 -22.92 -23.51 54.57
C LEU H 314 -23.30 -24.35 53.36
N GLY H 315 -23.99 -25.47 53.60
CA GLY H 315 -24.47 -26.29 52.49
C GLY H 315 -25.38 -25.52 51.55
N ILE H 316 -26.34 -24.78 52.11
CA ILE H 316 -27.25 -23.99 51.29
C ILE H 316 -26.47 -22.91 50.53
N TRP H 317 -25.51 -22.29 51.22
CA TRP H 317 -24.75 -21.19 50.61
C TRP H 317 -23.96 -21.67 49.41
N LEU H 318 -23.37 -22.87 49.50
CA LEU H 318 -22.61 -23.40 48.37
C LEU H 318 -23.55 -23.87 47.27
N LEU H 319 -24.67 -24.50 47.63
CA LEU H 319 -25.69 -24.80 46.63
C LEU H 319 -26.15 -23.52 45.95
N GLY H 320 -26.29 -22.43 46.71
CA GLY H 320 -26.69 -21.17 46.12
C GLY H 320 -25.65 -20.63 45.15
N LEU H 321 -24.38 -20.75 45.49
CA LEU H 321 -23.32 -20.28 44.60
C LEU H 321 -23.27 -21.10 43.31
N ILE H 322 -23.45 -22.42 43.42
CA ILE H 322 -23.47 -23.26 42.22
C ILE H 322 -24.65 -22.85 41.35
N GLY H 323 -25.83 -22.70 41.97
CA GLY H 323 -26.99 -22.24 41.23
C GLY H 323 -26.77 -20.88 40.61
N ALA H 324 -26.09 -19.99 41.35
CA ALA H 324 -25.89 -18.61 40.87
C ALA H 324 -25.01 -18.57 39.64
N THR H 325 -23.89 -19.32 39.63
CA THR H 325 -23.04 -19.36 38.46
C THR H 325 -23.80 -19.84 37.23
N ILE H 326 -24.67 -20.85 37.41
CA ILE H 326 -25.49 -21.36 36.32
C ILE H 326 -26.37 -20.26 35.74
N ALA H 327 -26.90 -19.40 36.60
CA ALA H 327 -27.83 -18.35 36.17
C ALA H 327 -27.11 -17.13 35.62
N VAL H 328 -25.89 -16.86 36.06
CA VAL H 328 -25.14 -15.68 35.66
C VAL H 328 -24.31 -15.89 34.39
N ARG H 329 -24.24 -17.11 33.87
CA ARG H 329 -23.50 -17.41 32.64
C ARG H 329 -23.69 -16.40 31.52
N ASN H 330 -24.87 -15.78 31.41
CA ASN H 330 -25.12 -14.89 30.29
C ASN H 330 -24.54 -13.49 30.48
N VAL H 331 -23.84 -13.23 31.59
CA VAL H 331 -23.22 -11.93 31.77
C VAL H 331 -22.05 -11.77 30.82
N THR H 332 -21.25 -12.83 30.65
CA THR H 332 -20.07 -12.81 29.79
C THR H 332 -20.43 -12.96 28.31
N LYS H 333 -21.72 -13.10 28.00
CA LYS H 333 -22.21 -13.26 26.64
C LYS H 333 -22.87 -12.00 26.09
N VAL H 334 -23.16 -11.02 26.96
CA VAL H 334 -23.83 -9.78 26.58
C VAL H 334 -23.01 -9.02 25.54
N ASP H 335 -23.62 -8.76 24.40
CA ASP H 335 -22.93 -7.99 23.37
C ASP H 335 -22.82 -6.55 23.87
N PRO H 336 -21.65 -5.91 23.71
CA PRO H 336 -21.49 -4.54 24.21
C PRO H 336 -22.13 -3.47 23.34
N GLN H 337 -22.58 -3.85 22.14
CA GLN H 337 -23.22 -2.93 21.21
C GLN H 337 -24.55 -2.38 21.73
N ILE H 338 -25.11 -2.96 22.79
CA ILE H 338 -26.38 -2.48 23.37
C ILE H 338 -26.11 -1.19 24.14
N ALA H 339 -24.86 -0.73 24.09
CA ALA H 339 -24.40 0.48 24.76
C ALA H 339 -24.29 1.67 23.84
N LEU H 340 -24.20 1.45 22.52
CA LEU H 340 -24.08 2.51 21.54
C LEU H 340 -25.40 2.87 20.87
N GLY H 341 -26.52 2.42 21.41
CA GLY H 341 -27.80 2.67 20.77
C GLY H 341 -28.52 3.88 21.34
N ALA I 3 50.87 -38.97 -11.56
CA ALA I 3 50.51 -40.27 -11.02
C ALA I 3 50.31 -40.17 -9.51
N ALA I 4 50.45 -38.94 -9.00
CA ALA I 4 50.44 -38.67 -7.57
C ALA I 4 49.38 -37.62 -7.23
N PRO I 5 48.84 -37.66 -6.02
CA PRO I 5 47.84 -36.66 -5.62
C PRO I 5 48.46 -35.28 -5.43
N VAL I 6 47.72 -34.26 -5.82
CA VAL I 6 48.18 -32.89 -5.63
C VAL I 6 48.04 -32.47 -4.18
N LEU I 7 46.89 -32.72 -3.57
CA LEU I 7 46.62 -32.34 -2.18
C LEU I 7 46.36 -33.60 -1.36
N SER I 8 47.19 -33.82 -0.33
CA SER I 8 47.08 -34.98 0.55
C SER I 8 46.67 -34.56 1.96
N ILE I 9 45.36 -34.37 2.16
CA ILE I 9 44.79 -34.03 3.46
C ILE I 9 44.52 -35.34 4.21
N THR I 10 45.41 -35.70 5.14
CA THR I 10 45.24 -36.96 5.87
C THR I 10 45.24 -36.72 7.37
N ASN I 11 44.27 -37.32 8.06
CA ASN I 11 44.06 -37.18 9.51
C ASN I 11 44.13 -35.74 9.95
N ALA I 12 43.42 -34.87 9.26
CA ALA I 12 43.44 -33.46 9.63
C ALA I 12 42.27 -33.16 10.56
N SER I 13 42.49 -32.23 11.48
CA SER I 13 41.45 -31.84 12.41
C SER I 13 41.70 -30.41 12.86
N VAL I 14 40.66 -29.81 13.43
CA VAL I 14 40.65 -28.39 13.77
C VAL I 14 39.71 -28.20 14.93
N VAL I 15 40.21 -27.60 16.01
CA VAL I 15 39.40 -27.31 17.19
C VAL I 15 39.55 -25.82 17.50
N TYR I 16 38.43 -25.12 17.53
CA TYR I 16 38.42 -23.74 17.99
C TYR I 16 37.87 -23.67 19.41
N PRO I 17 38.13 -22.58 20.13
CA PRO I 17 37.44 -22.40 21.42
C PRO I 17 36.09 -21.77 21.16
N ASP I 18 35.05 -22.38 21.72
CA ASP I 18 33.66 -21.93 21.54
C ASP I 18 33.13 -21.47 22.89
N GLY I 19 33.43 -20.23 23.24
CA GLY I 19 33.08 -19.78 24.57
C GLY I 19 33.84 -20.58 25.61
N ILE I 20 33.16 -20.88 26.73
CA ILE I 20 33.80 -21.61 27.83
C ILE I 20 34.48 -22.88 27.32
N SER I 21 33.74 -23.70 26.56
CA SER I 21 34.26 -24.96 26.06
C SER I 21 34.76 -24.83 24.62
N THR I 22 35.47 -25.86 24.15
CA THR I 22 35.96 -25.90 22.78
C THR I 22 34.90 -26.51 21.85
N VAL I 23 35.26 -26.64 20.57
CA VAL I 23 34.44 -27.20 19.48
C VAL I 23 35.33 -27.79 18.38
N THR I 24 35.17 -29.09 18.11
CA THR I 24 35.90 -29.79 17.05
C THR I 24 35.21 -29.52 15.70
N ALA I 25 35.70 -28.48 15.01
CA ALA I 25 35.17 -28.09 13.71
C ALA I 25 35.36 -29.18 12.65
N LEU I 26 36.42 -29.98 12.78
CA LEU I 26 36.77 -31.00 11.79
C LEU I 26 37.54 -32.08 12.52
N ASP I 27 37.06 -33.32 12.45
CA ASP I 27 37.59 -34.44 13.24
C ASP I 27 38.16 -35.51 12.33
N SER I 28 39.49 -35.59 12.27
CA SER I 28 40.21 -36.64 11.54
C SER I 28 39.76 -36.73 10.08
N ALA I 29 39.88 -35.61 9.38
CA ALA I 29 39.53 -35.57 7.96
C ALA I 29 40.60 -36.22 7.11
N ASN I 30 40.15 -37.01 6.14
CA ASN I 30 41.04 -37.70 5.19
C ASN I 30 40.49 -37.46 3.79
N VAL I 31 41.15 -36.60 3.02
CA VAL I 31 40.71 -36.29 1.67
C VAL I 31 41.95 -36.26 0.78
N GLU I 32 41.77 -36.60 -0.49
CA GLU I 32 42.91 -36.72 -1.40
C GLU I 32 42.42 -36.43 -2.82
N ILE I 33 42.99 -35.42 -3.47
CA ILE I 33 42.53 -34.95 -4.77
C ILE I 33 43.67 -35.04 -5.78
N PHE I 34 43.34 -35.48 -7.00
CA PHE I 34 44.26 -35.69 -8.10
C PHE I 34 44.01 -34.71 -9.25
N PRO I 35 45.02 -34.48 -10.10
CA PRO I 35 44.86 -33.56 -11.23
C PRO I 35 43.70 -33.93 -12.14
N GLY I 36 42.96 -32.92 -12.58
CA GLY I 36 41.85 -33.13 -13.48
C GLY I 36 40.56 -33.55 -12.81
N GLU I 37 40.53 -33.57 -11.48
CA GLU I 37 39.37 -34.01 -10.73
C GLU I 37 38.52 -32.81 -10.32
N LEU I 38 37.21 -32.98 -10.34
CA LEU I 38 36.27 -32.08 -9.68
C LEU I 38 35.63 -32.86 -8.53
N VAL I 39 35.99 -32.47 -7.31
CA VAL I 39 35.46 -33.10 -6.10
C VAL I 39 34.62 -32.05 -5.40
N ALA I 40 33.32 -32.31 -5.30
CA ALA I 40 32.42 -31.40 -4.62
C ALA I 40 32.38 -31.73 -3.14
N ILE I 41 32.57 -30.73 -2.30
CA ILE I 41 32.39 -30.87 -0.86
C ILE I 41 30.93 -30.54 -0.57
N VAL I 42 30.18 -31.54 -0.13
CA VAL I 42 28.75 -31.41 0.08
C VAL I 42 28.46 -31.62 1.57
N GLY I 43 27.35 -31.09 2.01
CA GLY I 43 26.93 -31.24 3.39
C GLY I 43 26.13 -30.03 3.82
N GLU I 44 25.26 -30.24 4.81
CA GLU I 44 24.39 -29.16 5.24
C GLU I 44 25.22 -28.06 5.89
N SER I 45 24.70 -26.83 5.80
CA SER I 45 25.44 -25.65 6.23
C SER I 45 25.94 -25.82 7.66
N GLY I 46 27.25 -25.75 7.82
CA GLY I 46 27.85 -25.79 9.15
C GLY I 46 28.26 -27.17 9.60
N SER I 47 28.62 -28.05 8.67
CA SER I 47 29.14 -29.38 9.00
C SER I 47 30.65 -29.47 8.91
N GLY I 48 31.31 -28.43 8.44
CA GLY I 48 32.76 -28.43 8.22
C GLY I 48 33.21 -28.27 6.80
N LYS I 49 32.30 -28.10 5.83
CA LYS I 49 32.71 -27.81 4.45
C LYS I 49 33.71 -26.67 4.40
N SER I 50 33.34 -25.54 5.02
CA SER I 50 34.18 -24.35 4.96
C SER I 50 35.50 -24.55 5.69
N THR I 51 35.48 -25.24 6.84
CA THR I 51 36.73 -25.50 7.53
C THR I 51 37.64 -26.40 6.71
N LEU I 52 37.09 -27.45 6.11
CA LEU I 52 37.88 -28.32 5.25
C LEU I 52 38.50 -27.53 4.10
N LEU I 53 37.73 -26.60 3.54
CA LEU I 53 38.24 -25.75 2.46
C LEU I 53 39.35 -24.83 2.96
N SER I 54 39.09 -24.09 4.05
CA SER I 54 40.13 -23.26 4.67
C SER I 54 41.39 -24.06 4.96
N ILE I 55 41.25 -25.33 5.32
CA ILE I 55 42.41 -26.18 5.56
C ILE I 55 43.13 -26.49 4.25
N ALA I 56 42.36 -26.84 3.22
CA ALA I 56 42.97 -27.17 1.93
C ALA I 56 43.62 -25.94 1.29
N GLY I 57 43.02 -24.77 1.47
CA GLY I 57 43.60 -23.55 0.95
C GLY I 57 44.74 -22.95 1.73
N PHE I 58 45.27 -23.64 2.74
CA PHE I 58 46.34 -23.10 3.58
C PHE I 58 45.98 -21.74 4.15
N LEU I 59 44.68 -21.49 4.35
CA LEU I 59 44.22 -20.31 5.06
C LEU I 59 44.32 -20.46 6.57
N GLN I 60 44.37 -21.69 7.07
CA GLN I 60 44.63 -21.93 8.48
C GLN I 60 45.25 -23.32 8.62
N GLU I 61 46.01 -23.49 9.64
CA GLU I 61 46.64 -24.78 9.87
C GLU I 61 45.79 -25.63 10.80
N PRO I 62 45.85 -26.95 10.67
CA PRO I 62 45.08 -27.81 11.57
C PRO I 62 45.72 -27.80 12.95
N THR I 63 44.93 -28.22 13.94
CA THR I 63 45.49 -28.38 15.27
C THR I 63 46.13 -29.73 15.48
N SER I 64 45.89 -30.68 14.58
CA SER I 64 46.41 -32.04 14.68
C SER I 64 46.26 -32.68 13.31
N GLY I 65 47.28 -33.43 12.90
CA GLY I 65 47.31 -33.98 11.55
C GLY I 65 48.01 -33.06 10.58
N THR I 66 48.05 -33.49 9.32
CA THR I 66 48.84 -32.77 8.33
C THR I 66 48.04 -32.56 7.04
N VAL I 67 48.43 -31.51 6.32
CA VAL I 67 47.89 -31.18 5.01
C VAL I 67 49.08 -30.86 4.12
N THR I 68 49.36 -31.71 3.15
CA THR I 68 50.52 -31.55 2.27
C THR I 68 50.04 -31.31 0.85
N LEU I 69 50.49 -30.20 0.26
CA LEU I 69 50.36 -29.96 -1.16
C LEU I 69 51.72 -30.22 -1.79
N HIS I 70 51.77 -31.16 -2.73
CA HIS I 70 53.05 -31.57 -3.28
C HIS I 70 53.57 -30.51 -4.24
N GLY I 71 54.90 -30.49 -4.40
CA GLY I 71 55.56 -29.44 -5.15
C GLY I 71 55.66 -28.12 -4.41
N ALA I 72 54.93 -27.97 -3.30
CA ALA I 72 54.97 -26.76 -2.49
C ALA I 72 55.60 -26.98 -1.12
N GLU I 73 56.14 -28.17 -0.86
CA GLU I 73 56.78 -28.45 0.42
C GLU I 73 57.93 -27.48 0.66
N GLY I 74 58.13 -27.14 1.94
CA GLY I 74 59.12 -26.14 2.30
C GLY I 74 58.66 -24.71 2.14
N LEU I 75 57.41 -24.48 1.79
CA LEU I 75 56.83 -23.16 1.69
C LEU I 75 55.90 -22.89 2.86
N ASP I 76 55.86 -21.63 3.29
CA ASP I 76 54.89 -21.23 4.30
C ASP I 76 53.51 -21.15 3.65
N ALA I 77 52.48 -20.99 4.50
CA ALA I 77 51.11 -21.03 4.00
C ALA I 77 50.89 -19.93 2.96
N THR I 78 51.43 -18.72 3.20
CA THR I 78 51.23 -17.63 2.26
C THR I 78 51.92 -17.93 0.93
N SER I 79 53.18 -18.37 0.98
CA SER I 79 53.89 -18.70 -0.26
C SER I 79 53.19 -19.83 -0.99
N THR I 80 52.64 -20.80 -0.23
CA THR I 80 51.91 -21.91 -0.85
C THR I 80 50.68 -21.39 -1.58
N ARG I 81 49.96 -20.46 -0.95
CA ARG I 81 48.80 -19.84 -1.59
C ARG I 81 49.21 -19.02 -2.81
N ARG I 82 50.28 -18.23 -2.69
CA ARG I 82 50.65 -17.34 -3.78
C ARG I 82 51.03 -18.13 -5.03
N GLU I 83 51.80 -19.21 -4.85
CA GLU I 83 52.46 -19.87 -5.96
C GLU I 83 51.83 -21.20 -6.37
N HIS I 84 50.83 -21.70 -5.63
CA HIS I 84 50.28 -22.99 -5.99
C HIS I 84 48.76 -23.11 -6.01
N ILE I 85 48.00 -22.10 -5.59
CA ILE I 85 46.57 -22.24 -5.37
C ILE I 85 45.83 -21.06 -5.99
N GLY I 86 44.63 -21.33 -6.53
CA GLY I 86 43.76 -20.29 -7.02
C GLY I 86 42.39 -20.36 -6.37
N PHE I 87 41.94 -19.24 -5.80
CA PHE I 87 40.71 -19.19 -5.03
C PHE I 87 39.57 -18.55 -5.82
N VAL I 88 38.46 -19.27 -5.94
CA VAL I 88 37.22 -18.72 -6.48
C VAL I 88 36.33 -18.44 -5.28
N PHE I 89 36.44 -17.22 -4.75
CA PHE I 89 35.73 -16.87 -3.52
C PHE I 89 34.22 -16.89 -3.75
N GLN I 90 33.48 -17.07 -2.65
CA GLN I 90 32.02 -17.04 -2.71
C GLN I 90 31.53 -15.77 -3.40
N GLN I 91 31.94 -14.57 -2.86
CA GLN I 91 31.76 -13.35 -3.62
C GLN I 91 32.97 -13.12 -4.50
N PRO I 92 32.78 -12.52 -5.68
CA PRO I 92 33.89 -12.35 -6.63
C PRO I 92 35.13 -11.70 -6.05
N ASN I 93 34.98 -10.87 -5.02
CA ASN I 93 36.10 -10.16 -4.38
C ASN I 93 36.99 -9.45 -5.39
N LEU I 94 36.36 -8.72 -6.29
CA LEU I 94 37.11 -7.90 -7.24
C LEU I 94 37.45 -6.56 -6.59
N LEU I 95 38.71 -6.16 -6.73
CA LEU I 95 39.14 -4.86 -6.23
C LEU I 95 38.54 -3.75 -7.07
N GLY I 96 37.89 -2.78 -6.41
CA GLY I 96 37.03 -1.86 -7.13
C GLY I 96 37.77 -1.00 -8.14
N SER I 97 38.99 -0.60 -7.79
CA SER I 97 39.74 0.37 -8.59
C SER I 97 40.36 -0.21 -9.86
N LEU I 98 40.28 -1.53 -10.07
CA LEU I 98 40.97 -2.19 -11.18
C LEU I 98 39.99 -2.65 -12.25
N THR I 99 40.48 -2.64 -13.49
CA THR I 99 39.71 -3.16 -14.62
C THR I 99 39.73 -4.68 -14.62
N ALA I 100 38.84 -5.27 -15.41
CA ALA I 100 38.79 -6.73 -15.52
C ALA I 100 40.16 -7.33 -15.81
N ARG I 101 40.89 -6.73 -16.76
CA ARG I 101 42.24 -7.23 -17.04
C ARG I 101 43.14 -7.03 -15.83
N GLU I 102 43.07 -5.84 -15.22
CA GLU I 102 43.97 -5.50 -14.13
C GLU I 102 43.76 -6.42 -12.94
N GLN I 103 42.57 -7.00 -12.80
CA GLN I 103 42.31 -7.85 -11.66
C GLN I 103 42.99 -9.20 -11.81
N LEU I 104 43.41 -9.56 -13.02
CA LEU I 104 44.35 -10.64 -13.28
C LEU I 104 45.80 -10.21 -13.17
N LEU I 105 46.12 -9.05 -13.76
CA LEU I 105 47.49 -8.57 -13.78
C LEU I 105 48.05 -8.36 -12.38
N ILE I 106 47.21 -7.97 -11.42
CA ILE I 106 47.71 -7.64 -10.10
C ILE I 106 48.30 -8.87 -9.42
N THR I 107 47.77 -10.07 -9.73
CA THR I 107 48.33 -11.28 -9.15
C THR I 107 49.75 -11.55 -9.67
N ASP I 108 49.97 -11.36 -10.97
CA ASP I 108 51.33 -11.39 -11.50
C ASP I 108 52.24 -10.45 -10.71
N HIS I 109 51.75 -9.24 -10.43
CA HIS I 109 52.59 -8.26 -9.77
C HIS I 109 52.97 -8.73 -8.37
N LEU I 110 52.00 -9.27 -7.62
CA LEU I 110 52.31 -9.75 -6.28
C LEU I 110 53.15 -11.02 -6.30
N ARG I 111 53.15 -11.76 -7.42
CA ARG I 111 54.04 -12.91 -7.55
C ARG I 111 55.44 -12.51 -8.01
N GLY I 112 55.70 -11.22 -8.27
CA GLY I 112 57.04 -10.78 -8.58
C GLY I 112 57.43 -10.97 -10.03
N ILE I 113 56.44 -10.99 -10.93
CA ILE I 113 56.67 -11.19 -12.36
C ILE I 113 55.92 -10.12 -13.14
N LYS I 114 56.51 -9.69 -14.25
CA LYS I 114 55.94 -8.65 -15.08
C LYS I 114 54.52 -9.00 -15.51
N PRO I 115 53.51 -8.20 -15.16
CA PRO I 115 52.13 -8.56 -15.50
C PRO I 115 52.02 -8.83 -17.00
N ARG I 116 51.30 -9.88 -17.35
CA ARG I 116 51.19 -10.30 -18.75
C ARG I 116 49.83 -9.89 -19.29
N LYS I 117 49.82 -8.80 -20.08
CA LYS I 117 48.55 -8.28 -20.57
C LYS I 117 47.89 -9.25 -21.54
N ASP I 118 48.68 -9.85 -22.43
CA ASP I 118 48.09 -10.75 -23.41
C ASP I 118 47.53 -11.99 -22.75
N ARG I 119 48.28 -12.59 -21.81
CA ARG I 119 47.77 -13.76 -21.11
C ARG I 119 46.49 -13.42 -20.36
N ALA I 120 46.44 -12.23 -19.75
CA ALA I 120 45.24 -11.83 -19.03
C ALA I 120 44.04 -11.73 -19.96
N ASP I 121 44.25 -11.17 -21.16
CA ASP I 121 43.16 -11.09 -22.14
C ASP I 121 42.84 -12.48 -22.69
N GLU I 122 43.87 -13.32 -22.86
CA GLU I 122 43.65 -14.73 -23.20
C GLU I 122 42.70 -15.38 -22.20
N LEU I 123 43.07 -15.33 -20.91
CA LEU I 123 42.28 -16.00 -19.89
C LEU I 123 40.91 -15.36 -19.74
N LEU I 124 40.83 -14.04 -19.93
CA LEU I 124 39.54 -13.37 -19.91
C LEU I 124 38.67 -13.85 -21.06
N ALA I 125 39.28 -14.07 -22.24
CA ALA I 125 38.55 -14.58 -23.39
C ALA I 125 38.23 -16.06 -23.26
N ARG I 126 39.01 -16.80 -22.47
CA ARG I 126 38.79 -18.23 -22.28
C ARG I 126 37.63 -18.47 -21.32
N VAL I 127 37.44 -17.55 -20.38
CA VAL I 127 36.34 -17.65 -19.43
C VAL I 127 35.01 -17.17 -20.02
N GLY I 128 35.06 -16.36 -21.09
CA GLY I 128 33.85 -15.88 -21.73
C GLY I 128 33.63 -14.38 -21.69
N LEU I 129 34.71 -13.64 -21.44
CA LEU I 129 34.68 -12.19 -21.37
C LEU I 129 35.60 -11.57 -22.42
N LYS I 130 35.67 -12.19 -23.61
CA LYS I 130 36.59 -11.70 -24.63
C LYS I 130 36.22 -10.27 -25.02
N GLY I 131 37.11 -9.33 -24.72
CA GLY I 131 36.94 -7.95 -25.13
C GLY I 131 36.71 -7.00 -23.98
N LEU I 132 36.53 -7.51 -22.76
CA LEU I 132 36.16 -6.69 -21.63
C LEU I 132 37.30 -6.50 -20.65
N GLY I 133 38.55 -6.58 -21.13
CA GLY I 133 39.67 -6.43 -20.22
C GLY I 133 39.76 -5.06 -19.58
N GLY I 134 39.38 -4.01 -20.30
CA GLY I 134 39.44 -2.69 -19.72
C GLY I 134 38.19 -2.18 -19.05
N ARG I 135 37.19 -3.04 -18.84
CA ARG I 135 35.95 -2.61 -18.19
C ARG I 135 36.16 -2.47 -16.69
N ARG I 136 35.33 -1.62 -16.08
CA ARG I 136 35.39 -1.36 -14.65
C ARG I 136 34.52 -2.37 -13.91
N VAL I 137 34.55 -2.29 -12.58
CA VAL I 137 33.77 -3.23 -11.77
C VAL I 137 32.29 -2.82 -11.70
N ALA I 138 31.98 -1.55 -11.98
CA ALA I 138 30.59 -1.14 -11.94
C ALA I 138 29.89 -1.43 -13.25
N GLN I 139 30.64 -1.83 -14.27
CA GLN I 139 30.12 -2.24 -15.57
C GLN I 139 30.14 -3.75 -15.75
N LEU I 140 30.29 -4.49 -14.66
CA LEU I 140 30.35 -5.94 -14.68
C LEU I 140 29.17 -6.49 -13.90
N SER I 141 28.50 -7.49 -14.48
CA SER I 141 27.35 -8.11 -13.84
C SER I 141 27.80 -9.24 -12.91
N GLY I 142 26.88 -9.67 -12.05
CA GLY I 142 27.18 -10.74 -11.12
C GLY I 142 27.83 -11.94 -11.79
N GLY I 143 27.28 -12.34 -12.94
CA GLY I 143 27.89 -13.43 -13.69
C GLY I 143 29.27 -13.08 -14.19
N GLN I 144 29.42 -11.88 -14.76
CA GLN I 144 30.71 -11.45 -15.28
C GLN I 144 31.76 -11.37 -14.18
N ARG I 145 31.41 -10.77 -13.04
CA ARG I 145 32.37 -10.65 -11.96
C ARG I 145 32.88 -12.01 -11.52
N GLN I 146 31.97 -12.99 -11.43
CA GLN I 146 32.38 -14.32 -11.01
C GLN I 146 33.32 -14.94 -12.04
N ARG I 147 33.09 -14.63 -13.32
CA ARG I 147 33.97 -15.11 -14.38
C ARG I 147 35.34 -14.45 -14.31
N VAL I 148 35.38 -13.17 -13.92
CA VAL I 148 36.67 -12.51 -13.71
C VAL I 148 37.40 -13.18 -12.56
N ASN I 149 36.67 -13.56 -11.50
CA ASN I 149 37.28 -14.24 -10.38
C ASN I 149 37.91 -15.56 -10.81
N ILE I 150 37.16 -16.36 -11.59
CA ILE I 150 37.70 -17.63 -12.07
C ILE I 150 38.93 -17.40 -12.93
N ALA I 151 38.87 -16.41 -13.82
CA ALA I 151 40.03 -16.11 -14.65
C ALA I 151 41.22 -15.67 -13.80
N ARG I 152 40.98 -14.79 -12.82
CA ARG I 152 42.02 -14.43 -11.86
C ARG I 152 42.61 -15.66 -11.19
N ALA I 153 41.76 -16.62 -10.84
CA ALA I 153 42.26 -17.84 -10.20
C ALA I 153 43.16 -18.61 -11.14
N LEU I 154 42.92 -18.49 -12.44
CA LEU I 154 43.68 -19.23 -13.44
C LEU I 154 44.97 -18.55 -13.85
N MET I 155 45.11 -17.24 -13.58
CA MET I 155 46.28 -16.50 -14.03
C MET I 155 47.58 -17.15 -13.59
N GLY I 156 47.76 -17.30 -12.27
CA GLY I 156 48.96 -17.89 -11.70
C GLY I 156 49.24 -19.33 -12.09
N ASN I 157 48.31 -19.95 -12.82
CA ASN I 157 48.40 -21.34 -13.25
C ASN I 157 48.64 -22.23 -12.04
N PRO I 158 47.66 -22.33 -11.13
CA PRO I 158 47.85 -23.13 -9.92
C PRO I 158 47.62 -24.61 -10.18
N GLN I 159 47.98 -25.42 -9.19
CA GLN I 159 47.65 -26.84 -9.21
C GLN I 159 46.31 -27.11 -8.53
N LEU I 160 45.96 -26.29 -7.55
CA LEU I 160 44.72 -26.43 -6.80
C LEU I 160 43.78 -25.28 -7.17
N LEU I 161 42.52 -25.61 -7.44
CA LEU I 161 41.48 -24.61 -7.68
C LEU I 161 40.42 -24.79 -6.61
N LEU I 162 40.26 -23.80 -5.74
CA LEU I 162 39.32 -23.89 -4.64
C LEU I 162 38.13 -22.97 -4.89
N ALA I 163 37.00 -23.56 -5.26
CA ALA I 163 35.79 -22.79 -5.50
C ALA I 163 34.87 -22.94 -4.30
N ASP I 164 34.47 -21.81 -3.73
CA ASP I 164 33.70 -21.81 -2.48
C ASP I 164 32.33 -21.26 -2.84
N GLU I 165 31.37 -22.16 -3.08
CA GLU I 165 30.00 -21.83 -3.45
C GLU I 165 29.96 -20.68 -4.47
N PRO I 166 30.64 -20.84 -5.62
CA PRO I 166 30.82 -19.67 -6.50
C PRO I 166 29.54 -19.24 -7.18
N THR I 167 28.48 -20.05 -7.09
CA THR I 167 27.21 -19.77 -7.74
C THR I 167 26.16 -19.35 -6.72
N SER I 168 26.60 -18.67 -5.66
CA SER I 168 25.72 -18.36 -4.54
C SER I 168 24.71 -17.27 -4.89
N ALA I 169 25.13 -16.29 -5.70
CA ALA I 169 24.28 -15.17 -6.06
C ALA I 169 23.76 -15.24 -7.50
N LEU I 170 23.75 -16.42 -8.11
CA LEU I 170 23.37 -16.57 -9.51
C LEU I 170 22.11 -17.42 -9.64
N ASP I 171 21.19 -16.96 -10.49
CA ASP I 171 20.00 -17.72 -10.82
C ASP I 171 20.36 -19.03 -11.53
N ALA I 172 19.34 -19.85 -11.76
CA ALA I 172 19.52 -21.20 -12.27
C ALA I 172 20.42 -21.24 -13.50
N ARG I 173 20.08 -20.44 -14.52
CA ARG I 173 20.84 -20.49 -15.77
C ARG I 173 22.29 -20.08 -15.56
N LEU I 174 22.51 -18.93 -14.94
CA LEU I 174 23.86 -18.42 -14.75
C LEU I 174 24.71 -19.36 -13.90
N SER I 175 24.11 -19.96 -12.87
CA SER I 175 24.87 -20.85 -11.99
C SER I 175 25.29 -22.13 -12.69
N LYS I 176 24.44 -22.65 -13.59
CA LYS I 176 24.84 -23.80 -14.39
C LYS I 176 26.07 -23.49 -15.23
N GLU I 177 26.06 -22.36 -15.96
CA GLU I 177 27.21 -22.00 -16.79
C GLU I 177 28.50 -21.96 -15.98
N ILE I 178 28.44 -21.43 -14.76
CA ILE I 178 29.66 -21.28 -13.97
C ILE I 178 30.21 -22.65 -13.60
N VAL I 179 29.34 -23.56 -13.16
CA VAL I 179 29.81 -24.91 -12.82
C VAL I 179 30.29 -25.63 -14.07
N GLU I 180 29.62 -25.43 -15.20
CA GLU I 180 30.17 -25.93 -16.47
C GLU I 180 31.56 -25.35 -16.70
N LEU I 181 31.70 -24.04 -16.50
CA LEU I 181 32.98 -23.38 -16.72
C LEU I 181 34.04 -23.92 -15.77
N LEU I 182 33.65 -24.21 -14.53
CA LEU I 182 34.59 -24.78 -13.57
C LEU I 182 35.01 -26.18 -14.00
N ARG I 183 34.04 -27.04 -14.32
CA ARG I 183 34.39 -28.36 -14.83
C ARG I 183 35.25 -28.25 -16.08
N ASP I 184 34.87 -27.36 -16.99
CA ASP I 184 35.57 -27.24 -18.26
C ASP I 184 37.02 -26.83 -18.04
N VAL I 185 37.22 -25.81 -17.21
CA VAL I 185 38.57 -25.32 -16.90
C VAL I 185 39.39 -26.37 -16.15
N THR I 186 38.75 -27.13 -15.24
CA THR I 186 39.47 -28.17 -14.51
C THR I 186 40.00 -29.25 -15.44
N LYS I 187 39.22 -29.65 -16.44
CA LYS I 187 39.65 -30.75 -17.28
C LYS I 187 40.75 -30.30 -18.24
N GLU I 188 40.62 -29.09 -18.81
CA GLU I 188 41.54 -28.69 -19.86
C GLU I 188 42.94 -28.44 -19.33
N PHE I 189 43.06 -27.89 -18.12
CA PHE I 189 44.35 -27.57 -17.54
C PHE I 189 44.81 -28.55 -16.48
N ALA I 190 44.09 -29.65 -16.28
CA ALA I 190 44.46 -30.69 -15.32
C ALA I 190 44.50 -30.15 -13.89
N LEU I 191 43.62 -29.20 -13.58
CA LEU I 191 43.54 -28.69 -12.23
C LEU I 191 42.91 -29.72 -11.31
N ALA I 192 43.31 -29.69 -10.04
CA ALA I 192 42.63 -30.46 -9.00
C ALA I 192 41.76 -29.47 -8.21
N THR I 193 40.45 -29.67 -8.26
CA THR I 193 39.51 -28.67 -7.78
C THR I 193 38.63 -29.22 -6.67
N LEU I 194 38.65 -28.55 -5.52
CA LEU I 194 37.68 -28.73 -4.46
C LEU I 194 36.65 -27.62 -4.59
N MET I 195 35.39 -27.99 -4.81
CA MET I 195 34.30 -27.02 -4.93
C MET I 195 33.26 -27.30 -3.86
N VAL I 196 33.14 -26.38 -2.90
CA VAL I 196 32.06 -26.41 -1.93
C VAL I 196 30.78 -25.93 -2.59
N THR I 197 29.66 -26.59 -2.29
CA THR I 197 28.38 -26.18 -2.83
C THR I 197 27.25 -26.84 -2.05
N HIS I 198 26.17 -26.09 -1.82
CA HIS I 198 24.98 -26.70 -1.25
C HIS I 198 23.94 -27.12 -2.28
N ASP I 199 23.96 -26.54 -3.48
CA ASP I 199 22.92 -26.83 -4.47
C ASP I 199 23.30 -28.11 -5.19
N ARG I 200 22.68 -29.23 -4.81
CA ARG I 200 23.04 -30.48 -5.46
C ARG I 200 22.68 -30.54 -6.94
N SER I 201 21.80 -29.65 -7.41
CA SER I 201 21.56 -29.52 -8.86
C SER I 201 22.83 -29.45 -9.67
N GLN I 202 23.95 -29.11 -9.04
CA GLN I 202 25.22 -28.94 -9.74
C GLN I 202 26.17 -30.09 -9.52
N LEU I 203 25.85 -31.04 -8.63
CA LEU I 203 26.74 -32.17 -8.39
C LEU I 203 26.91 -33.06 -9.60
N ALA I 204 26.02 -32.95 -10.58
CA ALA I 204 26.17 -33.75 -11.81
C ALA I 204 27.48 -33.47 -12.52
N TYR I 205 28.16 -32.38 -12.18
CA TYR I 205 29.44 -32.04 -12.80
C TYR I 205 30.64 -32.50 -11.99
N ALA I 206 30.43 -33.18 -10.86
CA ALA I 206 31.53 -33.54 -9.97
C ALA I 206 31.94 -35.00 -10.17
N ASP I 207 33.25 -35.23 -10.20
CA ASP I 207 33.75 -36.58 -10.38
C ASP I 207 33.54 -37.43 -9.12
N ARG I 208 33.74 -36.84 -7.95
CA ARG I 208 33.53 -37.49 -6.67
C ARG I 208 32.94 -36.50 -5.68
N PHE I 209 32.61 -36.99 -4.49
CA PHE I 209 32.11 -36.13 -3.43
C PHE I 209 32.87 -36.35 -2.13
N VAL I 210 32.99 -35.29 -1.35
CA VAL I 210 33.34 -35.39 0.05
C VAL I 210 32.09 -34.91 0.77
N GLU I 211 31.42 -35.83 1.46
CA GLU I 211 30.19 -35.53 2.15
C GLU I 211 30.49 -35.23 3.61
N MET I 212 29.98 -34.11 4.12
CA MET I 212 30.39 -33.63 5.43
C MET I 212 29.20 -33.69 6.39
N ALA I 213 29.47 -34.21 7.59
CA ALA I 213 28.49 -34.17 8.68
C ALA I 213 29.25 -34.02 9.98
N ASP I 214 28.79 -33.10 10.83
CA ASP I 214 29.33 -32.87 12.17
C ASP I 214 30.86 -32.84 12.20
N GLY I 215 31.50 -32.39 11.12
CA GLY I 215 32.93 -32.20 11.14
C GLY I 215 33.76 -33.36 10.64
N LYS I 216 33.12 -34.46 10.25
CA LYS I 216 33.80 -35.63 9.71
C LYS I 216 33.49 -35.78 8.22
N ALA I 217 34.50 -36.16 7.45
CA ALA I 217 34.38 -36.23 6.01
C ALA I 217 34.28 -37.68 5.54
N LEU I 218 33.41 -37.91 4.56
CA LEU I 218 33.20 -39.20 3.92
C LEU I 218 33.58 -39.03 2.46
N GLN I 219 34.81 -39.41 2.11
CA GLN I 219 35.24 -39.42 0.72
C GLN I 219 34.46 -40.50 -0.02
N THR I 220 33.59 -40.09 -0.93
CA THR I 220 32.67 -41.01 -1.59
C THR I 220 32.58 -40.67 -3.07
N ALA I 221 32.04 -41.61 -3.84
CA ALA I 221 31.76 -41.40 -5.25
C ALA I 221 30.31 -41.64 -5.63
N LYS I 222 29.51 -42.24 -4.73
CA LYS I 222 28.10 -42.53 -5.00
C LYS I 222 27.28 -41.94 -3.86
N LEU I 223 26.67 -40.79 -4.11
CA LEU I 223 25.86 -40.10 -3.10
C LEU I 223 24.61 -40.90 -2.75
N MET J 1 52.62 -1.80 -5.03
CA MET J 1 52.63 -0.46 -5.63
C MET J 1 51.65 -0.40 -6.80
N PHE J 2 51.22 -1.59 -7.25
CA PHE J 2 50.24 -1.70 -8.32
C PHE J 2 48.88 -1.15 -7.91
N LEU J 3 48.27 -1.80 -6.91
CA LEU J 3 46.97 -1.37 -6.39
C LEU J 3 47.01 0.04 -5.82
N GLY J 4 48.10 0.39 -5.14
CA GLY J 4 48.18 1.72 -4.52
C GLY J 4 48.01 2.86 -5.50
N ILE J 5 48.70 2.79 -6.64
CA ILE J 5 48.67 3.92 -7.57
C ILE J 5 47.28 4.08 -8.18
N ARG J 6 46.59 2.97 -8.47
CA ARG J 6 45.26 3.06 -9.06
C ARG J 6 44.18 3.36 -8.03
N ASP J 7 44.41 3.08 -6.74
CA ASP J 7 43.54 3.63 -5.72
C ASP J 7 43.54 5.15 -5.80
N ILE J 8 44.71 5.75 -6.02
CA ILE J 8 44.80 7.20 -6.10
C ILE J 8 44.04 7.70 -7.33
N ARG J 9 44.30 7.08 -8.48
CA ARG J 9 43.56 7.40 -9.70
C ARG J 9 42.06 7.32 -9.46
N ALA J 10 41.58 6.12 -9.08
CA ALA J 10 40.15 5.85 -8.99
C ALA J 10 39.48 6.60 -7.86
N ALA J 11 40.24 7.19 -6.94
CA ALA J 11 39.71 7.97 -5.83
C ALA J 11 40.48 9.29 -5.77
N ALA J 12 40.30 10.11 -6.79
CA ALA J 12 41.01 11.38 -6.83
C ALA J 12 40.41 12.42 -5.90
N GLY J 13 39.17 12.21 -5.45
CA GLY J 13 38.53 13.16 -4.55
C GLY J 13 39.27 13.27 -3.23
N ARG J 14 39.41 12.14 -2.55
CA ARG J 14 39.95 12.15 -1.19
C ARG J 14 41.47 12.33 -1.19
N PHE J 15 42.16 11.84 -2.22
CA PHE J 15 43.60 12.07 -2.29
C PHE J 15 43.92 13.51 -2.65
N ALA J 16 43.10 14.16 -3.48
CA ALA J 16 43.27 15.58 -3.70
C ALA J 16 43.07 16.34 -2.40
N LEU J 17 42.06 15.95 -1.63
CA LEU J 17 41.84 16.58 -0.32
C LEU J 17 43.06 16.40 0.57
N ILE J 18 43.60 15.18 0.63
CA ILE J 18 44.73 14.93 1.52
C ILE J 18 45.95 15.68 1.00
N ALA J 19 46.20 15.63 -0.31
CA ALA J 19 47.34 16.35 -0.87
C ALA J 19 47.18 17.86 -0.72
N SER J 20 45.96 18.38 -0.88
CA SER J 20 45.75 19.81 -0.69
C SER J 20 45.96 20.20 0.76
N VAL J 21 45.40 19.43 1.70
CA VAL J 21 45.56 19.77 3.11
C VAL J 21 47.03 19.67 3.50
N VAL J 22 47.71 18.60 3.07
CA VAL J 22 49.13 18.47 3.36
C VAL J 22 49.87 19.63 2.72
N GLY J 23 49.49 19.98 1.49
CA GLY J 23 50.10 21.12 0.83
C GLY J 23 49.79 22.42 1.54
N LEU J 24 48.55 22.55 2.04
CA LEU J 24 48.17 23.76 2.75
C LEU J 24 49.03 23.94 4.00
N ILE J 25 49.24 22.85 4.76
CA ILE J 25 50.06 22.93 5.96
C ILE J 25 51.50 23.27 5.57
N THR J 26 51.99 22.66 4.48
CA THR J 26 53.34 22.99 4.01
C THR J 26 53.39 24.43 3.53
N LEU J 27 52.31 24.92 2.90
CA LEU J 27 52.23 26.33 2.55
C LEU J 27 52.37 27.20 3.79
N LEU J 28 51.57 26.91 4.82
CA LEU J 28 51.67 27.65 6.07
C LEU J 28 53.07 27.53 6.67
N ILE J 29 53.62 26.31 6.70
CA ILE J 29 54.92 26.08 7.33
C ILE J 29 56.05 26.77 6.55
N VAL J 30 56.04 26.66 5.22
CA VAL J 30 57.12 27.26 4.43
C VAL J 30 57.13 28.78 4.57
N MET J 31 55.96 29.42 4.52
CA MET J 31 55.96 30.87 4.67
C MET J 31 56.23 31.29 6.10
N LEU J 32 55.74 30.52 7.08
CA LEU J 32 56.09 30.79 8.47
C LEU J 32 57.58 30.61 8.71
N THR J 33 58.18 29.57 8.10
CA THR J 33 59.62 29.34 8.26
C THR J 33 60.44 30.52 7.73
N GLY J 34 60.15 30.95 6.50
CA GLY J 34 60.91 32.04 5.91
C GLY J 34 60.77 33.34 6.69
N LEU J 35 59.59 33.57 7.26
CA LEU J 35 59.32 34.81 7.98
C LEU J 35 60.09 34.90 9.29
N THR J 36 60.26 33.76 9.99
CA THR J 36 60.99 33.80 11.27
C THR J 36 62.48 34.01 11.07
N GLN J 37 63.07 33.41 10.03
CA GLN J 37 64.47 33.67 9.72
C GLN J 37 64.67 35.09 9.22
N GLY J 38 63.71 35.62 8.46
CA GLY J 38 63.79 37.00 8.02
C GLY J 38 63.70 37.98 9.17
N LEU J 39 62.77 37.73 10.11
CA LEU J 39 62.63 38.60 11.27
C LEU J 39 63.90 38.60 12.12
N GLY J 40 64.60 37.47 12.18
CA GLY J 40 65.85 37.42 12.92
C GLY J 40 66.89 38.37 12.34
N LYS J 41 66.94 38.48 11.01
CA LYS J 41 67.86 39.46 10.42
C LYS J 41 67.42 40.89 10.68
N GLN J 42 66.12 41.13 10.89
CA GLN J 42 65.71 42.45 11.36
C GLN J 42 66.26 42.76 12.75
N ASN J 43 66.53 41.73 13.56
CA ASN J 43 67.08 41.97 14.89
C ASN J 43 68.60 41.88 14.96
N THR J 44 69.25 41.09 14.11
CA THR J 44 70.67 40.79 14.29
C THR J 44 71.57 41.23 13.15
N SER J 45 71.02 41.75 12.05
CA SER J 45 71.81 41.99 10.86
C SER J 45 72.96 42.97 11.11
N ALA J 46 72.74 43.95 11.99
CA ALA J 46 73.80 44.92 12.29
C ALA J 46 74.94 44.29 13.10
N ILE J 47 74.62 43.65 14.23
CA ILE J 47 75.66 43.03 15.05
C ILE J 47 76.38 41.94 14.26
N GLU J 48 75.61 41.11 13.54
CA GLU J 48 76.20 40.08 12.70
C GLU J 48 77.12 40.68 11.64
N ALA J 49 76.68 41.77 11.00
CA ALA J 49 77.50 42.43 9.98
C ALA J 49 78.89 42.81 10.53
N LEU J 50 78.94 43.37 11.74
CA LEU J 50 80.23 43.70 12.32
C LEU J 50 81.06 42.45 12.62
N ALA J 51 80.41 41.29 12.70
CA ALA J 51 81.06 39.99 12.82
C ALA J 51 82.17 39.92 13.88
N PRO J 52 81.84 40.11 15.15
CA PRO J 52 82.83 39.89 16.20
C PRO J 52 82.92 38.41 16.58
N HIS J 53 84.10 38.02 17.07
CA HIS J 53 84.31 36.66 17.56
C HIS J 53 83.73 36.49 18.95
N SER J 54 84.19 37.31 19.89
CA SER J 54 83.60 37.37 21.21
C SER J 54 83.10 38.79 21.44
N VAL J 55 82.29 38.94 22.47
CA VAL J 55 81.65 40.21 22.81
C VAL J 55 81.64 40.38 24.33
N VAL J 56 82.21 41.49 24.82
CA VAL J 56 82.32 41.75 26.25
C VAL J 56 81.17 42.63 26.72
N PHE J 57 80.46 42.18 27.75
CA PHE J 57 79.37 42.92 28.35
C PHE J 57 79.72 43.44 29.74
N THR J 58 78.75 44.16 30.31
CA THR J 58 78.78 44.64 31.68
C THR J 58 77.44 44.26 32.29
N THR J 59 77.48 43.65 33.47
CA THR J 59 76.27 43.19 34.14
C THR J 59 76.28 43.64 35.59
N ALA J 60 75.21 43.31 36.30
CA ALA J 60 75.13 43.55 37.73
C ALA J 60 74.56 42.32 38.41
N GLY J 61 75.20 41.90 39.50
CA GLY J 61 74.81 40.66 40.15
C GLY J 61 75.00 39.43 39.31
N GLY J 62 75.98 39.43 38.40
CA GLY J 62 76.24 38.27 37.57
C GLY J 62 75.04 37.78 36.78
N SER J 63 74.11 38.69 36.47
CA SER J 63 72.90 38.37 35.73
C SER J 63 73.19 38.25 34.24
N SER J 64 72.17 37.83 33.49
CA SER J 64 72.30 37.67 32.06
C SER J 64 72.56 39.04 31.43
N PRO J 65 73.45 39.13 30.45
CA PRO J 65 73.67 40.42 29.79
C PRO J 65 72.42 40.89 29.07
N GLU J 66 72.23 42.22 29.09
CA GLU J 66 71.13 42.88 28.41
C GLU J 66 71.66 44.10 27.70
N PHE J 67 71.34 44.26 26.42
CA PHE J 67 71.79 45.44 25.70
C PHE J 67 71.22 46.72 26.30
N THR J 68 70.10 46.63 27.01
CA THR J 68 69.49 47.80 27.64
C THR J 68 70.16 48.19 28.95
N SER J 69 71.10 47.38 29.45
CA SER J 69 71.67 47.60 30.77
C SER J 69 73.19 47.50 30.77
N SER J 70 73.82 47.35 29.60
CA SER J 70 75.27 47.21 29.51
C SER J 70 75.90 48.54 29.14
N GLU J 71 77.00 48.88 29.80
CA GLU J 71 77.83 50.03 29.43
C GLU J 71 79.29 49.69 29.68
N ILE J 72 80.16 50.22 28.83
CA ILE J 72 81.61 50.01 28.97
C ILE J 72 82.26 51.34 29.33
N SER J 73 82.95 51.37 30.46
CA SER J 73 83.77 52.49 30.90
C SER J 73 85.06 52.58 30.10
N GLU J 74 85.70 53.75 30.17
CA GLU J 74 86.92 53.98 29.37
C GLU J 74 88.01 52.99 29.76
N GLN J 75 88.25 52.83 31.05
CA GLN J 75 89.28 51.89 31.49
C GLN J 75 88.92 50.46 31.10
N GLN J 76 87.65 50.10 31.26
CA GLN J 76 87.20 48.80 30.76
C GLN J 76 87.53 48.63 29.28
N ALA J 77 87.40 49.70 28.49
CA ALA J 77 87.69 49.60 27.07
C ALA J 77 89.17 49.38 26.82
N GLU J 78 90.02 50.06 27.62
CA GLU J 78 91.46 49.90 27.46
C GLU J 78 91.97 48.56 27.95
N ARG J 79 91.24 47.88 28.85
CA ARG J 79 91.69 46.59 29.35
C ARG J 79 91.92 45.59 28.21
N TRP J 80 90.85 45.12 27.58
CA TRP J 80 91.01 44.22 26.44
C TRP J 80 91.64 44.99 25.30
N LYS J 81 92.90 44.66 24.97
CA LYS J 81 93.50 45.27 23.81
C LYS J 81 92.84 44.69 22.56
N ASP J 82 92.95 45.42 21.45
CA ASP J 82 92.33 45.02 20.19
C ASP J 82 90.82 44.86 20.35
N SER J 83 90.20 45.82 21.04
CA SER J 83 88.77 45.81 21.30
C SER J 83 88.21 47.16 20.86
N THR J 84 86.98 47.14 20.37
CA THR J 84 86.34 48.34 19.88
C THR J 84 85.05 48.61 20.66
N PRO J 85 84.86 49.83 21.17
CA PRO J 85 83.62 50.12 21.89
C PRO J 85 82.48 50.33 20.89
N LEU J 86 81.37 49.64 21.13
CA LEU J 86 80.17 49.78 20.32
C LEU J 86 79.07 50.36 21.21
N GLY J 87 78.50 51.48 20.79
CA GLY J 87 77.35 52.04 21.48
C GLY J 87 76.08 51.69 20.75
N VAL J 88 75.11 51.15 21.49
CA VAL J 88 73.83 50.74 20.93
C VAL J 88 72.71 51.39 21.74
N SER J 89 71.91 52.23 21.08
CA SER J 89 70.72 52.80 21.68
C SER J 89 69.65 52.94 20.61
N GLN J 90 68.40 53.03 21.06
CA GLN J 90 67.28 53.40 20.21
C GLN J 90 66.66 54.68 20.76
N THR J 91 66.41 55.65 19.88
CA THR J 91 65.90 56.94 20.31
C THR J 91 65.11 57.58 19.18
N ARG J 92 64.57 58.77 19.48
CA ARG J 92 63.61 59.47 18.64
C ARG J 92 64.35 60.38 17.67
N ILE J 93 64.31 60.05 16.38
CA ILE J 93 64.91 60.89 15.35
C ILE J 93 63.81 61.77 14.75
N GLU J 94 64.08 63.06 14.66
CA GLU J 94 63.12 64.02 14.16
C GLU J 94 63.82 64.96 13.18
N SER J 95 63.26 65.08 11.99
CA SER J 95 63.78 65.99 10.99
C SER J 95 62.90 67.23 10.88
N ASP J 96 63.36 68.19 10.08
CA ASP J 96 62.65 69.44 9.92
C ASP J 96 61.25 69.22 9.36
N GLN J 97 61.06 68.16 8.56
CA GLN J 97 59.82 67.97 7.83
C GLN J 97 59.08 66.68 8.19
N ASN J 98 59.69 65.77 8.94
CA ASN J 98 59.06 64.49 9.27
C ASN J 98 59.71 63.95 10.55
N ALA J 99 59.27 62.76 10.96
CA ALA J 99 59.87 62.09 12.12
C ALA J 99 59.60 60.60 12.06
N ASN J 100 60.34 59.85 12.88
CA ASN J 100 60.25 58.39 12.99
C ASN J 100 61.20 57.97 14.12
N THR J 101 61.15 56.68 14.45
CA THR J 101 62.07 56.09 15.42
C THR J 101 63.16 55.29 14.72
N THR J 102 64.40 55.37 15.24
CA THR J 102 65.51 54.64 14.64
C THR J 102 66.50 54.22 15.71
N ALA J 103 67.29 53.19 15.39
CA ALA J 103 68.40 52.74 16.23
C ALA J 103 69.67 53.52 15.88
N VAL J 104 70.46 53.81 16.90
CA VAL J 104 71.74 54.51 16.73
C VAL J 104 72.85 53.61 17.25
N MET J 105 73.82 53.30 16.39
CA MET J 105 75.05 52.62 16.78
C MET J 105 76.25 53.55 16.66
N GLY J 106 77.08 53.57 17.68
CA GLY J 106 78.24 54.45 17.74
C GLY J 106 79.53 53.67 17.87
N LEU J 107 80.50 54.01 17.02
CA LEU J 107 81.83 53.39 17.00
C LEU J 107 82.86 54.49 16.93
N PRO J 108 84.15 54.17 17.18
CA PRO J 108 85.18 55.21 17.12
C PRO J 108 85.31 55.80 15.73
N GLU J 109 85.64 57.09 15.69
CA GLU J 109 85.66 57.82 14.44
C GLU J 109 86.67 57.23 13.47
N GLY J 110 86.24 57.01 12.23
CA GLY J 110 87.08 56.50 11.17
C GLY J 110 87.10 55.00 11.03
N THR J 111 86.50 54.25 11.95
CA THR J 111 86.47 52.81 11.82
C THR J 111 85.70 52.42 10.57
N PRO J 112 86.27 51.59 9.69
CA PRO J 112 85.56 51.21 8.46
C PRO J 112 84.29 50.44 8.78
N LEU J 113 83.22 50.82 8.11
CA LEU J 113 81.94 50.14 8.33
C LEU J 113 81.88 48.86 7.51
N PRO J 114 81.12 47.86 7.97
CA PRO J 114 81.03 46.61 7.23
C PRO J 114 80.55 46.85 5.80
N ASP J 115 81.05 46.04 4.88
CA ASP J 115 80.70 46.17 3.47
C ASP J 115 79.21 46.15 3.24
N SER J 116 78.44 45.54 4.16
CA SER J 116 76.99 45.68 4.16
C SER J 116 76.58 47.15 4.09
N VAL J 117 77.28 48.01 4.83
CA VAL J 117 76.98 49.43 4.84
C VAL J 117 78.09 50.25 4.18
N GLY J 118 79.34 49.80 4.23
CA GLY J 118 80.45 50.50 3.62
C GLY J 118 80.73 51.88 4.17
N GLY J 119 81.74 52.53 3.59
CA GLY J 119 82.21 53.82 4.03
C GLY J 119 82.95 53.76 5.36
N PHE J 120 83.02 54.93 6.01
CA PHE J 120 83.75 55.09 7.26
C PHE J 120 82.91 55.91 8.24
N ILE J 121 83.01 55.55 9.52
CA ILE J 121 82.41 56.36 10.58
C ILE J 121 83.01 57.77 10.53
N GLU J 122 82.17 58.75 10.27
CA GLU J 122 82.60 60.14 10.20
C GLU J 122 81.97 60.95 11.32
N GLN J 123 82.43 62.18 11.46
CA GLN J 123 81.79 63.09 12.40
C GLN J 123 80.35 63.33 11.95
N GLY J 124 79.43 63.26 12.90
CA GLY J 124 78.02 63.38 12.57
C GLY J 124 77.36 62.02 12.45
N ALA J 125 76.26 62.01 11.70
CA ALA J 125 75.43 60.82 11.57
C ALA J 125 75.32 60.38 10.11
N LEU J 126 75.55 59.10 9.86
CA LEU J 126 75.34 58.49 8.55
C LEU J 126 73.98 57.81 8.60
N LEU J 127 73.06 58.32 7.81
CA LEU J 127 71.68 57.85 7.88
C LEU J 127 71.44 56.77 6.83
N PRO J 128 70.59 55.78 7.09
CA PRO J 128 70.15 54.90 6.02
C PRO J 128 69.44 55.70 4.94
N ALA J 129 69.75 55.38 3.68
CA ALA J 129 69.21 56.17 2.57
C ALA J 129 67.69 56.21 2.59
N GLU J 130 67.06 55.09 2.93
CA GLU J 130 65.59 55.03 2.92
C GLU J 130 64.99 55.92 4.01
N LEU J 131 65.60 55.97 5.19
CA LEU J 131 65.08 56.83 6.25
C LEU J 131 65.34 58.30 5.91
N ALA J 132 66.54 58.62 5.42
CA ALA J 132 66.84 59.98 5.02
C ALA J 132 65.91 60.43 3.88
N ASP J 133 65.60 59.53 2.95
CA ASP J 133 64.63 59.84 1.92
C ASP J 133 63.25 60.05 2.54
N PHE J 134 62.90 59.22 3.51
CA PHE J 134 61.61 59.34 4.19
C PHE J 134 61.40 60.71 4.83
N LEU J 135 62.41 61.21 5.52
CA LEU J 135 62.26 62.49 6.22
C LEU J 135 62.46 63.71 5.33
N HIS J 136 62.82 63.52 4.06
CA HIS J 136 63.11 64.62 3.15
C HIS J 136 64.37 65.37 3.59
N VAL J 137 65.40 64.62 3.98
CA VAL J 137 66.65 65.17 4.49
C VAL J 137 67.78 64.68 3.60
N ARG J 138 68.77 65.55 3.41
CA ARG J 138 69.94 65.22 2.60
C ARG J 138 71.20 65.37 3.45
N ALA J 139 72.35 65.50 2.78
CA ALA J 139 73.60 65.71 3.49
C ALA J 139 73.65 67.15 3.96
N GLY J 140 73.89 67.35 5.25
CA GLY J 140 73.97 68.67 5.80
C GLY J 140 72.72 69.12 6.54
N ASP J 141 71.65 68.34 6.48
CA ASP J 141 70.42 68.70 7.18
C ASP J 141 70.57 68.33 8.64
N HIS J 142 69.82 69.02 9.49
CA HIS J 142 69.89 68.79 10.92
C HIS J 142 68.77 67.88 11.39
N ILE J 143 69.08 67.02 12.35
CA ILE J 143 68.12 66.07 12.90
C ILE J 143 68.30 66.03 14.41
N THR J 144 67.23 65.75 15.13
CA THR J 144 67.26 65.66 16.58
C THR J 144 67.32 64.19 16.99
N LEU J 145 68.39 63.80 17.66
CA LEU J 145 68.58 62.43 18.11
C LEU J 145 68.69 62.47 19.63
N GLY J 146 67.69 61.91 20.31
CA GLY J 146 67.76 61.70 21.74
C GLY J 146 68.06 62.94 22.56
N GLY J 147 67.46 64.08 22.22
CA GLY J 147 67.70 65.29 22.97
C GLY J 147 68.91 66.08 22.52
N ALA J 148 69.52 65.72 21.39
CA ALA J 148 70.64 66.46 20.84
C ALA J 148 70.39 66.76 19.37
N THR J 149 71.07 67.79 18.88
CA THR J 149 71.14 68.01 17.44
C THR J 149 72.39 67.32 16.88
N VAL J 150 72.29 66.88 15.63
CA VAL J 150 73.37 66.16 14.97
C VAL J 150 73.36 66.55 13.50
N THR J 151 74.54 66.52 12.88
CA THR J 151 74.66 66.81 11.45
C THR J 151 74.59 65.51 10.67
N VAL J 152 73.78 65.49 9.62
CA VAL J 152 73.71 64.32 8.75
C VAL J 152 74.98 64.30 7.90
N ALA J 153 75.83 63.30 8.14
CA ALA J 153 77.08 63.20 7.39
C ALA J 153 76.89 62.60 6.01
N GLY J 154 75.86 61.78 5.81
CA GLY J 154 75.65 61.15 4.53
C GLY J 154 74.71 59.97 4.63
N THR J 155 74.40 59.42 3.47
CA THR J 155 73.51 58.27 3.37
C THR J 155 74.35 57.00 3.24
N VAL J 156 73.75 55.88 3.64
CA VAL J 156 74.39 54.56 3.62
C VAL J 156 73.33 53.51 3.33
N LYS J 157 73.73 52.25 3.34
CA LYS J 157 72.74 51.18 3.24
C LYS J 157 72.12 50.91 4.61
N THR J 158 71.16 49.99 4.63
CA THR J 158 70.37 49.72 5.83
C THR J 158 70.81 48.42 6.49
N GLU J 159 71.15 48.50 7.77
CA GLU J 159 71.20 47.34 8.64
C GLU J 159 70.24 47.61 9.80
N ASN J 160 69.92 46.58 10.57
CA ASN J 160 68.79 46.68 11.49
C ASN J 160 69.16 46.23 12.89
N TYR J 161 68.49 46.84 13.88
CA TYR J 161 68.56 46.42 15.27
C TYR J 161 67.21 46.64 15.92
N SER J 162 66.59 45.57 16.43
CA SER J 162 65.27 45.63 17.08
C SER J 162 64.23 46.29 16.17
N HIS J 163 64.14 45.79 14.93
CA HIS J 163 63.18 46.24 13.93
C HIS J 163 63.36 47.70 13.55
N THR J 164 64.55 48.27 13.80
CA THR J 164 64.83 49.64 13.42
C THR J 164 66.08 49.70 12.56
N PRO J 165 66.16 50.66 11.65
CA PRO J 165 67.40 50.86 10.89
C PRO J 165 68.49 51.46 11.77
N VAL J 166 69.74 51.17 11.42
CA VAL J 166 70.89 51.57 12.22
C VAL J 166 71.49 52.84 11.64
N VAL J 167 71.52 53.89 12.44
CA VAL J 167 72.25 55.11 12.11
C VAL J 167 73.63 55.03 12.74
N TRP J 168 74.67 55.24 11.94
CA TRP J 168 76.04 55.05 12.37
C TRP J 168 76.66 56.40 12.69
N VAL J 169 77.19 56.54 13.91
CA VAL J 169 77.75 57.80 14.40
C VAL J 169 79.06 57.51 15.10
N ASP J 170 79.85 58.56 15.29
CA ASP J 170 81.10 58.44 16.01
C ASP J 170 80.85 58.38 17.52
N THR J 171 81.72 57.67 18.22
CA THR J 171 81.55 57.44 19.65
C THR J 171 81.23 58.72 20.41
N ALA J 172 81.82 59.84 19.98
CA ALA J 172 81.55 61.11 20.63
C ALA J 172 80.09 61.52 20.47
N THR J 173 79.57 61.43 19.24
CA THR J 173 78.18 61.78 19.00
C THR J 173 77.22 60.85 19.72
N TRP J 174 77.51 59.54 19.72
CA TRP J 174 76.64 58.60 20.42
C TRP J 174 76.52 58.95 21.91
N GLN J 175 77.63 59.38 22.52
CA GLN J 175 77.58 59.81 23.92
C GLN J 175 76.63 60.98 24.09
N LEU J 176 76.65 61.92 23.14
CA LEU J 176 75.76 63.08 23.20
C LEU J 176 74.31 62.67 23.03
N VAL J 177 74.05 61.68 22.16
CA VAL J 177 72.67 61.28 21.88
C VAL J 177 72.06 60.46 23.02
N SER J 178 72.87 59.68 23.75
CA SER J 178 72.33 58.85 24.82
C SER J 178 72.62 59.40 26.21
N HIS J 179 73.32 60.54 26.31
CA HIS J 179 73.56 61.24 27.57
C HIS J 179 74.28 60.35 28.59
N THR J 180 75.47 59.89 28.21
CA THR J 180 76.26 59.00 29.06
C THR J 180 77.72 59.31 28.80
N LYS J 181 78.53 59.20 29.86
CA LYS J 181 79.97 59.37 29.75
C LYS J 181 80.70 58.11 29.29
N ALA J 182 80.02 56.98 29.22
CA ALA J 182 80.65 55.75 28.76
C ALA J 182 81.05 55.87 27.29
N VAL J 183 82.07 55.11 26.89
CA VAL J 183 82.52 55.12 25.50
C VAL J 183 81.75 54.14 24.64
N GLY J 184 80.88 53.33 25.24
CA GLY J 184 80.08 52.42 24.48
C GLY J 184 79.26 51.56 25.41
N THR J 185 78.43 50.71 24.81
CA THR J 185 77.59 49.81 25.57
C THR J 185 78.18 48.41 25.61
N VAL J 186 78.93 48.02 24.58
CA VAL J 186 79.61 46.74 24.54
C VAL J 186 81.00 46.95 23.93
N LEU J 187 81.83 45.90 23.97
CA LEU J 187 83.15 45.85 23.33
C LEU J 187 83.18 44.70 22.31
N LEU J 188 83.48 45.04 21.05
CA LEU J 188 83.61 44.04 19.99
C LEU J 188 85.04 43.50 19.94
N LEU J 189 85.17 42.17 20.03
CA LEU J 189 86.44 41.44 19.98
C LEU J 189 86.49 40.57 18.74
N ASN J 190 87.50 40.78 17.89
CA ASN J 190 87.54 40.02 16.64
C ASN J 190 88.23 38.66 16.81
N GLN J 191 89.30 38.59 17.59
CA GLN J 191 89.95 37.34 17.95
C GLN J 191 89.46 36.89 19.34
N GLU J 192 90.19 35.94 19.97
CA GLU J 192 89.81 35.42 21.28
C GLU J 192 90.48 36.23 22.39
N PRO J 193 89.72 36.69 23.38
CA PRO J 193 90.28 37.53 24.44
C PRO J 193 91.22 36.74 25.34
N THR J 194 92.33 37.36 25.72
CA THR J 194 93.29 36.68 26.58
C THR J 194 93.29 37.25 27.99
N ILE J 195 92.29 38.06 28.34
CA ILE J 195 92.16 38.61 29.68
C ILE J 195 90.90 38.02 30.33
N GLN J 196 90.99 37.75 31.63
CA GLN J 196 89.75 37.23 32.21
C GLN J 196 88.88 38.39 32.67
N PRO J 197 87.57 38.34 32.51
CA PRO J 197 86.75 39.52 32.80
C PRO J 197 86.34 39.58 34.27
N GLN J 198 85.88 40.77 34.67
CA GLN J 198 85.50 41.00 36.05
C GLN J 198 84.09 40.46 36.31
N ASP J 199 83.74 40.34 37.60
CA ASP J 199 82.47 39.76 37.99
C ASP J 199 81.31 40.41 37.25
N ASN J 200 81.38 41.71 36.99
CA ASN J 200 80.32 42.42 36.30
C ASN J 200 80.49 42.38 34.80
N GLU J 201 81.58 41.81 34.33
CA GLU J 201 81.90 41.66 32.92
C GLU J 201 81.55 40.25 32.46
N VAL J 202 81.32 40.10 31.16
CA VAL J 202 80.92 38.82 30.59
C VAL J 202 81.39 38.72 29.15
N VAL J 203 82.13 37.68 28.82
CA VAL J 203 82.53 37.46 27.44
C VAL J 203 81.48 36.54 26.83
N THR J 204 81.10 36.80 25.58
CA THR J 204 80.00 36.07 24.97
C THR J 204 80.31 35.80 23.51
N ASP J 205 79.75 34.70 23.01
CA ASP J 205 79.79 34.40 21.58
C ASP J 205 78.72 35.23 20.87
N LEU J 206 78.76 35.22 19.53
CA LEU J 206 77.81 36.00 18.75
C LEU J 206 76.37 35.61 19.10
N LYS J 207 76.12 34.32 19.29
CA LYS J 207 74.81 33.87 19.75
C LYS J 207 74.42 34.52 21.07
N GLY J 208 75.29 34.40 22.08
CA GLY J 208 75.00 35.00 23.38
C GLY J 208 74.81 36.50 23.34
N ALA J 209 75.44 37.18 22.38
CA ALA J 209 75.19 38.60 22.21
C ALA J 209 73.74 38.87 21.83
N PHE J 210 73.11 37.93 21.13
CA PHE J 210 71.68 38.02 20.83
C PHE J 210 70.81 37.82 22.07
N GLN J 211 71.26 37.00 23.03
CA GLN J 211 70.59 36.91 24.32
C GLN J 211 70.40 38.25 25.00
N ALA J 212 71.20 39.25 24.64
CA ALA J 212 71.07 40.59 25.19
C ALA J 212 70.18 41.51 24.36
N MET J 213 69.76 41.11 23.18
CA MET J 213 68.86 41.98 22.43
C MET J 213 67.42 41.81 22.90
N PRO J 214 66.69 42.92 23.07
CA PRO J 214 65.39 42.85 23.75
C PRO J 214 64.37 42.00 23.00
N ALA J 215 64.16 42.26 21.72
CA ALA J 215 63.13 41.58 20.94
C ALA J 215 63.52 40.17 20.53
N TYR J 216 64.82 39.84 20.50
CA TYR J 216 65.26 38.67 19.76
C TYR J 216 64.82 37.40 20.47
N LYS J 217 65.22 37.24 21.73
CA LYS J 217 64.97 36.01 22.47
C LYS J 217 63.48 35.75 22.60
N SER J 218 62.71 36.78 22.99
CA SER J 218 61.27 36.60 23.21
C SER J 218 60.47 36.37 21.94
N GLU J 219 61.04 36.60 20.76
CA GLU J 219 60.27 36.46 19.52
C GLU J 219 60.65 35.25 18.70
N ARG J 220 61.94 34.91 18.63
CA ARG J 220 62.35 33.70 17.92
CA ARG J 220 62.33 33.70 17.91
C ARG J 220 61.76 32.46 18.58
N SER J 221 61.65 32.47 19.91
CA SER J 221 61.08 31.35 20.65
C SER J 221 59.60 31.18 20.32
N SER J 222 58.84 32.27 20.33
CA SER J 222 57.40 32.20 20.04
C SER J 222 57.14 31.75 18.61
N LEU J 223 57.95 32.20 17.66
CA LEU J 223 57.79 31.78 16.27
C LEU J 223 58.10 30.29 16.09
N LEU J 224 59.12 29.78 16.78
CA LEU J 224 59.46 28.36 16.66
C LEU J 224 58.35 27.47 17.21
N SER J 225 57.75 27.85 18.35
CA SER J 225 56.65 27.05 18.87
C SER J 225 55.48 27.01 17.89
N MET J 226 55.15 28.14 17.26
CA MET J 226 54.11 28.11 16.23
C MET J 226 54.47 27.16 15.11
N GLN J 227 55.75 27.15 14.67
CA GLN J 227 56.15 26.20 13.64
C GLN J 227 55.98 24.78 14.15
N ALA J 228 56.29 24.56 15.43
CA ALA J 228 56.14 23.23 16.01
C ALA J 228 54.68 22.81 16.00
N PHE J 229 53.79 23.75 16.33
CA PHE J 229 52.36 23.50 16.22
C PHE J 229 51.99 23.10 14.81
N LEU J 230 52.59 23.78 13.82
CA LEU J 230 52.29 23.49 12.42
C LEU J 230 52.77 22.09 12.02
N TYR J 231 53.98 21.72 12.43
CA TYR J 231 54.48 20.38 12.14
C TYR J 231 53.64 19.31 12.80
N ILE J 232 53.25 19.54 14.06
CA ILE J 232 52.43 18.57 14.79
C ILE J 232 51.10 18.35 14.09
N ILE J 233 50.46 19.43 13.65
CA ILE J 233 49.18 19.29 12.95
C ILE J 233 49.36 18.47 11.69
N SER J 234 50.47 18.68 10.96
CA SER J 234 50.73 17.88 9.77
C SER J 234 50.74 16.39 10.10
N ALA J 235 51.50 16.00 11.13
CA ALA J 235 51.57 14.59 11.53
C ALA J 235 50.18 14.06 11.85
N LEU J 236 49.40 14.81 12.64
CA LEU J 236 48.06 14.36 13.00
C LEU J 236 47.15 14.29 11.78
N VAL J 237 47.20 15.32 10.93
CA VAL J 237 46.38 15.32 9.72
C VAL J 237 46.69 14.11 8.85
N THR J 238 47.97 13.83 8.62
CA THR J 238 48.32 12.68 7.78
C THR J 238 47.88 11.39 8.47
N VAL J 239 48.21 11.24 9.75
CA VAL J 239 47.89 10.00 10.46
C VAL J 239 46.38 9.80 10.49
N ALA J 240 45.61 10.86 10.77
CA ALA J 240 44.17 10.75 10.79
C ALA J 240 43.65 10.31 9.43
N PHE J 241 44.01 11.05 8.37
CA PHE J 241 43.60 10.68 7.01
C PHE J 241 43.96 9.23 6.70
N LEU J 242 45.21 8.85 6.98
CA LEU J 242 45.73 7.57 6.50
C LEU J 242 45.21 6.37 7.30
N THR J 243 44.97 6.52 8.61
CA THR J 243 44.33 5.44 9.36
C THR J 243 42.92 5.20 8.85
N VAL J 244 42.14 6.27 8.67
CA VAL J 244 40.79 6.12 8.12
C VAL J 244 40.86 5.48 6.74
N TRP J 245 41.89 5.81 5.96
CA TRP J 245 41.98 5.26 4.61
C TRP J 245 42.31 3.79 4.61
N THR J 246 43.36 3.37 5.33
CA THR J 246 43.71 1.95 5.37
C THR J 246 42.61 1.10 6.00
N LEU J 247 41.91 1.64 7.00
CA LEU J 247 40.78 0.91 7.57
C LEU J 247 39.67 0.65 6.56
N GLN J 248 39.48 1.57 5.61
CA GLN J 248 38.48 1.40 4.58
C GLN J 248 38.92 0.43 3.48
N ARG J 249 40.18 0.01 3.49
CA ARG J 249 40.71 -0.95 2.53
C ARG J 249 40.72 -2.37 3.06
N THR J 250 40.31 -2.57 4.32
CA THR J 250 40.39 -3.86 5.00
C THR J 250 40.00 -5.04 4.12
N ARG J 251 38.94 -4.85 3.32
CA ARG J 251 38.45 -5.95 2.49
C ARG J 251 39.46 -6.30 1.39
N ASP J 252 39.97 -5.27 0.72
CA ASP J 252 40.90 -5.49 -0.38
C ASP J 252 42.24 -6.04 0.11
N ILE J 253 42.69 -5.59 1.27
CA ILE J 253 43.94 -6.10 1.83
C ILE J 253 43.79 -7.57 2.21
N ALA J 254 42.64 -7.96 2.75
CA ALA J 254 42.40 -9.36 3.07
C ALA J 254 42.41 -10.21 1.81
N VAL J 255 41.79 -9.72 0.74
CA VAL J 255 41.71 -10.47 -0.52
C VAL J 255 43.10 -10.69 -1.09
N LEU J 256 43.94 -9.65 -1.05
CA LEU J 256 45.31 -9.80 -1.54
C LEU J 256 46.10 -10.73 -0.62
N ALA J 257 45.87 -10.64 0.68
CA ALA J 257 46.53 -11.54 1.62
C ALA J 257 46.17 -12.99 1.34
N ALA J 258 44.86 -13.26 1.18
CA ALA J 258 44.42 -14.63 0.88
C ALA J 258 45.03 -15.14 -0.41
N LEU J 259 45.13 -14.29 -1.43
CA LEU J 259 45.69 -14.73 -2.71
C LEU J 259 47.16 -15.10 -2.59
N GLY J 260 47.86 -14.61 -1.58
CA GLY J 260 49.25 -14.94 -1.37
C GLY J 260 50.21 -13.75 -1.28
N ALA J 261 49.71 -12.51 -1.29
CA ALA J 261 50.59 -11.36 -1.18
C ALA J 261 51.32 -11.37 0.16
N SER J 262 52.64 -11.27 0.10
CA SER J 262 53.46 -11.27 1.31
C SER J 262 53.15 -10.05 2.16
N LYS J 263 53.53 -10.12 3.44
CA LYS J 263 53.35 -8.96 4.32
C LYS J 263 54.20 -7.80 3.85
N ARG J 264 55.44 -8.07 3.42
CA ARG J 264 56.28 -7.01 2.89
C ARG J 264 55.62 -6.34 1.68
N TYR J 265 55.03 -7.14 0.79
CA TYR J 265 54.36 -6.59 -0.37
C TYR J 265 53.26 -5.61 0.03
N LEU J 266 52.42 -6.01 0.98
CA LEU J 266 51.29 -5.17 1.38
C LEU J 266 51.77 -3.88 2.03
N LEU J 267 52.80 -3.99 2.88
CA LEU J 267 53.30 -2.80 3.59
C LEU J 267 53.97 -1.82 2.64
N ILE J 268 54.72 -2.33 1.67
CA ILE J 268 55.33 -1.49 0.63
C ILE J 268 54.26 -0.79 -0.21
N ASP J 269 53.18 -1.49 -0.56
CA ASP J 269 52.06 -0.84 -1.25
C ASP J 269 51.54 0.35 -0.47
N ALA J 270 51.25 0.16 0.82
CA ALA J 270 50.62 1.20 1.61
C ALA J 270 51.53 2.41 1.75
N LEU J 271 52.79 2.19 2.16
CA LEU J 271 53.70 3.31 2.33
C LEU J 271 54.05 3.93 0.98
N GLY J 272 54.12 3.12 -0.07
CA GLY J 272 54.35 3.66 -1.40
C GLY J 272 53.26 4.65 -1.77
N GLN J 273 52.01 4.27 -1.52
CA GLN J 273 50.87 5.14 -1.79
C GLN J 273 50.95 6.41 -0.95
N ALA J 274 51.20 6.25 0.35
CA ALA J 274 51.30 7.41 1.23
C ALA J 274 52.45 8.33 0.82
N ALA J 275 53.61 7.75 0.50
CA ALA J 275 54.76 8.55 0.13
C ALA J 275 54.51 9.37 -1.13
N ILE J 276 53.85 8.78 -2.14
CA ILE J 276 53.56 9.51 -3.36
C ILE J 276 52.64 10.70 -3.09
N ILE J 277 51.57 10.47 -2.31
CA ILE J 277 50.62 11.55 -2.03
C ILE J 277 51.28 12.62 -1.17
N LEU J 278 51.99 12.21 -0.11
CA LEU J 278 52.62 13.18 0.77
C LEU J 278 53.67 13.99 0.02
N ALA J 279 54.44 13.34 -0.87
CA ALA J 279 55.40 14.06 -1.70
C ALA J 279 54.69 15.06 -2.60
N ALA J 280 53.64 14.62 -3.29
CA ALA J 280 52.86 15.52 -4.14
C ALA J 280 52.35 16.71 -3.33
N GLY J 281 51.72 16.43 -2.19
CA GLY J 281 51.18 17.52 -1.38
C GLY J 281 52.26 18.49 -0.95
N VAL J 282 53.38 17.96 -0.46
CA VAL J 282 54.45 18.79 0.08
C VAL J 282 55.10 19.61 -1.04
N ALA J 283 55.33 18.99 -2.20
CA ALA J 283 55.92 19.70 -3.32
C ALA J 283 55.04 20.86 -3.76
N LEU J 284 53.73 20.59 -3.93
CA LEU J 284 52.81 21.63 -4.38
C LEU J 284 52.73 22.75 -3.35
N GLY J 285 52.62 22.41 -2.07
CA GLY J 285 52.58 23.41 -1.03
C GLY J 285 53.85 24.24 -0.97
N ALA J 286 55.01 23.58 -1.05
CA ALA J 286 56.28 24.28 -0.96
C ALA J 286 56.54 25.13 -2.19
N GLY J 287 56.09 24.66 -3.36
CA GLY J 287 56.17 25.47 -4.57
C GLY J 287 55.35 26.74 -4.44
N ILE J 288 54.05 26.58 -4.19
CA ILE J 288 53.17 27.74 -4.04
C ILE J 288 53.67 28.66 -2.92
N GLY J 289 54.25 28.09 -1.87
CA GLY J 289 54.76 28.86 -0.76
C GLY J 289 55.87 29.82 -1.14
N ALA J 290 56.92 29.28 -1.76
CA ALA J 290 58.04 30.12 -2.18
C ALA J 290 57.59 31.20 -3.18
N LEU J 291 56.64 30.86 -4.05
CA LEU J 291 56.17 31.82 -5.04
C LEU J 291 55.49 33.01 -4.38
N LEU J 292 54.53 32.75 -3.47
CA LEU J 292 53.90 33.84 -2.74
C LEU J 292 54.92 34.66 -1.96
N GLY J 293 55.93 33.99 -1.38
CA GLY J 293 56.92 34.69 -0.58
C GLY J 293 57.79 35.64 -1.40
N TRP J 294 58.32 35.13 -2.51
CA TRP J 294 59.08 35.98 -3.43
C TRP J 294 58.23 37.13 -3.95
N LEU J 295 56.92 36.90 -4.13
CA LEU J 295 56.01 37.95 -4.51
C LEU J 295 55.82 38.95 -3.37
N ILE J 296 55.98 38.49 -2.12
CA ILE J 296 55.78 39.32 -0.94
C ILE J 296 57.08 39.82 -0.32
N ALA J 297 58.23 39.26 -0.73
CA ALA J 297 59.51 39.55 -0.08
C ALA J 297 59.94 41.01 -0.23
N GLY J 298 59.08 41.85 -0.79
CA GLY J 298 59.38 43.27 -0.90
C GLY J 298 58.65 44.06 0.18
N SER J 299 57.46 43.60 0.55
CA SER J 299 56.66 44.30 1.55
C SER J 299 56.87 43.79 2.96
N VAL J 300 57.13 42.49 3.13
CA VAL J 300 57.32 41.89 4.45
C VAL J 300 58.66 41.17 4.47
N PRO J 301 59.43 41.25 5.56
CA PRO J 301 60.75 40.59 5.61
C PRO J 301 60.63 39.08 5.41
N PHE J 302 61.23 38.59 4.32
CA PHE J 302 61.10 37.18 3.93
C PHE J 302 62.42 36.72 3.33
N SER J 303 63.07 35.76 3.99
CA SER J 303 64.31 35.17 3.52
C SER J 303 63.99 33.90 2.72
N LEU J 304 64.44 33.86 1.46
CA LEU J 304 64.08 32.81 0.51
C LEU J 304 65.31 32.18 -0.13
N GLY J 305 65.70 31.02 0.39
CA GLY J 305 66.75 30.20 -0.20
C GLY J 305 66.31 28.79 -0.58
N TRP J 306 67.29 27.90 -0.75
CA TRP J 306 67.05 26.48 -1.00
C TRP J 306 66.73 25.75 0.30
N VAL J 307 67.42 26.09 1.38
CA VAL J 307 67.25 25.39 2.65
C VAL J 307 65.98 25.85 3.36
N SER J 308 65.50 27.06 3.08
CA SER J 308 64.33 27.56 3.81
C SER J 308 63.03 27.12 3.17
N VAL J 309 63.05 26.57 1.96
CA VAL J 309 61.87 25.97 1.34
C VAL J 309 61.94 24.45 1.34
N LEU J 310 63.12 23.88 1.12
CA LEU J 310 63.25 22.42 1.05
C LEU J 310 63.57 21.78 2.40
N GLY J 311 64.18 22.52 3.32
CA GLY J 311 64.41 22.02 4.66
C GLY J 311 63.12 21.60 5.33
N PRO J 312 62.18 22.55 5.49
CA PRO J 312 60.88 22.19 6.07
C PRO J 312 60.13 21.15 5.27
N ALA J 313 60.23 21.20 3.94
CA ALA J 313 59.55 20.22 3.10
C ALA J 313 60.00 18.80 3.43
N LEU J 314 61.31 18.58 3.52
CA LEU J 314 61.81 17.24 3.83
C LEU J 314 61.41 16.81 5.24
N GLY J 315 61.40 17.75 6.18
CA GLY J 315 60.92 17.43 7.52
C GLY J 315 59.50 16.91 7.53
N ILE J 316 58.61 17.61 6.82
CA ILE J 316 57.21 17.19 6.76
C ILE J 316 57.08 15.83 6.10
N TRP J 317 57.80 15.60 5.00
CA TRP J 317 57.67 14.34 4.27
C TRP J 317 58.15 13.16 5.12
N LEU J 318 59.23 13.35 5.87
CA LEU J 318 59.71 12.27 6.73
C LEU J 318 58.79 12.09 7.94
N LEU J 319 58.26 13.19 8.47
CA LEU J 319 57.22 13.08 9.48
C LEU J 319 56.04 12.28 8.94
N GLY J 320 55.67 12.53 7.69
CA GLY J 320 54.56 11.79 7.10
C GLY J 320 54.88 10.32 6.93
N LEU J 321 56.11 10.00 6.53
CA LEU J 321 56.51 8.60 6.40
C LEU J 321 56.52 7.89 7.73
N ILE J 322 57.06 8.53 8.77
CA ILE J 322 57.03 7.94 10.09
C ILE J 322 55.58 7.82 10.55
N GLY J 323 54.80 8.87 10.32
CA GLY J 323 53.39 8.82 10.65
C GLY J 323 52.65 7.72 9.89
N ALA J 324 52.99 7.55 8.61
CA ALA J 324 52.30 6.55 7.79
C ALA J 324 52.56 5.14 8.29
N THR J 325 53.81 4.81 8.64
CA THR J 325 54.10 3.50 9.19
C THR J 325 53.26 3.24 10.44
N ILE J 326 53.08 4.27 11.26
CA ILE J 326 52.19 4.18 12.42
C ILE J 326 50.78 3.83 11.97
N ALA J 327 50.34 4.40 10.84
CA ALA J 327 48.97 4.25 10.38
C ALA J 327 48.75 2.92 9.67
N VAL J 328 49.79 2.40 9.02
CA VAL J 328 49.69 1.16 8.26
C VAL J 328 50.07 -0.06 9.09
N ARG J 329 50.58 0.15 10.30
CA ARG J 329 51.05 -0.93 11.18
C ARG J 329 50.19 -2.19 11.18
N ASN J 330 48.88 -2.05 11.06
CA ASN J 330 47.98 -3.20 11.13
C ASN J 330 47.60 -3.74 9.75
N VAL J 331 48.18 -3.24 8.67
CA VAL J 331 47.85 -3.79 7.36
C VAL J 331 48.44 -5.19 7.19
N THR J 332 49.54 -5.47 7.89
CA THR J 332 50.19 -6.78 7.80
C THR J 332 49.58 -7.81 8.75
N LYS J 333 48.74 -7.37 9.69
CA LYS J 333 48.11 -8.26 10.65
C LYS J 333 46.70 -8.69 10.27
N VAL J 334 46.10 -8.07 9.25
CA VAL J 334 44.76 -8.44 8.82
C VAL J 334 44.78 -9.89 8.35
N ASP J 335 44.00 -10.75 9.00
CA ASP J 335 44.02 -12.14 8.61
C ASP J 335 43.28 -12.31 7.27
N PRO J 336 43.73 -13.25 6.44
CA PRO J 336 43.14 -13.41 5.10
C PRO J 336 41.80 -14.13 5.10
N GLN J 337 41.29 -14.51 6.26
CA GLN J 337 40.00 -15.20 6.29
C GLN J 337 38.83 -14.21 6.16
N ILE J 338 39.12 -12.91 6.03
CA ILE J 338 38.05 -11.93 5.83
C ILE J 338 37.52 -11.99 4.41
N ALA J 339 38.26 -12.62 3.50
CA ALA J 339 37.87 -12.72 2.10
C ALA J 339 36.91 -13.88 1.87
N LEU J 340 36.94 -14.89 2.74
CA LEU J 340 36.03 -16.02 2.62
C LEU J 340 34.62 -15.67 3.05
N GLY J 341 34.42 -14.52 3.71
CA GLY J 341 33.10 -14.14 4.15
C GLY J 341 32.35 -13.34 3.09
N ALA J 342 31.03 -13.28 3.25
CA ALA J 342 30.14 -12.74 2.22
C ALA J 342 29.28 -11.64 2.80
N THR J 343 29.55 -10.40 2.41
CA THR J 343 28.75 -9.24 2.80
C THR J 343 27.27 -9.44 2.49
N ALA K 3 -7.39 -15.51 11.85
CA ALA K 3 -7.52 -15.64 10.40
C ALA K 3 -7.12 -14.34 9.70
N ALA K 4 -6.48 -13.42 10.44
CA ALA K 4 -6.03 -12.13 9.91
C ALA K 4 -4.53 -12.17 9.65
N PRO K 5 -4.08 -11.82 8.44
CA PRO K 5 -2.66 -11.97 8.12
C PRO K 5 -1.79 -10.93 8.84
N VAL K 6 -0.62 -11.38 9.27
CA VAL K 6 0.34 -10.46 9.89
C VAL K 6 1.11 -9.71 8.82
N LEU K 7 1.66 -10.42 7.85
CA LEU K 7 2.46 -9.85 6.78
C LEU K 7 1.84 -10.19 5.44
N SER K 8 1.78 -9.22 4.54
CA SER K 8 1.27 -9.43 3.19
C SER K 8 2.24 -8.84 2.19
N ILE K 9 2.81 -9.70 1.36
CA ILE K 9 3.67 -9.30 0.25
C ILE K 9 2.88 -9.50 -1.03
N THR K 10 2.43 -8.41 -1.65
CA THR K 10 1.59 -8.50 -2.84
C THR K 10 2.35 -7.93 -4.04
N ASN K 11 2.52 -8.77 -5.06
CA ASN K 11 3.10 -8.36 -6.35
C ASN K 11 4.41 -7.59 -6.18
N ALA K 12 5.27 -8.09 -5.29
CA ALA K 12 6.49 -7.37 -4.94
C ALA K 12 7.64 -7.76 -5.85
N SER K 13 8.42 -6.78 -6.27
CA SER K 13 9.48 -6.98 -7.23
C SER K 13 10.69 -6.14 -6.85
N VAL K 14 11.89 -6.68 -7.09
CA VAL K 14 13.14 -6.01 -6.76
C VAL K 14 14.06 -6.13 -7.96
N VAL K 15 14.48 -5.00 -8.50
CA VAL K 15 15.37 -4.95 -9.65
C VAL K 15 16.59 -4.15 -9.22
N TYR K 16 17.72 -4.84 -9.05
CA TYR K 16 18.97 -4.15 -8.76
C TYR K 16 19.72 -3.90 -10.05
N PRO K 17 20.67 -2.96 -10.07
CA PRO K 17 21.44 -2.73 -11.28
C PRO K 17 22.58 -3.74 -11.32
N ASP K 18 22.75 -4.41 -12.46
CA ASP K 18 23.73 -5.48 -12.61
C ASP K 18 24.68 -5.07 -13.74
N GLY K 19 25.66 -4.23 -13.40
CA GLY K 19 26.61 -3.76 -14.39
C GLY K 19 25.91 -2.93 -15.44
N ILE K 20 26.19 -3.22 -16.72
CA ILE K 20 25.50 -2.51 -17.80
C ILE K 20 23.99 -2.73 -17.72
N SER K 21 23.57 -3.95 -17.43
CA SER K 21 22.16 -4.31 -17.44
C SER K 21 21.62 -4.33 -16.01
N THR K 22 20.41 -4.84 -15.85
CA THR K 22 19.77 -4.94 -14.54
C THR K 22 19.37 -6.39 -14.28
N VAL K 23 19.09 -6.69 -13.02
CA VAL K 23 18.77 -8.04 -12.58
C VAL K 23 17.51 -7.99 -11.72
N THR K 24 16.52 -8.83 -12.06
CA THR K 24 15.26 -8.91 -11.33
C THR K 24 15.39 -10.00 -10.27
N ALA K 25 15.99 -9.62 -9.14
CA ALA K 25 16.26 -10.57 -8.06
C ALA K 25 14.98 -11.10 -7.44
N LEU K 26 13.89 -10.36 -7.53
CA LEU K 26 12.58 -10.80 -7.07
C LEU K 26 11.53 -10.29 -8.04
N ASP K 27 10.62 -11.18 -8.45
CA ASP K 27 9.75 -10.93 -9.60
C ASP K 27 8.31 -11.27 -9.22
N SER K 28 7.53 -10.24 -8.88
CA SER K 28 6.10 -10.37 -8.58
C SER K 28 5.85 -11.43 -7.51
N ALA K 29 6.35 -11.15 -6.30
CA ALA K 29 6.20 -12.08 -5.19
C ALA K 29 4.86 -11.88 -4.50
N ASN K 30 4.18 -12.99 -4.22
CA ASN K 30 2.94 -13.02 -3.44
C ASN K 30 3.09 -14.00 -2.28
N VAL K 31 3.21 -13.47 -1.06
CA VAL K 31 3.42 -14.29 0.14
C VAL K 31 2.68 -13.65 1.32
N GLU K 32 2.03 -14.50 2.12
CA GLU K 32 1.17 -14.05 3.21
C GLU K 32 1.40 -14.97 4.41
N ILE K 33 1.52 -14.37 5.61
CA ILE K 33 1.79 -15.11 6.84
C ILE K 33 0.79 -14.73 7.93
N PHE K 34 0.19 -15.73 8.56
CA PHE K 34 -0.79 -15.60 9.63
C PHE K 34 -0.16 -15.94 10.98
N PRO K 35 -0.73 -15.44 12.08
CA PRO K 35 -0.17 -15.71 13.41
C PRO K 35 -0.14 -17.21 13.75
N GLY K 36 0.98 -17.65 14.30
CA GLY K 36 1.18 -19.05 14.61
C GLY K 36 1.89 -19.85 13.53
N GLU K 37 1.93 -19.36 12.30
CA GLU K 37 2.57 -20.10 11.23
C GLU K 37 4.09 -19.95 11.30
N LEU K 38 4.79 -21.01 10.87
CA LEU K 38 6.20 -20.93 10.52
C LEU K 38 6.34 -21.34 9.06
N VAL K 39 6.61 -20.36 8.20
CA VAL K 39 6.70 -20.55 6.77
C VAL K 39 8.17 -20.66 6.40
N ALA K 40 8.56 -21.80 5.84
CA ALA K 40 9.90 -21.97 5.32
C ALA K 40 10.02 -21.34 3.94
N ILE K 41 11.20 -20.77 3.68
CA ILE K 41 11.54 -20.23 2.37
C ILE K 41 12.72 -21.03 1.84
N VAL K 42 12.45 -21.89 0.86
CA VAL K 42 13.43 -22.85 0.40
C VAL K 42 13.76 -22.47 -1.04
N GLY K 43 14.89 -22.92 -1.50
CA GLY K 43 15.30 -22.63 -2.87
C GLY K 43 16.81 -22.64 -2.95
N GLU K 44 17.31 -22.81 -4.17
CA GLU K 44 18.75 -22.81 -4.37
C GLU K 44 19.33 -21.44 -4.01
N SER K 45 20.63 -21.43 -3.71
CA SER K 45 21.26 -20.18 -3.30
C SER K 45 21.20 -19.20 -4.47
N GLY K 46 20.77 -17.97 -4.18
CA GLY K 46 20.68 -16.97 -5.22
C GLY K 46 19.39 -16.98 -6.00
N SER K 47 18.33 -17.58 -5.44
CA SER K 47 17.03 -17.62 -6.10
C SER K 47 16.13 -16.47 -5.69
N GLY K 48 16.48 -15.77 -4.61
CA GLY K 48 15.69 -14.67 -4.09
C GLY K 48 15.22 -14.89 -2.67
N LYS K 49 15.85 -15.83 -1.98
CA LYS K 49 15.49 -16.07 -0.58
C LYS K 49 15.89 -14.88 0.28
N SER K 50 17.17 -14.50 0.23
CA SER K 50 17.64 -13.38 1.05
C SER K 50 16.92 -12.08 0.69
N THR K 51 16.56 -11.92 -0.59
CA THR K 51 15.87 -10.70 -1.01
C THR K 51 14.47 -10.64 -0.41
N LEU K 52 13.71 -11.72 -0.55
CA LEU K 52 12.37 -11.80 0.05
C LEU K 52 12.44 -11.51 1.55
N LEU K 53 13.50 -11.99 2.22
CA LEU K 53 13.67 -11.71 3.63
C LEU K 53 14.03 -10.25 3.88
N SER K 54 14.95 -9.71 3.07
CA SER K 54 15.28 -8.29 3.17
C SER K 54 14.02 -7.45 3.12
N ILE K 55 13.07 -7.87 2.29
CA ILE K 55 11.86 -7.10 2.04
C ILE K 55 10.83 -7.27 3.16
N ALA K 56 10.64 -8.50 3.63
CA ALA K 56 9.66 -8.75 4.68
C ALA K 56 10.00 -8.03 5.97
N GLY K 57 11.29 -7.82 6.24
CA GLY K 57 11.69 -7.11 7.43
C GLY K 57 11.92 -5.63 7.27
N PHE K 58 11.44 -5.07 6.16
CA PHE K 58 11.57 -3.64 5.90
C PHE K 58 13.01 -3.19 6.03
N LEU K 59 13.93 -4.02 5.54
CA LEU K 59 15.33 -3.66 5.44
C LEU K 59 15.67 -3.12 4.06
N GLN K 60 14.71 -3.12 3.15
CA GLN K 60 14.79 -2.42 1.88
C GLN K 60 13.43 -2.46 1.20
N GLU K 61 13.12 -1.39 0.48
CA GLU K 61 11.78 -1.32 -0.10
C GLU K 61 11.78 -2.02 -1.46
N PRO K 62 10.68 -2.71 -1.80
CA PRO K 62 10.57 -3.27 -3.15
C PRO K 62 10.65 -2.16 -4.19
N THR K 63 11.14 -2.51 -5.37
CA THR K 63 11.12 -1.52 -6.45
C THR K 63 9.73 -1.40 -7.06
N SER K 64 8.86 -2.35 -6.77
CA SER K 64 7.45 -2.29 -7.13
C SER K 64 6.73 -3.30 -6.26
N GLY K 65 5.41 -3.17 -6.21
CA GLY K 65 4.62 -3.98 -5.30
C GLY K 65 4.63 -3.39 -3.91
N THR K 66 4.01 -4.11 -2.97
CA THR K 66 3.84 -3.58 -1.63
C THR K 66 4.06 -4.67 -0.61
N VAL K 67 4.66 -4.29 0.51
CA VAL K 67 4.88 -5.17 1.65
C VAL K 67 4.24 -4.50 2.85
N THR K 68 3.21 -5.13 3.40
CA THR K 68 2.39 -4.49 4.42
C THR K 68 2.41 -5.34 5.67
N LEU K 69 2.84 -4.72 6.77
CA LEU K 69 2.83 -5.36 8.09
C LEU K 69 1.62 -4.82 8.84
N HIS K 70 0.57 -5.64 8.92
CA HIS K 70 -0.68 -5.20 9.52
C HIS K 70 -0.44 -4.90 11.00
N GLY K 71 -1.09 -3.85 11.50
CA GLY K 71 -0.75 -3.35 12.82
C GLY K 71 0.34 -2.31 12.85
N ALA K 72 0.96 -1.99 11.70
CA ALA K 72 2.02 -1.00 11.63
C ALA K 72 1.83 -0.05 10.46
N GLU K 73 0.59 0.13 10.03
CA GLU K 73 0.30 1.07 8.96
C GLU K 73 0.60 2.49 9.41
N GLY K 74 1.12 3.29 8.49
CA GLY K 74 1.44 4.67 8.80
C GLY K 74 2.75 4.84 9.52
N LEU K 75 3.63 3.84 9.46
CA LEU K 75 4.94 3.92 10.06
C LEU K 75 6.02 3.85 8.98
N ASP K 76 7.11 4.57 9.19
CA ASP K 76 8.27 4.46 8.34
C ASP K 76 8.91 3.09 8.52
N ALA K 77 9.76 2.71 7.56
CA ALA K 77 10.36 1.37 7.59
C ALA K 77 11.07 1.13 8.92
N THR K 78 11.91 2.08 9.35
CA THR K 78 12.71 1.88 10.54
C THR K 78 11.82 1.64 11.76
N SER K 79 10.79 2.47 11.91
CA SER K 79 9.85 2.29 13.03
C SER K 79 9.14 0.95 12.94
N THR K 80 8.75 0.54 11.73
CA THR K 80 8.15 -0.78 11.53
C THR K 80 9.06 -1.88 12.07
N ARG K 81 10.36 -1.80 11.75
CA ARG K 81 11.29 -2.81 12.25
C ARG K 81 11.38 -2.76 13.77
N ARG K 82 11.46 -1.55 14.33
CA ARG K 82 11.70 -1.41 15.76
C ARG K 82 10.53 -1.92 16.57
N GLU K 83 9.30 -1.76 16.07
CA GLU K 83 8.12 -1.91 16.89
C GLU K 83 7.34 -3.19 16.65
N HIS K 84 7.57 -3.87 15.52
CA HIS K 84 6.76 -5.04 15.17
C HIS K 84 7.55 -6.25 14.68
N ILE K 85 8.87 -6.17 14.54
CA ILE K 85 9.62 -7.27 13.94
C ILE K 85 10.77 -7.67 14.85
N GLY K 86 11.06 -8.96 14.85
CA GLY K 86 12.19 -9.50 15.57
C GLY K 86 13.13 -10.25 14.64
N PHE K 87 14.38 -9.82 14.53
CA PHE K 87 15.30 -10.40 13.58
C PHE K 87 16.16 -11.44 14.26
N VAL K 88 16.21 -12.64 13.69
CA VAL K 88 17.21 -13.64 14.05
C VAL K 88 18.24 -13.69 12.93
N PHE K 89 19.28 -12.88 13.05
CA PHE K 89 20.29 -12.78 12.00
C PHE K 89 21.03 -14.10 11.81
N GLN K 90 21.52 -14.31 10.59
CA GLN K 90 22.31 -15.51 10.30
C GLN K 90 23.50 -15.61 11.24
N GLN K 91 24.24 -14.51 11.39
CA GLN K 91 25.25 -14.37 12.44
C GLN K 91 24.58 -13.76 13.67
N PRO K 92 24.85 -14.29 14.86
CA PRO K 92 24.08 -13.86 16.04
C PRO K 92 24.12 -12.37 16.28
N ASN K 93 25.14 -11.67 15.75
CA ASN K 93 25.21 -10.21 15.79
C ASN K 93 25.00 -9.68 17.21
N LEU K 94 25.77 -10.21 18.14
CA LEU K 94 25.75 -9.75 19.52
C LEU K 94 26.74 -8.59 19.66
N LEU K 95 26.28 -7.49 20.26
CA LEU K 95 27.16 -6.37 20.49
C LEU K 95 28.24 -6.78 21.48
N GLY K 96 29.48 -6.39 21.20
CA GLY K 96 30.61 -6.95 21.93
C GLY K 96 30.64 -6.54 23.39
N SER K 97 30.36 -5.27 23.67
CA SER K 97 30.54 -4.73 25.00
C SER K 97 29.33 -4.95 25.90
N LEU K 98 28.40 -5.82 25.50
CA LEU K 98 27.23 -6.10 26.30
C LEU K 98 27.22 -7.55 26.77
N THR K 99 26.58 -7.78 27.91
CA THR K 99 26.37 -9.12 28.41
C THR K 99 25.09 -9.69 27.80
N ALA K 100 24.95 -11.02 27.91
CA ALA K 100 23.78 -11.69 27.33
C ALA K 100 22.49 -10.99 27.73
N ARG K 101 22.30 -10.79 29.04
CA ARG K 101 21.12 -10.06 29.50
C ARG K 101 21.05 -8.66 28.87
N GLU K 102 22.20 -7.98 28.76
CA GLU K 102 22.19 -6.64 28.18
C GLU K 102 21.90 -6.67 26.68
N GLN K 103 22.35 -7.71 25.98
CA GLN K 103 21.96 -7.92 24.58
C GLN K 103 20.45 -7.75 24.39
N LEU K 104 19.66 -8.20 25.37
CA LEU K 104 18.21 -8.02 25.31
C LEU K 104 17.79 -6.65 25.84
N LEU K 105 18.46 -6.15 26.89
CA LEU K 105 18.04 -4.89 27.49
C LEU K 105 18.21 -3.72 26.55
N ILE K 106 19.24 -3.74 25.68
CA ILE K 106 19.48 -2.59 24.82
C ILE K 106 18.28 -2.35 23.90
N THR K 107 17.60 -3.42 23.49
CA THR K 107 16.44 -3.26 22.61
C THR K 107 15.32 -2.51 23.32
N ASP K 108 15.10 -2.83 24.61
CA ASP K 108 14.20 -2.04 25.44
C ASP K 108 14.65 -0.58 25.48
N HIS K 109 15.96 -0.35 25.61
CA HIS K 109 16.47 1.01 25.73
C HIS K 109 16.25 1.80 24.45
N LEU K 110 16.44 1.17 23.30
CA LEU K 110 16.23 1.84 22.02
C LEU K 110 14.76 1.93 21.62
N ARG K 111 13.86 1.24 22.32
CA ARG K 111 12.44 1.52 22.21
C ARG K 111 11.99 2.61 23.17
N GLY K 112 12.89 3.08 24.03
CA GLY K 112 12.60 4.16 24.93
C GLY K 112 11.78 3.76 26.13
N ILE K 113 12.10 2.62 26.74
CA ILE K 113 11.45 2.17 27.95
C ILE K 113 12.52 1.65 28.90
N LYS K 114 12.35 1.94 30.19
CA LYS K 114 13.30 1.51 31.21
C LYS K 114 13.52 0.00 31.11
N PRO K 115 14.69 -0.46 30.68
CA PRO K 115 14.87 -1.87 30.32
C PRO K 115 14.44 -2.81 31.43
N ARG K 116 13.83 -3.93 31.05
CA ARG K 116 13.28 -4.90 31.98
C ARG K 116 14.27 -6.04 32.16
N LYS K 117 14.93 -6.08 33.31
CA LYS K 117 15.85 -7.17 33.62
C LYS K 117 15.10 -8.49 33.86
N ASP K 118 13.97 -8.44 34.56
CA ASP K 118 13.24 -9.66 34.86
C ASP K 118 12.80 -10.36 33.58
N ARG K 119 12.18 -9.62 32.66
CA ARG K 119 11.80 -10.17 31.36
C ARG K 119 13.00 -10.79 30.64
N ALA K 120 14.15 -10.12 30.69
CA ALA K 120 15.33 -10.62 29.98
C ALA K 120 15.78 -11.97 30.54
N ASP K 121 15.76 -12.13 31.86
CA ASP K 121 16.14 -13.42 32.43
C ASP K 121 15.12 -14.50 32.07
N GLU K 122 13.82 -14.19 32.15
CA GLU K 122 12.81 -15.15 31.75
C GLU K 122 13.06 -15.65 30.34
N LEU K 123 13.34 -14.72 29.41
CA LEU K 123 13.46 -15.10 28.01
C LEU K 123 14.78 -15.85 27.77
N LEU K 124 15.84 -15.45 28.46
CA LEU K 124 17.06 -16.25 28.45
C LEU K 124 16.78 -17.67 28.94
N ALA K 125 15.92 -17.81 29.94
CA ALA K 125 15.50 -19.14 30.38
C ALA K 125 14.76 -19.85 29.24
N ARG K 126 13.67 -19.24 28.78
CA ARG K 126 12.82 -19.77 27.70
C ARG K 126 13.63 -20.35 26.55
N VAL K 127 14.76 -19.70 26.24
CA VAL K 127 15.60 -20.12 25.12
C VAL K 127 16.63 -21.16 25.54
N GLY K 128 16.68 -21.51 26.83
CA GLY K 128 17.62 -22.50 27.31
C GLY K 128 18.94 -21.95 27.82
N LEU K 129 18.96 -20.69 28.26
CA LEU K 129 20.18 -20.05 28.76
C LEU K 129 19.94 -19.46 30.13
N LYS K 130 18.97 -20.01 30.87
CA LYS K 130 18.64 -19.51 32.20
C LYS K 130 19.90 -19.35 33.04
N GLY K 131 19.98 -18.23 33.75
CA GLY K 131 21.11 -17.99 34.61
C GLY K 131 22.35 -17.49 33.91
N LEU K 132 22.42 -17.64 32.59
CA LEU K 132 23.59 -17.26 31.83
C LEU K 132 23.55 -15.80 31.43
N GLY K 133 22.60 -15.03 31.97
CA GLY K 133 22.46 -13.62 31.65
C GLY K 133 23.68 -12.78 31.92
N GLY K 134 24.57 -13.24 32.79
CA GLY K 134 25.71 -12.41 33.09
C GLY K 134 26.91 -12.67 32.24
N ARG K 135 26.89 -13.74 31.46
CA ARG K 135 28.00 -14.06 30.58
C ARG K 135 28.28 -12.90 29.63
N ARG K 136 29.56 -12.70 29.33
CA ARG K 136 29.97 -11.85 28.24
C ARG K 136 29.91 -12.65 26.94
N VAL K 137 30.16 -12.00 25.81
CA VAL K 137 30.05 -12.71 24.53
C VAL K 137 31.12 -13.78 24.40
N ALA K 138 32.36 -13.47 24.83
CA ALA K 138 33.43 -14.47 24.80
C ALA K 138 33.09 -15.73 25.58
N GLN K 139 32.15 -15.66 26.52
CA GLN K 139 31.77 -16.82 27.33
C GLN K 139 30.53 -17.52 26.79
N LEU K 140 30.10 -17.19 25.58
CA LEU K 140 28.97 -17.85 24.94
C LEU K 140 29.47 -18.63 23.74
N SER K 141 28.96 -19.85 23.59
CA SER K 141 29.31 -20.68 22.45
C SER K 141 28.48 -20.28 21.24
N GLY K 142 28.83 -20.87 20.09
CA GLY K 142 28.07 -20.60 18.88
C GLY K 142 26.60 -20.86 19.06
N GLY K 143 26.25 -22.04 19.58
CA GLY K 143 24.85 -22.31 19.89
C GLY K 143 24.24 -21.28 20.80
N GLN K 144 24.94 -20.94 21.89
CA GLN K 144 24.40 -19.98 22.85
C GLN K 144 24.21 -18.59 22.25
N ARG K 145 25.11 -18.17 21.34
CA ARG K 145 24.93 -16.86 20.75
C ARG K 145 23.68 -16.82 19.87
N GLN K 146 23.39 -17.93 19.17
CA GLN K 146 22.15 -17.98 18.41
C GLN K 146 20.96 -18.04 19.35
N ARG K 147 21.13 -18.72 20.49
CA ARG K 147 20.07 -18.72 21.49
C ARG K 147 19.85 -17.31 22.03
N VAL K 148 20.94 -16.60 22.35
CA VAL K 148 20.79 -15.22 22.80
C VAL K 148 20.10 -14.40 21.70
N ASN K 149 20.49 -14.64 20.45
CA ASN K 149 19.89 -13.95 19.32
C ASN K 149 18.39 -14.18 19.26
N ILE K 150 17.96 -15.43 19.45
CA ILE K 150 16.52 -15.73 19.42
C ILE K 150 15.83 -15.07 20.60
N ALA K 151 16.50 -15.02 21.76
CA ALA K 151 15.93 -14.35 22.92
C ALA K 151 15.82 -12.85 22.71
N ARG K 152 16.79 -12.25 22.01
CA ARG K 152 16.73 -10.82 21.75
C ARG K 152 15.61 -10.48 20.78
N ALA K 153 15.28 -11.40 19.87
CA ALA K 153 14.21 -11.12 18.93
C ALA K 153 12.86 -11.17 19.62
N LEU K 154 12.76 -11.94 20.70
CA LEU K 154 11.52 -12.07 21.45
C LEU K 154 11.34 -10.97 22.49
N MET K 155 12.39 -10.20 22.79
CA MET K 155 12.31 -9.21 23.86
C MET K 155 11.14 -8.27 23.67
N GLY K 156 11.01 -7.66 22.49
CA GLY K 156 10.02 -6.62 22.32
C GLY K 156 8.67 -7.08 21.83
N ASN K 157 8.29 -8.34 22.14
CA ASN K 157 7.03 -8.95 21.74
C ASN K 157 6.62 -8.58 20.31
N PRO K 158 7.32 -9.09 19.30
CA PRO K 158 6.98 -8.78 17.92
C PRO K 158 5.93 -9.74 17.37
N GLN K 159 5.31 -9.33 16.26
CA GLN K 159 4.37 -10.21 15.58
C GLN K 159 5.02 -10.95 14.42
N LEU K 160 6.03 -10.35 13.80
CA LEU K 160 6.76 -10.97 12.70
C LEU K 160 8.13 -11.38 13.21
N LEU K 161 8.43 -12.68 13.17
CA LEU K 161 9.74 -13.20 13.51
C LEU K 161 10.44 -13.62 12.23
N LEU K 162 11.63 -13.09 11.99
CA LEU K 162 12.39 -13.41 10.78
C LEU K 162 13.67 -14.14 11.15
N ALA K 163 13.88 -15.29 10.51
CA ALA K 163 15.03 -16.14 10.76
C ALA K 163 15.77 -16.38 9.46
N ASP K 164 17.00 -15.90 9.38
CA ASP K 164 17.80 -15.93 8.15
C ASP K 164 18.84 -17.03 8.30
N GLU K 165 18.55 -18.20 7.72
CA GLU K 165 19.42 -19.37 7.81
C GLU K 165 19.99 -19.49 9.21
N PRO K 166 19.15 -19.47 10.26
CA PRO K 166 19.70 -19.31 11.61
C PRO K 166 20.47 -20.51 12.11
N THR K 167 20.67 -21.51 11.26
CA THR K 167 21.39 -22.72 11.65
C THR K 167 22.60 -22.97 10.77
N SER K 168 23.09 -21.94 10.07
CA SER K 168 24.07 -22.19 9.03
C SER K 168 25.46 -22.48 9.57
N ALA K 169 25.68 -22.28 10.88
CA ALA K 169 26.96 -22.55 11.52
C ALA K 169 26.81 -23.52 12.68
N LEU K 170 25.89 -24.47 12.59
CA LEU K 170 25.65 -25.39 13.71
C LEU K 170 25.49 -26.82 13.23
N ASP K 171 26.03 -27.74 14.03
CA ASP K 171 25.95 -29.17 13.78
C ASP K 171 24.49 -29.63 13.87
N ALA K 172 24.28 -30.90 13.50
CA ALA K 172 22.94 -31.44 13.36
C ALA K 172 22.13 -31.32 14.66
N ARG K 173 22.70 -31.80 15.77
CA ARG K 173 22.01 -31.69 17.06
C ARG K 173 21.60 -30.24 17.31
N LEU K 174 22.56 -29.32 17.26
CA LEU K 174 22.29 -27.95 17.65
C LEU K 174 21.30 -27.29 16.70
N SER K 175 21.37 -27.61 15.41
CA SER K 175 20.46 -26.99 14.46
C SER K 175 19.05 -27.54 14.57
N LYS K 176 18.89 -28.82 14.92
CA LYS K 176 17.57 -29.33 15.24
C LYS K 176 16.96 -28.59 16.42
N GLU K 177 17.77 -28.38 17.47
CA GLU K 177 17.33 -27.64 18.65
C GLU K 177 16.88 -26.23 18.31
N ILE K 178 17.61 -25.55 17.42
CA ILE K 178 17.27 -24.16 17.13
C ILE K 178 15.96 -24.08 16.36
N VAL K 179 15.76 -24.99 15.41
CA VAL K 179 14.51 -24.99 14.66
C VAL K 179 13.34 -25.38 15.56
N GLU K 180 13.53 -26.41 16.41
CA GLU K 180 12.52 -26.74 17.40
C GLU K 180 12.15 -25.51 18.23
N LEU K 181 13.17 -24.82 18.74
CA LEU K 181 12.94 -23.62 19.54
C LEU K 181 12.15 -22.60 18.74
N LEU K 182 12.52 -22.40 17.47
CA LEU K 182 11.82 -21.45 16.62
C LEU K 182 10.35 -21.82 16.45
N ARG K 183 10.07 -23.08 16.13
CA ARG K 183 8.67 -23.50 15.99
C ARG K 183 7.95 -23.41 17.33
N ASP K 184 8.57 -23.92 18.39
CA ASP K 184 7.94 -23.93 19.71
C ASP K 184 7.54 -22.52 20.12
N VAL K 185 8.43 -21.55 19.88
CA VAL K 185 8.15 -20.16 20.22
C VAL K 185 7.14 -19.56 19.25
N THR K 186 7.28 -19.89 17.95
CA THR K 186 6.28 -19.46 16.97
C THR K 186 4.86 -19.80 17.41
N LYS K 187 4.68 -20.96 18.04
CA LYS K 187 3.35 -21.38 18.44
C LYS K 187 2.94 -20.86 19.81
N GLU K 188 3.90 -20.72 20.73
CA GLU K 188 3.54 -20.35 22.10
C GLU K 188 3.06 -18.91 22.16
N PHE K 189 3.60 -18.03 21.32
CA PHE K 189 3.33 -16.61 21.38
C PHE K 189 2.57 -16.08 20.17
N ALA K 190 2.06 -16.98 19.32
CA ALA K 190 1.28 -16.59 18.14
C ALA K 190 2.09 -15.74 17.17
N LEU K 191 3.39 -15.99 17.08
CA LEU K 191 4.20 -15.28 16.11
C LEU K 191 3.92 -15.78 14.70
N ALA K 192 4.22 -14.92 13.73
CA ALA K 192 4.27 -15.30 12.32
C ALA K 192 5.73 -15.26 11.91
N THR K 193 6.25 -16.38 11.43
CA THR K 193 7.69 -16.53 11.21
C THR K 193 8.00 -16.84 9.76
N LEU K 194 8.91 -16.06 9.18
CA LEU K 194 9.60 -16.44 7.96
C LEU K 194 10.97 -17.00 8.34
N MET K 195 11.34 -18.09 7.69
CA MET K 195 12.63 -18.73 7.97
C MET K 195 13.27 -19.17 6.66
N VAL K 196 14.33 -18.46 6.26
CA VAL K 196 15.09 -18.86 5.10
C VAL K 196 16.02 -19.97 5.58
N THR K 197 16.09 -21.05 4.82
CA THR K 197 16.85 -22.20 5.25
C THR K 197 17.31 -23.01 4.05
N HIS K 198 18.47 -23.63 4.19
CA HIS K 198 18.93 -24.59 3.19
C HIS K 198 18.87 -26.03 3.65
N ASP K 199 18.73 -26.30 4.94
CA ASP K 199 18.52 -27.68 5.33
C ASP K 199 17.08 -28.01 5.00
N ARG K 200 16.86 -28.86 4.01
CA ARG K 200 15.48 -29.21 3.76
C ARG K 200 14.98 -30.18 4.82
N SER K 201 15.90 -30.72 5.62
CA SER K 201 15.58 -31.52 6.78
C SER K 201 14.69 -30.77 7.76
N GLN K 202 14.57 -29.45 7.60
CA GLN K 202 13.83 -28.60 8.52
C GLN K 202 12.46 -28.16 8.02
N LEU K 203 12.06 -28.47 6.78
CA LEU K 203 10.70 -28.13 6.37
C LEU K 203 9.68 -28.86 7.23
N ALA K 204 10.06 -29.99 7.84
CA ALA K 204 9.13 -30.74 8.68
C ALA K 204 8.54 -29.82 9.74
N TYR K 205 9.34 -28.89 10.28
CA TYR K 205 8.91 -28.02 11.35
C TYR K 205 8.11 -26.82 10.84
N ALA K 206 7.91 -26.73 9.53
CA ALA K 206 7.25 -25.60 8.88
C ALA K 206 5.81 -26.00 8.57
N ASP K 207 4.87 -25.09 8.80
CA ASP K 207 3.48 -25.41 8.47
C ASP K 207 3.29 -25.51 6.97
N ARG K 208 3.79 -24.53 6.23
CA ARG K 208 3.81 -24.49 4.77
C ARG K 208 5.20 -24.05 4.35
N PHE K 209 5.47 -24.00 3.04
CA PHE K 209 6.66 -23.29 2.64
C PHE K 209 6.47 -22.62 1.28
N VAL K 210 7.24 -21.57 1.07
CA VAL K 210 7.32 -20.87 -0.20
C VAL K 210 8.60 -21.33 -0.87
N GLU K 211 8.47 -21.99 -2.00
CA GLU K 211 9.63 -22.44 -2.78
C GLU K 211 9.93 -21.42 -3.86
N MET K 212 11.20 -21.09 -4.03
CA MET K 212 11.56 -20.03 -4.94
C MET K 212 12.61 -20.48 -5.95
N ALA K 213 12.46 -19.95 -7.17
CA ALA K 213 13.34 -20.24 -8.28
C ALA K 213 13.43 -19.01 -9.16
N ASP K 214 14.66 -18.60 -9.50
CA ASP K 214 14.92 -17.49 -10.41
C ASP K 214 14.07 -16.26 -10.10
N GLY K 215 13.88 -16.01 -8.80
CA GLY K 215 13.21 -14.82 -8.31
C GLY K 215 11.69 -14.87 -8.23
N LYS K 216 11.05 -15.95 -8.66
CA LYS K 216 9.61 -16.09 -8.51
C LYS K 216 9.31 -16.97 -7.31
N ALA K 217 8.32 -16.57 -6.51
CA ALA K 217 7.93 -17.31 -5.32
C ALA K 217 6.66 -18.10 -5.56
N LEU K 218 6.64 -19.34 -5.07
CA LEU K 218 5.46 -20.19 -5.14
C LEU K 218 5.21 -20.79 -3.76
N GLN K 219 4.10 -20.42 -3.13
CA GLN K 219 3.73 -20.99 -1.84
C GLN K 219 3.15 -22.39 -2.07
N THR K 220 3.71 -23.39 -1.38
CA THR K 220 3.37 -24.79 -1.59
C THR K 220 3.15 -25.49 -0.26
N ALA K 221 2.77 -26.77 -0.35
CA ALA K 221 2.54 -27.60 0.83
C ALA K 221 3.64 -28.66 0.95
N MET L 1 22.36 5.95 24.44
CA MET L 1 23.33 6.24 25.50
C MET L 1 23.68 4.94 26.24
N PHE L 2 22.89 3.91 26.00
CA PHE L 2 23.12 2.60 26.62
C PHE L 2 24.41 1.98 26.11
N LEU L 3 24.49 1.75 24.79
CA LEU L 3 25.68 1.16 24.20
C LEU L 3 26.90 2.05 24.40
N GLY L 4 26.72 3.36 24.27
CA GLY L 4 27.84 4.28 24.37
C GLY L 4 28.57 4.19 25.70
N ILE L 5 27.83 4.13 26.81
CA ILE L 5 28.48 4.15 28.11
C ILE L 5 29.24 2.85 28.34
N ARG L 6 28.68 1.71 27.92
CA ARG L 6 29.36 0.45 28.16
C ARG L 6 30.47 0.16 27.15
N ASP L 7 30.41 0.75 25.95
CA ASP L 7 31.58 0.71 25.07
C ASP L 7 32.80 1.31 25.75
N ILE L 8 32.62 2.42 26.47
CA ILE L 8 33.74 3.07 27.14
C ILE L 8 34.30 2.16 28.22
N ARG L 9 33.40 1.58 29.02
CA ARG L 9 33.79 0.60 30.04
C ARG L 9 34.67 -0.49 29.43
N ALA L 10 34.18 -1.10 28.35
CA ALA L 10 34.78 -2.32 27.81
C ALA L 10 36.05 -2.03 27.03
N ALA L 11 36.27 -0.77 26.64
CA ALA L 11 37.46 -0.34 25.92
C ALA L 11 38.00 0.91 26.59
N ALA L 12 38.43 0.74 27.84
CA ALA L 12 38.95 1.85 28.64
C ALA L 12 40.35 2.27 28.23
N GLY L 13 41.08 1.42 27.51
CA GLY L 13 42.42 1.78 27.09
C GLY L 13 42.35 2.97 26.17
N ARG L 14 41.57 2.86 25.10
CA ARG L 14 41.60 3.87 24.04
C ARG L 14 40.96 5.17 24.52
N PHE L 15 39.92 5.07 25.36
CA PHE L 15 39.29 6.27 25.90
C PHE L 15 40.15 6.93 26.97
N ALA L 16 40.93 6.14 27.72
CA ALA L 16 41.91 6.75 28.63
C ALA L 16 42.91 7.56 27.83
N LEU L 17 43.35 7.01 26.68
CA LEU L 17 44.25 7.75 25.81
C LEU L 17 43.62 9.05 25.33
N ILE L 18 42.37 8.99 24.88
CA ILE L 18 41.74 10.19 24.32
C ILE L 18 41.49 11.21 25.43
N ALA L 19 40.98 10.75 26.58
CA ALA L 19 40.72 11.69 27.68
C ALA L 19 42.02 12.29 28.20
N SER L 20 43.10 11.49 28.25
CA SER L 20 44.39 12.03 28.67
C SER L 20 44.93 13.04 27.66
N VAL L 21 44.84 12.73 26.36
CA VAL L 21 45.32 13.66 25.33
C VAL L 21 44.54 14.95 25.40
N VAL L 22 43.21 14.86 25.48
CA VAL L 22 42.38 16.04 25.57
C VAL L 22 42.70 16.80 26.85
N GLY L 23 42.92 16.07 27.95
CA GLY L 23 43.28 16.72 29.20
C GLY L 23 44.62 17.40 29.12
N LEU L 24 45.58 16.80 28.43
CA LEU L 24 46.89 17.42 28.26
C LEU L 24 46.77 18.73 27.50
N ILE L 25 45.98 18.73 26.41
CA ILE L 25 45.79 19.95 25.62
C ILE L 25 45.08 21.02 26.45
N THR L 26 44.08 20.62 27.24
CA THR L 26 43.40 21.57 28.11
C THR L 26 44.36 22.14 29.16
N LEU L 27 45.25 21.30 29.67
CA LEU L 27 46.26 21.80 30.61
C LEU L 27 47.09 22.91 29.96
N LEU L 28 47.57 22.66 28.73
CA LEU L 28 48.30 23.69 28.00
C LEU L 28 47.46 24.94 27.77
N ILE L 29 46.18 24.79 27.38
CA ILE L 29 45.35 25.97 27.13
C ILE L 29 45.07 26.74 28.42
N VAL L 30 44.74 26.04 29.50
CA VAL L 30 44.41 26.72 30.76
C VAL L 30 45.60 27.52 31.28
N MET L 31 46.79 26.92 31.20
CA MET L 31 47.98 27.60 31.70
C MET L 31 48.40 28.72 30.78
N LEU L 32 48.22 28.55 29.47
CA LEU L 32 48.47 29.63 28.52
C LEU L 32 47.51 30.79 28.73
N THR L 33 46.24 30.48 29.02
CA THR L 33 45.25 31.53 29.28
C THR L 33 45.65 32.39 30.49
N GLY L 34 45.94 31.75 31.62
CA GLY L 34 46.29 32.49 32.82
C GLY L 34 47.56 33.31 32.62
N LEU L 35 48.53 32.75 31.90
CA LEU L 35 49.80 33.43 31.67
C LEU L 35 49.63 34.63 30.75
N THR L 36 48.72 34.55 29.78
CA THR L 36 48.51 35.67 28.86
C THR L 36 47.86 36.85 29.57
N GLN L 37 46.89 36.59 30.45
CA GLN L 37 46.29 37.67 31.23
C GLN L 37 47.29 38.24 32.22
N GLY L 38 48.14 37.39 32.79
CA GLY L 38 49.17 37.89 33.70
C GLY L 38 50.18 38.79 33.03
N LEU L 39 50.65 38.39 31.85
CA LEU L 39 51.60 39.22 31.10
C LEU L 39 50.98 40.54 30.67
N GLY L 40 49.69 40.55 30.34
CA GLY L 40 49.05 41.81 29.98
C GLY L 40 49.04 42.80 31.13
N LYS L 41 48.78 42.33 32.35
CA LYS L 41 48.87 43.24 33.49
C LYS L 41 50.32 43.58 33.81
N GLN L 42 51.27 42.70 33.44
CA GLN L 42 52.67 43.09 33.57
C GLN L 42 53.00 44.25 32.63
N ASN L 43 52.28 44.37 31.52
CA ASN L 43 52.51 45.43 30.56
C ASN L 43 51.61 46.64 30.74
N THR L 44 50.40 46.46 31.29
CA THR L 44 49.40 47.52 31.27
C THR L 44 48.91 47.98 32.64
N SER L 45 49.29 47.31 33.72
CA SER L 45 48.65 47.57 35.02
C SER L 45 48.77 49.03 35.44
N ALA L 46 49.87 49.69 35.08
CA ALA L 46 50.05 51.08 35.48
C ALA L 46 49.05 52.01 34.80
N ILE L 47 48.98 51.96 33.46
CA ILE L 47 48.08 52.87 32.75
C ILE L 47 46.63 52.60 33.14
N GLU L 48 46.25 51.33 33.20
CA GLU L 48 44.89 50.99 33.63
C GLU L 48 44.61 51.46 35.06
N ALA L 49 45.58 51.26 35.96
CA ALA L 49 45.42 51.73 37.34
C ALA L 49 45.07 53.21 37.38
N LEU L 50 45.72 54.01 36.52
CA LEU L 50 45.40 55.44 36.42
C LEU L 50 44.00 55.66 35.89
N ALA L 51 43.44 54.67 35.20
CA ALA L 51 42.06 54.69 34.73
C ALA L 51 41.63 55.99 34.06
N PRO L 52 42.26 56.36 32.94
CA PRO L 52 41.78 57.52 32.19
C PRO L 52 40.63 57.14 31.29
N HIS L 53 39.80 58.13 30.97
CA HIS L 53 38.71 57.89 30.02
C HIS L 53 39.27 57.88 28.61
N SER L 54 39.85 59.00 28.19
CA SER L 54 40.59 59.08 26.94
C SER L 54 42.03 59.49 27.25
N VAL L 55 42.90 59.33 26.26
CA VAL L 55 44.31 59.66 26.37
C VAL L 55 44.78 60.25 25.05
N VAL L 56 45.37 61.46 25.11
CA VAL L 56 45.81 62.20 23.95
C VAL L 56 47.29 61.93 23.66
N PHE L 57 47.59 61.55 22.42
CA PHE L 57 48.92 61.24 21.92
C PHE L 57 49.41 62.31 20.96
N THR L 58 50.66 62.12 20.52
CA THR L 58 51.29 62.97 19.51
C THR L 58 51.92 62.06 18.48
N THR L 59 51.68 62.35 17.20
CA THR L 59 52.19 61.53 16.10
C THR L 59 52.87 62.43 15.09
N ALA L 60 53.43 61.81 14.05
CA ALA L 60 54.01 62.57 12.94
C ALA L 60 53.64 61.87 11.65
N GLY L 61 53.20 62.65 10.65
CA GLY L 61 52.78 62.06 9.39
C GLY L 61 51.57 61.15 9.49
N GLY L 62 50.65 61.43 10.42
CA GLY L 62 49.50 60.56 10.57
C GLY L 62 49.84 59.13 10.88
N SER L 63 50.98 58.89 11.52
CA SER L 63 51.44 57.55 11.87
C SER L 63 50.72 57.02 13.11
N SER L 64 50.93 55.74 13.38
CA SER L 64 50.33 55.11 14.54
C SER L 64 50.90 55.70 15.83
N PRO L 65 50.07 55.92 16.85
CA PRO L 65 50.58 56.45 18.11
C PRO L 65 51.54 55.46 18.76
N GLU L 66 52.60 56.00 19.36
CA GLU L 66 53.61 55.17 20.01
C GLU L 66 54.00 55.83 21.32
N PHE L 67 54.01 55.04 22.40
CA PHE L 67 54.50 55.55 23.66
C PHE L 67 55.97 55.96 23.59
N THR L 68 56.70 55.42 22.61
CA THR L 68 58.11 55.71 22.41
C THR L 68 58.37 57.03 21.69
N SER L 69 57.35 57.65 21.07
CA SER L 69 57.60 58.76 20.18
C SER L 69 56.70 59.96 20.42
N SER L 70 55.86 59.93 21.46
CA SER L 70 54.93 61.01 21.74
C SER L 70 55.47 61.92 22.83
N GLU L 71 55.31 63.24 22.64
CA GLU L 71 55.59 64.21 23.69
C GLU L 71 54.53 65.31 23.63
N ILE L 72 54.21 65.86 24.80
CA ILE L 72 53.21 66.91 24.95
C ILE L 72 53.93 68.21 25.29
N SER L 73 53.76 69.23 24.45
CA SER L 73 54.28 70.56 24.70
C SER L 73 53.45 71.30 25.76
N GLU L 74 54.06 72.33 26.33
CA GLU L 74 53.40 73.10 27.39
C GLU L 74 52.16 73.83 26.87
N GLN L 75 52.24 74.37 25.64
CA GLN L 75 51.09 75.01 25.01
C GLN L 75 49.96 74.02 24.79
N GLN L 76 50.32 72.79 24.39
CA GLN L 76 49.37 71.70 24.23
C GLN L 76 48.57 71.47 25.52
N ALA L 77 49.22 71.64 26.67
CA ALA L 77 48.54 71.42 27.95
C ALA L 77 47.49 72.49 28.24
N GLU L 78 47.76 73.76 27.87
CA GLU L 78 46.75 74.79 28.13
C GLU L 78 45.55 74.67 27.20
N ARG L 79 45.73 74.13 26.00
CA ARG L 79 44.59 73.94 25.10
C ARG L 79 43.57 73.00 25.76
N TRP L 80 43.98 71.75 25.95
CA TRP L 80 43.13 70.73 26.55
C TRP L 80 42.78 71.09 27.99
N LYS L 81 41.54 71.48 28.22
CA LYS L 81 41.10 71.76 29.57
C LYS L 81 40.91 70.47 30.34
N ASP L 82 41.11 70.53 31.66
CA ASP L 82 40.81 69.41 32.55
C ASP L 82 41.68 68.18 32.27
N SER L 83 42.96 68.41 31.99
CA SER L 83 43.84 67.32 31.58
C SER L 83 45.11 67.30 32.43
N THR L 84 45.66 66.10 32.59
CA THR L 84 46.89 65.89 33.34
C THR L 84 47.97 65.29 32.46
N PRO L 85 49.17 65.87 32.43
CA PRO L 85 50.25 65.28 31.64
C PRO L 85 50.89 64.10 32.36
N LEU L 86 51.07 63.00 31.64
CA LEU L 86 51.75 61.81 32.15
C LEU L 86 53.02 61.60 31.33
N GLY L 87 54.16 61.54 32.01
CA GLY L 87 55.43 61.24 31.36
C GLY L 87 55.81 59.77 31.59
N VAL L 88 56.17 59.10 30.49
CA VAL L 88 56.53 57.69 30.51
C VAL L 88 57.90 57.52 29.87
N SER L 89 58.85 56.97 30.63
CA SER L 89 60.18 56.65 30.15
C SER L 89 60.64 55.35 30.78
N GLN L 90 61.60 54.69 30.14
CA GLN L 90 62.31 53.57 30.73
C GLN L 90 63.81 53.84 30.70
N THR L 91 64.46 53.69 31.86
CA THR L 91 65.88 53.99 31.98
C THR L 91 66.45 53.22 33.17
N ARG L 92 67.77 53.37 33.35
CA ARG L 92 68.55 52.61 34.31
C ARG L 92 68.51 53.29 35.68
N ILE L 93 68.14 52.54 36.72
CA ILE L 93 68.14 53.02 38.10
C ILE L 93 69.32 52.38 38.83
N GLU L 94 70.10 53.20 39.53
CA GLU L 94 71.31 52.72 40.17
C GLU L 94 71.44 53.25 41.60
N SER L 95 71.64 52.33 42.54
CA SER L 95 71.89 52.65 43.95
C SER L 95 73.36 52.39 44.25
N ASP L 96 73.74 52.70 45.50
CA ASP L 96 75.12 52.55 45.92
C ASP L 96 75.61 51.10 45.76
N GLN L 97 74.71 50.12 45.93
CA GLN L 97 75.10 48.72 45.93
C GLN L 97 74.53 47.89 44.79
N ASN L 98 73.55 48.40 44.03
CA ASN L 98 72.88 47.57 43.03
C ASN L 98 72.40 48.45 41.89
N ALA L 99 71.80 47.81 40.89
CA ALA L 99 71.22 48.52 39.76
C ALA L 99 70.23 47.59 39.05
N ASN L 100 69.40 48.20 38.19
CA ASN L 100 68.40 47.51 37.40
C ASN L 100 67.79 48.55 36.46
N THR L 101 66.99 48.08 35.51
CA THR L 101 66.24 48.96 34.63
C THR L 101 64.80 49.06 35.11
N THR L 102 64.23 50.26 35.04
CA THR L 102 62.87 50.48 35.51
C THR L 102 62.19 51.54 34.67
N ALA L 103 60.85 51.53 34.72
CA ALA L 103 60.04 52.57 34.10
C ALA L 103 59.87 53.75 35.04
N VAL L 104 59.89 54.95 34.47
CA VAL L 104 59.69 56.19 35.22
C VAL L 104 58.45 56.88 34.69
N MET L 105 57.45 57.07 35.55
CA MET L 105 56.28 57.84 35.20
C MET L 105 56.23 59.15 35.98
N GLY L 106 55.90 60.23 35.27
CA GLY L 106 55.88 61.55 35.88
C GLY L 106 54.53 62.24 35.78
N LEU L 107 54.07 62.77 36.90
CA LEU L 107 52.81 63.50 36.98
C LEU L 107 53.03 64.80 37.75
N PRO L 108 52.11 65.75 37.65
CA PRO L 108 52.29 67.01 38.39
C PRO L 108 52.26 66.75 39.89
N GLU L 109 53.10 67.49 40.62
CA GLU L 109 53.19 67.30 42.06
C GLU L 109 51.83 67.52 42.72
N GLY L 110 51.51 66.66 43.68
CA GLY L 110 50.25 66.65 44.38
C GLY L 110 49.13 65.86 43.73
N THR L 111 49.29 65.43 42.48
CA THR L 111 48.23 64.66 41.84
C THR L 111 48.04 63.36 42.61
N PRO L 112 46.81 63.03 43.01
CA PRO L 112 46.61 61.79 43.78
C PRO L 112 46.96 60.56 42.96
N LEU L 113 47.71 59.66 43.56
CA LEU L 113 48.07 58.41 42.92
C LEU L 113 46.92 57.41 43.06
N PRO L 114 46.80 56.47 42.13
CA PRO L 114 45.72 55.48 42.23
C PRO L 114 45.81 54.72 43.54
N ASP L 115 44.64 54.40 44.12
CA ASP L 115 44.62 53.65 45.37
C ASP L 115 45.40 52.36 45.26
N SER L 116 45.52 51.83 44.03
CA SER L 116 46.45 50.75 43.74
C SER L 116 47.85 51.06 44.27
N VAL L 117 48.27 52.32 44.15
CA VAL L 117 49.59 52.73 44.60
C VAL L 117 49.55 53.60 45.86
N GLY L 118 48.49 54.37 46.07
CA GLY L 118 48.39 55.22 47.24
C GLY L 118 49.44 56.31 47.33
N GLY L 119 49.40 57.10 48.38
CA GLY L 119 50.29 58.24 48.47
C GLY L 119 49.92 59.34 47.48
N PHE L 120 50.86 60.28 47.33
CA PHE L 120 50.69 61.38 46.39
C PHE L 120 52.02 61.64 45.70
N ILE L 121 51.94 62.35 44.58
CA ILE L 121 53.15 62.73 43.85
C ILE L 121 53.92 63.73 44.69
N GLU L 122 55.13 63.36 45.09
CA GLU L 122 55.99 64.27 45.84
C GLU L 122 57.19 64.64 44.99
N GLN L 123 57.82 65.77 45.33
CA GLN L 123 59.05 66.16 44.65
C GLN L 123 60.11 65.10 44.91
N GLY L 124 60.59 64.48 43.84
CA GLY L 124 61.54 63.39 43.92
C GLY L 124 60.99 62.12 43.28
N ALA L 125 61.47 60.98 43.77
CA ALA L 125 61.09 59.68 43.23
C ALA L 125 60.43 58.81 44.30
N LEU L 126 59.27 58.24 43.96
CA LEU L 126 58.59 57.26 44.81
C LEU L 126 58.89 55.86 44.27
N LEU L 127 59.60 55.05 45.05
CA LEU L 127 60.09 53.75 44.61
C LEU L 127 59.15 52.63 45.06
N PRO L 128 58.99 51.59 44.23
CA PRO L 128 58.33 50.36 44.71
C PRO L 128 59.10 49.73 45.86
N ALA L 129 58.36 49.23 46.86
CA ALA L 129 58.97 48.72 48.07
C ALA L 129 59.99 47.61 47.79
N GLU L 130 59.67 46.70 46.86
CA GLU L 130 60.59 45.61 46.58
C GLU L 130 61.86 46.12 45.90
N LEU L 131 61.74 47.10 45.00
CA LEU L 131 62.95 47.65 44.38
C LEU L 131 63.77 48.43 45.40
N ALA L 132 63.09 49.19 46.26
CA ALA L 132 63.79 49.90 47.33
C ALA L 132 64.48 48.94 48.27
N ASP L 133 63.83 47.79 48.55
CA ASP L 133 64.47 46.74 49.34
C ASP L 133 65.67 46.17 48.61
N PHE L 134 65.54 45.96 47.30
CA PHE L 134 66.64 45.45 46.49
C PHE L 134 67.86 46.36 46.57
N LEU L 135 67.64 47.66 46.44
CA LEU L 135 68.72 48.63 46.46
C LEU L 135 69.20 49.01 47.86
N HIS L 136 68.54 48.53 48.92
CA HIS L 136 68.89 48.87 50.30
C HIS L 136 68.91 50.39 50.50
N VAL L 137 67.84 51.03 50.04
CA VAL L 137 67.70 52.48 50.14
C VAL L 137 66.41 52.84 50.89
N ARG L 138 66.47 53.94 51.61
CA ARG L 138 65.34 54.49 52.35
C ARG L 138 65.05 55.90 51.84
N ALA L 139 63.96 56.47 52.36
CA ALA L 139 63.57 57.82 51.97
C ALA L 139 64.66 58.81 52.36
N GLY L 140 65.03 59.67 51.42
CA GLY L 140 66.06 60.66 51.63
C GLY L 140 67.43 60.30 51.09
N ASP L 141 67.58 59.13 50.49
CA ASP L 141 68.83 58.70 49.91
C ASP L 141 68.90 59.16 48.46
N HIS L 142 70.09 59.45 47.98
CA HIS L 142 70.24 59.90 46.60
C HIS L 142 70.47 58.69 45.69
N ILE L 143 69.87 58.75 44.51
CA ILE L 143 69.96 57.70 43.50
C ILE L 143 70.03 58.35 42.13
N THR L 144 70.76 57.69 41.22
CA THR L 144 70.91 58.17 39.85
C THR L 144 69.89 57.47 38.96
N LEU L 145 68.97 58.27 38.41
CA LEU L 145 67.87 57.78 37.58
C LEU L 145 68.03 58.39 36.19
N GLY L 146 68.37 57.56 35.21
CA GLY L 146 68.53 58.01 33.84
C GLY L 146 69.54 59.12 33.65
N GLY L 147 70.66 59.06 34.38
CA GLY L 147 71.70 60.04 34.23
C GLY L 147 71.50 61.31 35.03
N ALA L 148 70.49 61.36 35.88
CA ALA L 148 70.21 62.53 36.72
C ALA L 148 70.06 62.08 38.15
N THR L 149 70.74 62.79 39.06
CA THR L 149 70.67 62.47 40.48
C THR L 149 69.32 62.87 41.05
N VAL L 150 68.64 61.93 41.71
CA VAL L 150 67.29 62.14 42.22
C VAL L 150 67.22 61.63 43.65
N THR L 151 66.37 62.27 44.45
CA THR L 151 66.16 61.92 45.85
C THR L 151 64.98 60.97 46.01
N VAL L 152 65.16 59.96 46.85
CA VAL L 152 64.10 59.01 47.19
C VAL L 152 63.08 59.70 48.09
N ALA L 153 61.89 59.98 47.56
CA ALA L 153 60.87 60.66 48.33
C ALA L 153 60.10 59.71 49.25
N GLY L 154 60.01 58.44 48.89
CA GLY L 154 59.25 57.49 49.67
C GLY L 154 58.98 56.23 48.90
N THR L 155 58.37 55.27 49.59
CA THR L 155 58.00 53.99 49.03
C THR L 155 56.51 53.93 48.71
N VAL L 156 56.16 53.09 47.73
CA VAL L 156 54.78 52.90 47.29
C VAL L 156 54.61 51.44 46.86
N LYS L 157 53.44 51.10 46.35
CA LYS L 157 53.23 49.76 45.81
C LYS L 157 53.72 49.67 44.36
N THR L 158 53.61 48.48 43.79
CA THR L 158 54.17 48.16 42.49
C THR L 158 53.06 48.09 41.44
N GLU L 159 53.20 48.88 40.39
CA GLU L 159 52.51 48.69 39.12
C GLU L 159 53.58 48.52 38.04
N ASN L 160 53.18 48.08 36.86
CA ASN L 160 54.16 47.67 35.87
C ASN L 160 53.90 48.33 34.53
N TYR L 161 54.99 48.53 33.79
CA TYR L 161 54.96 49.01 32.41
C TYR L 161 56.06 48.32 31.62
N SER L 162 55.68 47.57 30.58
CA SER L 162 56.63 46.85 29.73
C SER L 162 57.58 45.98 30.55
N HIS L 163 56.99 45.17 31.43
CA HIS L 163 57.71 44.24 32.30
C HIS L 163 58.65 44.95 33.27
N THR L 164 58.43 46.24 33.51
CA THR L 164 59.24 46.97 34.48
C THR L 164 58.32 47.61 35.51
N PRO L 165 58.78 47.72 36.76
CA PRO L 165 58.01 48.46 37.76
C PRO L 165 58.05 49.96 37.49
N VAL L 166 57.02 50.65 37.96
CA VAL L 166 56.85 52.07 37.70
C VAL L 166 57.32 52.84 38.93
N VAL L 167 58.30 53.71 38.72
CA VAL L 167 58.71 54.70 39.71
C VAL L 167 58.02 56.01 39.42
N TRP L 168 57.36 56.58 40.42
CA TRP L 168 56.49 57.73 40.25
C TRP L 168 57.25 58.98 40.68
N VAL L 169 57.35 59.96 39.78
CA VAL L 169 58.11 61.19 40.01
C VAL L 169 57.28 62.38 39.53
N ASP L 170 57.64 63.56 40.03
CA ASP L 170 56.97 64.77 39.60
C ASP L 170 57.40 65.13 38.17
N THR L 171 56.53 65.90 37.50
CA THR L 171 56.72 66.20 36.09
C THR L 171 58.07 66.86 35.83
N ALA L 172 58.52 67.73 36.74
CA ALA L 172 59.81 68.39 36.58
C ALA L 172 60.96 67.39 36.57
N THR L 173 60.94 66.45 37.52
CA THR L 173 62.00 65.44 37.59
C THR L 173 61.99 64.55 36.35
N TRP L 174 60.81 64.14 35.87
CA TRP L 174 60.76 63.34 34.66
C TRP L 174 61.37 64.08 33.48
N GLN L 175 61.14 65.39 33.41
CA GLN L 175 61.73 66.19 32.33
C GLN L 175 63.25 66.08 32.33
N LEU L 176 63.85 66.12 33.52
CA LEU L 176 65.30 65.99 33.64
C LEU L 176 65.77 64.58 33.27
N VAL L 177 65.02 63.56 33.67
CA VAL L 177 65.44 62.19 33.44
C VAL L 177 65.29 61.82 31.96
N SER L 178 64.33 62.42 31.27
CA SER L 178 64.07 62.09 29.87
C SER L 178 64.63 63.13 28.91
N HIS L 179 65.27 64.18 29.43
CA HIS L 179 65.97 65.18 28.61
C HIS L 179 65.04 65.80 27.58
N THR L 180 63.94 66.38 28.07
CA THR L 180 62.95 66.96 27.19
C THR L 180 62.30 68.17 27.85
N LYS L 181 61.99 69.16 27.01
CA LYS L 181 61.26 70.34 27.46
C LYS L 181 59.77 70.09 27.57
N ALA L 182 59.29 68.98 27.03
CA ALA L 182 57.88 68.63 27.11
C ALA L 182 57.46 68.35 28.55
N VAL L 183 56.17 68.57 28.85
CA VAL L 183 55.65 68.31 30.18
C VAL L 183 55.15 66.88 30.36
N GLY L 184 55.17 66.06 29.32
CA GLY L 184 54.76 64.68 29.46
C GLY L 184 54.77 63.99 28.11
N THR L 185 54.45 62.68 28.16
CA THR L 185 54.42 61.88 26.95
C THR L 185 53.00 61.69 26.41
N VAL L 186 51.99 61.70 27.29
CA VAL L 186 50.59 61.65 26.89
C VAL L 186 49.80 62.59 27.80
N LEU L 187 48.53 62.77 27.47
CA LEU L 187 47.58 63.53 28.29
C LEU L 187 46.42 62.64 28.70
N LEU L 188 46.21 62.50 30.01
CA LEU L 188 45.09 61.73 30.53
C LEU L 188 43.85 62.63 30.65
N LEU L 189 42.75 62.19 30.07
CA LEU L 189 41.46 62.88 30.12
C LEU L 189 40.46 62.05 30.92
N ASN L 190 39.90 62.64 31.97
CA ASN L 190 38.94 61.91 32.80
C ASN L 190 37.53 61.94 32.21
N GLN L 191 37.16 63.02 31.53
CA GLN L 191 35.89 63.07 30.82
C GLN L 191 36.17 63.02 29.31
N GLU L 192 35.10 62.88 28.53
CA GLU L 192 35.24 62.94 27.08
C GLU L 192 35.82 64.29 26.67
N PRO L 193 36.61 64.34 25.61
CA PRO L 193 37.19 65.62 25.20
C PRO L 193 36.10 66.53 24.66
N THR L 194 36.10 67.79 25.11
CA THR L 194 35.13 68.76 24.67
C THR L 194 35.71 69.72 23.65
N ILE L 195 36.97 69.52 23.28
CA ILE L 195 37.64 70.31 22.27
C ILE L 195 38.02 69.35 21.15
N GLN L 196 37.99 69.86 19.93
CA GLN L 196 38.39 68.99 18.84
C GLN L 196 39.91 68.98 18.70
N PRO L 197 40.50 67.82 18.38
CA PRO L 197 41.96 67.71 18.39
C PRO L 197 42.55 68.14 17.07
N GLN L 198 43.83 68.48 17.12
CA GLN L 198 44.54 68.98 15.95
C GLN L 198 45.11 67.81 15.16
N ASP L 199 45.50 68.11 13.91
CA ASP L 199 45.97 67.10 12.98
C ASP L 199 47.06 66.20 13.56
N ASN L 200 47.97 66.76 14.35
CA ASN L 200 49.05 65.96 14.91
C ASN L 200 48.67 65.34 16.24
N GLU L 201 47.48 65.64 16.76
CA GLU L 201 46.96 65.07 17.99
C GLU L 201 46.04 63.90 17.66
N VAL L 202 45.87 62.99 18.62
CA VAL L 202 45.04 61.80 18.45
C VAL L 202 44.52 61.35 19.81
N VAL L 203 43.20 61.31 19.97
CA VAL L 203 42.58 60.84 21.20
C VAL L 203 42.24 59.37 21.05
N THR L 204 42.48 58.60 22.12
CA THR L 204 42.26 57.15 22.07
C THR L 204 41.71 56.71 23.42
N ASP L 205 40.94 55.63 23.40
CA ASP L 205 40.44 54.99 24.60
C ASP L 205 41.52 54.13 25.25
N LEU L 206 41.22 53.66 26.46
CA LEU L 206 42.15 52.83 27.22
C LEU L 206 42.60 51.62 26.42
N LYS L 207 41.71 51.03 25.62
CA LYS L 207 42.09 49.89 24.78
C LYS L 207 43.29 50.23 23.90
N GLY L 208 43.15 51.31 23.11
CA GLY L 208 44.24 51.75 22.25
C GLY L 208 45.49 52.16 23.00
N ALA L 209 45.33 52.62 24.24
CA ALA L 209 46.50 53.00 25.04
C ALA L 209 47.41 51.81 25.32
N PHE L 210 46.86 50.61 25.46
CA PHE L 210 47.73 49.43 25.58
C PHE L 210 48.43 49.14 24.25
N GLN L 211 47.75 49.37 23.13
CA GLN L 211 48.35 49.19 21.81
C GLN L 211 49.59 50.05 21.59
N ALA L 212 49.73 51.14 22.33
CA ALA L 212 50.83 52.08 22.16
C ALA L 212 52.06 51.71 22.97
N MET L 213 51.96 50.72 23.83
CA MET L 213 53.06 50.21 24.61
C MET L 213 53.88 49.21 23.77
N PRO L 214 55.21 49.28 23.84
CA PRO L 214 56.03 48.52 22.88
C PRO L 214 55.84 47.01 22.99
N ALA L 215 55.98 46.45 24.19
CA ALA L 215 55.93 45.01 24.36
C ALA L 215 54.51 44.43 24.27
N TYR L 216 53.47 45.24 24.46
CA TYR L 216 52.13 44.69 24.71
C TYR L 216 51.54 44.08 23.45
N LYS L 217 51.46 44.86 22.36
CA LYS L 217 50.79 44.39 21.15
C LYS L 217 51.42 43.11 20.61
N SER L 218 52.76 43.07 20.55
CA SER L 218 53.40 41.89 19.99
C SER L 218 53.30 40.67 20.89
N GLU L 219 52.87 40.80 22.14
CA GLU L 219 52.89 39.66 23.05
C GLU L 219 51.50 39.11 23.33
N ARG L 220 50.47 39.96 23.46
CA ARG L 220 49.11 39.44 23.53
C ARG L 220 48.72 38.74 22.23
N SER L 221 49.21 39.26 21.10
CA SER L 221 48.89 38.68 19.80
C SER L 221 49.51 37.29 19.65
N SER L 222 50.79 37.15 19.98
CA SER L 222 51.46 35.86 19.83
C SER L 222 50.88 34.80 20.77
N LEU L 223 50.58 35.18 22.01
CA LEU L 223 50.01 34.20 22.94
C LEU L 223 48.64 33.72 22.50
N LEU L 224 47.81 34.63 21.98
CA LEU L 224 46.48 34.25 21.50
C LEU L 224 46.55 33.32 20.28
N SER L 225 47.45 33.60 19.34
CA SER L 225 47.60 32.70 18.19
C SER L 225 48.05 31.31 18.64
N MET L 226 48.99 31.22 19.58
CA MET L 226 49.39 29.91 20.09
C MET L 226 48.18 29.17 20.69
N GLN L 227 47.35 29.87 21.46
CA GLN L 227 46.15 29.23 22.00
C GLN L 227 45.25 28.74 20.88
N ALA L 228 45.17 29.50 19.79
CA ALA L 228 44.32 29.10 18.68
C ALA L 228 44.82 27.80 18.07
N PHE L 229 46.14 27.69 17.91
CA PHE L 229 46.72 26.43 17.45
C PHE L 229 46.33 25.29 18.39
N LEU L 230 46.34 25.55 19.69
CA LEU L 230 45.99 24.54 20.67
C LEU L 230 44.53 24.14 20.55
N TYR L 231 43.64 25.13 20.36
CA TYR L 231 42.23 24.83 20.17
C TYR L 231 42.01 24.03 18.89
N ILE L 232 42.71 24.40 17.81
CA ILE L 232 42.58 23.64 16.58
C ILE L 232 43.06 22.21 16.78
N ILE L 233 44.20 22.04 17.46
CA ILE L 233 44.70 20.69 17.71
C ILE L 233 43.67 19.87 18.48
N SER L 234 43.03 20.48 19.47
CA SER L 234 41.98 19.78 20.22
C SER L 234 40.86 19.32 19.29
N ALA L 235 40.35 20.24 18.46
CA ALA L 235 39.28 19.88 17.53
C ALA L 235 39.72 18.74 16.61
N LEU L 236 40.92 18.85 16.03
CA LEU L 236 41.39 17.82 15.11
C LEU L 236 41.65 16.49 15.83
N VAL L 237 42.24 16.55 17.04
CA VAL L 237 42.47 15.32 17.80
C VAL L 237 41.17 14.60 18.06
N THR L 238 40.14 15.32 18.51
CA THR L 238 38.85 14.68 18.77
C THR L 238 38.27 14.11 17.48
N VAL L 239 38.32 14.89 16.40
CA VAL L 239 37.75 14.45 15.12
C VAL L 239 38.47 13.20 14.62
N ALA L 240 39.80 13.20 14.69
CA ALA L 240 40.58 12.04 14.25
C ALA L 240 40.22 10.81 15.06
N PHE L 241 40.37 10.87 16.38
CA PHE L 241 40.05 9.75 17.25
C PHE L 241 38.64 9.24 17.00
N LEU L 242 37.66 10.14 17.06
CA LEU L 242 36.26 9.75 17.05
C LEU L 242 35.79 9.27 15.68
N THR L 243 36.37 9.79 14.60
CA THR L 243 36.06 9.26 13.27
C THR L 243 36.52 7.82 13.14
N VAL L 244 37.77 7.55 13.54
CA VAL L 244 38.28 6.19 13.47
C VAL L 244 37.44 5.26 14.33
N TRP L 245 36.97 5.75 15.47
CA TRP L 245 36.20 4.88 16.37
C TRP L 245 34.84 4.53 15.78
N THR L 246 34.08 5.52 15.31
CA THR L 246 32.77 5.25 14.73
C THR L 246 32.84 4.36 13.50
N LEU L 247 33.90 4.49 12.69
CA LEU L 247 34.10 3.59 11.57
C LEU L 247 34.24 2.14 12.02
N GLN L 248 34.89 1.93 13.16
CA GLN L 248 35.08 0.60 13.69
C GLN L 248 33.82 0.06 14.35
N ARG L 249 32.85 0.91 14.66
CA ARG L 249 31.56 0.47 15.18
C ARG L 249 30.58 0.09 14.08
N THR L 250 30.96 0.26 12.81
CA THR L 250 30.04 0.08 11.68
C THR L 250 29.18 -1.16 11.84
N ARG L 251 29.79 -2.27 12.29
CA ARG L 251 29.02 -3.51 12.41
C ARG L 251 27.97 -3.39 13.50
N ASP L 252 28.36 -2.82 14.65
CA ASP L 252 27.43 -2.65 15.76
C ASP L 252 26.36 -1.62 15.45
N ILE L 253 26.72 -0.53 14.77
CA ILE L 253 25.73 0.47 14.40
C ILE L 253 24.74 -0.12 13.39
N ALA L 254 25.23 -0.95 12.46
CA ALA L 254 24.36 -1.61 11.51
C ALA L 254 23.37 -2.53 12.21
N VAL L 255 23.84 -3.26 13.22
CA VAL L 255 22.96 -4.19 13.94
C VAL L 255 21.86 -3.44 14.68
N LEU L 256 22.23 -2.34 15.36
CA LEU L 256 21.22 -1.57 16.08
C LEU L 256 20.24 -0.91 15.13
N ALA L 257 20.72 -0.42 13.98
CA ALA L 257 19.82 0.15 12.98
C ALA L 257 18.84 -0.91 12.47
N ALA L 258 19.33 -2.10 12.15
CA ALA L 258 18.45 -3.17 11.67
C ALA L 258 17.39 -3.51 12.71
N LEU L 259 17.77 -3.50 13.99
CA LEU L 259 16.81 -3.78 15.06
C LEU L 259 15.75 -2.70 15.17
N GLY L 260 16.01 -1.51 14.64
CA GLY L 260 15.05 -0.42 14.67
C GLY L 260 15.54 0.85 15.31
N ALA L 261 16.81 0.95 15.69
CA ALA L 261 17.29 2.17 16.35
C ALA L 261 17.11 3.35 15.41
N SER L 262 16.41 4.38 15.88
CA SER L 262 16.17 5.57 15.10
C SER L 262 17.48 6.29 14.80
N LYS L 263 17.43 7.20 13.82
CA LYS L 263 18.59 8.01 13.51
C LYS L 263 18.96 8.90 14.70
N ARG L 264 17.94 9.42 15.39
CA ARG L 264 18.21 10.24 16.56
C ARG L 264 18.83 9.43 17.69
N TYR L 265 18.36 8.20 17.91
CA TYR L 265 18.94 7.36 18.96
C TYR L 265 20.43 7.15 18.77
N LEU L 266 20.83 6.77 17.55
CA LEU L 266 22.24 6.47 17.29
C LEU L 266 23.09 7.73 17.39
N LEU L 267 22.59 8.85 16.90
CA LEU L 267 23.35 10.09 16.95
C LEU L 267 23.53 10.57 18.38
N ILE L 268 22.47 10.48 19.20
CA ILE L 268 22.59 10.83 20.61
C ILE L 268 23.53 9.87 21.32
N ASP L 269 23.46 8.57 21.00
CA ASP L 269 24.37 7.59 21.60
C ASP L 269 25.82 7.99 21.34
N ALA L 270 26.16 8.25 20.08
CA ALA L 270 27.54 8.56 19.72
C ALA L 270 28.00 9.86 20.38
N LEU L 271 27.20 10.93 20.27
CA LEU L 271 27.60 12.19 20.88
C LEU L 271 27.59 12.09 22.39
N GLY L 272 26.66 11.34 22.96
CA GLY L 272 26.66 11.16 24.40
C GLY L 272 27.97 10.58 24.88
N GLN L 273 28.45 9.56 24.18
CA GLN L 273 29.74 8.95 24.51
C GLN L 273 30.86 9.98 24.37
N ALA L 274 30.85 10.71 23.24
CA ALA L 274 31.88 11.72 23.00
C ALA L 274 31.84 12.82 24.07
N ALA L 275 30.64 13.27 24.43
CA ALA L 275 30.50 14.32 25.43
C ALA L 275 31.05 13.89 26.78
N ILE L 276 30.78 12.65 27.19
CA ILE L 276 31.32 12.14 28.45
C ILE L 276 32.84 12.12 28.42
N ILE L 277 33.42 11.62 27.33
CA ILE L 277 34.87 11.54 27.24
C ILE L 277 35.49 12.93 27.23
N LEU L 278 34.93 13.82 26.41
CA LEU L 278 35.44 15.18 26.35
C LEU L 278 35.29 15.89 27.69
N ALA L 279 34.16 15.68 28.36
CA ALA L 279 33.95 16.27 29.68
C ALA L 279 34.99 15.76 30.67
N ALA L 280 35.15 14.43 30.75
CA ALA L 280 36.14 13.85 31.65
C ALA L 280 37.52 14.41 31.35
N GLY L 281 37.95 14.36 30.09
CA GLY L 281 39.27 14.82 29.73
C GLY L 281 39.49 16.28 30.07
N VAL L 282 38.53 17.13 29.68
CA VAL L 282 38.70 18.57 29.85
C VAL L 282 38.66 18.96 31.32
N ALA L 283 37.75 18.36 32.08
CA ALA L 283 37.65 18.65 33.52
C ALA L 283 38.94 18.31 34.25
N LEU L 284 39.48 17.11 34.02
CA LEU L 284 40.69 16.69 34.70
C LEU L 284 41.86 17.59 34.34
N GLY L 285 41.98 17.88 33.04
CA GLY L 285 43.05 18.76 32.57
C GLY L 285 42.97 20.16 33.15
N ALA L 286 41.76 20.74 33.12
CA ALA L 286 41.61 22.11 33.60
C ALA L 286 41.76 22.18 35.11
N GLY L 287 41.37 21.12 35.82
CA GLY L 287 41.60 21.05 37.25
C GLY L 287 43.09 21.09 37.57
N ILE L 288 43.84 20.16 36.99
CA ILE L 288 45.29 20.13 37.17
C ILE L 288 45.91 21.45 36.73
N GLY L 289 45.33 22.10 35.73
CA GLY L 289 45.87 23.37 35.26
C GLY L 289 45.82 24.45 36.33
N ALA L 290 44.63 24.67 36.91
CA ALA L 290 44.50 25.66 37.97
C ALA L 290 45.41 25.33 39.16
N LEU L 291 45.57 24.05 39.46
CA LEU L 291 46.47 23.65 40.54
C LEU L 291 47.91 23.99 40.20
N LEU L 292 48.39 23.56 39.03
CA LEU L 292 49.75 23.87 38.62
C LEU L 292 49.98 25.38 38.55
N GLY L 293 49.00 26.14 38.06
CA GLY L 293 49.19 27.57 37.95
C GLY L 293 49.21 28.27 39.29
N TRP L 294 48.22 27.98 40.15
CA TRP L 294 48.19 28.55 41.49
C TRP L 294 49.47 28.21 42.26
N LEU L 295 50.00 27.00 42.02
CA LEU L 295 51.25 26.59 42.64
C LEU L 295 52.43 27.38 42.08
N ILE L 296 52.32 27.91 40.87
CA ILE L 296 53.42 28.59 40.19
C ILE L 296 53.31 30.12 40.31
N ALA L 297 52.17 30.64 40.76
CA ALA L 297 51.88 32.08 40.75
C ALA L 297 52.80 32.92 41.62
N GLY L 298 53.86 32.34 42.16
CA GLY L 298 54.80 33.09 42.96
C GLY L 298 56.04 33.51 42.20
N SER L 299 56.46 32.67 41.25
CA SER L 299 57.64 32.93 40.44
C SER L 299 57.34 33.53 39.08
N VAL L 300 56.20 33.20 38.47
CA VAL L 300 55.88 33.69 37.13
C VAL L 300 54.51 34.36 37.16
N PRO L 301 54.32 35.47 36.43
CA PRO L 301 53.02 36.16 36.43
C PRO L 301 51.92 35.23 35.92
N PHE L 302 50.97 34.93 36.80
CA PHE L 302 49.89 33.99 36.52
C PHE L 302 48.64 34.50 37.22
N SER L 303 47.70 35.02 36.44
CA SER L 303 46.43 35.54 36.91
C SER L 303 45.36 34.46 36.78
N LEU L 304 44.76 34.07 37.91
CA LEU L 304 43.83 32.95 37.98
C LEU L 304 42.55 33.31 38.71
N GLY L 305 41.48 33.46 37.93
CA GLY L 305 40.12 33.60 38.42
C GLY L 305 39.29 32.42 37.97
N TRP L 306 37.97 32.61 37.93
CA TRP L 306 37.04 31.57 37.47
C TRP L 306 37.01 31.49 35.95
N VAL L 307 37.11 32.63 35.27
CA VAL L 307 36.99 32.68 33.82
C VAL L 307 38.26 32.16 33.13
N SER L 308 39.41 32.23 33.78
CA SER L 308 40.64 31.85 33.09
C SER L 308 40.86 30.35 33.08
N VAL L 309 40.05 29.58 33.81
CA VAL L 309 40.06 28.12 33.72
C VAL L 309 38.83 27.59 33.01
N LEU L 310 37.66 28.20 33.26
CA LEU L 310 36.40 27.66 32.75
C LEU L 310 36.01 28.20 31.38
N GLY L 311 36.48 29.38 31.00
CA GLY L 311 36.28 29.87 29.65
C GLY L 311 36.85 28.94 28.60
N PRO L 312 38.17 28.71 28.67
CA PRO L 312 38.78 27.77 27.71
C PRO L 312 38.22 26.37 27.78
N ALA L 313 37.91 25.88 28.99
CA ALA L 313 37.34 24.55 29.13
C ALA L 313 36.04 24.42 28.34
N LEU L 314 35.13 25.38 28.51
CA LEU L 314 33.86 25.33 27.79
C LEU L 314 34.09 25.51 26.30
N GLY L 315 35.01 26.39 25.92
CA GLY L 315 35.34 26.54 24.51
C GLY L 315 35.83 25.25 23.89
N ILE L 316 36.73 24.55 24.57
CA ILE L 316 37.24 23.28 24.05
C ILE L 316 36.10 22.27 23.95
N TRP L 317 35.27 22.20 24.98
CA TRP L 317 34.21 21.20 25.03
C TRP L 317 33.20 21.43 23.92
N LEU L 318 32.85 22.70 23.63
CA LEU L 318 31.90 22.95 22.56
C LEU L 318 32.54 22.72 21.20
N LEU L 319 33.82 23.07 21.02
CA LEU L 319 34.51 22.68 19.81
C LEU L 319 34.48 21.16 19.67
N GLY L 320 34.66 20.45 20.78
CA GLY L 320 34.66 19.00 20.73
C GLY L 320 33.33 18.45 20.28
N LEU L 321 32.23 19.05 20.74
CA LEU L 321 30.91 18.62 20.31
C LEU L 321 30.71 18.90 18.83
N ILE L 322 31.13 20.08 18.37
CA ILE L 322 31.06 20.40 16.95
C ILE L 322 31.96 19.45 16.18
N GLY L 323 33.18 19.26 16.68
CA GLY L 323 34.08 18.31 16.06
C GLY L 323 33.53 16.90 16.08
N ALA L 324 32.92 16.50 17.20
CA ALA L 324 32.40 15.14 17.30
C ALA L 324 31.29 14.90 16.29
N THR L 325 30.38 15.87 16.14
CA THR L 325 29.32 15.71 15.15
C THR L 325 29.91 15.50 13.76
N ILE L 326 30.99 16.22 13.44
CA ILE L 326 31.68 16.01 12.17
C ILE L 326 32.14 14.55 12.06
N ALA L 327 32.63 13.99 13.17
CA ALA L 327 33.23 12.66 13.15
C ALA L 327 32.15 11.58 13.17
N VAL L 328 31.00 11.90 13.77
CA VAL L 328 29.87 10.98 13.92
C VAL L 328 28.85 11.08 12.79
N ARG L 329 28.98 12.07 11.90
CA ARG L 329 27.99 12.31 10.86
C ARG L 329 27.55 11.03 10.15
N ASN L 330 28.46 10.07 9.95
CA ASN L 330 28.13 8.86 9.22
C ASN L 330 27.43 7.80 10.07
N VAL L 331 27.06 8.09 11.32
CA VAL L 331 26.37 7.08 12.12
C VAL L 331 24.90 6.94 11.71
N THR L 332 24.36 7.90 10.96
CA THR L 332 22.97 7.86 10.54
C THR L 332 22.79 7.47 9.09
N LYS L 333 23.88 7.35 8.35
CA LYS L 333 23.85 6.95 6.94
C LYS L 333 24.08 5.46 6.73
N VAL L 334 24.65 4.75 7.70
CA VAL L 334 24.93 3.32 7.55
C VAL L 334 23.64 2.55 7.36
N ASP L 335 23.52 1.85 6.21
CA ASP L 335 22.31 1.07 6.01
C ASP L 335 22.36 -0.21 6.84
N PRO L 336 21.21 -0.67 7.33
CA PRO L 336 21.20 -1.84 8.21
C PRO L 336 21.46 -3.16 7.49
N GLN L 337 21.41 -3.24 6.16
CA GLN L 337 21.66 -4.51 5.50
C GLN L 337 23.06 -5.06 5.80
N ILE L 338 23.96 -4.22 6.31
CA ILE L 338 25.30 -4.71 6.65
C ILE L 338 25.21 -5.80 7.71
N ALA L 339 24.06 -5.91 8.39
CA ALA L 339 23.91 -6.87 9.46
C ALA L 339 23.56 -8.25 8.93
N LEU L 340 22.88 -8.31 7.78
CA LEU L 340 22.55 -9.60 7.18
C LEU L 340 23.75 -10.25 6.51
N GLY L 341 24.81 -9.49 6.25
CA GLY L 341 26.02 -10.02 5.67
C GLY L 341 27.12 -10.25 6.70
N ALA L 342 27.96 -11.24 6.42
CA ALA L 342 29.16 -11.46 7.21
C ALA L 342 30.28 -10.59 6.65
N THR L 343 30.80 -9.68 7.47
CA THR L 343 31.91 -8.83 7.05
C THR L 343 33.12 -9.02 7.98
#